data_6IGM
#
_entry.id   6IGM
#
loop_
_entity.id
_entity.type
_entity.pdbx_description
1 polymer 'RuvB-like 1'
2 polymer 'RuvB-like 2'
3 polymer 'Actin-related protein 6'
4 polymer 'Helicase SRCAP'
5 polymer 'unknown subunit'
#
loop_
_entity_poly.entity_id
_entity_poly.type
_entity_poly.pdbx_seq_one_letter_code
_entity_poly.pdbx_strand_id
1 'polypeptide(L)'
;MKIEEVKSTTKTQRIASHSHVKGLGLDESGLAKQAASGLVGQENAREACGVIVELIKSKKMAGRAVLLAGPPGTGKTALA
LAIAQELGSKVPFCPMVGSEVYSTEIKKTEVLMENFRRAIGLRIKETKEVYEGEVTELTPCETENPMGGYGKTISHVIIG
LKTAKGTKQLKLDPSIFESLQKERVEAGDVIYIEANSGAVKRQGRCDTYATEFDLEAEEYVPLPKGDVHKKKEIIQDVTL
HDLDVANARPQGGQDILSMMGQLMKPKKTEITDKLRGEINKVVNKYIDQGIAELVPGVLFVDEVHMLDIECFTYLHRALE
SSIAPIVIFASNRGNCVIRGTEDITSPHGIPLDLLDRVMIIRTMLYTPQEMKQIIKIRAQTEGINISEEALNHLGEIGTK
TTLRYSVQLLTPANLLAKINGKDSIEKEHVEEISELFYDAKSSAKILADQQDKYMK
;
A,C,E
2 'polypeptide(L)'
;MATVTATTKVPEIRDVTRIERIGAHSHIRGLGLDDALEPRQASQGMVGQLAARRAAGVVLEMIREGKIAGRAVLIAGQPG
TGKTAIAMGMAQALGPDTPFTAIAGSEIFSLEMSKTEALTQAFRRSIGVRIKEETEIIEGEVVEIQIDRPATGTGSKVGK
LTLKTTEMETIYDLGTKMIESLTKDKVQAGDVITIDKATGKISKLGRSFTRARDYDAMGSQTKFVQCPDGELQKRKEVVH
TVSLHEIDVINSRTQGFLALFSGDTGEIKSEVREQINAKVAEWREEGKAEIIPGVLFIDEVHMLDIESFSFLNRALESDM
APVLIMATNRGITRIRGTSYQSPHGIPIDLLDRLLIVSTTPYSEKDTKQILRIRCEEEDVEMSEDAYTVLTRIGLETSLR
YAIQLITAASLVCRKRKGTEVQVDDIKRVYSLFLDESRSTQYMKEYQDAFLFNELKGETMDTS
;
B,D,F
3 'polypeptide(L)'
;MTTLVLDNGAYNAKIGYSHENVSVIPNCQFRSKTARLKTFTANQIDEIKDPSGLFYILPFQKGYLVNWDVQRQVWDYLFG
KEMYQVDFLDTNIIITEPYFNFTSIQESMNEILFEEYQFQAVLRVNAGALSAHRYFRDNPSELCCIIVDSGYSFTHIVPY
CRSKKKKEAIIRINVGGKLLTNHLKEIISYRQLHVMDETHVINQVKEDVCYVSQDFYRDMDIAKLKGEENTVMIDYVLPD
FSTIKKGFCKPREEMVLSGKYKSGEQILRLANERFAVPEILFNPSDIGIQEMGIPEAIVYSIQNLPEEMQPHFFKNIVLT
GGNSLFPGFRDRVYSEVRCLTPTDYDVSVVLPENPITYAWEGGKLISENDDFEDMVVTREDYEENGHSVCEEKFDI
;
G
4 'polypeptide(L)'
;MQSSPSPAHPQLPVLQTQMVSDGMTGSNPVSPASSSSPASSGAGGISPQHIAQDSSLDGPPGPPDGATVPLEGFSLSQAA
DLANKGPKWEKSHAEIAEQAKHEAEIETRIAELRKEGFWSLKRLPKVPEPPRPKGHWDYLCEEMQWLSADFAQERRWKRG
VARKVVRMVIRHHEEQRQKEERARREEQAKLRRIASTMAKDVRQFWSNVEKVVQFKQQSRLEEKRKKALDLHLDFIVGQT
EKYSDLLSQSLNQPLTSSKAGSSPCLGSSSAASSPPPPASRLDDEDGDFQPQEDEEEDDEETIEVEEQQEGNDAEAQRRE
IELLRREGELPLEELLRSLPPQLLEGPSSPSQTPSSHDSDTRDGPEEGAEEEPPQVLEIKPPPSAVTQRNKQPWHPDEDD
EEFTANEEEAEDEEDTIAAEEQLEGEVDHAMELSELAREGELSMEELLQQYAGAYAPGSGSSEDEDEDEVDANSSDCEPE
GPVEAEEPPQEDSSSQSDSVEDRSEDEEDEHSEEEETSGSSASEESESEESEDAQSQSQADEEEEDDDFGVEYLLARDEE
QSEADAGSGPPTPGPTTLGPKKEITDIAAAAESLQPKGYTLATTQVKTPIPLLLRGQLREYQHIGLDWLVTMYEKKLNGI
LADEMGLGKTIQTISLLAHLACEKGNWGPHLIIVPTSVMLNWEMELKRWCPSFKILTYYGAQKERKLKRQGWTKPNAFHV
CITSYKLVLQDHQAFRRKNWRYLILDEAQNIKNFKSQRWQSLLNFNSQRRLLLTGTPLQNSLMELWSLMHFLMPHVFQSH
REFKEWFSNPLTGMIEGSQEYNEGLVKRLHKVLRPFLLRRVKVDVEKQMPKKYEHVIRCRLSKRQRCLYDDFMAQTTTKE
TLATGHFMSVINILMQLRKVCNHPNLFDPRPVTSPFITPGICFSTASLVLRATDVHPLQRIDMGRFDLIGLEGRVSRYEA
DTFLPRHRLSRRVLLEVATAPDPPPRPKPVKMKVNRMLQPVPKQEGRTVVVVNNPRAPLGPVPVRPPPGPELSAQPTPGP
VPQVLPASLMVSASPAGPPLIPASRPPGPVLLPPLQPNSGSLPQVLPSPLGVLSGTSRPPTPTLSLKPTPPAPVRLSPAP
PPGSSSLLKPLTVPPGYTFPPAAATTTSTTTATATTTAVPAPTPAPQRLILSPDMQARLPSGEVVSIGQLASLAQRPVAN
AGGSKPLTFQIQGNKLTLTGAQVRQLAVGQPRPLQRNVVHLVSAGGQHHLISQPAHVALIQAVAPTPGPTPVSVLPSSTP
STTPAPTGLSLPLAANQVPPTMVNNTGVVKIVVRQAPRDGLTPVPPLAPAPRPPSSGLPAVLNPRPTLTPGRLPTPTLGT
ARAPMPTPTLVRPLLKLVHSPSPEVSASAPGAAPLTISSPLHVPSSLPGPASSPMPIPNSSPLASPVSSTVSVPLSSSLP
ISVPTTLPAPASAPLTIPISAPLTVSASGPALLTSVTPPLAPVVPAAPGPPSLAPSGASPSASALTLGLATAPSLSSSQT
PGHPLLLAPTSSHVPGLNSTVAPACSPVLVPASALASPFPSAPNPAPAQASLLAPASSASQALATPLAPMAAPQTAILAP
SPAPPLAPLPVLAPSPGAAPVLASSQTPVPVMAPSSTPGTSLASASPVPAPTPVLAPSSTQTMLPAPVPSPLPSPASTQT
LALAPALAPTLGGSSPSQTLSLGTGNPQGPFPTQTLSLTPASSLVPTPAQTLSLAPGPPLGPTQTLSLAPAPPLAPASPV
GPAPAHTLTLAPASSSASLLAPASVQTLTLSPAPVPTLGPAAAQTLALAPASTQSPASQASSLVVSASGAAPLPVTMVSR
LPVSKDEPDTLTLRSGPPSPPSTATSFGGPRPRRQPPPPPRSPFYLDSLEEKRKRQRSERLERIFQLSEAHGALAPVYGT
EVLDFCTLPQPVASPIGPRSPGPSHPTFWTYTEAAHRAVLFPQQRLDQLSEIIERFIFVMPPVEAPPPSLHACHPPPWLA
PRQAAFQEQLASELWPRARPLHRIVCNMRTQFPDLRLIQYDCGKLQTLAVLLRQLKAEGHRVLIFTQMTRMLDVLEQFLT
YHGHLYLRLDGSTRVEQRQALMERFNADKRIFCFILSTRSGGVGVNLTGADTVVFYDSDWNPTMDAQAQDRCHRIGQTRD
VHIYRLISERTVEENILKKANQKRMLGDMAIEGGNFTTAYFKQQTIRELFDMPLEEPSSSSVPSAPEEEEETVASKQTHI
LEQALCRAEDEEDIRAATQAKAEQVAELAEFNENDGFPAGEGEEAGRPGAEDEEMSRAEQEIAALVEQLTPIERYAMKFL
EASLEEVSREELKQAEEQVEAARKDLDQAKEEVFRLPQEEEEGPGAGDESSCGTGGGTHRRSKKAKAPERPGTRVSERLR
GARAETQGANHTPVISAHQTRSTTTPPRCSPARERVPRPAPRPRPTPASAPAAIPALVPVPVSAPVPISAPNPITILPVH
ILPSPPPPSQIPPCSSPACTPPPACTPPPAHTPPPAQTCLVTPSSPLLLGPPSVPISASVTNLPLGLRPEAELCAQALAS
PESLELASVASSETSSLSLVPPKDLLPVAVEILPVSEKNLSLTPSAPSLTLEAGSIPNGQEQEAPDSAEGTTLTVLPEGE
ELPLCVSESNGLELPPSAASDEPLQEPLEADRTSEELTEAKTPTSSPEKPQELVTAEVAAPSTSSSATSSPEGPSPARPP
RRRTSADVEIRGQGTGRPGQPPGPKVLRKLPGRLVTVVEEKELVRRRRQQRGAASTLVPGVSETSASPGSPSVRSMSGPE
SSPPIGGPCEAAPSSSLPTPPQQPFIARRHIELGVTGGGSPENGDGALLAITPPAVKRRRGRPPKKNRSPADAGRGVDEA
PSSTLKGKTNGADPVPGPETLIVADPVLEPQLIPGPQPLGPQPVHRPNPLLSPVEKRRRGRPPKARDLPIPGTISSAGDG
NSESRTQPPPHPSPLTPLPPLLVCPTATVANTVTTVTISTSPPKRKRGRPPKNPPSPRPSQLPVLDRDSTSVLESCGLGR
RRQPQGQGESEGSSSDEDGSRPLTRLARLRLEAEGMRGRKSGGSMVVAVIQDDLDLADSGPGGLELTPPVVSLTPKLRST
RLRPGSLVPPLETEKLPRKRAGAPVGGSPGLAKRGRLQPPSPLGPEGSVEESEAEASGEEEEGDGTPRRRPGPRRLVGTT
NQGDQRILRSSAPPSLAGPAVSHRGRKAKT
;
H
5 'polypeptide(L)'
;(UNK)(UNK)(UNK)(UNK)(UNK)(UNK)(UNK)(UNK)(UNK)(UNK)(UNK)(UNK)(UNK)(UNK)(UNK)(UNK)
(UNK)(UNK)(UNK)(UNK)(UNK)(UNK)(UNK)(UNK)(UNK)(UNK)(UNK)(UNK)(UNK)(UNK)(UNK)(UNK)
(UNK)(UNK)(UNK)(UNK)(UNK)(UNK)(UNK)(UNK)(UNK)(UNK)(UNK)(UNK)(UNK)(UNK)(UNK)(UNK)
(UNK)(UNK)(UNK)(UNK)(UNK)(UNK)(UNK)(UNK)(UNK)(UNK)(UNK)(UNK)(UNK)(UNK)
;
X
#
# COMPACT_ATOMS: atom_id res chain seq x y z
N GLN A 13 37.91 -10.87 4.54
CA GLN A 13 36.90 -11.93 4.50
C GLN A 13 35.67 -11.54 5.32
N ARG A 14 35.81 -10.45 6.07
CA ARG A 14 34.76 -9.87 6.93
C ARG A 14 34.26 -10.88 7.96
N ILE A 15 35.19 -11.22 8.86
CA ILE A 15 34.91 -12.20 9.90
C ILE A 15 33.88 -11.65 10.88
N ALA A 16 32.86 -12.45 11.17
CA ALA A 16 31.77 -12.07 12.06
C ALA A 16 32.16 -12.19 13.53
N SER A 17 31.16 -12.12 14.42
CA SER A 17 31.35 -12.21 15.86
C SER A 17 32.00 -13.52 16.28
N HIS A 18 31.42 -14.65 15.88
CA HIS A 18 32.02 -15.97 16.09
C HIS A 18 32.15 -16.66 14.74
N SER A 19 33.39 -17.03 14.39
CA SER A 19 33.67 -17.77 13.17
C SER A 19 34.51 -19.01 13.46
N HIS A 20 34.47 -19.50 14.70
CA HIS A 20 35.23 -20.69 15.08
C HIS A 20 34.58 -21.95 14.51
N VAL A 21 33.28 -21.88 14.21
CA VAL A 21 32.50 -23.03 13.82
C VAL A 21 32.81 -23.44 12.38
N LYS A 22 33.41 -24.61 12.21
CA LYS A 22 33.58 -25.26 10.92
C LYS A 22 33.22 -26.73 10.96
N GLY A 23 32.89 -27.26 12.13
CA GLY A 23 32.53 -28.65 12.25
C GLY A 23 32.05 -28.95 13.65
N LEU A 24 31.99 -30.23 13.98
CA LEU A 24 31.61 -30.62 15.34
C LEU A 24 32.54 -31.73 15.85
N GLY A 25 33.30 -32.33 14.94
CA GLY A 25 34.30 -33.33 15.29
C GLY A 25 33.76 -34.62 15.88
N LEU A 26 33.05 -35.41 15.09
CA LEU A 26 32.55 -36.72 15.50
C LEU A 26 33.29 -37.78 14.70
N ASP A 27 33.83 -38.79 15.39
CA ASP A 27 34.52 -39.88 14.74
C ASP A 27 33.53 -41.00 14.38
N GLU A 28 34.09 -42.11 13.87
CA GLU A 28 33.26 -43.23 13.49
C GLU A 28 32.85 -44.08 14.70
N SER A 29 33.71 -44.18 15.70
CA SER A 29 33.42 -45.01 16.86
C SER A 29 32.36 -44.37 17.75
N GLY A 30 32.30 -43.05 17.77
CA GLY A 30 31.32 -42.36 18.58
C GLY A 30 31.89 -41.79 19.86
N LEU A 31 33.13 -41.28 19.78
CA LEU A 31 33.84 -40.69 20.90
C LEU A 31 33.90 -39.17 20.67
N ALA A 32 34.25 -38.41 21.71
CA ALA A 32 34.32 -36.97 21.58
C ALA A 32 35.74 -36.51 21.86
N LYS A 33 36.33 -35.79 20.90
CA LYS A 33 37.68 -35.28 21.05
C LYS A 33 37.71 -34.11 22.02
N GLN A 34 38.90 -33.85 22.56
CA GLN A 34 39.06 -32.75 23.51
C GLN A 34 39.03 -31.40 22.82
N ALA A 35 39.64 -31.28 21.64
CA ALA A 35 39.73 -30.02 20.91
C ALA A 35 39.49 -30.30 19.43
N ALA A 36 38.27 -29.98 18.97
CA ALA A 36 37.88 -30.18 17.58
C ALA A 36 37.06 -28.99 17.09
N SER A 37 37.63 -28.27 16.12
CA SER A 37 37.00 -27.14 15.43
C SER A 37 36.62 -26.00 16.39
N GLY A 38 37.44 -25.83 17.43
CA GLY A 38 37.25 -24.77 18.40
C GLY A 38 35.98 -24.90 19.24
N LEU A 39 35.71 -26.11 19.71
CA LEU A 39 34.50 -26.38 20.49
C LEU A 39 34.83 -27.19 21.74
N VAL A 40 35.81 -26.72 22.51
CA VAL A 40 36.29 -27.44 23.69
C VAL A 40 35.23 -27.46 24.80
N GLY A 41 34.89 -28.66 25.26
CA GLY A 41 34.00 -28.81 26.39
C GLY A 41 32.78 -29.62 26.02
N GLN A 42 32.12 -30.12 27.07
CA GLN A 42 30.84 -30.83 27.03
C GLN A 42 30.83 -32.05 26.11
N GLU A 43 31.61 -33.08 26.47
CA GLU A 43 31.62 -34.30 25.67
C GLU A 43 30.30 -35.07 25.78
N ASN A 44 29.60 -34.94 26.91
CA ASN A 44 28.28 -35.55 27.04
C ASN A 44 27.27 -34.86 26.14
N ALA A 45 27.28 -33.52 26.11
CA ALA A 45 26.45 -32.78 25.18
C ALA A 45 26.91 -32.98 23.74
N ARG A 46 28.21 -33.24 23.54
CA ARG A 46 28.72 -33.57 22.21
C ARG A 46 28.12 -34.87 21.69
N GLU A 47 28.05 -35.90 22.55
CA GLU A 47 27.40 -37.14 22.13
C GLU A 47 25.89 -36.97 22.00
N ALA A 48 25.30 -36.14 22.87
CA ALA A 48 23.86 -35.92 22.82
C ALA A 48 23.43 -35.14 21.58
N CYS A 49 24.29 -34.29 21.04
CA CYS A 49 23.98 -33.64 19.77
C CYS A 49 24.44 -34.45 18.57
N GLY A 50 25.43 -35.34 18.75
CA GLY A 50 25.74 -36.30 17.70
C GLY A 50 24.60 -37.27 17.44
N VAL A 51 23.87 -37.67 18.50
CA VAL A 51 22.70 -38.52 18.33
C VAL A 51 21.62 -37.81 17.54
N ILE A 52 21.37 -36.53 17.82
CA ILE A 52 20.30 -35.86 17.09
C ILE A 52 20.71 -35.47 15.67
N VAL A 53 22.00 -35.22 15.39
CA VAL A 53 22.37 -34.97 14.00
C VAL A 53 22.39 -36.28 13.21
N GLU A 54 22.64 -37.42 13.87
CA GLU A 54 22.45 -38.71 13.21
C GLU A 54 20.98 -38.99 12.95
N LEU A 55 20.11 -38.55 13.86
CA LEU A 55 18.67 -38.66 13.65
C LEU A 55 18.19 -37.77 12.50
N ILE A 56 18.81 -36.60 12.32
CA ILE A 56 18.47 -35.75 11.18
C ILE A 56 18.97 -36.38 9.88
N LYS A 57 20.22 -36.84 9.86
CA LYS A 57 20.79 -37.43 8.65
C LYS A 57 20.22 -38.80 8.31
N SER A 58 19.54 -39.46 9.24
CA SER A 58 18.94 -40.76 8.97
C SER A 58 17.64 -40.66 8.19
N LYS A 59 16.98 -39.49 8.23
CA LYS A 59 15.76 -39.16 7.48
C LYS A 59 14.61 -40.13 7.75
N LYS A 60 14.36 -40.44 9.02
CA LYS A 60 13.29 -41.36 9.35
C LYS A 60 12.41 -40.83 10.50
N MET A 61 12.91 -39.86 11.25
CA MET A 61 12.20 -39.37 12.43
C MET A 61 11.85 -37.90 12.25
N ALA A 62 10.55 -37.61 12.28
CA ALA A 62 10.04 -36.24 12.21
C ALA A 62 9.00 -36.03 13.30
N GLY A 63 9.12 -34.93 14.02
CA GLY A 63 8.19 -34.64 15.09
C GLY A 63 8.84 -34.63 16.46
N ARG A 64 10.14 -34.35 16.51
CA ARG A 64 10.90 -34.34 17.74
C ARG A 64 11.24 -32.91 18.15
N ALA A 65 11.67 -32.75 19.39
CA ALA A 65 12.00 -31.44 19.93
C ALA A 65 13.17 -31.55 20.88
N VAL A 66 14.10 -30.60 20.76
CA VAL A 66 15.35 -30.58 21.53
C VAL A 66 15.40 -29.29 22.33
N LEU A 67 15.68 -29.40 23.62
CA LEU A 67 15.89 -28.26 24.49
C LEU A 67 17.31 -28.32 25.04
N LEU A 68 17.97 -27.16 25.10
CA LEU A 68 19.34 -27.05 25.58
C LEU A 68 19.31 -26.35 26.93
N ALA A 69 19.30 -27.14 27.99
CA ALA A 69 19.17 -26.62 29.35
C ALA A 69 20.54 -26.23 29.89
N GLY A 70 20.70 -24.96 30.24
CA GLY A 70 21.95 -24.47 30.78
C GLY A 70 21.85 -23.05 31.31
N PRO A 71 22.88 -22.60 32.01
CA PRO A 71 22.91 -21.21 32.49
C PRO A 71 23.09 -20.23 31.33
N PRO A 72 22.73 -18.97 31.52
CA PRO A 72 22.97 -17.97 30.46
C PRO A 72 24.45 -17.66 30.32
N GLY A 73 24.97 -17.86 29.11
CA GLY A 73 26.36 -17.57 28.82
C GLY A 73 27.25 -18.78 28.67
N THR A 74 26.74 -19.84 28.03
CA THR A 74 27.50 -21.05 27.79
C THR A 74 27.91 -21.23 26.33
N GLY A 75 27.12 -20.75 25.38
CA GLY A 75 27.47 -20.87 23.98
C GLY A 75 26.78 -22.02 23.27
N LYS A 76 25.47 -22.17 23.50
CA LYS A 76 24.69 -23.19 22.81
C LYS A 76 24.30 -22.77 21.40
N THR A 77 24.34 -21.47 21.09
CA THR A 77 24.14 -21.01 19.73
C THR A 77 25.26 -21.49 18.83
N ALA A 78 26.49 -21.55 19.35
CA ALA A 78 27.61 -22.14 18.61
C ALA A 78 27.41 -23.63 18.41
N LEU A 79 26.76 -24.31 19.35
CA LEU A 79 26.46 -25.73 19.17
C LEU A 79 25.41 -25.94 18.08
N ALA A 80 24.41 -25.06 18.02
CA ALA A 80 23.41 -25.15 16.95
C ALA A 80 24.02 -24.79 15.60
N LEU A 81 24.96 -23.84 15.58
CA LEU A 81 25.66 -23.52 14.35
C LEU A 81 26.58 -24.66 13.93
N ALA A 82 27.13 -25.41 14.89
CA ALA A 82 27.92 -26.60 14.55
C ALA A 82 27.05 -27.71 13.99
N ILE A 83 25.82 -27.84 14.52
CA ILE A 83 24.83 -28.73 13.93
C ILE A 83 24.53 -28.34 12.48
N ALA A 84 24.32 -27.04 12.24
CA ALA A 84 24.01 -26.55 10.90
C ALA A 84 25.19 -26.70 9.95
N GLN A 85 26.42 -26.60 10.45
CA GLN A 85 27.59 -26.76 9.58
C GLN A 85 27.93 -28.24 9.36
N GLU A 86 27.58 -29.13 10.29
CA GLU A 86 27.73 -30.55 10.02
C GLU A 86 26.68 -31.02 9.01
N LEU A 87 25.47 -30.46 9.08
CA LEU A 87 24.48 -30.74 8.05
C LEU A 87 24.88 -30.07 6.74
N GLY A 88 25.26 -28.80 6.80
CA GLY A 88 25.78 -28.11 5.63
C GLY A 88 24.72 -27.35 4.86
N SER A 89 24.72 -27.53 3.53
CA SER A 89 23.77 -26.85 2.66
C SER A 89 22.66 -27.75 2.12
N LYS A 90 22.74 -29.06 2.40
CA LYS A 90 21.69 -29.97 1.93
C LYS A 90 20.42 -29.81 2.76
N VAL A 91 20.55 -29.87 4.09
CA VAL A 91 19.41 -29.71 4.98
C VAL A 91 19.16 -28.21 5.20
N PRO A 92 17.96 -27.73 4.94
CA PRO A 92 17.67 -26.30 5.18
C PRO A 92 17.64 -25.98 6.66
N PHE A 93 18.37 -24.93 7.04
CA PHE A 93 18.44 -24.47 8.42
C PHE A 93 17.99 -23.03 8.48
N CYS A 94 16.88 -22.78 9.19
CA CYS A 94 16.32 -21.45 9.33
C CYS A 94 16.09 -21.14 10.80
N PRO A 95 16.98 -20.43 11.46
CA PRO A 95 16.75 -20.05 12.85
C PRO A 95 15.69 -18.96 12.98
N MET A 96 14.97 -18.99 14.09
CA MET A 96 13.90 -18.05 14.34
C MET A 96 14.09 -17.39 15.69
N VAL A 97 14.12 -16.05 15.69
CA VAL A 97 14.14 -15.29 16.93
C VAL A 97 12.74 -15.32 17.53
N GLY A 98 12.66 -15.30 18.87
CA GLY A 98 11.36 -15.29 19.54
C GLY A 98 10.58 -14.00 19.33
N SER A 99 11.28 -12.93 18.96
CA SER A 99 10.66 -11.64 18.66
C SER A 99 10.22 -11.53 17.21
N GLU A 100 10.34 -12.61 16.43
CA GLU A 100 9.86 -12.65 15.05
C GLU A 100 8.42 -13.15 14.99
N VAL A 101 7.89 -13.59 16.13
CA VAL A 101 6.53 -14.12 16.20
C VAL A 101 5.50 -13.03 16.46
N TYR A 102 5.81 -12.03 17.29
CA TYR A 102 4.85 -10.98 17.65
C TYR A 102 4.64 -10.01 16.51
N SER A 103 3.84 -10.40 15.52
CA SER A 103 3.53 -9.53 14.39
C SER A 103 2.25 -8.75 14.65
N THR A 104 2.04 -7.71 13.84
CA THR A 104 0.88 -6.84 14.01
C THR A 104 -0.25 -7.18 13.04
N GLU A 105 0.06 -7.50 11.79
CA GLU A 105 -0.96 -7.78 10.79
C GLU A 105 -1.21 -9.26 10.56
N ILE A 106 -0.26 -10.12 10.90
CA ILE A 106 -0.37 -11.55 10.71
C ILE A 106 -0.39 -12.22 12.09
N LYS A 107 -1.32 -13.15 12.28
CA LYS A 107 -1.46 -13.82 13.57
C LYS A 107 -0.28 -14.76 13.82
N LYS A 108 -0.04 -15.03 15.10
CA LYS A 108 1.17 -15.73 15.52
C LYS A 108 1.12 -17.21 15.16
N THR A 109 -0.08 -17.79 15.17
CA THR A 109 -0.28 -19.18 14.75
C THR A 109 0.14 -19.37 13.29
N GLU A 110 -0.25 -18.43 12.43
CA GLU A 110 0.14 -18.49 11.02
C GLU A 110 1.64 -18.29 10.85
N VAL A 111 2.27 -17.45 11.68
CA VAL A 111 3.71 -17.24 11.59
C VAL A 111 4.47 -18.52 11.98
N LEU A 112 4.04 -19.19 13.05
CA LEU A 112 4.66 -20.45 13.44
C LEU A 112 4.42 -21.55 12.41
N MET A 113 3.22 -21.57 11.80
CA MET A 113 2.92 -22.58 10.79
C MET A 113 3.71 -22.32 9.50
N GLU A 114 3.91 -21.05 9.15
CA GLU A 114 4.74 -20.72 7.99
C GLU A 114 6.21 -21.00 8.25
N ASN A 115 6.65 -20.90 9.51
CA ASN A 115 8.01 -21.35 9.84
C ASN A 115 8.13 -22.86 9.71
N PHE A 116 7.10 -23.59 10.13
CA PHE A 116 7.08 -25.05 9.97
C PHE A 116 7.06 -25.45 8.49
N ARG A 117 6.45 -24.62 7.63
CA ARG A 117 6.51 -24.88 6.20
C ARG A 117 7.83 -24.42 5.58
N ARG A 118 8.50 -23.43 6.19
CA ARG A 118 9.87 -23.09 5.79
C ARG A 118 10.83 -24.22 6.10
N ALA A 119 10.55 -25.01 7.15
CA ALA A 119 11.41 -26.15 7.46
C ALA A 119 11.41 -27.21 6.37
N ILE A 120 10.22 -27.67 5.96
CA ILE A 120 10.09 -28.76 5.01
C ILE A 120 10.47 -28.27 3.61
N GLY A 121 11.35 -29.02 2.93
CA GLY A 121 11.80 -28.65 1.61
C GLY A 121 12.03 -29.88 0.75
N LEU A 122 12.20 -29.63 -0.55
CA LEU A 122 12.40 -30.69 -1.52
C LEU A 122 13.53 -30.32 -2.47
N ARG A 123 13.92 -31.27 -3.31
CA ARG A 123 14.92 -31.04 -4.32
C ARG A 123 14.57 -31.88 -5.53
N ILE A 124 14.24 -31.22 -6.64
CA ILE A 124 13.89 -31.94 -7.87
C ILE A 124 14.68 -31.45 -9.07
N LYS A 125 15.97 -31.81 -9.12
CA LYS A 125 16.81 -31.45 -10.25
C LYS A 125 16.05 -31.71 -11.54
N GLU A 126 16.24 -30.84 -12.53
CA GLU A 126 15.51 -30.97 -13.78
C GLU A 126 16.34 -30.53 -15.00
N THR A 127 15.68 -29.96 -16.00
CA THR A 127 16.37 -29.45 -17.18
C THR A 127 15.69 -28.21 -17.74
N LYS A 128 16.13 -27.76 -18.90
CA LYS A 128 15.59 -26.56 -19.50
C LYS A 128 16.48 -26.11 -20.67
N GLU A 129 15.93 -26.09 -21.88
CA GLU A 129 16.70 -25.72 -23.06
C GLU A 129 16.57 -24.23 -23.34
N VAL A 130 17.63 -23.61 -23.84
CA VAL A 130 17.56 -22.15 -24.05
C VAL A 130 17.48 -21.89 -25.56
N TYR A 131 16.81 -20.78 -25.97
CA TYR A 131 16.66 -20.50 -27.39
C TYR A 131 17.36 -19.22 -27.85
N GLU A 132 17.31 -18.12 -27.08
CA GLU A 132 18.19 -16.96 -27.13
C GLU A 132 17.99 -16.00 -28.32
N GLY A 133 17.19 -16.38 -29.33
CA GLY A 133 16.79 -15.43 -30.37
C GLY A 133 17.82 -15.10 -31.43
N GLU A 134 17.39 -14.91 -32.69
CA GLU A 134 18.37 -14.79 -33.77
C GLU A 134 18.90 -13.38 -34.00
N VAL A 135 18.20 -12.58 -34.80
CA VAL A 135 18.23 -11.12 -34.81
C VAL A 135 16.85 -10.62 -35.25
N THR A 136 16.39 -11.12 -36.40
CA THR A 136 15.21 -10.66 -37.14
C THR A 136 14.60 -11.86 -37.83
N GLU A 137 13.57 -12.46 -37.24
CA GLU A 137 12.85 -13.49 -37.97
C GLU A 137 11.35 -13.26 -37.75
N LEU A 138 10.93 -12.02 -37.93
CA LEU A 138 9.52 -11.68 -37.83
C LEU A 138 8.81 -12.12 -39.10
N THR A 139 8.39 -13.39 -39.14
CA THR A 139 7.71 -13.97 -40.30
C THR A 139 6.34 -14.50 -39.88
N PRO A 140 5.31 -13.63 -39.84
CA PRO A 140 3.96 -14.11 -39.54
C PRO A 140 3.21 -14.55 -40.79
N CYS A 141 3.73 -15.55 -41.50
CA CYS A 141 3.18 -15.95 -42.79
C CYS A 141 2.44 -17.27 -42.63
N GLU A 142 1.18 -17.20 -42.21
CA GLU A 142 0.30 -18.36 -42.20
C GLU A 142 -1.09 -17.86 -42.58
N ILE A 154 -3.21 -16.88 -37.71
CA ILE A 154 -1.85 -17.03 -37.19
C ILE A 154 -1.74 -18.36 -36.43
N SER A 155 -0.93 -19.26 -36.96
CA SER A 155 -0.55 -20.51 -36.31
C SER A 155 0.92 -20.84 -36.47
N HIS A 156 1.59 -20.25 -37.47
CA HIS A 156 2.89 -20.71 -37.93
C HIS A 156 3.83 -19.51 -38.04
N VAL A 157 4.86 -19.48 -37.19
CA VAL A 157 5.83 -18.38 -37.17
C VAL A 157 7.23 -18.97 -37.33
N ILE A 158 7.98 -18.45 -38.30
CA ILE A 158 9.36 -18.87 -38.54
C ILE A 158 10.29 -17.84 -37.92
N ILE A 159 11.13 -18.29 -36.97
CA ILE A 159 12.09 -17.42 -36.32
C ILE A 159 13.46 -18.06 -36.46
N GLY A 160 14.40 -17.35 -37.07
CA GLY A 160 15.77 -17.80 -37.16
C GLY A 160 16.55 -17.43 -35.91
N LEU A 161 17.82 -17.83 -35.88
CA LEU A 161 18.76 -17.49 -34.82
C LEU A 161 20.14 -17.27 -35.43
N LYS A 162 20.79 -16.18 -35.04
CA LYS A 162 22.14 -15.82 -35.49
C LYS A 162 23.01 -15.61 -34.25
N THR A 163 23.58 -16.69 -33.72
CA THR A 163 24.54 -16.55 -32.64
C THR A 163 25.95 -16.63 -33.19
N ALA A 164 26.92 -16.37 -32.30
CA ALA A 164 28.33 -16.34 -32.69
C ALA A 164 28.84 -17.70 -33.15
N LYS A 165 28.19 -18.79 -32.74
CA LYS A 165 28.51 -20.11 -33.25
C LYS A 165 27.89 -20.38 -34.61
N GLY A 166 26.77 -19.74 -34.94
CA GLY A 166 26.17 -19.95 -36.24
C GLY A 166 24.69 -19.62 -36.23
N THR A 167 24.03 -20.03 -37.31
CA THR A 167 22.63 -19.70 -37.57
C THR A 167 21.78 -20.96 -37.64
N LYS A 168 20.58 -20.88 -37.06
CA LYS A 168 19.59 -21.95 -37.16
C LYS A 168 18.21 -21.34 -37.38
N GLN A 169 17.18 -22.19 -37.39
CA GLN A 169 15.79 -21.78 -37.58
C GLN A 169 14.90 -22.64 -36.70
N LEU A 170 13.73 -22.10 -36.32
CA LEU A 170 12.73 -22.88 -35.60
C LEU A 170 11.33 -22.33 -35.90
N LYS A 171 10.36 -23.23 -35.93
CA LYS A 171 8.96 -22.92 -36.13
C LYS A 171 8.25 -22.88 -34.77
N LEU A 172 7.55 -21.80 -34.48
CA LEU A 172 6.90 -21.69 -33.17
C LEU A 172 5.40 -21.48 -33.30
N ASP A 173 4.66 -22.08 -32.38
CA ASP A 173 3.21 -21.97 -32.42
C ASP A 173 2.78 -20.53 -32.13
N PRO A 174 1.45 -20.21 -32.49
CA PRO A 174 1.21 -18.76 -32.54
C PRO A 174 1.55 -17.96 -31.29
N SER A 175 1.28 -18.52 -30.12
CA SER A 175 1.52 -17.82 -28.86
C SER A 175 2.86 -17.10 -28.84
N ILE A 176 3.91 -17.79 -28.44
CA ILE A 176 5.22 -17.13 -28.42
C ILE A 176 5.20 -15.87 -29.28
N PHE A 177 4.54 -15.95 -30.45
CA PHE A 177 4.43 -14.76 -31.30
C PHE A 177 3.52 -13.70 -30.68
N GLU A 178 2.46 -14.12 -29.97
CA GLU A 178 1.61 -13.17 -29.27
C GLU A 178 2.35 -12.50 -28.12
N SER A 179 3.33 -13.20 -27.55
CA SER A 179 4.26 -12.53 -26.63
C SER A 179 5.25 -11.66 -27.38
N LEU A 180 5.53 -11.97 -28.65
CA LEU A 180 6.48 -11.18 -29.42
C LEU A 180 5.92 -9.80 -29.79
N GLN A 181 4.64 -9.72 -30.20
CA GLN A 181 4.14 -8.40 -30.62
C GLN A 181 3.86 -7.48 -29.43
N LYS A 182 3.79 -8.03 -28.22
CA LYS A 182 3.61 -7.24 -27.01
C LYS A 182 4.82 -6.35 -26.70
N GLU A 183 6.03 -6.85 -26.95
CA GLU A 183 7.29 -6.17 -26.74
C GLU A 183 7.79 -5.66 -28.10
N ARG A 184 8.79 -4.80 -28.10
CA ARG A 184 9.33 -4.21 -29.33
C ARG A 184 10.19 -5.26 -30.02
N VAL A 185 9.74 -5.73 -31.18
CA VAL A 185 10.49 -6.68 -31.99
C VAL A 185 11.01 -5.99 -33.25
N GLU A 186 12.20 -5.42 -33.15
CA GLU A 186 12.80 -4.64 -34.22
C GLU A 186 14.14 -5.24 -34.64
N ALA A 187 14.86 -4.50 -35.47
CA ALA A 187 16.14 -4.97 -36.02
C ALA A 187 17.24 -4.95 -34.97
N GLY A 188 17.56 -6.12 -34.40
CA GLY A 188 18.68 -6.19 -33.47
C GLY A 188 18.33 -6.55 -32.04
N ASP A 189 17.33 -7.41 -31.83
CA ASP A 189 16.83 -7.67 -30.49
C ASP A 189 17.25 -9.06 -30.00
N VAL A 190 17.06 -9.28 -28.71
CA VAL A 190 17.29 -10.58 -28.07
C VAL A 190 15.93 -11.15 -27.72
N ILE A 191 15.75 -12.46 -27.89
CA ILE A 191 14.50 -13.14 -27.57
C ILE A 191 14.82 -14.39 -26.77
N TYR A 192 14.75 -14.30 -25.43
CA TYR A 192 14.88 -15.47 -24.58
C TYR A 192 13.52 -16.16 -24.47
N ILE A 193 13.47 -17.40 -24.92
CA ILE A 193 12.25 -18.21 -24.89
C ILE A 193 12.48 -19.37 -23.93
N GLU A 194 11.62 -19.47 -22.92
CA GLU A 194 11.68 -20.56 -21.97
C GLU A 194 10.83 -21.73 -22.45
N ALA A 195 10.75 -22.78 -21.63
CA ALA A 195 9.99 -23.97 -21.99
C ALA A 195 8.48 -23.79 -21.83
N ASN A 196 8.05 -22.86 -20.98
CA ASN A 196 6.63 -22.63 -20.72
C ASN A 196 6.16 -21.31 -21.31
N SER A 197 6.67 -20.96 -22.49
CA SER A 197 6.36 -19.73 -23.24
C SER A 197 6.65 -18.47 -22.40
N GLY A 198 7.76 -18.52 -21.67
CA GLY A 198 8.22 -17.36 -20.92
C GLY A 198 9.26 -16.58 -21.71
N ALA A 199 8.85 -15.45 -22.28
CA ALA A 199 9.69 -14.70 -23.20
C ALA A 199 10.20 -13.44 -22.51
N VAL A 200 11.53 -13.30 -22.46
CA VAL A 200 12.19 -12.09 -21.97
C VAL A 200 12.97 -11.50 -23.13
N LYS A 201 12.67 -10.27 -23.49
CA LYS A 201 13.23 -9.68 -24.69
C LYS A 201 13.91 -8.34 -24.40
N ARG A 202 14.94 -8.06 -25.21
CA ARG A 202 15.74 -6.84 -25.17
C ARG A 202 15.55 -6.11 -26.49
N GLN A 203 16.35 -5.06 -26.69
CA GLN A 203 16.30 -4.30 -27.95
C GLN A 203 17.65 -3.65 -28.19
N GLY A 204 18.15 -3.74 -29.41
CA GLY A 204 19.43 -3.15 -29.77
C GLY A 204 20.59 -4.08 -29.47
N ARG A 205 20.97 -4.88 -30.47
CA ARG A 205 22.08 -5.81 -30.31
C ARG A 205 22.90 -5.89 -31.60
N CYS A 206 23.85 -6.83 -31.63
CA CYS A 206 24.72 -7.05 -32.78
C CYS A 206 25.34 -5.75 -33.30
N ASP A 207 24.65 -5.09 -34.23
CA ASP A 207 25.15 -3.84 -34.79
C ASP A 207 24.02 -2.96 -35.32
N THR A 208 24.03 -1.69 -34.92
CA THR A 208 23.03 -0.73 -35.34
C THR A 208 23.65 0.67 -35.37
N TYR A 209 24.74 0.80 -36.13
CA TYR A 209 25.45 2.07 -36.23
C TYR A 209 25.48 2.57 -37.68
N ALA A 210 24.32 2.59 -38.34
CA ALA A 210 24.15 2.75 -39.79
C ALA A 210 24.83 3.98 -40.40
N THR A 211 24.47 5.18 -39.95
CA THR A 211 25.02 6.38 -40.56
C THR A 211 25.85 7.19 -39.57
N GLU A 212 26.37 6.52 -38.54
CA GLU A 212 27.13 7.12 -37.44
C GLU A 212 26.28 8.23 -36.77
N PHE A 213 25.03 7.88 -36.50
CA PHE A 213 24.02 8.85 -36.06
C PHE A 213 23.99 8.90 -34.53
N ASP A 214 22.94 9.49 -33.97
CA ASP A 214 22.79 9.66 -32.53
C ASP A 214 22.31 8.41 -31.80
N LEU A 215 21.84 8.63 -30.57
CA LEU A 215 21.45 7.53 -29.70
C LEU A 215 20.23 6.80 -30.23
N GLU A 216 20.31 5.48 -30.19
CA GLU A 216 19.12 4.65 -30.28
C GLU A 216 18.51 4.39 -28.90
N ALA A 217 19.20 4.76 -27.81
CA ALA A 217 18.80 4.63 -26.41
C ALA A 217 18.48 3.19 -26.06
N GLU A 218 19.40 2.29 -26.36
CA GLU A 218 19.21 0.86 -26.12
C GLU A 218 20.37 0.37 -25.29
N GLU A 219 20.45 -0.96 -25.11
CA GLU A 219 21.53 -1.58 -24.37
C GLU A 219 22.57 -2.11 -25.36
N TYR A 220 23.80 -1.65 -25.20
CA TYR A 220 24.90 -2.00 -26.09
C TYR A 220 25.65 -3.19 -25.51
N VAL A 221 25.41 -4.37 -26.06
CA VAL A 221 25.97 -5.62 -25.55
C VAL A 221 26.85 -6.24 -26.64
N PRO A 222 27.99 -6.84 -26.30
CA PRO A 222 28.78 -7.57 -27.31
C PRO A 222 28.14 -8.90 -27.71
N LEU A 223 28.91 -9.66 -28.48
CA LEU A 223 28.38 -10.86 -29.12
C LEU A 223 28.11 -11.96 -28.08
N PRO A 224 26.88 -12.50 -28.05
CA PRO A 224 26.57 -13.58 -27.11
C PRO A 224 27.19 -14.91 -27.53
N LYS A 225 28.45 -15.12 -27.12
CA LYS A 225 29.16 -16.35 -27.47
C LYS A 225 28.53 -17.56 -26.81
N GLY A 226 28.33 -18.60 -27.61
CA GLY A 226 27.64 -19.81 -27.18
C GLY A 226 26.81 -20.41 -28.30
N ASP A 227 26.63 -21.72 -28.20
CA ASP A 227 25.98 -22.47 -29.26
C ASP A 227 24.45 -22.43 -29.10
N VAL A 228 23.77 -23.20 -29.95
CA VAL A 228 22.32 -23.22 -29.95
C VAL A 228 21.78 -24.16 -28.87
N HIS A 229 22.15 -25.43 -28.95
CA HIS A 229 21.49 -26.46 -28.17
C HIS A 229 22.39 -26.94 -27.05
N LYS A 230 22.14 -26.44 -25.83
CA LYS A 230 22.73 -26.98 -24.63
C LYS A 230 21.68 -27.82 -23.90
N LYS A 231 22.16 -28.62 -22.95
CA LYS A 231 21.28 -29.45 -22.12
C LYS A 231 21.69 -29.24 -20.68
N LYS A 232 21.11 -28.25 -20.02
CA LYS A 232 21.64 -27.83 -18.72
C LYS A 232 20.88 -28.52 -17.60
N GLU A 233 21.61 -28.91 -16.56
CA GLU A 233 21.06 -29.66 -15.43
C GLU A 233 21.42 -28.92 -14.14
N ILE A 234 20.42 -28.57 -13.35
CA ILE A 234 20.61 -27.86 -12.09
C ILE A 234 19.89 -28.59 -10.97
N ILE A 235 20.62 -28.86 -9.89
CA ILE A 235 20.04 -29.34 -8.64
C ILE A 235 19.59 -28.12 -7.84
N GLN A 236 18.30 -28.08 -7.49
CA GLN A 236 17.71 -26.91 -6.84
C GLN A 236 16.89 -27.36 -5.64
N ASP A 237 17.11 -26.67 -4.51
CA ASP A 237 16.32 -26.89 -3.31
C ASP A 237 15.18 -25.89 -3.26
N VAL A 238 13.95 -26.39 -3.16
CA VAL A 238 12.75 -25.57 -3.15
C VAL A 238 12.04 -25.75 -1.82
N THR A 239 11.78 -24.65 -1.12
CA THR A 239 11.00 -24.67 0.11
C THR A 239 9.53 -24.60 -0.22
N LEU A 240 8.71 -25.19 0.66
CA LEU A 240 7.27 -25.24 0.44
C LEU A 240 6.58 -23.91 0.74
N HIS A 241 7.22 -23.01 1.50
CA HIS A 241 6.59 -21.72 1.78
C HIS A 241 6.66 -20.80 0.56
N ASP A 242 7.76 -20.84 -0.19
CA ASP A 242 7.83 -20.11 -1.46
C ASP A 242 6.81 -20.66 -2.44
N LEU A 243 6.58 -21.97 -2.41
CA LEU A 243 5.54 -22.60 -3.23
C LEU A 243 4.15 -22.11 -2.82
N ASP A 244 3.92 -21.97 -1.51
CA ASP A 244 2.62 -21.48 -1.03
C ASP A 244 2.39 -20.02 -1.38
N VAL A 245 3.45 -19.20 -1.33
CA VAL A 245 3.33 -17.80 -1.72
C VAL A 245 3.09 -17.69 -3.22
N ALA A 246 3.78 -18.50 -4.02
CA ALA A 246 3.62 -18.44 -5.47
C ALA A 246 2.28 -19.01 -5.93
N ASN A 247 1.65 -19.87 -5.13
CA ASN A 247 0.38 -20.45 -5.54
C ASN A 247 -0.83 -19.76 -4.92
N ALA A 248 -0.68 -19.11 -3.76
CA ALA A 248 -1.82 -18.46 -3.12
C ALA A 248 -2.20 -17.17 -3.84
N ARG A 249 -1.22 -16.40 -4.24
CA ARG A 249 -1.44 -15.18 -5.00
C ARG A 249 -1.39 -15.47 -6.50
N PRO A 250 -2.14 -14.71 -7.32
CA PRO A 250 -2.10 -14.96 -8.77
C PRO A 250 -0.78 -14.62 -9.44
N THR A 269 -3.14 -16.27 5.04
CA THR A 269 -3.51 -17.34 5.96
C THR A 269 -4.16 -18.48 5.18
N GLU A 270 -3.44 -19.59 5.04
CA GLU A 270 -3.88 -20.66 4.15
C GLU A 270 -5.03 -21.45 4.77
N ILE A 271 -5.87 -22.01 3.89
CA ILE A 271 -7.00 -22.83 4.31
C ILE A 271 -6.43 -24.22 4.61
N THR A 272 -6.72 -24.73 5.80
CA THR A 272 -6.30 -26.09 6.12
C THR A 272 -7.40 -27.10 5.78
N ASP A 273 -8.02 -26.96 4.61
CA ASP A 273 -8.91 -28.01 4.11
C ASP A 273 -8.77 -28.15 2.59
N LYS A 274 -8.22 -27.13 1.94
CA LYS A 274 -8.22 -27.07 0.48
C LYS A 274 -6.86 -26.78 -0.15
N LEU A 275 -6.05 -25.90 0.43
CA LEU A 275 -4.81 -25.46 -0.21
C LEU A 275 -3.63 -26.35 0.16
N ARG A 276 -3.35 -26.54 1.45
CA ARG A 276 -2.19 -27.32 1.86
C ARG A 276 -2.40 -28.82 1.61
N GLY A 277 -3.66 -29.27 1.59
CA GLY A 277 -3.92 -30.64 1.18
C GLY A 277 -3.65 -30.85 -0.31
N GLU A 278 -3.94 -29.83 -1.13
CA GLU A 278 -3.61 -29.88 -2.54
C GLU A 278 -2.10 -29.89 -2.76
N ILE A 279 -1.36 -29.12 -1.95
CA ILE A 279 0.09 -29.12 -2.02
C ILE A 279 0.65 -30.47 -1.60
N ASN A 280 0.07 -31.09 -0.56
CA ASN A 280 0.50 -32.41 -0.12
C ASN A 280 0.23 -33.46 -1.20
N LYS A 281 -0.92 -33.37 -1.87
CA LYS A 281 -1.25 -34.30 -2.94
C LYS A 281 -0.32 -34.14 -4.15
N VAL A 282 -0.01 -32.90 -4.53
CA VAL A 282 0.85 -32.75 -5.71
C VAL A 282 2.31 -33.08 -5.39
N VAL A 283 2.75 -32.89 -4.14
CA VAL A 283 4.10 -33.33 -3.77
C VAL A 283 4.15 -34.86 -3.69
N ASN A 284 3.08 -35.51 -3.22
CA ASN A 284 2.99 -36.97 -3.27
C ASN A 284 3.03 -37.49 -4.70
N LYS A 285 2.35 -36.82 -5.63
CA LYS A 285 2.39 -37.24 -7.02
C LYS A 285 3.76 -37.00 -7.64
N TYR A 286 4.42 -35.89 -7.26
CA TYR A 286 5.74 -35.59 -7.81
C TYR A 286 6.80 -36.56 -7.30
N ILE A 287 6.65 -37.04 -6.06
CA ILE A 287 7.62 -38.02 -5.55
C ILE A 287 7.25 -39.46 -5.90
N ASP A 288 6.01 -39.71 -6.29
CA ASP A 288 5.66 -41.04 -6.79
C ASP A 288 6.01 -41.20 -8.28
N GLN A 289 5.97 -40.10 -9.04
CA GLN A 289 6.42 -40.17 -10.42
C GLN A 289 7.94 -40.21 -10.53
N GLY A 290 8.66 -39.73 -9.51
CA GLY A 290 10.11 -39.78 -9.52
C GLY A 290 10.75 -38.50 -10.00
N ILE A 291 10.28 -37.36 -9.50
CA ILE A 291 10.79 -36.05 -9.89
C ILE A 291 11.54 -35.38 -8.74
N ALA A 292 10.87 -35.18 -7.61
CA ALA A 292 11.43 -34.46 -6.47
C ALA A 292 11.84 -35.44 -5.37
N GLU A 293 12.68 -34.94 -4.47
CA GLU A 293 13.15 -35.71 -3.33
C GLU A 293 13.02 -34.87 -2.07
N LEU A 294 12.23 -35.37 -1.11
CA LEU A 294 11.95 -34.60 0.11
C LEU A 294 13.13 -34.69 1.06
N VAL A 295 13.42 -33.58 1.75
CA VAL A 295 14.42 -33.59 2.82
C VAL A 295 13.72 -33.19 4.12
N PRO A 296 14.19 -33.65 5.28
CA PRO A 296 13.56 -33.24 6.54
C PRO A 296 13.84 -31.79 6.87
N GLY A 297 13.00 -31.25 7.74
CA GLY A 297 13.08 -29.86 8.16
C GLY A 297 13.66 -29.75 9.56
N VAL A 298 14.57 -28.79 9.71
CA VAL A 298 15.24 -28.53 10.98
C VAL A 298 15.08 -27.05 11.30
N LEU A 299 14.54 -26.75 12.47
CA LEU A 299 14.41 -25.38 12.94
C LEU A 299 15.16 -25.21 14.25
N PHE A 300 15.45 -23.95 14.59
CA PHE A 300 16.13 -23.62 15.84
C PHE A 300 15.55 -22.31 16.37
N VAL A 301 14.91 -22.38 17.53
CA VAL A 301 14.16 -21.25 18.08
C VAL A 301 14.87 -20.76 19.35
N ASP A 302 15.12 -19.46 19.42
CA ASP A 302 15.71 -18.81 20.59
C ASP A 302 14.65 -18.00 21.33
N GLU A 303 14.86 -17.89 22.64
CA GLU A 303 13.92 -17.26 23.59
C GLU A 303 12.51 -17.84 23.46
N VAL A 304 12.41 -19.14 23.77
CA VAL A 304 11.15 -19.85 23.64
C VAL A 304 10.20 -19.46 24.77
N HIS A 305 10.75 -19.26 25.97
CA HIS A 305 9.94 -18.94 27.15
C HIS A 305 9.30 -17.55 27.10
N MET A 306 9.78 -16.67 26.22
CA MET A 306 9.24 -15.33 26.09
C MET A 306 8.04 -15.26 25.14
N LEU A 307 7.53 -16.39 24.70
CA LEU A 307 6.37 -16.43 23.82
C LEU A 307 5.08 -16.50 24.64
N ASP A 308 3.96 -16.27 23.96
CA ASP A 308 2.65 -16.30 24.59
C ASP A 308 2.22 -17.75 24.80
N ILE A 309 1.27 -17.94 25.73
CA ILE A 309 0.79 -19.27 26.05
C ILE A 309 -0.11 -19.82 24.94
N GLU A 310 -0.71 -18.95 24.11
CA GLU A 310 -1.44 -19.45 22.95
C GLU A 310 -0.49 -19.96 21.87
N CYS A 311 0.69 -19.33 21.76
CA CYS A 311 1.74 -19.91 20.93
C CYS A 311 2.21 -21.25 21.46
N PHE A 312 2.19 -21.44 22.78
CA PHE A 312 2.58 -22.72 23.36
C PHE A 312 1.53 -23.79 23.10
N THR A 313 0.24 -23.44 23.22
CA THR A 313 -0.81 -24.42 23.00
C THR A 313 -1.07 -24.68 21.52
N TYR A 314 -0.55 -23.84 20.63
CA TYR A 314 -0.47 -24.26 19.23
C TYR A 314 0.81 -25.02 18.93
N LEU A 315 1.90 -24.72 19.66
CA LEU A 315 3.19 -25.35 19.41
C LEU A 315 3.18 -26.82 19.78
N HIS A 316 2.79 -27.14 21.01
CA HIS A 316 2.78 -28.56 21.41
C HIS A 316 1.51 -29.29 20.99
N ARG A 317 0.67 -28.66 20.15
CA ARG A 317 -0.37 -29.34 19.40
C ARG A 317 0.04 -29.60 17.96
N ALA A 318 0.79 -28.67 17.36
CA ALA A 318 1.23 -28.82 15.98
C ALA A 318 2.50 -29.66 15.85
N LEU A 319 3.28 -29.81 16.92
CA LEU A 319 4.37 -30.78 16.87
C LEU A 319 3.89 -32.21 17.08
N GLU A 320 2.63 -32.40 17.46
CA GLU A 320 2.02 -33.72 17.55
C GLU A 320 1.55 -34.25 16.21
N SER A 321 1.71 -33.49 15.12
CA SER A 321 1.35 -33.97 13.81
C SER A 321 2.40 -34.94 13.29
N SER A 322 1.99 -35.77 12.33
CA SER A 322 2.89 -36.74 11.72
C SER A 322 3.83 -36.14 10.70
N ILE A 323 3.61 -34.89 10.30
CA ILE A 323 4.43 -34.22 9.30
C ILE A 323 5.29 -33.12 9.94
N ALA A 324 5.34 -33.07 11.26
CA ALA A 324 5.99 -31.98 11.97
C ALA A 324 7.50 -32.11 11.89
N PRO A 325 8.23 -31.04 11.57
CA PRO A 325 9.70 -31.11 11.54
C PRO A 325 10.28 -31.08 12.95
N ILE A 326 11.59 -31.30 13.02
CA ILE A 326 12.30 -31.23 14.29
C ILE A 326 12.73 -29.79 14.55
N VAL A 327 12.47 -29.34 15.77
CA VAL A 327 12.74 -27.95 16.18
C VAL A 327 13.54 -27.98 17.48
N ILE A 328 14.74 -27.43 17.44
CA ILE A 328 15.60 -27.32 18.61
C ILE A 328 15.25 -26.03 19.33
N PHE A 329 14.67 -26.16 20.51
CA PHE A 329 14.28 -25.02 21.32
C PHE A 329 15.41 -24.61 22.24
N ALA A 330 15.46 -23.31 22.56
CA ALA A 330 16.49 -22.79 23.46
C ALA A 330 15.83 -21.91 24.52
N SER A 331 16.00 -22.30 25.77
CA SER A 331 15.53 -21.52 26.91
C SER A 331 16.71 -20.73 27.49
N ASN A 332 16.55 -19.42 27.62
CA ASN A 332 17.63 -18.55 28.04
C ASN A 332 17.76 -18.50 29.57
N ARG A 333 16.72 -18.06 30.26
CA ARG A 333 16.74 -17.92 31.71
C ARG A 333 15.89 -19.01 32.35
N GLY A 334 15.89 -19.04 33.68
CA GLY A 334 15.30 -20.13 34.43
C GLY A 334 13.86 -19.91 34.88
N ASN A 335 13.63 -20.03 36.19
CA ASN A 335 12.29 -20.06 36.75
C ASN A 335 11.70 -18.65 36.75
N CYS A 336 10.71 -18.42 35.89
CA CYS A 336 10.01 -17.15 35.82
C CYS A 336 8.53 -17.44 35.60
N VAL A 337 7.77 -16.40 35.27
CA VAL A 337 6.33 -16.51 35.06
C VAL A 337 6.05 -16.65 33.58
N ILE A 338 5.21 -17.62 33.22
CA ILE A 338 4.78 -17.78 31.84
C ILE A 338 3.92 -16.59 31.44
N ARG A 339 4.17 -16.05 30.25
CA ARG A 339 3.47 -14.86 29.76
C ARG A 339 2.00 -15.17 29.50
N GLY A 340 1.12 -14.53 30.26
CA GLY A 340 -0.31 -14.74 30.15
C GLY A 340 -0.93 -15.45 31.33
N THR A 341 -0.13 -15.87 32.32
CA THR A 341 -0.63 -16.61 33.46
C THR A 341 -0.71 -15.79 34.73
N GLU A 342 0.38 -15.06 35.05
CA GLU A 342 0.55 -14.08 36.14
C GLU A 342 0.64 -14.75 37.51
N ASP A 343 0.43 -16.07 37.59
CA ASP A 343 0.56 -16.80 38.84
C ASP A 343 1.19 -18.18 38.71
N ILE A 344 1.18 -18.80 37.53
CA ILE A 344 1.67 -20.16 37.37
C ILE A 344 3.19 -20.15 37.34
N THR A 345 3.80 -20.90 38.27
CA THR A 345 5.25 -21.02 38.37
C THR A 345 5.70 -22.32 37.73
N SER A 346 6.61 -22.19 36.76
CA SER A 346 7.08 -23.33 35.99
C SER A 346 8.57 -23.14 35.70
N PRO A 347 9.35 -24.22 35.66
CA PRO A 347 10.79 -24.06 35.39
C PRO A 347 11.06 -23.76 33.91
N HIS A 348 12.07 -22.91 33.69
CA HIS A 348 12.60 -22.53 32.37
C HIS A 348 11.56 -21.79 31.53
N GLY A 349 10.54 -21.24 32.19
CA GLY A 349 9.45 -20.53 31.54
C GLY A 349 8.66 -21.37 30.55
N ILE A 350 8.56 -22.67 30.82
CA ILE A 350 7.93 -23.63 29.91
C ILE A 350 6.83 -24.36 30.67
N PRO A 351 5.62 -24.43 30.13
CA PRO A 351 4.53 -25.14 30.83
C PRO A 351 4.74 -26.64 30.83
N LEU A 352 3.94 -27.34 31.64
CA LEU A 352 4.14 -28.77 31.85
C LEU A 352 3.77 -29.59 30.62
N ASP A 353 2.83 -29.08 29.81
CA ASP A 353 2.47 -29.79 28.58
C ASP A 353 3.53 -29.63 27.51
N LEU A 354 4.25 -28.50 27.52
CA LEU A 354 5.31 -28.27 26.55
C LEU A 354 6.64 -28.86 27.00
N LEU A 355 6.89 -28.93 28.31
CA LEU A 355 8.16 -29.45 28.81
C LEU A 355 8.26 -30.97 28.61
N ASP A 356 7.13 -31.67 28.58
CA ASP A 356 7.13 -33.08 28.26
C ASP A 356 7.34 -33.28 26.76
N ARG A 357 7.55 -34.56 26.39
CA ARG A 357 7.87 -35.06 25.03
C ARG A 357 8.97 -34.26 24.32
N VAL A 358 9.90 -33.70 25.08
CA VAL A 358 11.02 -32.92 24.54
C VAL A 358 12.31 -33.48 25.14
N MET A 359 13.26 -33.83 24.29
CA MET A 359 14.58 -34.24 24.76
C MET A 359 15.31 -33.05 25.37
N ILE A 360 16.06 -33.29 26.43
CA ILE A 360 16.77 -32.23 27.16
C ILE A 360 18.25 -32.57 27.18
N ILE A 361 19.08 -31.62 26.74
CA ILE A 361 20.53 -31.77 26.72
C ILE A 361 21.12 -30.76 27.68
N ARG A 362 21.90 -31.25 28.64
CA ARG A 362 22.51 -30.39 29.66
C ARG A 362 23.78 -29.75 29.13
N THR A 363 23.92 -28.45 29.38
CA THR A 363 25.14 -27.71 29.04
C THR A 363 25.53 -26.90 30.28
N MET A 364 26.50 -27.41 31.03
CA MET A 364 26.92 -26.78 32.28
C MET A 364 28.07 -25.82 32.02
N LEU A 365 28.66 -25.29 33.10
CA LEU A 365 29.75 -24.35 32.98
C LEU A 365 31.08 -25.08 32.76
N TYR A 366 32.15 -24.30 32.70
CA TYR A 366 33.49 -24.80 32.42
C TYR A 366 34.37 -24.66 33.67
N THR A 367 35.65 -24.98 33.47
CA THR A 367 36.86 -24.84 34.26
C THR A 367 37.72 -23.72 33.68
N PRO A 368 38.37 -22.91 34.52
CA PRO A 368 39.09 -21.73 34.00
C PRO A 368 40.38 -22.05 33.27
N GLN A 369 40.99 -23.22 33.51
CA GLN A 369 42.31 -23.52 32.97
C GLN A 369 42.32 -23.76 31.45
N GLU A 370 41.15 -23.83 30.81
CA GLU A 370 41.07 -23.89 29.35
C GLU A 370 40.63 -22.58 28.72
N MET A 371 40.37 -21.54 29.53
CA MET A 371 39.90 -20.27 28.99
C MET A 371 40.94 -19.62 28.09
N LYS A 372 42.22 -19.68 28.49
CA LYS A 372 43.31 -19.20 27.65
C LYS A 372 43.47 -20.02 26.37
N GLN A 373 42.91 -21.23 26.33
CA GLN A 373 42.85 -21.95 25.06
C GLN A 373 41.84 -21.30 24.12
N ILE A 374 40.68 -20.91 24.64
CA ILE A 374 39.58 -20.42 23.80
C ILE A 374 39.95 -19.07 23.18
N ILE A 375 40.62 -18.21 23.95
CA ILE A 375 41.21 -16.97 23.44
C ILE A 375 42.18 -17.27 22.31
N LYS A 376 42.97 -18.34 22.45
CA LYS A 376 43.88 -18.76 21.40
C LYS A 376 43.12 -19.18 20.13
N ILE A 377 41.91 -19.74 20.30
CA ILE A 377 41.06 -20.09 19.17
C ILE A 377 40.63 -18.82 18.43
N ARG A 378 40.48 -17.70 19.15
CA ARG A 378 40.21 -16.44 18.48
C ARG A 378 41.47 -15.90 17.81
N ALA A 379 42.65 -16.20 18.36
CA ALA A 379 43.90 -15.62 17.87
C ALA A 379 44.23 -16.12 16.48
N GLN A 380 44.13 -17.44 16.27
CA GLN A 380 44.26 -18.00 14.93
C GLN A 380 43.10 -17.60 14.02
N THR A 381 41.96 -17.18 14.59
CA THR A 381 40.91 -16.58 13.79
C THR A 381 41.28 -15.14 13.42
N GLU A 382 42.01 -14.46 14.31
CA GLU A 382 42.32 -13.05 14.09
C GLU A 382 43.44 -12.88 13.07
N GLY A 383 44.48 -13.70 13.15
CA GLY A 383 45.61 -13.60 12.27
C GLY A 383 46.83 -12.91 12.85
N ILE A 384 46.73 -12.32 14.04
CA ILE A 384 47.83 -11.67 14.71
C ILE A 384 48.17 -12.48 15.96
N ASN A 385 49.42 -12.92 16.06
CA ASN A 385 49.83 -13.73 17.19
C ASN A 385 50.01 -12.87 18.43
N ILE A 386 49.69 -13.45 19.58
CA ILE A 386 49.78 -12.76 20.85
C ILE A 386 50.95 -13.33 21.65
N SER A 387 51.29 -12.66 22.74
CA SER A 387 52.40 -13.06 23.59
C SER A 387 51.90 -14.07 24.62
N GLU A 388 52.75 -14.40 25.60
CA GLU A 388 52.43 -15.39 26.62
C GLU A 388 51.86 -14.79 27.89
N GLU A 389 52.39 -13.65 28.34
CA GLU A 389 51.90 -13.04 29.57
C GLU A 389 50.59 -12.28 29.36
N ALA A 390 50.38 -11.71 28.16
CA ALA A 390 49.12 -11.05 27.87
C ALA A 390 47.97 -12.04 27.78
N LEU A 391 48.26 -13.27 27.33
CA LEU A 391 47.27 -14.35 27.38
C LEU A 391 46.91 -14.68 28.83
N ASN A 392 47.90 -14.64 29.72
CA ASN A 392 47.65 -14.92 31.13
C ASN A 392 46.80 -13.83 31.78
N HIS A 393 47.11 -12.55 31.48
CA HIS A 393 46.31 -11.46 32.03
C HIS A 393 44.89 -11.44 31.46
N LEU A 394 44.74 -11.75 30.16
CA LEU A 394 43.41 -11.78 29.57
C LEU A 394 42.61 -12.98 30.07
N GLY A 395 43.27 -14.10 30.34
CA GLY A 395 42.60 -15.21 30.98
C GLY A 395 42.21 -14.93 32.42
N GLU A 396 43.01 -14.12 33.12
CA GLU A 396 42.64 -13.69 34.47
C GLU A 396 41.43 -12.77 34.44
N ILE A 397 41.35 -11.87 33.47
CA ILE A 397 40.16 -11.03 33.31
C ILE A 397 38.96 -11.88 32.89
N GLY A 398 39.18 -12.93 32.09
CA GLY A 398 38.09 -13.80 31.70
C GLY A 398 37.56 -14.64 32.84
N THR A 399 38.44 -15.13 33.71
CA THR A 399 37.98 -15.88 34.89
C THR A 399 37.58 -14.96 36.04
N LYS A 400 37.77 -13.64 35.89
CA LYS A 400 37.30 -12.71 36.91
C LYS A 400 35.77 -12.62 36.92
N THR A 401 35.18 -12.21 35.79
CA THR A 401 33.74 -12.06 35.68
C THR A 401 33.12 -13.03 34.69
N THR A 402 33.55 -12.99 33.42
CA THR A 402 32.99 -13.85 32.39
C THR A 402 33.97 -13.90 31.22
N LEU A 403 33.80 -14.93 30.38
CA LEU A 403 34.69 -15.12 29.23
C LEU A 403 34.37 -14.12 28.12
N ARG A 404 33.09 -13.77 27.97
CA ARG A 404 32.65 -12.91 26.87
C ARG A 404 33.21 -11.49 26.99
N TYR A 405 33.45 -11.04 28.22
CA TYR A 405 34.10 -9.75 28.45
C TYR A 405 35.52 -9.73 27.90
N SER A 406 36.28 -10.81 28.12
CA SER A 406 37.62 -10.93 27.56
C SER A 406 37.60 -11.11 26.05
N VAL A 407 36.60 -11.84 25.53
CA VAL A 407 36.46 -12.02 24.08
C VAL A 407 36.17 -10.68 23.40
N GLN A 408 35.33 -9.85 24.02
CA GLN A 408 35.04 -8.54 23.45
C GLN A 408 36.21 -7.57 23.63
N LEU A 409 37.00 -7.71 24.71
CA LEU A 409 38.18 -6.86 24.86
C LEU A 409 39.38 -7.34 24.08
N LEU A 410 39.30 -8.51 23.43
CA LEU A 410 40.39 -8.94 22.55
C LEU A 410 40.56 -8.02 21.35
N THR A 411 39.47 -7.44 20.85
CA THR A 411 39.55 -6.59 19.67
C THR A 411 40.22 -5.23 19.92
N PRO A 412 39.88 -4.44 20.98
CA PRO A 412 40.62 -3.19 21.17
C PRO A 412 42.07 -3.37 21.61
N ALA A 413 42.44 -4.54 22.14
CA ALA A 413 43.84 -4.81 22.44
C ALA A 413 44.66 -4.86 21.15
N ASN A 414 44.17 -5.59 20.14
CA ASN A 414 44.83 -5.61 18.84
C ASN A 414 44.71 -4.26 18.14
N LEU A 415 43.63 -3.52 18.38
CA LEU A 415 43.49 -2.20 17.78
C LEU A 415 44.53 -1.22 18.32
N LEU A 416 44.72 -1.19 19.64
CA LEU A 416 45.76 -0.33 20.21
C LEU A 416 47.16 -0.86 19.91
N ALA A 417 47.31 -2.17 19.68
CA ALA A 417 48.60 -2.69 19.24
C ALA A 417 48.90 -2.24 17.82
N LYS A 418 47.88 -2.11 16.98
CA LYS A 418 48.08 -1.61 15.62
C LYS A 418 48.33 -0.11 15.60
N ILE A 419 47.67 0.63 16.51
CA ILE A 419 47.86 2.07 16.58
C ILE A 419 49.25 2.42 17.11
N ASN A 420 49.63 1.82 18.25
CA ASN A 420 50.94 2.12 18.84
C ASN A 420 52.10 1.51 18.05
N GLY A 421 51.83 0.53 17.19
CA GLY A 421 52.85 -0.02 16.32
C GLY A 421 53.43 -1.35 16.75
N LYS A 422 52.90 -1.97 17.81
CA LYS A 422 53.42 -3.24 18.28
C LYS A 422 52.90 -4.37 17.40
N ASP A 423 53.79 -5.32 17.08
CA ASP A 423 53.41 -6.47 16.27
C ASP A 423 52.62 -7.50 17.05
N SER A 424 52.66 -7.46 18.38
CA SER A 424 51.92 -8.38 19.23
C SER A 424 51.24 -7.60 20.35
N ILE A 425 50.33 -8.27 21.04
CA ILE A 425 49.60 -7.67 22.16
C ILE A 425 50.40 -7.91 23.44
N GLU A 426 50.75 -6.83 24.13
CA GLU A 426 51.49 -6.90 25.37
C GLU A 426 50.54 -6.81 26.56
N LYS A 427 51.10 -6.84 27.76
CA LYS A 427 50.30 -6.80 28.97
C LYS A 427 49.81 -5.40 29.32
N GLU A 428 50.51 -4.36 28.85
CA GLU A 428 50.12 -2.99 29.21
C GLU A 428 48.82 -2.59 28.52
N HIS A 429 48.63 -3.00 27.27
CA HIS A 429 47.42 -2.65 26.53
C HIS A 429 46.20 -3.36 27.12
N VAL A 430 46.34 -4.64 27.50
CA VAL A 430 45.20 -5.34 28.06
C VAL A 430 44.91 -4.89 29.50
N GLU A 431 45.95 -4.56 30.29
CA GLU A 431 45.71 -4.02 31.63
C GLU A 431 45.21 -2.59 31.60
N GLU A 432 45.41 -1.87 30.50
CA GLU A 432 44.81 -0.55 30.36
C GLU A 432 43.36 -0.65 29.88
N ILE A 433 43.09 -1.58 28.96
CA ILE A 433 41.73 -1.71 28.43
C ILE A 433 40.81 -2.42 29.43
N SER A 434 41.37 -3.14 30.41
CA SER A 434 40.53 -3.69 31.46
C SER A 434 40.04 -2.60 32.42
N GLU A 435 40.80 -1.52 32.55
CA GLU A 435 40.39 -0.41 33.41
C GLU A 435 39.64 0.68 32.67
N LEU A 436 39.89 0.81 31.36
CA LEU A 436 39.20 1.84 30.58
C LEU A 436 37.75 1.46 30.29
N PHE A 437 37.52 0.21 29.89
CA PHE A 437 36.18 -0.28 29.59
C PHE A 437 35.66 -1.09 30.77
N TYR A 438 34.44 -0.81 31.19
CA TYR A 438 33.83 -1.43 32.36
C TYR A 438 32.71 -2.37 31.96
N ASP A 439 32.49 -3.39 32.77
CA ASP A 439 31.43 -4.36 32.55
C ASP A 439 30.16 -3.91 33.28
N ALA A 440 29.17 -4.80 33.38
CA ALA A 440 27.92 -4.46 34.07
C ALA A 440 28.09 -4.49 35.58
N LYS A 441 29.02 -5.29 36.10
CA LYS A 441 29.22 -5.38 37.54
C LYS A 441 29.84 -4.10 38.10
N SER A 442 30.86 -3.58 37.42
CA SER A 442 31.47 -2.32 37.86
C SER A 442 30.55 -1.13 37.61
N SER A 443 29.66 -1.24 36.61
CA SER A 443 28.67 -0.18 36.39
C SER A 443 27.59 -0.21 37.46
N ALA A 444 27.21 -1.39 37.94
CA ALA A 444 26.27 -1.48 39.05
C ALA A 444 26.94 -1.13 40.38
N LYS A 445 28.26 -1.26 40.46
CA LYS A 445 28.98 -0.87 41.67
C LYS A 445 29.07 0.64 41.80
N ILE A 446 29.32 1.34 40.69
CA ILE A 446 29.39 2.80 40.71
C ILE A 446 27.98 3.39 40.77
N VAL B 16 19.40 34.73 3.41
CA VAL B 16 19.76 35.10 4.78
C VAL B 16 19.34 34.00 5.74
N THR B 17 18.06 33.66 5.73
CA THR B 17 17.53 32.61 6.61
C THR B 17 17.69 31.25 5.94
N ARG B 18 18.24 30.30 6.68
CA ARG B 18 18.50 28.95 6.18
C ARG B 18 17.74 27.94 7.04
N ILE B 19 17.77 26.68 6.59
CA ILE B 19 17.12 25.62 7.36
C ILE B 19 17.98 25.21 8.54
N GLU B 20 19.25 24.92 8.30
CA GLU B 20 20.16 24.52 9.37
C GLU B 20 20.55 25.73 10.21
N ARG B 21 19.84 25.96 11.31
CA ARG B 21 20.11 27.06 12.21
C ARG B 21 20.97 26.57 13.37
N ILE B 22 21.35 27.50 14.23
CA ILE B 22 22.15 27.19 15.41
C ILE B 22 21.23 26.58 16.46
N GLY B 23 21.35 25.28 16.69
CA GLY B 23 20.55 24.56 17.66
C GLY B 23 21.26 24.39 18.98
N ALA B 24 21.05 23.24 19.60
CA ALA B 24 21.69 22.92 20.88
C ALA B 24 22.98 22.14 20.69
N HIS B 25 22.97 21.13 19.83
CA HIS B 25 24.15 20.31 19.57
C HIS B 25 24.78 20.62 18.21
N SER B 26 24.36 21.70 17.56
CA SER B 26 24.86 22.06 16.24
C SER B 26 26.03 23.04 16.30
N HIS B 27 26.48 23.42 17.50
CA HIS B 27 27.60 24.35 17.63
C HIS B 27 28.95 23.69 17.36
N ILE B 28 29.03 22.37 17.48
CA ILE B 28 30.28 21.67 17.22
C ILE B 28 30.42 21.38 15.73
N ARG B 29 31.66 21.24 15.28
CA ARG B 29 31.98 21.04 13.87
C ARG B 29 32.90 19.84 13.68
N GLY B 30 32.68 18.77 14.46
CA GLY B 30 33.45 17.56 14.32
C GLY B 30 33.93 17.06 15.67
N LEU B 31 34.88 16.14 15.63
CA LEU B 31 35.45 15.54 16.83
C LEU B 31 36.97 15.63 16.74
N GLY B 32 37.59 16.21 17.77
CA GLY B 32 39.03 16.38 17.78
C GLY B 32 39.80 15.11 18.13
N LEU B 33 40.50 14.56 17.15
CA LEU B 33 41.31 13.37 17.35
C LEU B 33 42.67 13.56 16.70
N ASP B 34 43.64 12.78 17.16
CA ASP B 34 45.01 12.83 16.66
C ASP B 34 45.44 11.43 16.22
N ASP B 35 46.68 11.34 15.73
CA ASP B 35 47.22 10.05 15.31
C ASP B 35 47.61 9.19 16.50
N ALA B 36 48.07 9.80 17.58
CA ALA B 36 48.44 9.09 18.80
C ALA B 36 47.29 8.96 19.79
N LEU B 37 46.09 9.40 19.39
CA LEU B 37 44.86 9.36 20.21
C LEU B 37 45.03 10.10 21.53
N GLU B 38 45.58 11.31 21.45
CA GLU B 38 45.76 12.15 22.63
C GLU B 38 44.72 13.27 22.60
N PRO B 39 43.74 13.27 23.50
CA PRO B 39 42.74 14.34 23.49
C PRO B 39 43.31 15.67 23.96
N ARG B 40 42.67 16.75 23.50
CA ARG B 40 43.03 18.10 23.90
C ARG B 40 41.97 18.66 24.84
N GLN B 41 42.22 19.87 25.35
CA GLN B 41 41.26 20.52 26.24
C GLN B 41 40.15 21.23 25.48
N ALA B 42 40.38 21.59 24.22
CA ALA B 42 39.36 22.24 23.40
C ALA B 42 39.67 21.92 21.94
N SER B 43 38.93 20.98 21.37
CA SER B 43 39.18 20.52 20.00
C SER B 43 37.85 20.26 19.32
N GLN B 44 37.60 20.96 18.21
CA GLN B 44 36.45 20.77 17.33
C GLN B 44 35.12 20.99 18.06
N GLY B 45 35.10 21.95 18.98
CA GLY B 45 33.89 22.30 19.71
C GLY B 45 33.66 21.53 20.99
N MET B 46 33.94 20.23 20.99
CA MET B 46 33.71 19.39 22.15
C MET B 46 34.78 19.65 23.20
N VAL B 47 34.35 19.99 24.41
CA VAL B 47 35.23 20.29 25.53
C VAL B 47 34.87 19.35 26.68
N GLY B 48 35.85 18.58 27.15
CA GLY B 48 35.64 17.71 28.28
C GLY B 48 35.54 16.24 27.92
N GLN B 49 35.29 15.40 28.93
CA GLN B 49 35.12 13.95 28.81
C GLN B 49 36.31 13.28 28.15
N LEU B 50 37.38 13.04 28.91
CA LEU B 50 38.60 12.51 28.31
C LEU B 50 38.51 11.01 28.05
N ALA B 51 37.99 10.25 29.02
CA ALA B 51 37.82 8.81 28.82
C ALA B 51 36.76 8.51 27.77
N ALA B 52 35.71 9.31 27.73
CA ALA B 52 34.71 9.17 26.67
C ALA B 52 35.29 9.56 25.32
N ARG B 53 36.23 10.53 25.28
CA ARG B 53 36.90 10.87 24.03
C ARG B 53 37.77 9.72 23.54
N ARG B 54 38.50 9.07 24.45
CA ARG B 54 39.35 7.95 24.06
C ARG B 54 38.51 6.75 23.63
N ALA B 55 37.38 6.50 24.31
CA ALA B 55 36.49 5.42 23.93
C ALA B 55 35.84 5.69 22.57
N ALA B 56 35.46 6.95 22.31
CA ALA B 56 34.89 7.31 21.01
C ALA B 56 35.92 7.20 19.91
N GLY B 57 37.18 7.56 20.19
CA GLY B 57 38.23 7.39 19.20
C GLY B 57 38.53 5.93 18.89
N VAL B 58 38.52 5.08 19.92
CA VAL B 58 38.76 3.64 19.71
C VAL B 58 37.62 3.02 18.90
N VAL B 59 36.36 3.35 19.24
CA VAL B 59 35.25 2.76 18.50
C VAL B 59 35.15 3.35 17.08
N LEU B 60 35.59 4.60 16.89
CA LEU B 60 35.58 5.19 15.55
C LEU B 60 36.66 4.58 14.68
N GLU B 61 37.86 4.34 15.23
CA GLU B 61 38.91 3.66 14.49
C GLU B 61 38.54 2.21 14.21
N MET B 62 37.80 1.57 15.13
CA MET B 62 37.37 0.20 14.91
C MET B 62 36.30 0.10 13.82
N ILE B 63 35.40 1.08 13.76
CA ILE B 63 34.41 1.10 12.69
C ILE B 63 35.06 1.43 11.35
N ARG B 64 35.97 2.41 11.32
CA ARG B 64 36.65 2.78 10.09
C ARG B 64 37.65 1.71 9.62
N GLU B 65 38.06 0.80 10.50
CA GLU B 65 38.84 -0.35 10.04
C GLU B 65 37.96 -1.32 9.25
N GLY B 66 36.80 -1.66 9.79
CA GLY B 66 35.82 -2.45 9.07
C GLY B 66 36.14 -3.93 8.96
N LYS B 67 36.70 -4.52 10.01
CA LYS B 67 37.01 -5.94 10.03
C LYS B 67 35.92 -6.76 10.71
N ILE B 68 35.61 -6.45 11.97
CA ILE B 68 34.61 -7.18 12.73
C ILE B 68 33.23 -6.62 12.40
N ALA B 69 32.19 -7.36 12.81
CA ALA B 69 30.81 -6.94 12.56
C ALA B 69 29.92 -7.53 13.64
N GLY B 70 29.00 -6.72 14.16
CA GLY B 70 28.06 -7.18 15.17
C GLY B 70 28.53 -6.96 16.59
N ARG B 71 28.88 -5.72 16.92
CA ARG B 71 29.37 -5.37 18.24
C ARG B 71 28.59 -4.17 18.78
N ALA B 72 28.23 -4.24 20.05
CA ALA B 72 27.48 -3.18 20.72
C ALA B 72 28.36 -2.51 21.78
N VAL B 73 28.46 -1.20 21.71
CA VAL B 73 29.21 -0.40 22.68
C VAL B 73 28.26 0.61 23.28
N LEU B 74 27.94 0.45 24.55
CA LEU B 74 27.01 1.34 25.24
C LEU B 74 27.76 2.45 25.95
N ILE B 75 27.16 3.63 25.98
CA ILE B 75 27.65 4.77 26.75
C ILE B 75 26.52 5.23 27.67
N ALA B 76 26.89 5.66 28.88
CA ALA B 76 25.90 6.05 29.89
C ALA B 76 26.55 7.03 30.86
N GLY B 77 25.75 7.49 31.81
CA GLY B 77 26.21 8.42 32.81
C GLY B 77 25.07 9.27 33.31
N GLN B 78 25.42 10.40 33.91
CA GLN B 78 24.42 11.32 34.42
C GLN B 78 23.78 12.10 33.27
N PRO B 79 22.47 12.37 33.36
CA PRO B 79 21.81 13.17 32.31
C PRO B 79 22.24 14.62 32.37
N GLY B 80 22.77 15.11 31.25
CA GLY B 80 23.24 16.47 31.15
C GLY B 80 24.75 16.64 31.08
N THR B 81 25.50 15.55 30.88
CA THR B 81 26.95 15.60 30.80
C THR B 81 27.46 15.70 29.37
N GLY B 82 26.58 16.03 28.42
CA GLY B 82 26.97 16.16 27.03
C GLY B 82 27.27 14.82 26.38
N LYS B 83 26.39 13.85 26.59
CA LYS B 83 26.61 12.50 26.05
C LYS B 83 26.13 12.38 24.62
N THR B 84 25.05 13.08 24.26
CA THR B 84 24.56 13.06 22.88
C THR B 84 25.49 13.85 21.96
N ALA B 85 26.14 14.90 22.49
CA ALA B 85 27.04 15.71 21.69
C ALA B 85 28.29 14.97 21.29
N ILE B 86 28.70 13.94 22.05
CA ILE B 86 29.82 13.09 21.66
C ILE B 86 29.47 12.31 20.40
N ALA B 87 28.27 11.73 20.36
CA ALA B 87 27.84 11.03 19.15
C ALA B 87 27.58 11.99 17.99
N MET B 88 27.16 13.22 18.28
CA MET B 88 27.00 14.21 17.22
C MET B 88 28.37 14.60 16.63
N GLY B 89 29.39 14.72 17.47
CA GLY B 89 30.73 14.96 16.97
C GLY B 89 31.32 13.78 16.24
N MET B 90 30.95 12.57 16.64
CA MET B 90 31.35 11.38 15.87
C MET B 90 30.67 11.34 14.51
N ALA B 91 29.40 11.75 14.45
CA ALA B 91 28.68 11.75 13.18
C ALA B 91 29.14 12.87 12.26
N GLN B 92 29.58 13.99 12.83
CA GLN B 92 30.09 15.08 12.01
C GLN B 92 31.47 14.76 11.45
N ALA B 93 32.32 14.12 12.27
CA ALA B 93 33.65 13.73 11.85
C ALA B 93 33.70 12.30 11.28
N LEU B 94 32.54 11.75 10.90
CA LEU B 94 32.52 10.41 10.32
C LEU B 94 33.03 10.40 8.89
N GLY B 95 32.67 11.41 8.11
CA GLY B 95 33.11 11.50 6.73
C GLY B 95 31.97 11.31 5.76
N PRO B 96 32.11 11.86 4.54
CA PRO B 96 31.08 11.66 3.52
C PRO B 96 31.09 10.23 2.98
N ASP B 97 30.02 9.92 2.23
CA ASP B 97 29.78 8.62 1.60
C ASP B 97 29.76 7.48 2.62
N THR B 98 29.20 7.75 3.80
CA THR B 98 29.06 6.76 4.84
C THR B 98 27.71 6.91 5.52
N PRO B 99 26.85 5.88 5.48
CA PRO B 99 25.51 6.01 6.07
C PRO B 99 25.57 6.02 7.60
N PHE B 100 25.00 7.06 8.19
CA PHE B 100 24.83 7.18 9.64
C PHE B 100 23.35 7.17 9.93
N THR B 101 22.89 6.21 10.73
CA THR B 101 21.49 6.07 11.08
C THR B 101 21.33 6.32 12.57
N ALA B 102 20.55 7.34 12.93
CA ALA B 102 20.30 7.70 14.32
C ALA B 102 18.83 7.49 14.61
N ILE B 103 18.52 6.44 15.39
CA ILE B 103 17.16 6.07 15.72
C ILE B 103 16.95 6.28 17.22
N ALA B 104 15.70 6.19 17.63
CA ALA B 104 15.31 6.31 19.02
C ALA B 104 14.58 5.04 19.48
N GLY B 105 14.30 4.99 20.79
CA GLY B 105 13.60 3.85 21.34
C GLY B 105 12.11 3.86 21.07
N SER B 106 11.58 4.96 20.52
CA SER B 106 10.16 5.10 20.25
C SER B 106 9.82 5.03 18.78
N GLU B 107 10.83 4.96 17.89
CA GLU B 107 10.56 4.95 16.46
C GLU B 107 10.00 3.61 16.01
N ILE B 108 10.41 2.51 16.65
CA ILE B 108 9.96 1.19 16.23
C ILE B 108 8.54 0.89 16.70
N PHE B 109 8.02 1.67 17.65
CA PHE B 109 6.64 1.51 18.10
C PHE B 109 5.70 2.08 17.04
N SER B 110 4.97 1.19 16.37
CA SER B 110 4.03 1.59 15.34
C SER B 110 2.85 0.62 15.34
N LEU B 111 1.67 1.14 15.04
CA LEU B 111 0.47 0.32 14.98
C LEU B 111 0.22 -0.31 13.62
N GLU B 112 0.99 0.09 12.60
CA GLU B 112 0.90 -0.50 11.27
C GLU B 112 1.94 -1.59 11.03
N MET B 113 3.20 -1.29 11.31
CA MET B 113 4.29 -2.25 11.16
C MET B 113 4.76 -2.72 12.52
N SER B 114 5.49 -3.83 12.53
CA SER B 114 5.99 -4.41 13.76
C SER B 114 7.28 -3.73 14.20
N LYS B 115 7.62 -3.89 15.48
CA LYS B 115 8.84 -3.31 16.00
C LYS B 115 10.07 -4.10 15.54
N THR B 116 9.93 -5.40 15.31
CA THR B 116 11.02 -6.20 14.78
C THR B 116 11.28 -5.84 13.32
N GLU B 117 10.22 -5.60 12.55
CA GLU B 117 10.36 -5.17 11.16
C GLU B 117 10.97 -3.78 11.08
N ALA B 118 10.61 -2.89 12.02
CA ALA B 118 11.20 -1.55 12.04
C ALA B 118 12.66 -1.60 12.46
N LEU B 119 13.03 -2.51 13.37
CA LEU B 119 14.41 -2.59 13.80
C LEU B 119 15.30 -3.21 12.72
N THR B 120 14.79 -4.22 12.00
CA THR B 120 15.57 -4.74 10.88
C THR B 120 15.53 -3.79 9.68
N GLN B 121 14.54 -2.90 9.60
CA GLN B 121 14.58 -1.83 8.60
C GLN B 121 15.66 -0.82 8.93
N ALA B 122 15.85 -0.51 10.22
CA ALA B 122 16.95 0.34 10.64
C ALA B 122 18.29 -0.34 10.40
N PHE B 123 18.35 -1.66 10.58
CA PHE B 123 19.55 -2.42 10.24
C PHE B 123 19.83 -2.39 8.74
N ARG B 124 18.76 -2.39 7.94
CA ARG B 124 18.90 -2.23 6.49
C ARG B 124 19.39 -0.82 6.13
N ARG B 125 18.93 0.19 6.88
CA ARG B 125 19.39 1.55 6.65
C ARG B 125 20.84 1.75 7.08
N SER B 126 21.32 0.93 8.02
CA SER B 126 22.66 1.13 8.56
C SER B 126 23.74 0.77 7.56
N ILE B 127 23.70 -0.46 7.03
CA ILE B 127 24.77 -0.95 6.17
C ILE B 127 24.63 -0.32 4.79
N GLY B 128 25.73 0.27 4.30
CA GLY B 128 25.74 0.91 2.99
C GLY B 128 26.62 0.21 1.97
N VAL B 129 26.35 0.45 0.69
CA VAL B 129 27.07 -0.18 -0.41
C VAL B 129 27.61 0.94 -1.31
N ARG B 130 28.92 0.90 -1.58
CA ARG B 130 29.57 1.86 -2.46
C ARG B 130 29.79 1.21 -3.82
N ILE B 131 29.20 1.79 -4.86
CA ILE B 131 29.20 1.21 -6.20
C ILE B 131 29.88 2.19 -7.15
N LYS B 132 30.94 1.72 -7.83
CA LYS B 132 31.69 2.54 -8.77
C LYS B 132 31.26 2.19 -10.19
N GLU B 133 30.74 3.18 -10.91
CA GLU B 133 30.27 3.00 -12.28
C GLU B 133 30.86 4.08 -13.17
N GLU B 134 30.74 3.89 -14.48
CA GLU B 134 31.25 4.84 -15.46
C GLU B 134 30.18 5.07 -16.52
N THR B 135 29.71 6.31 -16.64
CA THR B 135 28.66 6.68 -17.56
C THR B 135 29.17 7.71 -18.57
N GLU B 136 28.32 8.03 -19.55
CA GLU B 136 28.61 9.04 -20.55
C GLU B 136 27.48 10.07 -20.54
N ILE B 137 27.83 11.33 -20.32
CA ILE B 137 26.86 12.42 -20.21
C ILE B 137 27.13 13.41 -21.34
N ILE B 138 26.12 13.66 -22.16
CA ILE B 138 26.23 14.56 -23.31
C ILE B 138 25.58 15.88 -22.95
N GLU B 139 26.32 16.97 -23.11
CA GLU B 139 25.84 18.32 -22.81
C GLU B 139 26.01 19.21 -24.03
N GLY B 140 25.09 20.16 -24.18
CA GLY B 140 25.12 21.08 -25.30
C GLY B 140 23.81 21.80 -25.47
N GLU B 141 23.88 22.90 -26.23
CA GLU B 141 22.71 23.74 -26.46
C GLU B 141 22.05 23.41 -27.79
N VAL B 142 20.72 23.42 -27.78
CA VAL B 142 19.89 22.95 -28.90
C VAL B 142 19.36 24.18 -29.62
N VAL B 143 19.40 24.16 -30.96
CA VAL B 143 19.16 25.36 -31.77
C VAL B 143 17.93 25.25 -32.68
N GLU B 144 16.84 24.61 -32.23
CA GLU B 144 15.55 24.53 -32.93
C GLU B 144 15.64 23.79 -34.26
N ILE B 145 15.78 22.47 -34.18
CA ILE B 145 16.12 21.57 -35.28
C ILE B 145 14.96 20.60 -35.54
N GLN B 146 15.24 19.54 -36.32
CA GLN B 146 14.35 18.42 -36.66
C GLN B 146 13.07 18.84 -37.38
N ILE B 147 13.21 19.20 -38.65
CA ILE B 147 12.12 19.24 -39.60
C ILE B 147 11.40 17.89 -39.56
N ASP B 148 10.06 17.92 -39.63
CA ASP B 148 9.22 16.84 -39.13
C ASP B 148 9.12 15.63 -40.04
N ARG B 149 8.11 14.79 -39.78
CA ARG B 149 7.86 13.40 -40.16
C ARG B 149 8.26 12.99 -41.59
N PRO B 150 7.87 13.73 -42.67
CA PRO B 150 8.26 13.11 -43.96
C PRO B 150 9.71 13.42 -44.36
N LYS B 157 11.56 9.64 -39.22
CA LYS B 157 11.36 11.01 -38.73
C LYS B 157 12.53 11.55 -37.90
N VAL B 158 13.75 11.27 -38.35
CA VAL B 158 14.94 11.59 -37.57
C VAL B 158 15.31 13.08 -37.66
N GLY B 159 15.38 13.62 -38.87
CA GLY B 159 15.80 15.01 -39.06
C GLY B 159 17.30 15.16 -38.85
N LYS B 160 17.70 16.24 -38.17
CA LYS B 160 19.10 16.53 -37.88
C LYS B 160 19.25 17.00 -36.44
N LEU B 161 20.49 17.18 -36.03
CA LEU B 161 20.81 17.78 -34.73
C LEU B 161 22.18 18.42 -34.80
N THR B 162 22.22 19.73 -34.58
CA THR B 162 23.46 20.49 -34.51
C THR B 162 23.57 21.11 -33.12
N LEU B 163 24.69 20.86 -32.44
CA LEU B 163 24.98 21.47 -31.15
C LEU B 163 26.08 22.50 -31.33
N LYS B 164 26.03 23.57 -30.54
CA LYS B 164 27.02 24.63 -30.62
C LYS B 164 27.79 24.74 -29.31
N THR B 165 29.09 25.01 -29.44
CA THR B 165 29.95 25.36 -28.30
C THR B 165 30.72 26.63 -28.64
N THR B 166 31.60 27.07 -27.75
CA THR B 166 32.46 28.21 -28.05
C THR B 166 33.79 27.78 -28.65
N GLU B 167 33.99 26.49 -28.89
CA GLU B 167 35.20 25.98 -29.52
C GLU B 167 34.93 25.36 -30.89
N MET B 168 34.03 24.38 -30.96
CA MET B 168 33.77 23.67 -32.21
C MET B 168 32.35 23.14 -32.20
N GLU B 169 31.67 23.28 -33.34
CA GLU B 169 30.31 22.80 -33.51
C GLU B 169 30.31 21.44 -34.19
N THR B 170 29.23 20.68 -33.97
CA THR B 170 29.06 19.35 -34.53
C THR B 170 27.73 19.26 -35.25
N ILE B 171 27.74 18.65 -36.44
CA ILE B 171 26.56 18.57 -37.31
C ILE B 171 26.32 17.10 -37.66
N TYR B 172 25.12 16.59 -37.33
CA TYR B 172 24.78 15.19 -37.49
C TYR B 172 23.28 15.01 -37.43
N ASP B 173 22.84 13.75 -37.49
CA ASP B 173 21.43 13.41 -37.50
C ASP B 173 20.98 12.87 -36.13
N LEU B 174 19.67 12.67 -36.00
CA LEU B 174 19.06 12.18 -34.76
C LEU B 174 18.75 10.68 -34.84
N GLY B 175 18.14 10.18 -33.76
CA GLY B 175 17.72 8.78 -33.71
C GLY B 175 16.21 8.62 -33.86
N THR B 176 15.77 7.38 -33.69
CA THR B 176 14.35 7.03 -33.91
C THR B 176 13.51 7.26 -32.66
N LYS B 177 13.86 6.63 -31.55
CA LYS B 177 13.04 6.65 -30.34
C LYS B 177 13.26 7.89 -29.47
N MET B 178 14.08 8.84 -29.92
CA MET B 178 14.34 10.05 -29.16
C MET B 178 13.39 11.18 -29.49
N ILE B 179 12.32 10.92 -30.26
CA ILE B 179 11.41 11.99 -30.66
C ILE B 179 10.37 12.25 -29.57
N GLU B 180 10.21 11.31 -28.64
CA GLU B 180 9.21 11.50 -27.57
C GLU B 180 9.70 12.48 -26.51
N SER B 181 11.00 12.48 -26.22
CA SER B 181 11.55 13.39 -25.22
C SER B 181 11.59 14.83 -25.71
N LEU B 182 11.63 15.05 -27.01
CA LEU B 182 11.65 16.40 -27.57
C LEU B 182 10.28 17.06 -27.60
N THR B 183 9.21 16.30 -27.40
CA THR B 183 7.85 16.84 -27.37
C THR B 183 7.37 17.16 -25.97
N ASP B 191 18.80 26.24 -24.05
CA ASP B 191 18.40 25.23 -23.07
C ASP B 191 19.28 24.00 -23.25
N VAL B 192 20.09 23.71 -22.23
CA VAL B 192 20.97 22.55 -22.27
C VAL B 192 20.17 21.31 -21.91
N ILE B 193 20.17 20.32 -22.81
CA ILE B 193 19.46 19.07 -22.61
C ILE B 193 20.50 17.99 -22.37
N THR B 194 20.59 17.51 -21.13
CA THR B 194 21.58 16.51 -20.73
C THR B 194 20.94 15.13 -20.83
N ILE B 195 21.44 14.33 -21.77
CA ILE B 195 20.89 13.00 -22.01
C ILE B 195 21.95 11.96 -21.68
N ASP B 196 21.59 10.97 -20.86
CA ASP B 196 22.49 9.89 -20.50
C ASP B 196 22.42 8.76 -21.51
N LYS B 197 22.99 7.60 -21.16
CA LYS B 197 22.94 6.40 -22.00
C LYS B 197 21.51 5.88 -22.12
N ALA B 198 20.69 6.15 -21.10
CA ALA B 198 19.30 5.69 -21.09
C ALA B 198 18.43 6.58 -21.96
N THR B 199 17.11 6.45 -21.78
CA THR B 199 16.08 7.16 -22.55
C THR B 199 16.25 8.68 -22.55
N GLY B 200 16.35 9.29 -21.37
CA GLY B 200 16.64 10.71 -21.33
C GLY B 200 16.39 11.40 -20.00
N LYS B 201 16.74 12.69 -19.95
CA LYS B 201 16.58 13.55 -18.79
C LYS B 201 16.28 14.96 -19.25
N ILE B 202 16.45 15.93 -18.34
CA ILE B 202 16.24 17.34 -18.68
C ILE B 202 17.29 17.84 -19.68
N GLN B 226 28.45 30.22 -20.39
CA GLN B 226 27.95 29.61 -19.15
C GLN B 226 28.40 28.17 -19.03
N CYS B 227 28.21 27.39 -20.10
CA CYS B 227 28.57 25.98 -20.09
C CYS B 227 30.03 25.80 -20.45
N PRO B 228 30.78 25.00 -19.66
CA PRO B 228 32.17 24.71 -20.02
C PRO B 228 32.26 23.77 -21.21
N ASP B 229 33.31 23.91 -22.00
CA ASP B 229 33.41 23.17 -23.25
C ASP B 229 34.05 21.80 -23.03
N GLY B 230 34.36 21.13 -24.14
CA GLY B 230 34.88 19.78 -24.10
C GLY B 230 34.08 18.87 -25.00
N GLU B 231 34.57 17.65 -25.23
CA GLU B 231 33.85 16.68 -26.04
C GLU B 231 32.63 16.17 -25.28
N LEU B 232 31.53 15.98 -26.01
CA LEU B 232 30.26 15.56 -25.42
C LEU B 232 30.30 14.12 -24.93
N GLN B 233 31.19 13.32 -25.46
CA GLN B 233 31.19 11.93 -25.04
C GLN B 233 31.90 11.83 -23.70
N LYS B 234 31.72 12.85 -22.87
CA LYS B 234 32.29 12.84 -21.55
C LYS B 234 31.98 11.52 -20.87
N ARG B 235 33.01 10.90 -20.30
CA ARG B 235 32.84 9.64 -19.58
C ARG B 235 32.89 9.93 -18.10
N LYS B 236 31.96 9.35 -17.34
CA LYS B 236 31.88 9.67 -15.92
C LYS B 236 31.87 8.46 -14.99
N GLU B 237 32.55 8.61 -13.86
CA GLU B 237 32.51 7.63 -12.79
C GLU B 237 31.63 8.19 -11.69
N VAL B 238 30.71 7.39 -11.19
CA VAL B 238 29.72 7.85 -10.21
C VAL B 238 29.75 7.03 -8.92
N VAL B 239 30.64 7.34 -8.00
CA VAL B 239 30.68 6.49 -6.80
C VAL B 239 29.37 6.75 -6.06
N HIS B 240 28.42 5.82 -6.19
CA HIS B 240 27.09 5.98 -5.65
C HIS B 240 26.94 5.17 -4.37
N THR B 241 26.18 5.69 -3.42
CA THR B 241 25.94 5.03 -2.14
C THR B 241 24.50 4.54 -2.10
N VAL B 242 24.34 3.25 -1.81
CA VAL B 242 23.03 2.61 -1.71
C VAL B 242 22.83 2.17 -0.27
N SER B 243 21.73 2.59 0.34
CA SER B 243 21.41 2.20 1.71
C SER B 243 20.57 0.92 1.75
N LEU B 244 21.05 -0.10 1.03
CA LEU B 244 20.41 -1.41 0.86
C LEU B 244 18.96 -1.27 0.38
N HIS B 245 18.79 -0.49 -0.68
CA HIS B 245 17.49 -0.32 -1.34
C HIS B 245 17.27 -1.33 -2.46
N GLU B 246 18.08 -2.40 -2.50
CA GLU B 246 17.94 -3.44 -3.50
C GLU B 246 16.75 -4.35 -3.18
N ILE B 247 16.30 -4.36 -1.93
CA ILE B 247 15.16 -5.19 -1.55
C ILE B 247 13.86 -4.59 -2.07
N ASP B 248 13.65 -3.29 -1.87
CA ASP B 248 12.36 -2.66 -2.13
C ASP B 248 12.10 -2.50 -3.63
N VAL B 249 13.14 -2.51 -4.47
CA VAL B 249 12.93 -2.29 -5.89
C VAL B 249 12.32 -3.53 -6.57
N ILE B 250 12.55 -4.72 -6.02
CA ILE B 250 11.97 -5.94 -6.58
C ILE B 250 10.94 -6.56 -5.63
N ASN B 251 10.84 -6.07 -4.38
CA ASN B 251 9.89 -6.62 -3.42
C ASN B 251 8.45 -6.34 -3.84
N SER B 252 8.20 -5.17 -4.43
CA SER B 252 6.88 -4.85 -4.95
C SER B 252 7.03 -3.86 -6.10
N ARG B 253 5.96 -3.70 -6.87
CA ARG B 253 5.96 -2.75 -7.96
C ARG B 253 5.79 -1.33 -7.43
N THR B 254 6.09 -0.36 -8.30
CA THR B 254 6.12 1.08 -8.02
C THR B 254 7.04 1.37 -6.83
N GLN B 255 8.33 1.15 -7.08
CA GLN B 255 9.33 1.16 -6.02
C GLN B 255 9.61 2.54 -5.46
N GLY B 256 9.31 3.61 -6.21
CA GLY B 256 9.59 4.95 -5.71
C GLY B 256 8.64 5.37 -4.61
N PHE B 257 7.35 5.04 -4.75
CA PHE B 257 6.36 5.42 -3.74
C PHE B 257 6.49 4.58 -2.48
N LEU B 258 7.17 3.43 -2.55
CA LEU B 258 7.49 2.67 -1.36
C LEU B 258 8.89 2.98 -0.82
N ALA B 259 9.74 3.60 -1.64
CA ALA B 259 11.11 3.89 -1.25
C ALA B 259 11.26 5.25 -0.59
N LEU B 260 10.52 6.27 -1.07
CA LEU B 260 10.65 7.59 -0.47
C LEU B 260 9.80 7.74 0.78
N PHE B 261 8.54 7.30 0.71
CA PHE B 261 7.66 7.27 1.87
C PHE B 261 7.19 5.85 2.12
N SER B 262 6.85 5.57 3.37
CA SER B 262 6.49 4.21 3.75
C SER B 262 5.03 3.92 3.43
N GLY B 263 4.59 2.73 3.86
CA GLY B 263 3.25 2.27 3.56
C GLY B 263 3.25 0.77 3.29
N ASP B 264 4.44 0.20 3.12
CA ASP B 264 4.57 -1.23 2.89
C ASP B 264 4.32 -2.01 4.18
N THR B 265 4.01 -3.29 4.02
CA THR B 265 3.83 -4.19 5.14
C THR B 265 5.17 -4.81 5.55
N GLY B 266 5.11 -5.87 6.36
CA GLY B 266 6.31 -6.65 6.63
C GLY B 266 6.81 -7.30 5.35
N GLU B 267 8.12 -7.21 5.12
CA GLU B 267 8.70 -7.67 3.86
C GLU B 267 8.62 -9.19 3.76
N ILE B 268 8.61 -9.69 2.52
CA ILE B 268 8.31 -11.09 2.21
C ILE B 268 9.39 -12.01 2.75
N LYS B 269 9.01 -12.89 3.66
CA LYS B 269 9.90 -13.85 4.28
C LYS B 269 10.35 -14.91 3.28
N SER B 270 11.57 -15.43 3.53
CA SER B 270 12.31 -16.41 2.71
C SER B 270 12.66 -15.86 1.33
N GLU B 271 12.59 -14.53 1.16
CA GLU B 271 12.97 -13.91 -0.10
C GLU B 271 13.94 -12.75 0.11
N VAL B 272 13.98 -12.18 1.31
CA VAL B 272 14.71 -10.94 1.56
C VAL B 272 15.95 -11.14 2.42
N ARG B 273 16.10 -12.28 3.08
CA ARG B 273 17.20 -12.49 4.02
C ARG B 273 18.22 -13.52 3.54
N GLU B 274 17.80 -14.48 2.72
CA GLU B 274 18.73 -15.48 2.22
C GLU B 274 19.10 -15.21 0.77
N GLN B 275 18.10 -14.91 -0.06
CA GLN B 275 18.34 -14.65 -1.48
C GLN B 275 19.13 -13.36 -1.69
N ILE B 276 18.77 -12.30 -0.96
CA ILE B 276 19.45 -11.02 -1.09
C ILE B 276 20.88 -11.12 -0.54
N ASN B 277 21.07 -11.90 0.53
CA ASN B 277 22.40 -12.09 1.09
C ASN B 277 23.28 -12.90 0.14
N ALA B 278 22.72 -13.95 -0.47
CA ALA B 278 23.47 -14.74 -1.44
C ALA B 278 23.83 -13.92 -2.67
N LYS B 279 22.94 -13.03 -3.11
CA LYS B 279 23.23 -12.25 -4.31
C LYS B 279 24.18 -11.09 -4.01
N VAL B 280 24.14 -10.52 -2.81
CA VAL B 280 25.12 -9.50 -2.46
C VAL B 280 26.47 -10.14 -2.16
N ALA B 281 26.50 -11.44 -1.84
CA ALA B 281 27.75 -12.17 -1.85
C ALA B 281 28.23 -12.48 -3.26
N GLU B 282 27.30 -12.66 -4.20
CA GLU B 282 27.67 -12.82 -5.60
C GLU B 282 28.27 -11.54 -6.18
N TRP B 283 27.76 -10.38 -5.77
CA TRP B 283 28.38 -9.11 -6.18
C TRP B 283 29.63 -8.81 -5.37
N ARG B 284 29.94 -9.58 -4.35
CA ARG B 284 31.12 -9.38 -3.52
C ARG B 284 32.30 -10.14 -4.15
N GLU B 285 33.52 -9.71 -3.81
CA GLU B 285 34.84 -10.28 -4.12
C GLU B 285 35.05 -10.69 -5.58
N GLU B 286 34.44 -9.97 -6.51
CA GLU B 286 34.63 -10.20 -7.94
C GLU B 286 35.09 -8.95 -8.66
N GLY B 287 35.73 -8.01 -7.96
CA GLY B 287 36.05 -6.71 -8.51
C GLY B 287 34.92 -5.72 -8.50
N LYS B 288 33.72 -6.15 -8.10
CA LYS B 288 32.55 -5.28 -8.04
C LYS B 288 32.44 -4.61 -6.68
N ALA B 289 31.25 -4.07 -6.38
CA ALA B 289 31.02 -3.30 -5.17
C ALA B 289 31.22 -4.12 -3.91
N GLU B 290 31.64 -3.45 -2.84
CA GLU B 290 31.86 -4.04 -1.52
C GLU B 290 31.06 -3.23 -0.49
N ILE B 291 30.48 -3.93 0.47
CA ILE B 291 29.58 -3.32 1.46
C ILE B 291 30.39 -2.54 2.49
N ILE B 292 29.80 -1.49 3.05
CA ILE B 292 30.40 -0.71 4.11
C ILE B 292 29.46 -0.72 5.31
N PRO B 293 29.88 -1.25 6.46
CA PRO B 293 29.02 -1.20 7.65
C PRO B 293 28.93 0.23 8.20
N GLY B 294 27.71 0.73 8.33
CA GLY B 294 27.47 2.06 8.83
C GLY B 294 27.44 2.11 10.34
N VAL B 295 27.03 3.27 10.85
CA VAL B 295 26.99 3.53 12.28
C VAL B 295 25.55 3.78 12.69
N LEU B 296 25.02 2.90 13.55
CA LEU B 296 23.70 3.05 14.12
C LEU B 296 23.82 3.60 15.54
N PHE B 297 22.96 4.55 15.88
CA PHE B 297 22.98 5.20 17.19
C PHE B 297 21.57 5.16 17.77
N ILE B 298 21.40 4.44 18.88
CA ILE B 298 20.10 4.16 19.47
C ILE B 298 19.95 4.99 20.75
N ASP B 299 18.77 5.60 20.93
CA ASP B 299 18.45 6.39 22.11
C ASP B 299 17.39 5.70 22.95
N GLU B 300 17.48 5.94 24.27
CA GLU B 300 16.46 5.54 25.27
C GLU B 300 16.22 4.03 25.27
N VAL B 301 17.26 3.28 25.63
CA VAL B 301 17.25 1.82 25.57
C VAL B 301 16.65 1.28 26.86
N HIS B 302 16.81 2.02 27.96
CA HIS B 302 16.42 1.55 29.29
C HIS B 302 14.92 1.57 29.54
N MET B 303 14.10 1.91 28.53
CA MET B 303 12.65 1.87 28.65
C MET B 303 12.08 1.15 27.42
N LEU B 304 12.87 0.26 26.84
CA LEU B 304 12.49 -0.51 25.67
C LEU B 304 11.97 -1.86 26.11
N ASP B 305 11.15 -2.49 25.27
CA ASP B 305 10.54 -3.77 25.61
C ASP B 305 11.58 -4.89 25.62
N ILE B 306 11.22 -6.01 26.24
CA ILE B 306 12.15 -7.12 26.39
C ILE B 306 12.26 -7.92 25.09
N GLU B 307 11.28 -7.78 24.20
CA GLU B 307 11.31 -8.49 22.94
C GLU B 307 12.36 -7.91 22.00
N SER B 308 12.51 -6.58 21.98
CA SER B 308 13.59 -5.97 21.22
C SER B 308 14.95 -6.32 21.82
N PHE B 309 15.02 -6.51 23.14
CA PHE B 309 16.24 -6.97 23.78
C PHE B 309 16.58 -8.39 23.34
N SER B 310 15.57 -9.27 23.27
CA SER B 310 15.79 -10.63 22.81
C SER B 310 16.15 -10.68 21.32
N PHE B 311 15.66 -9.72 20.53
CA PHE B 311 16.04 -9.66 19.13
C PHE B 311 17.46 -9.13 18.96
N LEU B 312 17.87 -8.18 19.82
CA LEU B 312 19.25 -7.70 19.78
C LEU B 312 20.24 -8.71 20.35
N ASN B 313 19.76 -9.66 21.16
CA ASN B 313 20.63 -10.72 21.66
C ASN B 313 21.11 -11.65 20.54
N ARG B 314 20.33 -11.79 19.47
CA ARG B 314 20.69 -12.68 18.38
C ARG B 314 20.90 -11.98 17.05
N ALA B 315 20.61 -10.68 16.95
CA ALA B 315 20.84 -9.96 15.71
C ALA B 315 22.31 -9.59 15.51
N LEU B 316 23.05 -9.44 16.60
CA LEU B 316 24.47 -9.10 16.50
C LEU B 316 25.34 -10.31 16.14
N GLU B 317 24.81 -11.52 16.28
CA GLU B 317 25.57 -12.73 15.97
C GLU B 317 25.45 -13.14 14.51
N SER B 318 24.70 -12.40 13.70
CA SER B 318 24.55 -12.71 12.28
C SER B 318 25.74 -12.19 11.50
N ASP B 319 25.76 -12.51 10.20
CA ASP B 319 26.85 -12.07 9.33
C ASP B 319 26.71 -10.59 8.99
N MET B 320 25.55 -10.19 8.46
CA MET B 320 25.31 -8.79 8.10
C MET B 320 24.72 -8.08 9.32
N ALA B 321 25.60 -7.76 10.26
CA ALA B 321 25.23 -7.07 11.50
C ALA B 321 26.13 -5.87 11.69
N PRO B 322 25.61 -4.65 11.60
CA PRO B 322 26.46 -3.47 11.74
C PRO B 322 26.82 -3.19 13.19
N VAL B 323 27.91 -2.44 13.36
CA VAL B 323 28.37 -2.04 14.69
C VAL B 323 27.49 -0.88 15.15
N LEU B 324 26.71 -1.10 16.19
CA LEU B 324 25.75 -0.13 16.69
C LEU B 324 26.12 0.30 18.10
N ILE B 325 25.90 1.58 18.40
CA ILE B 325 26.11 2.14 19.72
C ILE B 325 24.79 2.68 20.24
N MET B 326 24.67 2.75 21.56
CA MET B 326 23.41 3.11 22.18
C MET B 326 23.66 3.96 23.42
N ALA B 327 22.61 4.67 23.84
CA ALA B 327 22.67 5.60 24.96
C ALA B 327 21.72 5.16 26.06
N THR B 328 22.09 5.48 27.30
CA THR B 328 21.28 5.15 28.47
C THR B 328 21.42 6.27 29.49
N ASN B 329 20.29 6.81 29.95
CA ASN B 329 20.29 7.93 30.89
C ASN B 329 20.05 7.47 32.33
N ARG B 330 18.95 6.77 32.58
CA ARG B 330 18.56 6.42 33.94
C ARG B 330 19.38 5.23 34.45
N GLY B 331 19.30 5.02 35.76
CA GLY B 331 19.96 3.89 36.39
C GLY B 331 19.04 2.71 36.59
N ILE B 332 18.71 2.40 37.85
CA ILE B 332 17.84 1.27 38.16
C ILE B 332 16.41 1.64 37.77
N THR B 333 15.88 0.97 36.76
CA THR B 333 14.54 1.23 36.25
C THR B 333 13.91 -0.10 35.87
N ARG B 334 12.66 -0.31 36.28
CA ARG B 334 11.98 -1.56 35.99
C ARG B 334 11.67 -1.68 34.50
N ILE B 335 11.96 -2.86 33.94
CA ILE B 335 11.78 -3.08 32.52
C ILE B 335 10.29 -3.22 32.19
N ARG B 336 9.93 -2.85 30.96
CA ARG B 336 8.54 -2.90 30.53
C ARG B 336 8.18 -4.29 30.02
N GLY B 337 6.92 -4.67 30.23
CA GLY B 337 6.45 -5.98 29.84
C GLY B 337 6.29 -6.90 31.04
N THR B 338 7.24 -6.84 31.96
CA THR B 338 7.22 -7.60 33.20
C THR B 338 7.23 -6.64 34.40
N SER B 339 7.01 -7.21 35.58
CA SER B 339 7.01 -6.44 36.83
C SER B 339 8.26 -6.68 37.64
N TYR B 340 9.32 -7.21 37.03
CA TYR B 340 10.57 -7.51 37.73
C TYR B 340 11.54 -6.36 37.61
N GLN B 341 12.13 -5.97 38.74
CA GLN B 341 13.11 -4.90 38.77
C GLN B 341 14.49 -5.43 38.39
N SER B 342 15.30 -4.58 37.78
CA SER B 342 16.63 -4.94 37.33
C SER B 342 17.47 -3.67 37.24
N PRO B 343 18.77 -3.76 37.53
CA PRO B 343 19.63 -2.58 37.37
C PRO B 343 19.88 -2.27 35.91
N HIS B 344 20.15 -0.99 35.64
CA HIS B 344 20.52 -0.35 34.36
C HIS B 344 19.33 -0.28 33.38
N GLY B 345 18.20 -0.91 33.68
CA GLY B 345 17.10 -1.00 32.75
C GLY B 345 17.29 -2.03 31.66
N ILE B 346 18.39 -2.76 31.66
CA ILE B 346 18.72 -3.76 30.65
C ILE B 346 19.08 -5.04 31.40
N PRO B 347 18.54 -6.21 31.01
CA PRO B 347 18.89 -7.44 31.72
C PRO B 347 20.31 -7.90 31.40
N ILE B 348 20.73 -8.94 32.13
CA ILE B 348 22.11 -9.43 32.07
C ILE B 348 22.42 -10.07 30.73
N ASP B 349 21.40 -10.66 30.09
CA ASP B 349 21.59 -11.36 28.81
C ASP B 349 21.98 -10.42 27.67
N LEU B 350 21.65 -9.13 27.77
CA LEU B 350 22.11 -8.15 26.79
C LEU B 350 23.32 -7.36 27.28
N LEU B 351 23.45 -7.15 28.60
CA LEU B 351 24.62 -6.48 29.14
C LEU B 351 25.89 -7.30 28.97
N ASP B 352 25.76 -8.63 28.87
CA ASP B 352 26.91 -9.47 28.56
C ASP B 352 27.34 -9.32 27.10
N ARG B 353 26.46 -8.84 26.23
CA ARG B 353 26.77 -8.68 24.82
C ARG B 353 27.22 -7.27 24.47
N LEU B 354 27.38 -6.39 25.45
CA LEU B 354 27.79 -5.01 25.22
C LEU B 354 28.83 -4.60 26.26
N LEU B 355 29.33 -3.38 26.12
CA LEU B 355 30.28 -2.80 27.05
C LEU B 355 29.75 -1.45 27.52
N ILE B 356 29.83 -1.20 28.82
CA ILE B 356 29.30 0.02 29.42
C ILE B 356 30.46 0.99 29.63
N VAL B 357 30.35 2.18 29.06
CA VAL B 357 31.33 3.24 29.22
C VAL B 357 30.66 4.36 30.02
N SER B 358 31.14 4.58 31.24
CA SER B 358 30.58 5.59 32.12
C SER B 358 31.21 6.95 31.87
N THR B 359 30.41 8.00 32.06
CA THR B 359 30.86 9.37 31.88
C THR B 359 30.82 10.12 33.20
N THR B 360 31.80 11.01 33.41
CA THR B 360 32.00 11.85 34.58
C THR B 360 31.36 13.21 34.37
N PRO B 361 30.83 13.83 35.43
CA PRO B 361 30.26 15.19 35.28
C PRO B 361 31.35 16.23 35.12
N TYR B 362 30.93 17.42 34.72
CA TYR B 362 31.86 18.50 34.45
C TYR B 362 32.36 19.13 35.75
N SER B 363 33.37 19.98 35.61
CA SER B 363 33.97 20.72 36.71
C SER B 363 33.81 22.22 36.48
N GLU B 364 34.46 23.01 37.33
CA GLU B 364 34.38 24.46 37.19
C GLU B 364 35.20 24.96 36.00
N LYS B 365 36.34 24.32 35.73
CA LYS B 365 37.21 24.77 34.66
C LYS B 365 36.67 24.42 33.27
N ASP B 366 35.95 23.30 33.15
CA ASP B 366 35.40 22.92 31.85
C ASP B 366 34.12 23.69 31.52
N THR B 367 33.35 24.06 32.54
CA THR B 367 32.09 24.77 32.32
C THR B 367 32.32 26.16 31.77
N LYS B 368 33.32 26.88 32.31
CA LYS B 368 33.64 28.20 31.78
C LYS B 368 34.25 28.12 30.38
N GLN B 369 34.93 27.02 30.06
CA GLN B 369 35.44 26.84 28.70
C GLN B 369 34.32 26.58 27.72
N ILE B 370 33.30 25.82 28.14
CA ILE B 370 32.10 25.62 27.32
C ILE B 370 31.36 26.94 27.12
N LEU B 371 31.31 27.77 28.17
CA LEU B 371 30.67 29.09 28.05
C LEU B 371 31.45 30.00 27.11
N ARG B 372 32.79 29.95 27.17
CA ARG B 372 33.60 30.76 26.27
C ARG B 372 33.48 30.31 24.82
N ILE B 373 33.41 29.00 24.58
CA ILE B 373 33.31 28.55 23.19
C ILE B 373 31.88 28.75 22.66
N ARG B 374 30.87 28.78 23.53
CA ARG B 374 29.53 29.13 23.05
C ARG B 374 29.37 30.63 22.86
N CYS B 375 30.12 31.45 23.59
CA CYS B 375 30.17 32.87 23.27
C CYS B 375 30.95 33.13 21.98
N GLU B 376 31.95 32.29 21.69
CA GLU B 376 32.64 32.37 20.41
C GLU B 376 31.75 31.92 19.26
N GLU B 377 30.87 30.94 19.51
CA GLU B 377 29.92 30.51 18.48
C GLU B 377 28.84 31.57 18.26
N GLU B 378 28.39 32.22 19.32
CA GLU B 378 27.38 33.26 19.21
C GLU B 378 28.04 34.60 18.89
N ASP B 379 27.26 35.68 18.96
CA ASP B 379 27.72 37.01 18.59
C ASP B 379 27.85 37.96 19.77
N VAL B 380 26.86 37.99 20.66
CA VAL B 380 26.84 38.96 21.75
C VAL B 380 27.80 38.50 22.85
N GLU B 381 28.71 39.39 23.25
CA GLU B 381 29.66 39.11 24.31
C GLU B 381 29.08 39.53 25.65
N MET B 382 29.83 39.25 26.73
CA MET B 382 29.38 39.51 28.10
C MET B 382 30.48 40.24 28.87
N SER B 383 30.13 40.68 30.06
CA SER B 383 31.08 41.27 31.00
C SER B 383 31.69 40.17 31.87
N GLU B 384 32.89 40.44 32.37
CA GLU B 384 33.65 39.42 33.11
C GLU B 384 32.97 39.06 34.42
N ASP B 385 32.35 40.04 35.08
CA ASP B 385 31.52 39.73 36.25
C ASP B 385 30.29 38.93 35.86
N ALA B 386 29.73 39.21 34.67
CA ALA B 386 28.61 38.40 34.19
C ALA B 386 29.06 37.01 33.79
N TYR B 387 30.31 36.85 33.29
CA TYR B 387 30.86 35.52 33.08
C TYR B 387 31.04 34.78 34.40
N THR B 388 31.42 35.49 35.47
CA THR B 388 31.57 34.86 36.77
C THR B 388 30.22 34.42 37.34
N VAL B 389 29.20 35.26 37.19
CA VAL B 389 27.85 34.92 37.64
C VAL B 389 27.29 33.75 36.83
N LEU B 390 27.51 33.74 35.52
CA LEU B 390 27.04 32.64 34.69
C LEU B 390 27.81 31.35 34.97
N THR B 391 29.09 31.45 35.35
CA THR B 391 29.85 30.27 35.76
C THR B 391 29.33 29.72 37.08
N ARG B 392 28.96 30.61 38.02
CA ARG B 392 28.37 30.17 39.28
C ARG B 392 27.01 29.52 39.07
N ILE B 393 26.22 30.04 38.11
CA ILE B 393 24.93 29.43 37.80
C ILE B 393 25.12 28.06 37.15
N GLY B 394 26.06 27.96 36.20
CA GLY B 394 26.36 26.68 35.57
C GLY B 394 27.02 25.67 36.50
N LEU B 395 27.62 26.13 37.59
CA LEU B 395 28.13 25.21 38.60
C LEU B 395 27.03 24.76 39.55
N GLU B 396 26.15 25.67 39.96
CA GLU B 396 25.08 25.31 40.89
C GLU B 396 23.95 24.58 40.18
N THR B 397 23.66 24.93 38.93
CA THR B 397 22.56 24.35 38.17
C THR B 397 23.13 23.62 36.95
N SER B 398 22.24 23.18 36.08
CA SER B 398 22.64 22.46 34.88
C SER B 398 23.23 23.41 33.84
N LEU B 399 23.94 22.82 32.87
CA LEU B 399 24.56 23.61 31.81
C LEU B 399 23.53 24.10 30.80
N ARG B 400 22.50 23.29 30.51
CA ARG B 400 21.46 23.69 29.57
C ARG B 400 20.63 24.85 30.12
N TYR B 401 20.53 24.96 31.45
CA TYR B 401 19.90 26.12 32.06
C TYR B 401 20.69 27.39 31.78
N ALA B 402 22.03 27.29 31.81
CA ALA B 402 22.86 28.43 31.45
C ALA B 402 22.78 28.75 29.95
N ILE B 403 22.61 27.72 29.12
CA ILE B 403 22.41 27.94 27.69
C ILE B 403 21.09 28.65 27.44
N GLN B 404 20.06 28.30 28.20
CA GLN B 404 18.77 28.99 28.09
C GLN B 404 18.83 30.41 28.65
N LEU B 405 19.71 30.65 29.63
CA LEU B 405 19.83 32.01 30.17
C LEU B 405 20.65 32.92 29.25
N ILE B 406 21.66 32.39 28.57
CA ILE B 406 22.57 33.26 27.82
C ILE B 406 21.91 33.78 26.54
N THR B 407 20.97 33.02 25.96
CA THR B 407 20.25 33.50 24.79
C THR B 407 19.29 34.63 25.16
N ALA B 408 18.61 34.48 26.30
CA ALA B 408 17.76 35.55 26.80
C ALA B 408 18.56 36.77 27.22
N ALA B 409 19.78 36.57 27.74
CA ALA B 409 20.65 37.69 28.07
C ALA B 409 21.12 38.42 26.81
N SER B 410 21.39 37.67 25.74
CA SER B 410 21.72 38.29 24.46
C SER B 410 20.54 39.04 23.87
N LEU B 411 19.31 38.54 24.08
CA LEU B 411 18.14 39.27 23.59
C LEU B 411 17.86 40.52 24.42
N VAL B 412 18.13 40.49 25.72
CA VAL B 412 18.04 41.70 26.54
C VAL B 412 19.10 42.71 26.13
N CYS B 413 20.30 42.22 25.77
CA CYS B 413 21.33 43.11 25.24
C CYS B 413 20.94 43.70 23.87
N ARG B 414 20.22 42.93 23.05
CA ARG B 414 19.69 43.46 21.80
C ARG B 414 18.58 44.49 22.05
N LYS B 415 17.80 44.30 23.11
CA LYS B 415 16.87 45.35 23.54
C LYS B 415 17.62 46.61 23.99
N ARG B 416 18.78 46.41 24.62
CA ARG B 416 19.63 47.53 25.02
C ARG B 416 20.36 48.13 23.83
N LYS B 417 20.44 47.39 22.71
CA LYS B 417 21.18 47.75 21.50
C LYS B 417 22.66 48.00 21.81
N GLY B 418 23.28 47.05 22.50
CA GLY B 418 24.69 47.10 22.82
C GLY B 418 25.40 45.83 22.41
N THR B 419 26.69 45.71 22.76
CA THR B 419 27.49 44.54 22.40
C THR B 419 28.05 43.83 23.63
N GLU B 420 27.50 44.08 24.81
CA GLU B 420 28.03 43.48 26.02
C GLU B 420 26.91 43.32 27.06
N VAL B 421 26.72 42.09 27.53
CA VAL B 421 25.70 41.81 28.53
C VAL B 421 26.23 42.22 29.90
N GLN B 422 25.45 43.04 30.61
CA GLN B 422 25.83 43.54 31.92
C GLN B 422 25.43 42.54 33.00
N VAL B 423 25.63 42.93 34.27
CA VAL B 423 25.31 42.03 35.37
C VAL B 423 23.83 42.12 35.73
N ASP B 424 23.25 43.32 35.69
CA ASP B 424 21.85 43.51 36.06
C ASP B 424 20.91 42.88 35.03
N ASP B 425 21.33 42.79 33.77
CA ASP B 425 20.50 42.18 32.75
C ASP B 425 20.33 40.68 32.99
N ILE B 426 21.44 39.96 33.18
CA ILE B 426 21.36 38.53 33.47
C ILE B 426 20.80 38.29 34.87
N LYS B 427 20.94 39.25 35.79
CA LYS B 427 20.29 39.12 37.09
C LYS B 427 18.77 39.20 36.96
N ARG B 428 18.27 40.11 36.13
CA ARG B 428 16.83 40.20 35.89
C ARG B 428 16.31 38.99 35.12
N VAL B 429 17.11 38.45 34.20
CA VAL B 429 16.71 37.24 33.47
C VAL B 429 16.65 36.04 34.42
N TYR B 430 17.61 35.93 35.34
CA TYR B 430 17.58 34.85 36.31
C TYR B 430 16.47 35.04 37.34
N SER B 431 16.09 36.28 37.62
CA SER B 431 15.00 36.54 38.56
C SER B 431 13.64 36.23 37.94
N LEU B 432 13.46 36.54 36.65
CA LEU B 432 12.17 36.30 36.01
C LEU B 432 11.99 34.82 35.64
N PHE B 433 13.06 34.16 35.21
CA PHE B 433 12.97 32.78 34.77
C PHE B 433 13.27 31.83 35.92
N LEU B 434 12.38 30.86 36.12
CA LEU B 434 12.51 29.89 37.19
C LEU B 434 13.31 28.68 36.72
N ASP B 435 13.49 27.71 37.61
CA ASP B 435 14.29 26.52 37.35
C ASP B 435 13.53 25.31 37.91
N GLU B 436 14.06 24.11 37.64
CA GLU B 436 13.46 22.89 38.17
C GLU B 436 13.63 22.81 39.68
N SER B 437 14.84 23.08 40.18
CA SER B 437 15.07 23.09 41.62
C SER B 437 14.51 24.33 42.28
N ARG B 438 14.24 25.40 41.51
CA ARG B 438 13.69 26.61 42.09
C ARG B 438 12.19 26.53 42.27
N SER B 439 11.47 25.99 41.27
CA SER B 439 10.01 25.91 41.31
C SER B 439 9.50 24.74 42.13
N THR B 440 10.39 23.94 42.73
CA THR B 440 9.95 22.83 43.58
C THR B 440 9.36 23.36 44.90
N GLN B 441 9.97 24.39 45.46
CA GLN B 441 9.49 24.96 46.72
C GLN B 441 8.22 25.77 46.55
N TYR B 442 7.88 26.18 45.33
CA TYR B 442 6.65 26.93 45.08
C TYR B 442 5.43 26.03 44.89
N MET B 443 5.60 24.71 44.95
CA MET B 443 4.51 23.77 44.78
C MET B 443 3.87 23.35 46.11
N LYS B 444 4.00 24.18 47.14
CA LYS B 444 3.44 23.89 48.45
C LYS B 444 1.99 24.37 48.60
N GLU B 445 1.38 24.86 47.52
CA GLU B 445 0.01 25.37 47.59
C GLU B 445 -1.02 24.25 47.46
N TYR B 446 -0.63 23.09 46.95
CA TYR B 446 -1.49 21.92 46.69
C TYR B 446 -2.68 22.30 45.79
N GLN B 447 -2.32 22.72 44.57
CA GLN B 447 -3.29 23.27 43.63
C GLN B 447 -4.19 22.18 43.03
N ASP B 448 -3.62 21.02 42.71
CA ASP B 448 -4.36 19.91 42.11
C ASP B 448 -3.52 18.64 42.24
N ALA B 449 -4.20 17.50 42.27
CA ALA B 449 -3.52 16.21 42.37
C ALA B 449 -4.19 15.17 41.49
N THR C 12 -20.68 40.80 13.62
CA THR C 12 -19.95 40.60 14.86
C THR C 12 -20.20 39.20 15.43
N GLN C 13 -19.13 38.42 15.56
CA GLN C 13 -19.19 37.07 16.09
C GLN C 13 -18.91 37.01 17.58
N ARG C 14 -19.96 36.95 18.40
CA ARG C 14 -19.85 37.08 19.84
C ARG C 14 -19.17 35.88 20.51
N ILE C 15 -19.15 34.74 19.84
CA ILE C 15 -18.52 33.54 20.40
C ILE C 15 -17.00 33.52 20.20
N ALA C 16 -16.26 33.69 21.29
CA ALA C 16 -14.80 33.69 21.23
C ALA C 16 -14.11 33.38 22.56
N SER C 17 -14.89 33.05 23.59
CA SER C 17 -14.36 32.73 24.92
C SER C 17 -13.39 33.81 25.40
N HIS C 18 -12.13 33.45 25.59
CA HIS C 18 -11.11 34.43 26.00
C HIS C 18 -11.10 35.45 24.88
N SER C 19 -11.60 36.64 25.16
CA SER C 19 -11.71 37.66 24.12
C SER C 19 -10.94 38.94 24.38
N HIS C 20 -10.78 39.36 25.64
CA HIS C 20 -10.28 40.69 25.94
C HIS C 20 -8.78 40.83 25.68
N VAL C 21 -8.39 40.82 24.39
CA VAL C 21 -6.99 40.88 24.04
C VAL C 21 -6.77 41.72 22.78
N LYS C 22 -5.91 42.74 22.90
CA LYS C 22 -5.44 43.49 21.75
C LYS C 22 -3.99 43.09 21.44
N GLY C 23 -3.25 42.74 22.47
CA GLY C 23 -1.89 42.28 22.36
C GLY C 23 -1.35 41.89 23.71
N LEU C 24 -0.08 42.21 23.99
CA LEU C 24 0.49 41.94 25.30
C LEU C 24 0.43 43.18 26.18
N GLY C 25 0.44 44.36 25.56
CA GLY C 25 0.45 45.60 26.29
C GLY C 25 1.81 46.07 26.75
N LEU C 26 2.89 45.47 26.24
CA LEU C 26 4.24 45.86 26.64
C LEU C 26 4.60 47.20 26.02
N ASP C 27 5.16 48.09 26.84
CA ASP C 27 5.54 49.41 26.37
C ASP C 27 6.88 49.35 25.64
N GLU C 28 7.28 50.51 25.09
CA GLU C 28 8.53 50.59 24.34
C GLU C 28 9.75 50.54 25.26
N SER C 29 9.61 50.99 26.51
CA SER C 29 10.72 51.03 27.45
C SER C 29 10.90 49.73 28.21
N GLY C 30 10.19 48.67 27.83
CA GLY C 30 10.31 47.38 28.46
C GLY C 30 9.41 47.15 29.65
N LEU C 31 8.81 48.22 30.20
CA LEU C 31 7.91 48.07 31.33
C LEU C 31 6.57 47.52 30.87
N ALA C 32 5.98 46.66 31.70
CA ALA C 32 4.68 46.06 31.41
C ALA C 32 3.60 46.93 32.02
N LYS C 33 2.83 47.62 31.19
CA LYS C 33 1.75 48.46 31.66
C LYS C 33 0.57 47.59 32.11
N GLN C 34 -0.01 47.94 33.26
CA GLN C 34 -1.09 47.14 33.81
C GLN C 34 -2.38 47.34 33.03
N ALA C 35 -2.90 48.57 33.01
CA ALA C 35 -4.16 48.87 32.33
C ALA C 35 -3.87 49.13 30.85
N ALA C 36 -3.62 48.05 30.12
CA ALA C 36 -3.31 48.14 28.70
C ALA C 36 -3.69 46.84 28.01
N SER C 37 -4.28 46.96 26.82
CA SER C 37 -4.58 45.85 25.91
C SER C 37 -5.51 44.81 26.53
N GLY C 38 -6.40 45.23 27.42
CA GLY C 38 -7.37 44.31 28.01
C GLY C 38 -6.87 43.37 29.10
N LEU C 39 -5.82 42.62 28.83
CA LEU C 39 -5.25 41.68 29.80
C LEU C 39 -4.51 42.47 30.86
N VAL C 40 -5.20 42.77 31.96
CA VAL C 40 -4.63 43.54 33.06
C VAL C 40 -4.18 42.56 34.13
N GLY C 41 -2.88 42.53 34.39
CA GLY C 41 -2.29 41.59 35.32
C GLY C 41 -1.26 40.70 34.63
N GLN C 42 -0.68 39.81 35.45
CA GLN C 42 0.36 38.85 35.04
C GLN C 42 1.56 39.57 34.43
N GLU C 43 2.22 40.39 35.26
CA GLU C 43 3.35 41.19 34.79
C GLU C 43 4.57 40.34 34.51
N ASN C 44 4.81 39.31 35.34
CA ASN C 44 5.99 38.46 35.16
C ASN C 44 5.89 37.61 33.91
N ALA C 45 4.67 37.16 33.57
CA ALA C 45 4.48 36.38 32.35
C ALA C 45 4.68 37.23 31.10
N ARG C 46 4.25 38.49 31.15
CA ARG C 46 4.45 39.38 30.01
C ARG C 46 5.92 39.76 29.86
N GLU C 47 6.60 40.01 30.98
CA GLU C 47 8.04 40.29 30.92
C GLU C 47 8.85 39.06 30.53
N ALA C 48 8.33 37.86 30.76
CA ALA C 48 9.00 36.65 30.29
C ALA C 48 8.76 36.43 28.79
N CYS C 49 7.54 36.68 28.32
CA CYS C 49 7.22 36.49 26.92
C CYS C 49 7.72 37.62 26.02
N GLY C 50 8.12 38.76 26.60
CA GLY C 50 8.75 39.80 25.81
C GLY C 50 10.09 39.39 25.23
N VAL C 51 10.79 38.47 25.90
CA VAL C 51 12.01 37.90 25.34
C VAL C 51 11.66 36.82 24.31
N ILE C 52 10.56 36.10 24.53
CA ILE C 52 10.17 35.01 23.65
C ILE C 52 9.71 35.53 22.30
N VAL C 53 8.98 36.66 22.29
CA VAL C 53 8.53 37.24 21.02
C VAL C 53 9.72 37.82 20.24
N GLU C 54 10.75 38.28 20.93
CA GLU C 54 11.97 38.72 20.23
C GLU C 54 12.73 37.52 19.69
N LEU C 55 12.71 36.39 20.41
CA LEU C 55 13.33 35.17 19.92
C LEU C 55 12.62 34.65 18.67
N ILE C 56 11.30 34.81 18.61
CA ILE C 56 10.55 34.40 17.43
C ILE C 56 10.80 35.37 16.27
N LYS C 57 10.82 36.68 16.56
CA LYS C 57 10.96 37.69 15.52
C LYS C 57 12.37 37.71 14.92
N SER C 58 13.39 37.38 15.73
CA SER C 58 14.76 37.43 15.24
C SER C 58 15.08 36.29 14.27
N LYS C 59 14.40 35.16 14.43
CA LYS C 59 14.49 33.98 13.54
C LYS C 59 15.91 33.43 13.45
N LYS C 60 16.67 33.53 14.54
CA LYS C 60 18.05 33.04 14.58
C LYS C 60 18.19 31.76 15.39
N MET C 61 17.75 31.78 16.65
CA MET C 61 17.80 30.60 17.50
C MET C 61 16.43 29.92 17.53
N ALA C 62 16.44 28.59 17.51
CA ALA C 62 15.20 27.82 17.50
C ALA C 62 15.45 26.49 18.18
N GLY C 63 14.35 25.81 18.51
CA GLY C 63 14.43 24.53 19.19
C GLY C 63 14.51 24.65 20.69
N ARG C 64 13.70 25.55 21.25
CA ARG C 64 13.67 25.79 22.69
C ARG C 64 12.26 25.58 23.21
N ALA C 65 12.16 25.06 24.44
CA ALA C 65 10.88 24.72 25.05
C ALA C 65 10.57 25.68 26.18
N VAL C 66 9.34 26.17 26.21
CA VAL C 66 8.87 27.07 27.26
C VAL C 66 7.67 26.42 27.92
N LEU C 67 7.85 25.97 29.16
CA LEU C 67 6.79 25.34 29.93
C LEU C 67 6.08 26.39 30.78
N LEU C 68 4.75 26.35 30.78
CA LEU C 68 3.91 27.22 31.57
C LEU C 68 3.33 26.44 32.74
N ALA C 69 3.27 27.06 33.92
CA ALA C 69 2.74 26.39 35.10
C ALA C 69 1.92 27.39 35.91
N GLY C 70 1.02 26.84 36.73
CA GLY C 70 0.18 27.64 37.59
C GLY C 70 -1.14 26.97 37.89
N PRO C 71 -2.01 27.67 38.63
CA PRO C 71 -3.35 27.14 38.91
C PRO C 71 -4.20 27.10 37.65
N PRO C 72 -5.25 26.29 37.61
CA PRO C 72 -6.15 26.28 36.45
C PRO C 72 -6.97 27.56 36.39
N GLY C 73 -6.76 28.33 35.33
CA GLY C 73 -7.52 29.55 35.13
C GLY C 73 -6.70 30.84 35.28
N THR C 74 -5.44 30.80 34.87
CA THR C 74 -4.58 31.98 34.91
C THR C 74 -4.47 32.68 33.56
N GLY C 75 -5.08 32.14 32.52
CA GLY C 75 -5.08 32.80 31.23
C GLY C 75 -3.84 32.57 30.39
N LYS C 76 -3.27 31.36 30.44
CA LYS C 76 -2.13 31.06 29.58
C LYS C 76 -2.56 30.89 28.12
N THR C 77 -3.81 30.47 27.89
CA THR C 77 -4.33 30.40 26.52
C THR C 77 -4.51 31.79 25.95
N ALA C 78 -4.97 32.74 26.78
CA ALA C 78 -5.05 34.13 26.35
C ALA C 78 -3.66 34.73 26.12
N LEU C 79 -2.65 34.28 26.87
CA LEU C 79 -1.29 34.74 26.65
C LEU C 79 -0.74 34.21 25.33
N ALA C 80 -1.00 32.93 25.01
CA ALA C 80 -0.59 32.38 23.73
C ALA C 80 -1.33 33.03 22.57
N LEU C 81 -2.61 33.38 22.79
CA LEU C 81 -3.37 34.09 21.78
C LEU C 81 -2.85 35.51 21.58
N ALA C 82 -2.38 36.14 22.66
CA ALA C 82 -1.77 37.46 22.56
C ALA C 82 -0.46 37.41 21.79
N ILE C 83 0.33 36.36 22.01
CA ILE C 83 1.56 36.17 21.24
C ILE C 83 1.23 35.92 19.76
N ALA C 84 0.20 35.11 19.48
CA ALA C 84 -0.18 34.80 18.11
C ALA C 84 -0.78 36.02 17.40
N GLN C 85 -1.42 36.93 18.13
CA GLN C 85 -1.91 38.16 17.52
C GLN C 85 -0.84 39.23 17.40
N GLU C 86 0.20 39.19 18.24
CA GLU C 86 1.35 40.06 18.01
C GLU C 86 2.13 39.62 16.79
N LEU C 87 2.28 38.32 16.59
CA LEU C 87 2.99 37.82 15.42
C LEU C 87 2.18 37.98 14.14
N GLY C 88 0.85 37.93 14.25
CA GLY C 88 0.00 38.14 13.10
C GLY C 88 -0.15 36.89 12.25
N SER C 89 -0.57 37.10 11.00
CA SER C 89 -0.78 36.02 10.06
C SER C 89 0.48 35.63 9.30
N LYS C 90 1.58 36.37 9.47
CA LYS C 90 2.82 36.02 8.79
C LYS C 90 3.50 34.82 9.44
N VAL C 91 3.64 34.85 10.76
CA VAL C 91 4.25 33.73 11.48
C VAL C 91 3.18 32.67 11.73
N PRO C 92 3.39 31.42 11.32
CA PRO C 92 2.39 30.38 11.56
C PRO C 92 2.30 30.02 13.04
N PHE C 93 1.10 29.62 13.45
CA PHE C 93 0.83 29.24 14.83
C PHE C 93 0.03 27.95 14.82
N CYS C 94 0.60 26.87 15.33
CA CYS C 94 -0.05 25.56 15.32
C CYS C 94 -0.39 25.14 16.75
N PRO C 95 -1.66 25.17 17.15
CA PRO C 95 -2.05 24.63 18.46
C PRO C 95 -2.30 23.14 18.41
N MET C 96 -2.02 22.49 19.54
CA MET C 96 -2.23 21.06 19.68
C MET C 96 -2.39 20.74 21.16
N VAL C 97 -3.28 19.81 21.47
CA VAL C 97 -3.43 19.30 22.83
C VAL C 97 -2.81 17.90 22.89
N GLY C 98 -2.70 17.37 24.11
CA GLY C 98 -2.08 16.07 24.30
C GLY C 98 -2.95 14.89 23.90
N SER C 99 -4.26 15.08 23.82
CA SER C 99 -5.16 14.01 23.42
C SER C 99 -5.31 13.88 21.90
N GLU C 100 -4.84 14.87 21.14
CA GLU C 100 -4.99 14.86 19.69
C GLU C 100 -4.00 13.91 19.01
N VAL C 101 -2.88 13.60 19.67
CA VAL C 101 -1.86 12.73 19.07
C VAL C 101 -2.25 11.27 19.09
N TYR C 102 -3.31 10.90 19.79
CA TYR C 102 -3.72 9.50 19.92
C TYR C 102 -4.72 9.14 18.85
N SER C 103 -4.50 8.02 18.17
CA SER C 103 -5.38 7.54 17.12
C SER C 103 -5.28 6.02 17.04
N THR C 104 -6.11 5.44 16.17
CA THR C 104 -6.16 3.98 16.00
C THR C 104 -5.39 3.54 14.76
N GLU C 105 -5.76 4.05 13.58
CA GLU C 105 -5.05 3.70 12.35
C GLU C 105 -3.78 4.51 12.17
N ILE C 106 -3.73 5.72 12.70
CA ILE C 106 -2.52 6.54 12.69
C ILE C 106 -1.69 6.16 13.91
N LYS C 107 -0.39 5.94 13.69
CA LYS C 107 0.48 5.52 14.78
C LYS C 107 0.72 6.66 15.77
N LYS C 108 1.27 6.30 16.93
CA LYS C 108 1.41 7.25 18.03
C LYS C 108 2.53 8.25 17.77
N THR C 109 3.55 7.87 16.99
CA THR C 109 4.68 8.73 16.70
C THR C 109 4.57 9.43 15.35
N GLU C 110 3.36 9.80 14.94
CA GLU C 110 3.14 10.44 13.65
C GLU C 110 2.70 11.89 13.77
N VAL C 111 1.95 12.24 14.82
CA VAL C 111 1.46 13.62 14.95
C VAL C 111 2.56 14.55 15.42
N LEU C 112 3.35 14.12 16.41
CA LEU C 112 4.47 14.93 16.89
C LEU C 112 5.58 15.03 15.84
N MET C 113 5.66 14.07 14.93
CA MET C 113 6.58 14.18 13.80
C MET C 113 6.11 15.23 12.80
N GLU C 114 4.81 15.31 12.54
CA GLU C 114 4.28 16.20 11.52
C GLU C 114 3.99 17.60 12.04
N ASN C 115 4.03 17.82 13.37
CA ASN C 115 3.84 19.16 13.90
C ASN C 115 4.99 20.09 13.54
N PHE C 116 6.23 19.56 13.57
CA PHE C 116 7.40 20.37 13.21
C PHE C 116 7.46 20.65 11.71
N ARG C 117 6.71 19.91 10.90
CA ARG C 117 6.61 20.18 9.47
C ARG C 117 5.45 21.11 9.14
N ARG C 118 4.33 21.00 9.86
CA ARG C 118 3.23 21.92 9.65
C ARG C 118 3.47 23.29 10.27
N ALA C 119 4.43 23.39 11.20
CA ALA C 119 4.72 24.68 11.81
C ALA C 119 5.54 25.57 10.90
N ILE C 120 6.53 25.01 10.22
CA ILE C 120 7.47 25.79 9.42
C ILE C 120 6.83 26.12 8.07
N GLY C 121 6.88 27.39 7.68
CA GLY C 121 6.31 27.82 6.42
C GLY C 121 7.33 28.35 5.43
N LEU C 122 6.95 28.40 4.15
CA LEU C 122 7.84 28.85 3.10
C LEU C 122 7.05 29.73 2.13
N ARG C 123 7.58 30.94 1.88
CA ARG C 123 6.96 31.88 0.95
C ARG C 123 7.53 31.64 -0.44
N ILE C 124 6.66 31.34 -1.40
CA ILE C 124 7.05 30.98 -2.75
C ILE C 124 6.40 31.95 -3.72
N LYS C 125 7.21 32.52 -4.62
CA LYS C 125 6.76 33.48 -5.63
C LYS C 125 7.03 32.87 -7.01
N GLU C 126 5.97 32.56 -7.75
CA GLU C 126 6.10 31.90 -9.05
C GLU C 126 5.44 32.72 -10.14
N THR C 127 6.11 32.79 -11.30
CA THR C 127 5.60 33.51 -12.46
C THR C 127 4.96 32.50 -13.42
N LYS C 128 3.69 32.73 -13.75
CA LYS C 128 2.92 31.81 -14.56
C LYS C 128 2.23 32.56 -15.70
N GLU C 129 1.65 31.80 -16.62
CA GLU C 129 1.03 32.33 -17.83
C GLU C 129 -0.43 31.89 -17.91
N VAL C 130 -1.23 32.65 -18.65
CA VAL C 130 -2.65 32.36 -18.88
C VAL C 130 -2.95 32.62 -20.35
N TYR C 131 -3.50 31.63 -21.04
CA TYR C 131 -3.95 31.77 -22.43
C TYR C 131 -5.46 32.00 -22.44
N GLU C 132 -5.87 33.21 -22.82
CA GLU C 132 -7.28 33.57 -22.88
C GLU C 132 -7.80 33.50 -24.32
N GLY C 133 -7.80 32.29 -24.88
CA GLY C 133 -8.33 32.07 -26.20
C GLY C 133 -9.77 31.61 -26.17
N GLU C 134 -10.52 31.91 -27.24
CA GLU C 134 -11.96 31.69 -27.19
C GLU C 134 -12.43 30.35 -27.76
N VAL C 135 -12.32 30.17 -29.07
CA VAL C 135 -12.97 29.05 -29.75
C VAL C 135 -12.16 28.66 -30.98
N THR C 136 -11.96 27.35 -31.16
CA THR C 136 -11.75 26.68 -32.45
C THR C 136 -12.34 25.28 -32.42
N VAL C 157 -3.94 17.31 -32.06
CA VAL C 157 -4.94 18.31 -31.67
C VAL C 157 -4.35 19.71 -31.79
N ILE C 158 -4.95 20.52 -32.65
CA ILE C 158 -4.54 21.90 -32.88
C ILE C 158 -5.69 22.82 -32.47
N ILE C 159 -5.45 23.66 -31.47
CA ILE C 159 -6.45 24.58 -30.96
C ILE C 159 -5.95 25.99 -31.16
N GLY C 160 -6.62 26.75 -32.01
CA GLY C 160 -6.31 28.14 -32.24
C GLY C 160 -6.96 29.01 -31.17
N LEU C 161 -6.13 29.76 -30.46
CA LEU C 161 -6.62 30.60 -29.37
C LEU C 161 -6.88 32.02 -29.89
N LYS C 162 -8.15 32.38 -29.97
CA LYS C 162 -8.57 33.66 -30.53
C LYS C 162 -8.73 34.68 -29.42
N THR C 163 -8.11 35.85 -29.60
CA THR C 163 -8.18 36.95 -28.64
C THR C 163 -8.70 38.20 -29.31
N ALA C 164 -8.60 39.34 -28.63
CA ALA C 164 -8.98 40.62 -29.22
C ALA C 164 -7.79 41.25 -29.94
N LYS C 165 -6.68 40.53 -30.02
CA LYS C 165 -5.48 41.02 -30.69
C LYS C 165 -5.16 40.18 -31.93
N GLY C 166 -5.27 38.86 -31.80
CA GLY C 166 -4.99 37.98 -32.92
C GLY C 166 -5.17 36.53 -32.52
N THR C 167 -4.91 35.66 -33.50
CA THR C 167 -5.05 34.22 -33.34
C THR C 167 -3.69 33.56 -33.44
N LYS C 168 -3.40 32.63 -32.52
CA LYS C 168 -2.14 31.89 -32.51
C LYS C 168 -2.43 30.42 -32.30
N GLN C 169 -1.76 29.58 -33.08
CA GLN C 169 -1.90 28.13 -32.97
C GLN C 169 -0.85 27.56 -32.02
N LEU C 170 -1.24 26.52 -31.29
CA LEU C 170 -0.36 25.87 -30.33
C LEU C 170 -0.50 24.37 -30.45
N LYS C 171 0.62 23.67 -30.27
CA LYS C 171 0.61 22.21 -30.25
C LYS C 171 0.06 21.72 -28.91
N LEU C 172 -1.04 21.00 -28.95
CA LEU C 172 -1.76 20.62 -27.74
C LEU C 172 -1.61 19.12 -27.49
N ASP C 173 -1.50 18.76 -26.22
CA ASP C 173 -1.17 17.41 -25.78
C ASP C 173 -2.33 16.44 -25.98
N PRO C 174 -2.07 15.14 -26.20
CA PRO C 174 -3.18 14.19 -26.35
C PRO C 174 -3.86 13.82 -25.03
N SER C 175 -3.30 14.27 -23.91
CA SER C 175 -3.91 14.02 -22.61
C SER C 175 -5.18 14.86 -22.43
N ILE C 176 -5.07 16.17 -22.65
CA ILE C 176 -6.21 17.07 -22.53
C ILE C 176 -7.07 16.95 -23.78
N PHE C 177 -8.24 16.33 -23.64
CA PHE C 177 -9.16 16.21 -24.77
C PHE C 177 -10.48 16.93 -24.48
N GLU C 178 -11.09 16.63 -23.34
CA GLU C 178 -12.36 17.24 -22.98
C GLU C 178 -12.14 18.56 -22.24
N ASP C 189 -13.54 29.32 -21.86
CA ASP C 189 -12.81 30.58 -21.96
C ASP C 189 -11.32 30.39 -21.70
N VAL C 190 -10.94 30.42 -20.43
CA VAL C 190 -9.54 30.25 -20.06
C VAL C 190 -9.23 28.77 -19.82
N ILE C 191 -7.94 28.43 -19.81
CA ILE C 191 -7.48 27.08 -19.50
C ILE C 191 -6.51 27.16 -18.34
N TYR C 192 -5.95 26.01 -17.93
CA TYR C 192 -4.91 25.99 -16.89
C TYR C 192 -3.61 25.51 -17.56
N ILE C 193 -2.70 26.46 -17.77
CA ILE C 193 -1.40 26.15 -18.36
C ILE C 193 -0.29 26.30 -17.31
N GLU C 194 0.05 25.19 -16.66
CA GLU C 194 1.15 25.21 -15.70
C GLU C 194 2.20 24.17 -16.07
N ALA C 195 1.77 22.93 -16.24
CA ALA C 195 2.67 21.83 -16.55
C ALA C 195 1.97 20.74 -17.34
N VAL C 200 -7.75 23.92 -17.92
CA VAL C 200 -8.45 23.78 -19.18
C VAL C 200 -9.90 24.24 -19.07
N LYS C 201 -10.13 25.27 -18.27
CA LYS C 201 -11.47 25.81 -18.07
C LYS C 201 -12.11 26.17 -19.41
N ARG C 202 -13.28 25.58 -19.68
CA ARG C 202 -13.99 25.83 -20.92
C ARG C 202 -14.93 27.03 -20.81
N GLN C 203 -15.61 27.34 -21.92
CA GLN C 203 -16.55 28.45 -21.98
C GLN C 203 -15.95 29.75 -21.42
N GLY C 204 -16.73 30.45 -20.60
CA GLY C 204 -16.29 31.69 -20.02
C GLY C 204 -17.00 32.90 -20.61
N ARG C 205 -17.55 32.72 -21.80
CA ARG C 205 -18.25 33.81 -22.48
C ARG C 205 -19.46 33.27 -23.25
N CYS C 206 -20.27 34.19 -23.78
CA CYS C 206 -21.45 33.82 -24.54
C CYS C 206 -21.92 34.97 -25.43
N ASP C 207 -21.77 34.80 -26.74
CA ASP C 207 -22.18 35.82 -27.69
C ASP C 207 -22.87 35.21 -28.91
N THR C 208 -22.53 33.96 -29.21
CA THR C 208 -23.11 33.26 -30.34
C THR C 208 -24.33 32.45 -29.93
N PRO C 224 -14.14 38.97 -23.26
CA PRO C 224 -12.89 38.26 -22.95
C PRO C 224 -11.70 38.79 -23.73
N LYS C 225 -11.35 40.05 -23.50
CA LYS C 225 -10.23 40.68 -24.19
C LYS C 225 -8.90 40.29 -23.51
N GLY C 226 -7.81 40.80 -24.09
CA GLY C 226 -6.48 40.52 -23.56
C GLY C 226 -5.55 39.93 -24.59
N ASP C 227 -4.28 39.78 -24.24
CA ASP C 227 -3.30 39.21 -25.14
C ASP C 227 -3.39 37.68 -25.15
N VAL C 228 -2.60 37.05 -26.01
CA VAL C 228 -2.57 35.60 -26.09
C VAL C 228 -1.82 35.02 -24.90
N HIS C 229 -0.55 35.38 -24.75
CA HIS C 229 0.25 34.95 -23.62
C HIS C 229 0.37 36.09 -22.60
N LYS C 230 0.30 35.74 -21.32
CA LYS C 230 0.37 36.68 -20.23
C LYS C 230 1.38 36.18 -19.20
N LYS C 231 1.47 36.91 -18.09
CA LYS C 231 2.31 36.50 -16.97
C LYS C 231 1.78 37.14 -15.70
N LYS C 232 1.97 36.45 -14.58
CA LYS C 232 1.55 36.95 -13.28
C LYS C 232 2.39 36.29 -12.20
N GLU C 233 2.59 37.01 -11.11
CA GLU C 233 3.42 36.55 -10.00
C GLU C 233 2.51 36.15 -8.84
N ILE C 234 2.39 34.86 -8.60
CA ILE C 234 1.60 34.31 -7.51
C ILE C 234 2.51 34.16 -6.29
N ILE C 235 2.10 34.76 -5.18
CA ILE C 235 2.87 34.78 -3.94
C ILE C 235 2.06 34.02 -2.90
N GLN C 236 2.54 32.84 -2.50
CA GLN C 236 1.81 32.02 -1.54
C GLN C 236 2.73 31.56 -0.42
N ASP C 237 2.11 30.96 0.60
CA ASP C 237 2.80 30.44 1.77
C ASP C 237 2.40 28.98 1.95
N VAL C 238 3.38 28.08 1.83
CA VAL C 238 3.15 26.64 1.88
C VAL C 238 3.92 26.08 3.07
N THR C 239 3.24 25.28 3.90
CA THR C 239 3.91 24.60 4.99
C THR C 239 4.65 23.37 4.49
N LEU C 240 5.60 22.89 5.30
CA LEU C 240 6.41 21.74 4.89
C LEU C 240 5.63 20.43 4.98
N HIS C 241 4.64 20.35 5.88
CA HIS C 241 3.83 19.13 5.91
C HIS C 241 2.84 19.08 4.75
N ASP C 242 2.41 20.23 4.24
CA ASP C 242 1.65 20.25 2.99
C ASP C 242 2.50 19.75 1.83
N LEU C 243 3.79 20.10 1.84
CA LEU C 243 4.74 19.57 0.87
C LEU C 243 4.89 18.07 1.02
N ASP C 244 4.89 17.58 2.27
CA ASP C 244 5.03 16.14 2.51
C ASP C 244 3.78 15.37 2.07
N VAL C 245 2.59 15.93 2.32
CA VAL C 245 1.35 15.27 1.90
C VAL C 245 1.22 15.28 0.38
N ALA C 246 1.66 16.38 -0.26
CA ALA C 246 1.67 16.43 -1.72
C ALA C 246 2.70 15.46 -2.31
N ASN C 247 3.80 15.22 -1.59
CA ASN C 247 4.75 14.19 -2.01
C ASN C 247 4.14 12.80 -1.86
N ALA C 248 3.41 12.57 -0.76
CA ALA C 248 2.80 11.26 -0.54
C ALA C 248 1.58 11.06 -1.44
N ARG C 249 0.82 12.11 -1.70
CA ARG C 249 -0.40 12.00 -2.50
C ARG C 249 -0.24 12.78 -3.80
N PRO C 250 -0.08 12.10 -4.94
CA PRO C 250 0.03 12.82 -6.22
C PRO C 250 -1.31 13.32 -6.74
N GLN C 251 -1.32 13.88 -7.95
CA GLN C 251 -2.54 14.43 -8.54
C GLN C 251 -3.52 13.33 -8.92
N LYS C 268 -0.84 10.57 7.60
CA LYS C 268 -0.14 9.48 6.91
C LYS C 268 1.34 9.45 7.29
N THR C 269 1.93 8.26 7.24
CA THR C 269 3.31 8.09 7.67
C THR C 269 4.27 8.58 6.59
N GLU C 270 5.19 9.47 6.99
CA GLU C 270 6.21 10.00 6.09
C GLU C 270 7.52 9.25 6.33
N ILE C 271 8.09 8.71 5.26
CA ILE C 271 9.36 7.98 5.33
C ILE C 271 10.47 9.00 5.54
N THR C 272 11.48 8.63 6.34
CA THR C 272 12.44 9.59 6.88
C THR C 272 13.38 10.13 5.80
N ASP C 273 13.79 9.28 4.86
CA ASP C 273 14.80 9.64 3.86
C ASP C 273 14.30 10.70 2.88
N LYS C 274 12.99 10.77 2.68
CA LYS C 274 12.37 11.83 1.88
C LYS C 274 12.05 13.07 2.71
N LEU C 275 11.48 12.89 3.91
CA LEU C 275 11.05 14.02 4.74
C LEU C 275 12.23 14.82 5.26
N ARG C 276 13.32 14.16 5.61
CA ARG C 276 14.52 14.84 6.11
C ARG C 276 15.56 15.07 5.03
N GLY C 277 15.73 14.12 4.11
CA GLY C 277 16.78 14.21 3.12
C GLY C 277 16.48 15.10 1.92
N GLU C 278 15.47 14.73 1.12
CA GLU C 278 15.27 15.35 -0.19
C GLU C 278 14.48 16.65 -0.12
N ILE C 279 13.48 16.72 0.77
CA ILE C 279 12.64 17.91 0.87
C ILE C 279 13.44 19.10 1.39
N ASN C 280 14.32 18.87 2.36
CA ASN C 280 15.17 19.94 2.87
C ASN C 280 16.16 20.42 1.80
N LYS C 281 16.66 19.51 0.98
CA LYS C 281 17.57 19.89 -0.10
C LYS C 281 16.85 20.68 -1.18
N VAL C 282 15.62 20.31 -1.53
CA VAL C 282 14.96 21.08 -2.58
C VAL C 282 14.44 22.42 -2.05
N VAL C 283 14.09 22.51 -0.76
CA VAL C 283 13.75 23.81 -0.18
C VAL C 283 14.99 24.70 -0.13
N ASN C 284 16.16 24.12 0.16
CA ASN C 284 17.42 24.86 0.05
C ASN C 284 17.69 25.30 -1.40
N LYS C 285 17.31 24.48 -2.37
CA LYS C 285 17.44 24.88 -3.78
C LYS C 285 16.50 26.03 -4.14
N TYR C 286 15.32 26.10 -3.51
CA TYR C 286 14.46 27.26 -3.73
C TYR C 286 14.99 28.49 -3.00
N ILE C 287 15.52 28.32 -1.79
CA ILE C 287 16.05 29.46 -1.05
C ILE C 287 17.39 29.72 -1.69
N ASP C 288 18.06 28.61 -2.00
CA ASP C 288 19.32 28.62 -2.72
C ASP C 288 19.52 29.93 -3.46
N GLN C 289 18.47 30.48 -4.08
CA GLN C 289 18.70 31.71 -4.82
C GLN C 289 17.46 32.58 -4.96
N GLY C 290 17.42 33.64 -4.18
CA GLY C 290 16.37 34.66 -4.30
C GLY C 290 14.93 34.25 -4.04
N ILE C 291 14.45 33.26 -4.78
CA ILE C 291 13.03 32.89 -4.78
C ILE C 291 12.32 32.95 -3.43
N ALA C 292 12.19 31.80 -2.79
CA ALA C 292 11.37 31.66 -1.60
C ALA C 292 11.93 32.37 -0.36
N GLU C 293 11.29 32.12 0.78
CA GLU C 293 11.70 32.72 2.05
C GLU C 293 11.19 31.84 3.18
N LEU C 294 12.10 31.41 4.05
CA LEU C 294 11.76 30.48 5.12
C LEU C 294 11.30 31.23 6.36
N VAL C 295 10.12 30.89 6.87
CA VAL C 295 9.55 31.52 8.05
C VAL C 295 9.26 30.43 9.07
N PRO C 296 9.90 30.45 10.24
CA PRO C 296 9.58 29.46 11.28
C PRO C 296 8.22 29.72 11.90
N GLY C 297 7.72 28.70 12.60
CA GLY C 297 6.42 28.75 13.24
C GLY C 297 6.51 28.60 14.74
N VAL C 298 5.34 28.64 15.37
CA VAL C 298 5.20 28.53 16.82
C VAL C 298 4.26 27.36 17.11
N LEU C 299 4.78 26.34 17.78
CA LEU C 299 3.99 25.15 18.11
C LEU C 299 3.55 25.21 19.56
N PHE C 300 2.25 25.39 19.78
CA PHE C 300 1.69 25.40 21.13
C PHE C 300 1.23 23.99 21.49
N VAL C 301 1.75 23.46 22.59
CA VAL C 301 1.46 22.09 23.01
C VAL C 301 0.88 22.14 24.42
N ASP C 302 -0.41 21.84 24.52
CA ASP C 302 -1.10 21.75 25.80
C ASP C 302 -1.30 20.28 26.15
N GLU C 303 -1.62 20.04 27.43
CA GLU C 303 -1.85 18.72 28.02
C GLU C 303 -0.59 17.84 27.87
N VAL C 304 0.47 18.28 28.53
CA VAL C 304 1.75 17.58 28.50
C VAL C 304 1.92 16.68 29.73
N HIS C 305 1.16 16.92 30.80
CA HIS C 305 1.26 16.13 32.02
C HIS C 305 0.55 14.79 31.94
N MET C 306 -0.22 14.54 30.87
CA MET C 306 -0.84 13.24 30.63
C MET C 306 -0.45 12.68 29.27
N LEU C 307 0.79 12.91 28.86
CA LEU C 307 1.29 12.43 27.58
C LEU C 307 2.13 11.17 27.82
N ASP C 308 2.12 10.27 26.83
CA ASP C 308 2.80 9.00 26.95
C ASP C 308 4.31 9.18 26.94
N ILE C 309 5.01 8.23 27.58
CA ILE C 309 6.46 8.30 27.71
C ILE C 309 7.17 8.03 26.39
N GLU C 310 6.51 7.35 25.44
CA GLU C 310 7.10 7.18 24.12
C GLU C 310 7.07 8.49 23.33
N CYS C 311 6.00 9.27 23.49
CA CYS C 311 5.97 10.62 22.93
C CYS C 311 7.01 11.51 23.59
N PHE C 312 7.28 11.30 24.88
CA PHE C 312 8.40 11.98 25.54
C PHE C 312 9.75 11.56 24.97
N THR C 313 9.88 10.28 24.61
CA THR C 313 11.12 9.78 24.01
C THR C 313 11.35 10.42 22.64
N TYR C 314 10.30 10.51 21.82
CA TYR C 314 10.44 11.22 20.55
C TYR C 314 10.65 12.71 20.75
N LEU C 315 10.08 13.29 21.82
CA LEU C 315 10.24 14.70 22.09
C LEU C 315 11.67 15.04 22.54
N HIS C 316 12.33 14.10 23.20
CA HIS C 316 13.74 14.29 23.56
C HIS C 316 14.63 14.40 22.32
N ARG C 317 14.34 13.64 21.27
CA ARG C 317 15.08 13.79 20.03
C ARG C 317 14.60 15.00 19.24
N ALA C 318 13.33 15.40 19.44
CA ALA C 318 12.80 16.58 18.76
C ALA C 318 13.45 17.87 19.27
N LEU C 319 13.67 17.97 20.59
CA LEU C 319 14.37 19.14 21.12
C LEU C 319 15.86 19.11 20.80
N GLU C 320 16.42 17.92 20.56
CA GLU C 320 17.83 17.80 20.17
C GLU C 320 17.96 17.80 18.65
N SER C 321 17.52 18.91 18.05
CA SER C 321 17.57 19.07 16.61
C SER C 321 17.69 20.56 16.28
N SER C 322 18.31 20.86 15.15
CA SER C 322 18.52 22.23 14.73
C SER C 322 17.44 22.74 13.77
N ILE C 323 16.59 21.86 13.26
CA ILE C 323 15.55 22.25 12.30
C ILE C 323 14.18 22.37 12.98
N ALA C 324 14.12 22.32 14.30
CA ALA C 324 12.85 22.38 14.99
C ALA C 324 12.53 23.82 15.39
N PRO C 325 11.30 24.31 15.10
CA PRO C 325 10.94 25.67 15.51
C PRO C 325 10.61 25.78 17.00
N ILE C 326 10.16 26.96 17.43
CA ILE C 326 9.91 27.21 18.85
C ILE C 326 8.62 26.52 19.27
N VAL C 327 8.66 25.85 20.42
CA VAL C 327 7.53 25.10 20.97
C VAL C 327 7.26 25.62 22.38
N ILE C 328 6.03 26.04 22.64
CA ILE C 328 5.60 26.51 23.94
C ILE C 328 4.71 25.45 24.56
N PHE C 329 5.14 24.89 25.68
CA PHE C 329 4.40 23.86 26.40
C PHE C 329 3.52 24.49 27.48
N ALA C 330 2.46 23.76 27.83
CA ALA C 330 1.53 24.20 28.87
C ALA C 330 1.19 23.01 29.77
N SER C 331 1.40 23.19 31.07
CA SER C 331 1.06 22.17 32.07
C SER C 331 -0.02 22.70 32.99
N ASN C 332 -0.88 21.80 33.47
CA ASN C 332 -2.04 22.20 34.25
C ASN C 332 -1.96 21.73 35.70
N ARG C 333 -1.83 20.42 35.93
CA ARG C 333 -1.85 19.90 37.29
C ARG C 333 -0.49 20.07 37.96
N GLY C 334 -0.49 19.98 39.28
CA GLY C 334 0.71 20.17 40.07
C GLY C 334 1.65 18.98 40.06
N ASN C 335 1.13 17.81 40.43
CA ASN C 335 1.90 16.57 40.36
C ASN C 335 1.02 15.47 39.80
N CYS C 336 1.66 14.56 39.05
CA CYS C 336 0.93 13.49 38.37
C CYS C 336 1.71 12.19 38.36
N VAL C 337 1.13 11.17 37.72
CA VAL C 337 1.79 9.90 37.47
C VAL C 337 1.90 9.73 35.96
N ILE C 338 3.12 9.48 35.47
CA ILE C 338 3.40 9.42 34.03
C ILE C 338 2.73 8.20 33.42
N ARG C 339 1.90 8.43 32.40
CA ARG C 339 1.20 7.35 31.70
C ARG C 339 2.18 6.52 30.89
N GLY C 340 2.37 5.26 31.28
CA GLY C 340 3.32 4.40 30.63
C GLY C 340 4.14 3.62 31.63
N THR C 341 4.40 4.23 32.79
CA THR C 341 5.09 3.56 33.88
C THR C 341 4.17 3.26 35.05
N GLU C 342 3.15 4.11 35.24
CA GLU C 342 2.03 4.00 36.19
C GLU C 342 2.43 3.71 37.63
N ASP C 343 3.67 3.99 38.02
CA ASP C 343 4.10 3.76 39.40
C ASP C 343 4.77 4.98 40.02
N ILE C 344 5.53 5.73 39.21
CA ILE C 344 6.35 6.83 39.72
C ILE C 344 5.58 8.14 39.58
N THR C 345 5.68 9.00 40.59
CA THR C 345 5.09 10.33 40.53
C THR C 345 6.12 11.35 40.03
N SER C 346 5.62 12.48 39.55
CA SER C 346 6.48 13.52 39.02
C SER C 346 5.75 14.85 39.11
N PRO C 347 6.46 15.95 39.42
CA PRO C 347 5.82 17.26 39.40
C PRO C 347 5.47 17.69 37.98
N HIS C 348 4.24 18.16 37.82
CA HIS C 348 3.65 18.64 36.56
C HIS C 348 3.66 17.57 35.46
N GLY C 349 3.63 16.29 35.83
CA GLY C 349 3.52 15.19 34.88
C GLY C 349 4.67 15.02 33.93
N ILE C 350 5.83 15.59 34.24
CA ILE C 350 6.97 15.60 33.32
C ILE C 350 8.17 14.98 34.01
N PRO C 351 8.85 14.01 33.38
CA PRO C 351 10.06 13.43 34.00
C PRO C 351 11.21 14.42 33.99
N LEU C 352 12.25 14.07 34.75
CA LEU C 352 13.35 15.00 35.03
C LEU C 352 14.19 15.29 33.78
N ASP C 353 14.29 14.31 32.87
CA ASP C 353 15.07 14.50 31.65
C ASP C 353 14.41 15.50 30.71
N LEU C 354 13.08 15.58 30.72
CA LEU C 354 12.37 16.57 29.93
C LEU C 354 12.14 17.87 30.69
N LEU C 355 11.96 17.80 32.01
CA LEU C 355 11.79 19.01 32.82
C LEU C 355 13.10 19.79 32.95
N ASP C 356 14.25 19.13 32.75
CA ASP C 356 15.50 19.86 32.68
C ASP C 356 15.63 20.64 31.37
N ARG C 357 14.94 20.21 30.32
CA ARG C 357 15.09 20.78 28.99
C ARG C 357 14.02 21.83 28.66
N VAL C 358 13.33 22.36 29.66
CA VAL C 358 12.29 23.36 29.43
C VAL C 358 12.62 24.62 30.22
N MET C 359 11.92 25.70 29.86
CA MET C 359 12.05 27.00 30.52
C MET C 359 10.81 27.20 31.39
N ILE C 360 11.00 27.17 32.71
CA ILE C 360 9.88 27.22 33.65
C ILE C 360 9.34 28.64 33.73
N ILE C 361 8.04 28.80 33.48
CA ILE C 361 7.34 30.07 33.66
C ILE C 361 6.23 29.84 34.66
N ARG C 362 6.15 30.70 35.67
CA ARG C 362 5.19 30.57 36.76
C ARG C 362 4.26 31.78 36.77
N THR C 363 2.96 31.52 36.91
CA THR C 363 1.96 32.58 36.99
C THR C 363 1.77 33.03 38.43
N MET C 364 1.00 34.10 38.60
CA MET C 364 0.77 34.70 39.91
C MET C 364 -0.62 34.33 40.41
N LEU C 365 -0.94 34.81 41.61
CA LEU C 365 -2.22 34.56 42.25
C LEU C 365 -3.10 35.79 42.15
N TYR C 366 -4.39 35.57 41.89
CA TYR C 366 -5.32 36.67 41.69
C TYR C 366 -5.68 37.34 43.02
N THR C 367 -5.91 38.66 42.94
CA THR C 367 -6.40 39.54 43.98
C THR C 367 -7.85 39.95 43.66
N PRO C 368 -8.68 40.23 44.67
CA PRO C 368 -10.10 40.56 44.38
C PRO C 368 -10.28 41.91 43.70
N GLN C 369 -9.35 42.86 43.86
CA GLN C 369 -9.44 44.13 43.15
C GLN C 369 -9.21 43.92 41.64
N GLU C 370 -8.16 43.16 41.30
CA GLU C 370 -7.92 42.83 39.89
C GLU C 370 -8.99 41.89 39.35
N MET C 371 -9.59 41.08 40.23
CA MET C 371 -10.71 40.24 39.83
C MET C 371 -11.92 41.06 39.42
N LYS C 372 -12.31 42.03 40.26
CA LYS C 372 -13.40 42.94 39.93
C LYS C 372 -13.07 43.78 38.70
N GLN C 373 -11.80 44.16 38.54
CA GLN C 373 -11.38 44.92 37.36
C GLN C 373 -11.51 44.10 36.08
N ILE C 374 -11.09 42.84 36.09
CA ILE C 374 -11.14 42.05 34.86
C ILE C 374 -12.58 41.61 34.56
N ILE C 375 -13.43 41.44 35.58
CA ILE C 375 -14.84 41.17 35.33
C ILE C 375 -15.52 42.40 34.74
N LYS C 376 -15.17 43.59 35.23
CA LYS C 376 -15.71 44.84 34.67
C LYS C 376 -15.24 45.06 33.24
N ILE C 377 -13.98 44.73 32.95
CA ILE C 377 -13.45 44.90 31.59
C ILE C 377 -14.11 43.91 30.62
N ARG C 378 -14.30 42.66 31.05
CA ARG C 378 -14.99 41.67 30.21
C ARG C 378 -16.44 42.05 29.97
N ALA C 379 -17.13 42.57 30.99
CA ALA C 379 -18.52 42.96 30.84
C ALA C 379 -18.67 44.18 29.94
N GLN C 380 -17.80 45.18 30.12
CA GLN C 380 -17.82 46.37 29.27
C GLN C 380 -17.41 46.02 27.84
N THR C 381 -16.58 45.00 27.66
CA THR C 381 -16.18 44.57 26.33
C THR C 381 -17.33 43.89 25.60
N GLU C 382 -17.95 42.88 26.24
CA GLU C 382 -18.97 42.09 25.54
C GLU C 382 -20.24 42.87 25.19
N GLY C 383 -21.11 43.15 26.18
CA GLY C 383 -22.23 44.02 25.91
C GLY C 383 -22.88 44.75 27.06
N ILE C 384 -22.34 44.62 28.28
CA ILE C 384 -23.13 44.81 29.49
C ILE C 384 -22.52 45.92 30.33
N ASN C 385 -23.36 46.87 30.77
CA ASN C 385 -22.99 47.87 31.77
C ASN C 385 -23.63 47.49 33.09
N ILE C 386 -22.80 47.39 34.14
CA ILE C 386 -23.22 46.85 35.43
C ILE C 386 -23.06 47.94 36.49
N SER C 387 -24.06 48.08 37.36
CA SER C 387 -23.98 49.00 38.50
C SER C 387 -23.06 48.42 39.57
N GLU C 388 -22.83 49.21 40.63
CA GLU C 388 -21.77 48.91 41.60
C GLU C 388 -22.14 47.74 42.51
N GLU C 389 -23.42 47.60 42.85
CA GLU C 389 -23.83 46.55 43.80
C GLU C 389 -23.72 45.17 43.16
N ALA C 390 -24.11 45.03 41.90
CA ALA C 390 -23.97 43.74 41.23
C ALA C 390 -22.50 43.43 40.91
N LEU C 391 -21.67 44.46 40.69
CA LEU C 391 -20.23 44.23 40.59
C LEU C 391 -19.64 43.74 41.90
N ASN C 392 -20.12 44.28 43.03
CA ASN C 392 -19.68 43.80 44.33
C ASN C 392 -20.13 42.36 44.57
N HIS C 393 -21.35 42.02 44.12
CA HIS C 393 -21.84 40.64 44.26
C HIS C 393 -21.04 39.68 43.39
N LEU C 394 -20.68 40.11 42.17
CA LEU C 394 -19.83 39.29 41.30
C LEU C 394 -18.44 39.11 41.88
N GLY C 395 -17.88 40.17 42.48
CA GLY C 395 -16.58 40.06 43.12
C GLY C 395 -16.59 39.15 44.33
N GLU C 396 -17.66 39.19 45.12
CA GLU C 396 -17.78 38.29 46.27
C GLU C 396 -17.95 36.84 45.83
N ILE C 397 -18.81 36.60 44.83
CA ILE C 397 -19.05 35.22 44.40
C ILE C 397 -17.86 34.68 43.60
N GLY C 398 -17.00 35.55 43.06
CA GLY C 398 -15.76 35.08 42.49
C GLY C 398 -14.67 34.85 43.52
N THR C 399 -14.69 35.62 44.61
CA THR C 399 -13.75 35.39 45.71
C THR C 399 -14.09 34.10 46.44
N LYS C 400 -15.37 33.77 46.57
CA LYS C 400 -15.77 32.58 47.33
C LYS C 400 -15.45 31.30 46.58
N THR C 401 -16.07 31.08 45.41
CA THR C 401 -16.04 29.77 44.78
C THR C 401 -15.26 29.74 43.46
N THR C 402 -15.66 30.52 42.46
CA THR C 402 -15.14 30.33 41.11
C THR C 402 -15.18 31.64 40.34
N LEU C 403 -14.05 31.99 39.71
CA LEU C 403 -14.02 33.16 38.82
C LEU C 403 -14.86 32.94 37.56
N ARG C 404 -14.79 31.73 36.98
CA ARG C 404 -15.54 31.45 35.77
C ARG C 404 -17.04 31.38 36.02
N TYR C 405 -17.46 31.13 37.26
CA TYR C 405 -18.87 31.30 37.61
C TYR C 405 -19.27 32.77 37.53
N SER C 406 -18.40 33.68 37.96
CA SER C 406 -18.66 35.11 37.81
C SER C 406 -18.61 35.53 36.35
N VAL C 407 -17.84 34.82 35.53
CA VAL C 407 -17.88 35.06 34.08
C VAL C 407 -19.21 34.63 33.51
N GLN C 408 -19.71 33.46 33.92
CA GLN C 408 -20.95 32.90 33.39
C GLN C 408 -22.20 33.54 33.97
N LEU C 409 -22.10 34.33 35.03
CA LEU C 409 -23.26 35.05 35.55
C LEU C 409 -23.59 36.33 34.76
N LEU C 410 -22.89 36.60 33.66
CA LEU C 410 -23.12 37.86 32.95
C LEU C 410 -24.32 37.78 32.02
N THR C 411 -24.39 36.75 31.19
CA THR C 411 -25.39 36.66 30.14
C THR C 411 -26.79 36.24 30.62
N PRO C 412 -26.98 35.27 31.54
CA PRO C 412 -28.35 35.06 32.06
C PRO C 412 -28.88 36.23 32.88
N ALA C 413 -28.03 37.00 33.54
CA ALA C 413 -28.49 38.20 34.23
C ALA C 413 -28.94 39.26 33.23
N ASN C 414 -28.23 39.37 32.10
CA ASN C 414 -28.65 40.28 31.02
C ASN C 414 -29.96 39.80 30.40
N LEU C 415 -30.15 38.48 30.28
CA LEU C 415 -31.40 37.95 29.75
C LEU C 415 -32.56 38.20 30.71
N LEU C 416 -32.31 38.08 32.01
CA LEU C 416 -33.33 38.39 33.01
C LEU C 416 -33.67 39.88 33.01
N ALA C 417 -32.67 40.74 32.79
CA ALA C 417 -32.92 42.17 32.67
C ALA C 417 -33.70 42.51 31.41
N LYS C 418 -33.48 41.75 30.32
CA LYS C 418 -34.25 41.97 29.10
C LYS C 418 -35.68 41.46 29.25
N ILE C 419 -35.89 40.39 30.02
CA ILE C 419 -37.24 39.90 30.26
C ILE C 419 -38.00 40.88 31.17
N ASN C 420 -37.39 41.29 32.28
CA ASN C 420 -38.04 42.23 33.18
C ASN C 420 -38.08 43.65 32.63
N GLY C 421 -37.28 43.95 31.61
CA GLY C 421 -37.31 45.25 30.97
C GLY C 421 -36.30 46.24 31.49
N LYS C 422 -35.44 45.85 32.42
CA LYS C 422 -34.44 46.76 32.98
C LYS C 422 -33.28 46.93 32.00
N ASP C 423 -32.83 48.17 31.84
CA ASP C 423 -31.71 48.45 30.96
C ASP C 423 -30.38 48.04 31.57
N SER C 424 -30.30 47.95 32.90
CA SER C 424 -29.10 47.52 33.60
C SER C 424 -29.43 46.32 34.46
N ILE C 425 -28.45 45.86 35.24
CA ILE C 425 -28.60 44.69 36.10
C ILE C 425 -28.38 45.12 37.54
N GLU C 426 -29.37 44.87 38.39
CA GLU C 426 -29.31 45.25 39.80
C GLU C 426 -28.82 44.07 40.63
N LYS C 427 -28.91 44.22 41.96
CA LYS C 427 -28.46 43.16 42.86
C LYS C 427 -29.46 42.01 42.89
N GLU C 428 -30.75 42.30 42.71
CA GLU C 428 -31.79 41.27 42.78
C GLU C 428 -31.70 40.31 41.59
N HIS C 429 -31.30 40.80 40.42
CA HIS C 429 -31.19 39.94 39.24
C HIS C 429 -30.08 38.91 39.40
N VAL C 430 -28.87 39.35 39.77
CA VAL C 430 -27.77 38.42 39.98
C VAL C 430 -28.01 37.56 41.22
N GLU C 431 -28.78 38.07 42.19
CA GLU C 431 -29.16 37.25 43.35
C GLU C 431 -30.07 36.10 42.95
N GLU C 432 -31.06 36.38 42.09
CA GLU C 432 -31.95 35.31 41.63
C GLU C 432 -31.24 34.33 40.71
N ILE C 433 -30.30 34.82 39.88
CA ILE C 433 -29.56 33.93 39.00
C ILE C 433 -28.60 33.05 39.80
N SER C 434 -27.97 33.61 40.84
CA SER C 434 -27.13 32.82 41.73
C SER C 434 -27.96 31.87 42.61
N GLU C 435 -29.23 32.19 42.83
CA GLU C 435 -30.11 31.25 43.52
C GLU C 435 -30.51 30.10 42.61
N LEU C 436 -30.71 30.37 41.32
CA LEU C 436 -31.07 29.31 40.38
C LEU C 436 -29.89 28.39 40.08
N PHE C 437 -28.80 28.95 39.57
CA PHE C 437 -27.66 28.14 39.19
C PHE C 437 -26.80 27.82 40.42
N TYR C 438 -26.09 26.69 40.35
CA TYR C 438 -25.30 26.18 41.46
C TYR C 438 -23.82 26.29 41.14
N ASP C 439 -23.00 26.07 42.17
CA ASP C 439 -21.56 26.13 42.05
C ASP C 439 -20.98 24.71 42.01
N ALA C 440 -19.65 24.63 42.03
CA ALA C 440 -18.96 23.35 42.13
C ALA C 440 -18.74 22.95 43.58
N LYS C 441 -18.29 23.88 44.42
CA LYS C 441 -18.16 23.61 45.84
C LYS C 441 -19.52 23.43 46.50
N SER C 442 -20.53 24.17 46.04
CA SER C 442 -21.89 24.00 46.57
C SER C 442 -22.47 22.66 46.16
N SER C 443 -22.11 22.17 44.97
CA SER C 443 -22.52 20.82 44.58
C SER C 443 -21.74 19.76 45.33
N ALA C 444 -20.50 20.06 45.73
CA ALA C 444 -19.72 19.13 46.53
C ALA C 444 -20.23 19.06 47.95
N LYS C 445 -20.82 20.15 48.46
CA LYS C 445 -21.39 20.13 49.81
C LYS C 445 -22.70 19.35 49.84
N ILE C 446 -23.44 19.32 48.74
CA ILE C 446 -24.68 18.57 48.68
C ILE C 446 -24.39 17.09 48.46
N ARG D 18 -46.19 7.11 8.78
CA ARG D 18 -46.59 7.97 9.89
C ARG D 18 -46.86 7.15 11.15
N ILE D 19 -46.88 5.82 10.99
CA ILE D 19 -47.16 4.93 12.11
C ILE D 19 -45.87 4.74 12.92
N GLU D 20 -45.70 5.56 13.95
CA GLU D 20 -44.56 5.48 14.85
C GLU D 20 -45.11 5.47 16.28
N ARG D 21 -44.72 4.47 17.07
CA ARG D 21 -45.22 4.33 18.43
C ARG D 21 -44.63 5.40 19.33
N ILE D 22 -45.46 5.92 20.24
CA ILE D 22 -45.03 6.95 21.16
C ILE D 22 -44.17 6.31 22.25
N GLY D 23 -42.92 6.77 22.37
CA GLY D 23 -42.01 6.24 23.36
C GLY D 23 -42.23 6.83 24.73
N ALA D 24 -41.25 6.61 25.60
CA ALA D 24 -41.32 7.11 26.97
C ALA D 24 -41.06 8.61 27.06
N HIS D 25 -40.41 9.19 26.06
CA HIS D 25 -40.09 10.61 26.07
C HIS D 25 -40.84 11.39 25.01
N SER D 26 -41.67 10.74 24.19
CA SER D 26 -42.46 11.42 23.18
C SER D 26 -43.88 11.74 23.66
N HIS D 27 -44.12 11.68 24.97
CA HIS D 27 -45.45 11.95 25.51
C HIS D 27 -45.70 13.44 25.76
N ILE D 28 -44.67 14.28 25.64
CA ILE D 28 -44.81 15.71 25.83
C ILE D 28 -44.61 16.41 24.48
N ARG D 29 -45.14 17.63 24.40
CA ARG D 29 -45.04 18.46 23.19
C ARG D 29 -44.51 19.83 23.61
N GLY D 30 -43.20 19.97 23.64
CA GLY D 30 -42.58 21.25 23.94
C GLY D 30 -42.27 21.42 25.42
N LEU D 31 -42.17 22.69 25.80
CA LEU D 31 -41.85 23.08 27.17
C LEU D 31 -42.73 24.26 27.56
N GLY D 32 -43.08 24.32 28.84
CA GLY D 32 -43.96 25.36 29.33
C GLY D 32 -43.25 26.71 29.38
N LEU D 33 -43.71 27.66 28.56
CA LEU D 33 -43.05 28.94 28.43
C LEU D 33 -44.09 30.04 28.39
N ASP D 34 -43.79 31.16 29.06
CA ASP D 34 -44.69 32.31 29.10
C ASP D 34 -43.97 33.58 28.67
N ASP D 35 -44.63 34.73 28.82
CA ASP D 35 -43.99 35.99 28.43
C ASP D 35 -42.90 36.41 29.41
N ALA D 36 -43.08 36.10 30.70
CA ALA D 36 -42.08 36.39 31.72
C ALA D 36 -41.16 35.21 32.01
N LEU D 37 -41.30 34.11 31.25
CA LEU D 37 -40.53 32.87 31.38
C LEU D 37 -40.68 32.29 32.80
N GLU D 38 -41.91 31.90 33.09
CA GLU D 38 -42.26 31.30 34.37
C GLU D 38 -42.70 29.86 34.16
N PRO D 39 -42.12 28.91 34.91
CA PRO D 39 -42.52 27.50 34.73
C PRO D 39 -43.89 27.23 35.33
N ARG D 40 -44.71 26.49 34.57
CA ARG D 40 -46.04 26.12 34.99
C ARG D 40 -46.09 24.63 35.33
N GLN D 41 -47.23 24.20 35.87
CA GLN D 41 -47.42 22.84 36.33
C GLN D 41 -48.17 21.97 35.32
N ALA D 42 -49.26 22.48 34.77
CA ALA D 42 -50.11 21.74 33.83
C ALA D 42 -49.90 22.19 32.39
N SER D 43 -48.68 22.53 32.01
CA SER D 43 -48.38 23.06 30.69
C SER D 43 -47.61 22.03 29.88
N GLN D 44 -48.26 21.51 28.83
CA GLN D 44 -47.66 20.68 27.79
C GLN D 44 -47.06 19.37 28.33
N GLY D 45 -47.68 18.81 29.37
CA GLY D 45 -47.32 17.49 29.85
C GLY D 45 -46.14 17.41 30.77
N MET D 46 -45.51 18.54 31.11
CA MET D 46 -44.37 18.57 32.01
C MET D 46 -44.83 19.15 33.35
N VAL D 47 -44.62 18.38 34.42
CA VAL D 47 -45.17 18.68 35.74
C VAL D 47 -44.04 18.88 36.73
N GLY D 48 -44.06 20.02 37.43
CA GLY D 48 -43.10 20.27 38.48
C GLY D 48 -41.73 20.66 37.95
N GLN D 49 -40.72 20.45 38.80
CA GLN D 49 -39.30 20.69 38.50
C GLN D 49 -39.06 22.16 38.12
N LEU D 50 -39.23 23.03 39.12
CA LEU D 50 -39.29 24.47 38.88
C LEU D 50 -37.94 25.03 38.45
N ALA D 51 -36.90 24.78 39.24
CA ALA D 51 -35.62 25.47 39.03
C ALA D 51 -34.88 24.93 37.82
N ALA D 52 -34.94 23.62 37.59
CA ALA D 52 -34.24 23.03 36.46
C ALA D 52 -34.89 23.42 35.13
N ARG D 53 -36.23 23.44 35.09
CA ARG D 53 -36.91 23.93 33.90
C ARG D 53 -36.78 25.45 33.75
N ARG D 54 -36.57 26.16 34.85
CA ARG D 54 -36.32 27.60 34.78
C ARG D 54 -34.96 27.88 34.11
N ALA D 55 -33.92 27.16 34.54
CA ALA D 55 -32.61 27.28 33.90
C ALA D 55 -32.64 26.74 32.48
N ALA D 56 -33.46 25.71 32.22
CA ALA D 56 -33.62 25.20 30.85
C ALA D 56 -34.30 26.22 29.96
N GLY D 57 -35.26 26.97 30.49
CA GLY D 57 -35.87 28.04 29.72
C GLY D 57 -34.92 29.20 29.48
N VAL D 58 -34.05 29.49 30.46
CA VAL D 58 -33.02 30.52 30.28
C VAL D 58 -32.07 30.14 29.15
N VAL D 59 -31.53 28.92 29.20
CA VAL D 59 -30.59 28.52 28.16
C VAL D 59 -31.30 28.26 26.82
N LEU D 60 -32.60 27.94 26.83
CA LEU D 60 -33.34 27.77 25.59
C LEU D 60 -33.57 29.11 24.90
N GLU D 61 -33.91 30.16 25.69
CA GLU D 61 -34.00 31.49 25.12
C GLU D 61 -32.63 32.00 24.69
N MET D 62 -31.56 31.59 25.37
CA MET D 62 -30.22 31.96 24.97
C MET D 62 -29.82 31.30 23.64
N ILE D 63 -30.27 30.07 23.42
CA ILE D 63 -30.02 29.40 22.14
C ILE D 63 -30.85 30.03 21.03
N ARG D 64 -32.15 30.19 21.26
CA ARG D 64 -33.06 30.69 20.23
C ARG D 64 -32.88 32.18 19.95
N GLU D 65 -32.19 32.91 20.83
CA GLU D 65 -31.91 34.32 20.55
C GLU D 65 -30.87 34.46 19.44
N GLY D 66 -29.92 33.51 19.37
CA GLY D 66 -28.84 33.61 18.41
C GLY D 66 -27.75 34.56 18.82
N LYS D 67 -27.33 34.50 20.09
CA LYS D 67 -26.36 35.45 20.63
C LYS D 67 -25.02 34.79 20.92
N ILE D 68 -24.98 33.76 21.77
CA ILE D 68 -23.77 33.04 22.11
C ILE D 68 -24.05 31.55 22.09
N ALA D 69 -22.98 30.76 22.04
CA ALA D 69 -23.07 29.31 22.09
C ALA D 69 -21.75 28.76 22.60
N GLY D 70 -21.81 27.73 23.44
CA GLY D 70 -20.60 27.11 23.94
C GLY D 70 -20.47 27.08 25.46
N ARG D 71 -21.58 27.12 26.18
CA ARG D 71 -21.58 27.01 27.63
C ARG D 71 -22.00 25.60 28.03
N ALA D 72 -21.22 24.99 28.91
CA ALA D 72 -21.44 23.60 29.31
C ALA D 72 -22.34 23.52 30.52
N VAL D 73 -23.52 22.93 30.33
CA VAL D 73 -24.53 22.80 31.37
C VAL D 73 -24.72 21.32 31.68
N LEU D 74 -24.63 20.96 32.95
CA LEU D 74 -24.79 19.59 33.41
C LEU D 74 -26.08 19.48 34.21
N ILE D 75 -26.74 18.33 34.10
CA ILE D 75 -27.99 18.05 34.79
C ILE D 75 -27.74 16.87 35.71
N ALA D 76 -27.82 17.09 37.01
CA ALA D 76 -27.58 16.06 38.01
C ALA D 76 -28.81 15.86 38.89
N GLY D 77 -28.78 14.80 39.68
CA GLY D 77 -29.87 14.50 40.58
C GLY D 77 -29.98 13.01 40.82
N GLN D 78 -31.10 12.63 41.45
CA GLN D 78 -31.35 11.23 41.74
C GLN D 78 -31.73 10.48 40.47
N PRO D 79 -31.48 9.17 40.41
CA PRO D 79 -31.91 8.37 39.25
C PRO D 79 -33.44 8.25 39.22
N GLY D 80 -34.04 8.81 38.18
CA GLY D 80 -35.47 8.78 38.01
C GLY D 80 -36.19 10.10 38.19
N THR D 81 -35.50 11.23 38.11
CA THR D 81 -36.10 12.54 38.27
C THR D 81 -36.43 13.21 36.95
N GLY D 82 -36.13 12.57 35.82
CA GLY D 82 -36.44 13.14 34.53
C GLY D 82 -35.33 13.97 33.94
N LYS D 83 -34.09 13.47 34.02
CA LYS D 83 -32.95 14.17 33.44
C LYS D 83 -32.90 14.05 31.91
N THR D 84 -33.59 13.06 31.35
CA THR D 84 -33.59 12.85 29.91
C THR D 84 -34.80 13.51 29.23
N ALA D 85 -35.94 13.51 29.91
CA ALA D 85 -37.17 14.06 29.32
C ALA D 85 -37.11 15.58 29.21
N ILE D 86 -36.32 16.25 30.04
CA ILE D 86 -36.17 17.69 29.94
C ILE D 86 -35.38 18.05 28.67
N ALA D 87 -34.46 17.19 28.25
CA ALA D 87 -33.73 17.41 27.01
C ALA D 87 -34.64 17.25 25.79
N MET D 88 -35.55 16.27 25.84
CA MET D 88 -36.53 16.10 24.77
C MET D 88 -37.53 17.24 24.76
N GLY D 89 -37.89 17.78 25.93
CA GLY D 89 -38.76 18.94 25.98
C GLY D 89 -38.10 20.20 25.47
N MET D 90 -36.79 20.33 25.67
CA MET D 90 -36.05 21.44 25.07
C MET D 90 -35.91 21.25 23.56
N ALA D 91 -35.73 20.01 23.11
CA ALA D 91 -35.54 19.76 21.69
C ALA D 91 -36.84 19.90 20.90
N GLN D 92 -37.98 19.58 21.52
CA GLN D 92 -39.25 19.75 20.82
C GLN D 92 -39.65 21.22 20.75
N ALA D 93 -39.36 21.98 21.80
CA ALA D 93 -39.62 23.41 21.84
C ALA D 93 -38.47 24.23 21.25
N LEU D 94 -37.50 23.59 20.62
CA LEU D 94 -36.36 24.31 20.04
C LEU D 94 -36.77 25.00 18.74
N GLY D 95 -37.65 24.39 17.96
CA GLY D 95 -38.12 24.98 16.73
C GLY D 95 -37.63 24.21 15.51
N PRO D 96 -38.35 24.33 14.41
CA PRO D 96 -37.91 23.68 13.16
C PRO D 96 -36.68 24.34 12.58
N ASP D 97 -36.04 23.61 11.65
CA ASP D 97 -34.83 24.03 10.92
C ASP D 97 -33.69 24.37 11.88
N THR D 98 -33.55 23.58 12.95
CA THR D 98 -32.49 23.77 13.93
C THR D 98 -32.02 22.37 14.33
N PRO D 99 -30.72 22.07 14.20
CA PRO D 99 -30.26 20.70 14.46
C PRO D 99 -30.20 20.37 15.94
N PHE D 100 -30.54 19.12 16.26
CA PHE D 100 -30.44 18.55 17.59
C PHE D 100 -29.80 17.18 17.48
N THR D 101 -28.78 16.91 18.28
CA THR D 101 -28.04 15.67 18.18
C THR D 101 -27.78 15.12 19.58
N ALA D 102 -28.22 13.89 19.83
CA ALA D 102 -28.07 13.24 21.14
C ALA D 102 -27.09 12.08 20.99
N ILE D 103 -25.92 12.21 21.63
CA ILE D 103 -24.85 11.24 21.56
C ILE D 103 -24.47 10.84 22.99
N ALA D 104 -24.27 9.54 23.21
CA ALA D 104 -23.82 9.06 24.50
C ALA D 104 -22.29 9.10 24.58
N GLY D 105 -21.75 8.58 25.68
CA GLY D 105 -20.32 8.38 25.75
C GLY D 105 -19.87 7.15 24.99
N SER D 106 -20.71 6.12 24.95
CA SER D 106 -20.35 4.82 24.38
C SER D 106 -20.32 4.80 22.85
N GLU D 107 -20.86 5.82 22.19
CA GLU D 107 -20.87 5.81 20.73
C GLU D 107 -19.50 6.12 20.15
N ILE D 108 -18.72 6.97 20.81
CA ILE D 108 -17.42 7.39 20.27
C ILE D 108 -16.30 6.41 20.60
N PHE D 109 -16.57 5.36 21.38
CA PHE D 109 -15.59 4.30 21.60
C PHE D 109 -15.55 3.42 20.35
N SER D 110 -14.73 3.82 19.39
CA SER D 110 -14.58 3.12 18.13
C SER D 110 -13.15 2.64 17.95
N LEU D 111 -13.00 1.51 17.27
CA LEU D 111 -11.68 0.97 16.96
C LEU D 111 -11.17 1.41 15.58
N GLU D 112 -12.03 2.00 14.75
CA GLU D 112 -11.64 2.48 13.45
C GLU D 112 -11.19 3.94 13.47
N MET D 113 -11.80 4.75 14.34
CA MET D 113 -11.47 6.16 14.47
C MET D 113 -11.13 6.47 15.92
N SER D 114 -10.60 7.66 16.15
CA SER D 114 -10.19 8.08 17.48
C SER D 114 -11.34 8.78 18.20
N LYS D 115 -11.11 9.12 19.47
CA LYS D 115 -12.14 9.76 20.29
C LYS D 115 -12.25 11.25 19.98
N THR D 116 -11.09 11.92 19.78
CA THR D 116 -11.09 13.34 19.51
C THR D 116 -11.66 13.66 18.12
N GLU D 117 -11.42 12.77 17.15
CA GLU D 117 -12.00 12.96 15.82
C GLU D 117 -13.51 12.82 15.84
N ALA D 118 -14.02 11.86 16.61
CA ALA D 118 -15.46 11.71 16.79
C ALA D 118 -16.07 12.88 17.54
N LEU D 119 -15.33 13.45 18.50
CA LEU D 119 -15.84 14.61 19.20
C LEU D 119 -15.84 15.86 18.32
N THR D 120 -14.87 15.99 17.42
CA THR D 120 -14.92 17.07 16.44
C THR D 120 -16.03 16.88 15.42
N GLN D 121 -16.34 15.62 15.07
CA GLN D 121 -17.52 15.35 14.24
C GLN D 121 -18.81 15.74 14.96
N ALA D 122 -18.89 15.45 16.26
CA ALA D 122 -20.05 15.84 17.05
C ALA D 122 -20.16 17.36 17.20
N PHE D 123 -19.03 18.06 17.25
CA PHE D 123 -19.05 19.52 17.34
C PHE D 123 -19.42 20.17 16.01
N ARG D 124 -18.84 19.69 14.91
CA ARG D 124 -19.09 20.27 13.60
C ARG D 124 -20.39 19.78 12.96
N ARG D 125 -21.05 18.77 13.54
CA ARG D 125 -22.33 18.31 13.02
C ARG D 125 -23.47 19.26 13.42
N SER D 126 -23.38 19.87 14.60
CA SER D 126 -24.45 20.68 15.15
C SER D 126 -24.29 22.17 14.84
N ILE D 127 -23.70 22.51 13.70
CA ILE D 127 -23.59 23.89 13.24
C ILE D 127 -24.22 23.96 11.85
N GLY D 128 -25.38 24.58 11.76
CA GLY D 128 -26.12 24.66 10.50
C GLY D 128 -25.78 25.92 9.74
N VAL D 129 -25.75 25.81 8.42
CA VAL D 129 -25.46 26.94 7.54
C VAL D 129 -26.65 27.13 6.61
N ARG D 130 -27.27 28.31 6.66
CA ARG D 130 -28.36 28.65 5.77
C ARG D 130 -27.79 29.42 4.58
N ILE D 131 -28.00 28.88 3.38
CA ILE D 131 -27.50 29.45 2.14
C ILE D 131 -28.70 29.83 1.29
N LYS D 132 -28.73 31.07 0.82
CA LYS D 132 -29.80 31.54 -0.04
C LYS D 132 -29.42 31.38 -1.51
N GLU D 133 -30.40 31.01 -2.33
CA GLU D 133 -30.21 30.85 -3.76
C GLU D 133 -31.43 31.40 -4.48
N GLU D 134 -31.22 31.86 -5.71
CA GLU D 134 -32.30 32.36 -6.56
C GLU D 134 -32.36 31.55 -7.85
N THR D 135 -33.58 31.18 -8.24
CA THR D 135 -33.85 30.48 -9.49
C THR D 135 -35.07 31.10 -10.15
N GLU D 136 -35.53 30.47 -11.23
CA GLU D 136 -36.81 30.80 -11.85
C GLU D 136 -37.53 29.50 -12.19
N ILE D 137 -38.83 29.45 -11.87
CA ILE D 137 -39.66 28.28 -12.11
C ILE D 137 -40.94 28.74 -12.78
N ILE D 138 -41.17 28.27 -14.01
CA ILE D 138 -42.34 28.64 -14.80
C ILE D 138 -43.27 27.43 -14.83
N GLU D 139 -44.51 27.63 -14.38
CA GLU D 139 -45.51 26.57 -14.31
C GLU D 139 -46.64 26.86 -15.29
N GLY D 140 -46.99 25.87 -16.11
CA GLY D 140 -48.06 26.04 -17.08
C GLY D 140 -48.21 24.78 -17.91
N GLU D 141 -49.19 24.82 -18.79
CA GLU D 141 -49.48 23.69 -19.67
C GLU D 141 -48.50 23.67 -20.84
N VAL D 142 -47.91 22.51 -21.09
CA VAL D 142 -46.89 22.36 -22.13
C VAL D 142 -47.54 21.72 -23.36
N VAL D 143 -47.40 22.38 -24.50
CA VAL D 143 -47.80 21.83 -25.79
C VAL D 143 -46.56 21.70 -26.65
N GLU D 144 -46.17 20.48 -26.97
CA GLU D 144 -44.96 20.23 -27.74
C GLU D 144 -45.28 20.14 -29.23
N ILE D 145 -44.46 20.80 -30.04
CA ILE D 145 -44.59 20.78 -31.50
C ILE D 145 -43.31 20.23 -32.07
N GLN D 146 -43.40 19.09 -32.76
CA GLN D 146 -42.24 18.46 -33.36
C GLN D 146 -41.83 19.17 -34.64
N GLY D 159 -37.94 19.89 -31.28
CA GLY D 159 -39.04 20.78 -31.62
C GLY D 159 -39.11 21.99 -30.71
N LYS D 160 -40.31 22.56 -30.60
CA LYS D 160 -40.56 23.74 -29.78
C LYS D 160 -41.66 23.45 -28.77
N LEU D 161 -41.84 24.36 -27.82
CA LEU D 161 -42.85 24.23 -26.79
C LEU D 161 -43.71 25.49 -26.73
N THR D 162 -44.93 25.30 -26.24
CA THR D 162 -45.88 26.38 -26.02
C THR D 162 -46.38 26.28 -24.59
N LEU D 163 -46.13 27.32 -23.79
CA LEU D 163 -46.59 27.37 -22.41
C LEU D 163 -47.90 28.15 -22.36
N LYS D 164 -48.97 27.46 -21.98
CA LYS D 164 -50.29 28.06 -21.74
C LYS D 164 -50.42 28.26 -20.24
N THR D 165 -50.35 29.51 -19.80
CA THR D 165 -50.41 29.83 -18.39
C THR D 165 -51.61 30.74 -18.14
N THR D 166 -51.78 31.11 -16.87
CA THR D 166 -52.84 32.07 -16.52
C THR D 166 -52.45 33.47 -17.00
N GLU D 167 -51.16 33.81 -16.91
CA GLU D 167 -50.71 35.15 -17.30
C GLU D 167 -50.72 35.32 -18.81
N MET D 168 -49.92 34.54 -19.52
CA MET D 168 -49.79 34.65 -20.97
C MET D 168 -49.74 33.26 -21.57
N GLU D 169 -49.89 33.20 -22.89
CA GLU D 169 -49.76 31.97 -23.67
C GLU D 169 -48.65 32.21 -24.68
N THR D 170 -47.45 31.70 -24.38
CA THR D 170 -46.24 32.06 -25.12
C THR D 170 -45.57 30.84 -25.73
N ILE D 171 -45.08 31.00 -26.96
CA ILE D 171 -44.37 29.95 -27.68
C ILE D 171 -42.87 30.23 -27.57
N TYR D 172 -42.11 29.26 -27.09
CA TYR D 172 -40.67 29.41 -26.93
C TYR D 172 -39.91 28.59 -27.97
N ASP D 173 -38.74 29.11 -28.36
CA ASP D 173 -37.84 28.43 -29.28
C ASP D 173 -36.71 27.81 -28.48
N LEU D 174 -36.53 26.50 -28.65
CA LEU D 174 -35.52 25.78 -27.88
C LEU D 174 -34.16 25.85 -28.57
N GLY D 175 -33.11 25.66 -27.78
CA GLY D 175 -31.76 25.70 -28.28
C GLY D 175 -31.19 24.33 -28.60
N THR D 176 -30.15 23.93 -27.87
CA THR D 176 -29.49 22.65 -28.09
C THR D 176 -29.62 21.70 -26.91
N LYS D 177 -29.29 22.15 -25.71
CA LYS D 177 -29.33 21.28 -24.53
C LYS D 177 -30.73 21.04 -24.01
N MET D 178 -31.68 21.92 -24.33
CA MET D 178 -33.06 21.72 -23.85
C MET D 178 -33.73 20.57 -24.60
N ILE D 179 -33.49 20.47 -25.91
CA ILE D 179 -34.03 19.37 -26.70
C ILE D 179 -33.40 18.05 -26.26
N GLU D 180 -32.11 18.07 -25.93
CA GLU D 180 -31.44 16.88 -25.42
C GLU D 180 -31.99 16.47 -24.06
N SER D 181 -32.25 17.44 -23.18
CA SER D 181 -32.82 17.13 -21.88
C SER D 181 -34.26 16.64 -21.98
N LEU D 182 -34.98 17.07 -23.02
CA LEU D 182 -36.33 16.52 -23.24
C LEU D 182 -36.30 15.13 -23.88
N THR D 183 -35.25 14.82 -24.64
CA THR D 183 -35.18 13.49 -25.27
C THR D 183 -34.51 12.44 -24.41
N LYS D 184 -33.74 12.83 -23.39
CA LYS D 184 -33.19 11.81 -22.49
C LYS D 184 -34.26 11.23 -21.57
N ASP D 185 -35.32 11.98 -21.29
CA ASP D 185 -36.41 11.52 -20.43
C ASP D 185 -37.64 11.24 -21.27
N LYS D 186 -38.48 10.33 -20.78
CA LYS D 186 -39.75 10.01 -21.43
C LYS D 186 -40.76 11.08 -21.06
N VAL D 187 -40.67 12.21 -21.74
CA VAL D 187 -41.46 13.39 -21.41
C VAL D 187 -42.83 13.27 -22.07
N GLN D 188 -43.88 13.37 -21.26
CA GLN D 188 -45.26 13.37 -21.74
C GLN D 188 -45.77 14.81 -21.80
N ALA D 189 -46.45 15.12 -22.90
CA ALA D 189 -46.98 16.45 -23.15
C ALA D 189 -48.19 16.71 -22.26
N GLY D 190 -48.30 17.95 -21.79
CA GLY D 190 -49.37 18.36 -20.91
C GLY D 190 -48.98 18.47 -19.45
N ASP D 191 -47.92 17.79 -19.03
CA ASP D 191 -47.47 17.86 -17.65
C ASP D 191 -46.69 19.15 -17.39
N VAL D 192 -46.45 19.42 -16.12
CA VAL D 192 -45.73 20.62 -15.72
C VAL D 192 -44.24 20.40 -15.93
N ILE D 193 -43.63 21.26 -16.75
CA ILE D 193 -42.20 21.20 -17.03
C ILE D 193 -41.58 22.52 -16.56
N THR D 194 -40.66 22.43 -15.61
CA THR D 194 -40.03 23.60 -15.02
C THR D 194 -38.69 23.87 -15.70
N ILE D 195 -38.49 25.09 -16.16
CA ILE D 195 -37.24 25.52 -16.77
C ILE D 195 -36.51 26.42 -15.78
N ASP D 196 -35.36 25.95 -15.29
CA ASP D 196 -34.58 26.67 -14.31
C ASP D 196 -33.44 27.43 -14.99
N LYS D 197 -32.63 28.11 -14.17
CA LYS D 197 -31.45 28.79 -14.71
C LYS D 197 -30.36 27.79 -15.07
N ALA D 198 -30.19 26.75 -14.26
CA ALA D 198 -29.24 25.68 -14.54
C ALA D 198 -29.85 24.56 -15.38
N THR D 199 -31.09 24.74 -15.86
CA THR D 199 -31.83 23.80 -16.69
C THR D 199 -31.95 22.41 -16.02
N GLY D 200 -32.61 22.40 -14.87
CA GLY D 200 -32.88 21.18 -14.16
C GLY D 200 -34.36 20.84 -14.13
N LYS D 201 -34.74 19.71 -14.72
CA LYS D 201 -36.14 19.34 -14.80
C LYS D 201 -36.66 18.83 -13.46
N ILE D 202 -37.94 19.09 -13.21
CA ILE D 202 -38.62 18.65 -11.99
C ILE D 202 -39.88 17.91 -12.42
N SER D 203 -39.96 16.63 -12.09
CA SER D 203 -41.11 15.79 -12.43
C SER D 203 -41.83 15.42 -11.13
N LYS D 204 -42.75 16.29 -10.72
CA LYS D 204 -43.53 16.10 -9.51
C LYS D 204 -45.00 16.07 -9.87
N LEU D 205 -45.65 14.94 -9.59
CA LEU D 205 -47.09 14.69 -9.84
C LEU D 205 -47.43 14.89 -11.32
N GLY D 206 -46.76 14.12 -12.17
CA GLY D 206 -46.99 14.19 -13.59
C GLY D 206 -47.72 12.98 -14.14
N ARG D 207 -47.80 11.93 -13.33
CA ARG D 207 -48.47 10.68 -13.71
C ARG D 207 -49.51 10.29 -12.66
N SER D 208 -50.31 11.28 -12.24
CA SER D 208 -51.34 11.05 -11.25
C SER D 208 -52.65 10.57 -11.85
N PHE D 209 -52.93 10.95 -13.10
CA PHE D 209 -54.17 10.52 -13.75
C PHE D 209 -54.04 9.10 -14.30
N THR D 210 -52.97 8.83 -15.04
CA THR D 210 -52.75 7.52 -15.62
C THR D 210 -51.86 6.66 -14.71
N LEU D 232 -43.42 35.54 -15.74
CA LEU D 232 -42.00 35.25 -15.87
C LEU D 232 -41.51 34.56 -14.60
N GLN D 233 -42.18 34.88 -13.49
CA GLN D 233 -41.94 34.32 -12.16
C GLN D 233 -40.49 34.60 -11.72
N LYS D 234 -40.19 35.87 -11.46
CA LYS D 234 -38.84 36.41 -11.26
C LYS D 234 -38.01 35.71 -10.18
N ARG D 235 -38.52 35.67 -8.93
CA ARG D 235 -37.67 35.28 -7.81
C ARG D 235 -38.38 34.21 -6.97
N LYS D 236 -37.77 33.04 -6.86
CA LYS D 236 -38.05 32.09 -5.79
C LYS D 236 -36.79 31.96 -4.94
N GLU D 237 -36.72 32.75 -3.87
CA GLU D 237 -35.59 32.70 -2.97
C GLU D 237 -35.69 31.47 -2.08
N VAL D 238 -34.73 30.56 -2.21
CA VAL D 238 -34.70 29.32 -1.47
C VAL D 238 -33.55 29.39 -0.47
N VAL D 239 -33.89 29.35 0.82
CA VAL D 239 -32.89 29.37 1.89
C VAL D 239 -32.78 27.93 2.39
N HIS D 240 -31.71 27.25 1.97
CA HIS D 240 -31.52 25.84 2.30
C HIS D 240 -30.53 25.69 3.45
N THR D 241 -30.83 24.76 4.35
CA THR D 241 -29.99 24.50 5.52
C THR D 241 -29.11 23.28 5.26
N VAL D 242 -27.80 23.45 5.45
CA VAL D 242 -26.85 22.36 5.31
C VAL D 242 -26.13 22.17 6.64
N SER D 243 -25.63 20.94 6.84
CA SER D 243 -24.80 20.61 7.98
C SER D 243 -23.33 20.57 7.57
N LEU D 244 -22.46 20.93 8.51
CA LEU D 244 -21.03 21.05 8.21
C LEU D 244 -20.33 19.71 8.44
N HIS D 245 -20.68 18.75 7.57
CA HIS D 245 -20.00 17.47 7.48
C HIS D 245 -19.20 17.35 6.19
N GLU D 246 -18.96 18.47 5.50
CA GLU D 246 -18.28 18.50 4.22
C GLU D 246 -16.78 18.70 4.34
N ILE D 247 -16.19 18.36 5.49
CA ILE D 247 -14.75 18.53 5.67
C ILE D 247 -13.99 17.47 4.89
N ASP D 248 -14.47 16.23 4.91
CA ASP D 248 -13.83 15.20 4.10
C ASP D 248 -14.19 15.37 2.62
N VAL D 249 -15.26 16.12 2.32
CA VAL D 249 -15.54 16.50 0.94
C VAL D 249 -14.46 17.45 0.43
N ILE D 250 -13.92 18.29 1.31
CA ILE D 250 -12.71 19.05 0.98
C ILE D 250 -11.51 18.12 0.88
N ASN D 251 -11.40 17.16 1.81
CA ASN D 251 -10.23 16.30 1.86
C ASN D 251 -10.27 15.26 0.74
N SER D 252 -11.29 14.39 0.75
CA SER D 252 -11.39 13.33 -0.23
C SER D 252 -12.08 13.86 -1.49
N ARG D 253 -12.42 12.96 -2.42
CA ARG D 253 -12.95 13.35 -3.72
C ARG D 253 -14.38 12.89 -3.95
N THR D 254 -14.77 11.73 -3.43
CA THR D 254 -16.12 11.23 -3.62
C THR D 254 -17.10 11.97 -2.71
N GLN D 255 -18.34 12.11 -3.19
CA GLN D 255 -19.38 12.82 -2.45
C GLN D 255 -20.64 12.00 -2.21
N GLY D 256 -20.82 10.89 -2.92
CA GLY D 256 -22.01 10.08 -2.74
C GLY D 256 -21.94 9.16 -1.55
N PHE D 257 -20.90 8.31 -1.51
CA PHE D 257 -20.71 7.41 -0.38
C PHE D 257 -20.16 8.12 0.85
N LEU D 258 -19.65 9.33 0.69
CA LEU D 258 -18.96 9.99 1.78
C LEU D 258 -19.90 10.80 2.69
N ALA D 259 -20.88 11.48 2.11
CA ALA D 259 -21.79 12.31 2.88
C ALA D 259 -22.96 11.54 3.46
N LEU D 260 -22.95 10.20 3.43
CA LEU D 260 -24.04 9.40 3.93
C LEU D 260 -23.63 8.48 5.07
N PHE D 261 -22.59 7.69 4.88
CA PHE D 261 -22.17 6.78 5.94
C PHE D 261 -20.71 7.03 6.28
N THR D 265 -13.42 7.21 9.06
CA THR D 265 -12.89 7.96 7.94
C THR D 265 -12.18 9.22 8.41
N GLY D 266 -10.98 9.04 8.98
CA GLY D 266 -10.17 10.17 9.45
C GLY D 266 -9.98 11.05 8.23
N GLU D 267 -10.34 12.32 8.35
CA GLU D 267 -10.30 13.18 7.18
C GLU D 267 -9.38 14.40 7.20
N ILE D 268 -8.08 14.17 6.92
CA ILE D 268 -7.05 15.21 6.86
C ILE D 268 -7.28 16.42 7.74
N LYS D 269 -7.12 16.22 9.04
CA LYS D 269 -7.29 17.30 10.01
C LYS D 269 -6.41 18.48 9.64
N SER D 270 -5.15 18.19 9.39
CA SER D 270 -4.20 19.21 9.00
C SER D 270 -4.68 20.07 7.82
N GLU D 271 -5.08 21.28 8.18
CA GLU D 271 -5.44 22.39 7.30
C GLU D 271 -6.71 22.13 6.49
N VAL D 272 -7.53 21.17 6.91
CA VAL D 272 -8.81 20.94 6.26
C VAL D 272 -9.88 21.81 6.90
N ARG D 273 -9.93 21.82 8.24
CA ARG D 273 -10.88 22.66 8.96
C ARG D 273 -10.54 24.13 8.85
N GLU D 274 -9.25 24.46 8.66
CA GLU D 274 -8.82 25.85 8.61
C GLU D 274 -9.32 26.55 7.35
N GLN D 275 -9.21 25.89 6.20
CA GLN D 275 -9.72 26.48 4.96
C GLN D 275 -11.24 26.57 4.97
N ILE D 276 -11.93 25.59 5.56
CA ILE D 276 -13.38 25.64 5.69
C ILE D 276 -13.80 26.79 6.59
N ASN D 277 -13.11 26.98 7.73
CA ASN D 277 -13.44 28.09 8.63
C ASN D 277 -13.10 29.44 7.99
N ALA D 278 -12.06 29.52 7.17
CA ALA D 278 -11.73 30.75 6.47
C ALA D 278 -12.79 31.11 5.43
N LYS D 279 -13.26 30.11 4.66
CA LYS D 279 -14.30 30.40 3.68
C LYS D 279 -15.65 30.65 4.34
N VAL D 280 -15.89 30.05 5.51
CA VAL D 280 -17.07 30.38 6.31
C VAL D 280 -17.01 31.82 6.79
N ALA D 281 -15.83 32.27 7.23
CA ALA D 281 -15.66 33.66 7.65
C ALA D 281 -15.83 34.62 6.48
N GLU D 282 -15.37 34.22 5.29
CA GLU D 282 -15.58 35.06 4.11
C GLU D 282 -17.06 35.11 3.71
N TRP D 283 -17.77 33.99 3.84
CA TRP D 283 -19.21 33.98 3.55
C TRP D 283 -19.99 34.78 4.59
N ARG D 284 -19.50 34.81 5.82
CA ARG D 284 -20.18 35.51 6.91
C ARG D 284 -20.19 37.00 6.62
N GLU D 285 -19.14 37.48 5.94
CA GLU D 285 -19.06 38.87 5.54
C GLU D 285 -20.02 39.13 4.41
N GLU D 286 -19.55 38.92 3.18
CA GLU D 286 -20.39 39.01 2.00
C GLU D 286 -21.72 38.30 2.27
N GLY D 287 -22.46 38.85 3.22
CA GLY D 287 -23.70 38.28 3.73
C GLY D 287 -24.39 37.20 2.93
N LYS D 288 -23.61 36.34 2.31
CA LYS D 288 -24.17 35.26 1.49
C LYS D 288 -24.50 34.05 2.34
N ALA D 289 -23.84 33.93 3.48
CA ALA D 289 -24.04 32.78 4.36
C ALA D 289 -23.83 33.18 5.81
N GLU D 290 -24.83 32.94 6.65
CA GLU D 290 -24.71 33.24 8.06
C GLU D 290 -24.25 32.03 8.86
N ILE D 291 -25.11 31.52 9.73
CA ILE D 291 -24.74 30.38 10.56
C ILE D 291 -25.63 30.35 11.79
N ILE D 292 -26.26 29.20 12.03
CA ILE D 292 -27.05 28.98 13.24
C ILE D 292 -26.43 27.84 14.03
N PRO D 293 -26.50 27.86 15.37
CA PRO D 293 -25.96 26.76 16.16
C PRO D 293 -26.96 25.62 16.34
N GLY D 294 -26.56 24.59 17.08
CA GLY D 294 -27.43 23.47 17.37
C GLY D 294 -27.07 22.87 18.72
N VAL D 295 -28.00 22.08 19.25
CA VAL D 295 -27.88 21.51 20.59
C VAL D 295 -27.28 20.13 20.48
N LEU D 296 -26.22 19.87 21.28
CA LEU D 296 -25.59 18.56 21.37
C LEU D 296 -25.77 18.05 22.79
N PHE D 297 -26.57 17.00 22.94
CA PHE D 297 -26.77 16.36 24.23
C PHE D 297 -25.75 15.23 24.39
N ILE D 298 -25.00 15.28 25.48
CA ILE D 298 -24.05 14.22 25.84
C ILE D 298 -24.67 13.43 26.98
N ASP D 299 -24.90 12.14 26.74
CA ASP D 299 -25.61 11.29 27.68
C ASP D 299 -24.60 10.43 28.43
N GLU D 300 -24.63 10.51 29.77
CA GLU D 300 -23.84 9.70 30.69
C GLU D 300 -22.34 9.86 30.44
N VAL D 301 -21.88 11.08 30.68
CA VAL D 301 -20.50 11.46 30.40
C VAL D 301 -19.50 10.86 31.39
N HIS D 302 -19.97 10.33 32.52
CA HIS D 302 -19.09 9.77 33.53
C HIS D 302 -18.43 8.46 33.11
N MET D 303 -18.89 7.83 32.02
CA MET D 303 -18.25 6.64 31.49
C MET D 303 -17.23 6.95 30.39
N LEU D 304 -16.64 8.15 30.43
CA LEU D 304 -15.71 8.59 29.39
C LEU D 304 -14.33 8.81 29.99
N ASP D 305 -13.31 8.58 29.16
CA ASP D 305 -11.92 8.71 29.57
C ASP D 305 -11.57 10.18 29.81
N ILE D 306 -10.49 10.39 30.58
CA ILE D 306 -10.05 11.74 30.91
C ILE D 306 -9.37 12.42 29.72
N GLU D 307 -8.95 11.64 28.71
CA GLU D 307 -8.33 12.24 27.52
C GLU D 307 -9.35 13.02 26.70
N SER D 308 -10.56 12.47 26.54
CA SER D 308 -11.63 13.21 25.87
C SER D 308 -12.07 14.41 26.70
N PHE D 309 -11.97 14.32 28.03
CA PHE D 309 -12.25 15.46 28.88
C PHE D 309 -11.24 16.58 28.67
N SER D 310 -9.95 16.23 28.60
CA SER D 310 -8.92 17.23 28.34
C SER D 310 -9.00 17.79 26.92
N PHE D 311 -9.50 17.00 25.97
CA PHE D 311 -9.72 17.52 24.62
C PHE D 311 -10.90 18.47 24.58
N LEU D 312 -11.98 18.16 25.32
CA LEU D 312 -13.14 19.03 25.36
C LEU D 312 -12.89 20.30 26.18
N ASN D 313 -11.90 20.27 27.09
CA ASN D 313 -11.55 21.47 27.84
C ASN D 313 -10.97 22.56 26.95
N ARG D 314 -10.32 22.18 25.85
CA ARG D 314 -9.72 23.14 24.93
C ARG D 314 -10.45 23.25 23.60
N ALA D 315 -11.31 22.29 23.26
CA ALA D 315 -12.10 22.38 22.04
C ALA D 315 -13.35 23.24 22.21
N LEU D 316 -13.70 23.59 23.45
CA LEU D 316 -14.86 24.43 23.71
C LEU D 316 -14.53 25.92 23.56
N GLU D 317 -13.26 26.30 23.71
CA GLU D 317 -12.87 27.70 23.65
C GLU D 317 -12.88 28.28 22.24
N SER D 318 -13.02 27.44 21.21
CA SER D 318 -13.05 27.92 19.85
C SER D 318 -14.41 28.56 19.54
N ASP D 319 -14.47 29.28 18.41
CA ASP D 319 -15.70 29.94 18.01
C ASP D 319 -16.71 28.98 17.41
N MET D 320 -16.25 27.79 17.00
CA MET D 320 -17.11 26.78 16.37
C MET D 320 -17.62 25.74 17.37
N ALA D 321 -17.79 26.13 18.63
CA ALA D 321 -18.26 25.20 19.65
C ALA D 321 -19.74 25.45 19.91
N PRO D 322 -20.62 24.50 19.61
CA PRO D 322 -22.05 24.70 19.84
C PRO D 322 -22.41 24.47 21.31
N VAL D 323 -23.70 24.63 21.61
CA VAL D 323 -24.18 24.38 22.96
C VAL D 323 -24.26 22.88 23.21
N LEU D 324 -23.86 22.46 24.41
CA LEU D 324 -23.84 21.06 24.78
C LEU D 324 -24.41 20.89 26.18
N ILE D 325 -25.25 19.89 26.34
CA ILE D 325 -25.93 19.60 27.59
C ILE D 325 -25.44 18.25 28.09
N MET D 326 -24.72 18.26 29.21
CA MET D 326 -24.09 17.06 29.74
C MET D 326 -25.00 16.36 30.75
N ALA D 327 -24.95 15.03 30.76
CA ALA D 327 -25.75 14.22 31.68
C ALA D 327 -24.82 13.47 32.63
N THR D 328 -25.15 13.51 33.92
CA THR D 328 -24.41 12.79 34.95
C THR D 328 -25.39 12.29 35.99
N ASN D 329 -25.37 10.98 36.26
CA ASN D 329 -26.36 10.34 37.11
C ASN D 329 -25.89 10.24 38.56
N ARG D 330 -24.77 9.56 38.79
CA ARG D 330 -24.35 9.23 40.14
C ARG D 330 -23.50 10.35 40.74
N GLY D 331 -22.94 10.10 41.92
CA GLY D 331 -22.14 11.08 42.63
C GLY D 331 -20.66 10.74 42.65
N ILE D 332 -20.19 10.19 43.76
CA ILE D 332 -18.77 9.85 43.92
C ILE D 332 -18.47 8.63 43.06
N THR D 333 -17.77 8.86 41.95
CA THR D 333 -17.42 7.80 41.00
C THR D 333 -16.02 8.08 40.47
N ARG D 334 -15.16 7.06 40.50
CA ARG D 334 -13.79 7.22 40.04
C ARG D 334 -13.75 7.34 38.51
N ILE D 335 -12.65 7.94 38.03
CA ILE D 335 -12.48 8.15 36.59
C ILE D 335 -11.88 6.90 35.97
N ARG D 336 -12.49 6.43 34.89
CA ARG D 336 -12.00 5.26 34.17
C ARG D 336 -10.70 5.63 33.44
N GLY D 337 -9.58 5.19 33.99
CA GLY D 337 -8.28 5.50 33.42
C GLY D 337 -7.26 5.92 34.44
N THR D 338 -7.73 6.56 35.52
CA THR D 338 -6.87 7.01 36.61
C THR D 338 -7.18 6.20 37.87
N SER D 339 -6.55 6.58 38.99
CA SER D 339 -6.71 5.87 40.25
C SER D 339 -7.30 6.74 41.36
N TYR D 340 -7.52 8.03 41.11
CA TYR D 340 -8.07 8.92 42.12
C TYR D 340 -9.55 9.18 41.86
N GLN D 341 -10.30 9.37 42.94
CA GLN D 341 -11.73 9.63 42.85
C GLN D 341 -11.98 11.12 42.58
N SER D 342 -13.18 11.40 42.10
CA SER D 342 -13.58 12.76 41.75
C SER D 342 -15.09 12.86 41.84
N PRO D 343 -15.63 14.03 42.16
CA PRO D 343 -17.10 14.20 42.15
C PRO D 343 -17.66 14.14 40.74
N HIS D 344 -18.84 13.50 40.62
CA HIS D 344 -19.62 13.35 39.39
C HIS D 344 -18.87 12.62 38.28
N GLY D 345 -17.85 11.83 38.64
CA GLY D 345 -17.01 11.16 37.65
C GLY D 345 -16.20 12.09 36.77
N ILE D 346 -15.97 13.32 37.23
CA ILE D 346 -15.41 14.40 36.41
C ILE D 346 -14.29 15.08 37.20
N PRO D 347 -13.09 15.27 36.62
CA PRO D 347 -12.01 15.93 37.34
C PRO D 347 -12.24 17.42 37.54
N ILE D 348 -11.29 18.09 38.22
CA ILE D 348 -11.45 19.48 38.61
C ILE D 348 -11.38 20.40 37.39
N ASP D 349 -10.63 20.01 36.36
CA ASP D 349 -10.43 20.83 35.17
C ASP D 349 -11.73 20.99 34.39
N LEU D 350 -12.45 19.89 34.15
CA LEU D 350 -13.73 19.98 33.47
C LEU D 350 -14.82 20.52 34.39
N LEU D 351 -14.69 20.31 35.70
CA LEU D 351 -15.67 20.82 36.65
C LEU D 351 -15.62 22.35 36.75
N ASP D 352 -14.43 22.93 36.55
CA ASP D 352 -14.33 24.40 36.52
C ASP D 352 -14.96 24.98 35.25
N ARG D 353 -15.05 24.18 34.19
CA ARG D 353 -15.56 24.68 32.92
C ARG D 353 -17.09 24.78 32.93
N LEU D 354 -17.76 23.79 33.49
CA LEU D 354 -19.20 23.62 33.36
C LEU D 354 -19.94 24.19 34.58
N LEU D 355 -21.26 24.25 34.46
CA LEU D 355 -22.13 24.54 35.58
C LEU D 355 -23.04 23.36 35.84
N ILE D 356 -23.57 23.26 37.05
CA ILE D 356 -24.36 22.11 37.50
C ILE D 356 -25.74 22.60 37.88
N VAL D 357 -26.78 21.93 37.36
CA VAL D 357 -28.15 22.17 37.77
C VAL D 357 -28.69 20.86 38.33
N SER D 358 -29.18 20.89 39.57
CA SER D 358 -29.71 19.72 40.23
C SER D 358 -31.21 19.63 40.05
N THR D 359 -31.72 18.40 40.01
CA THR D 359 -33.14 18.13 39.82
C THR D 359 -33.81 17.85 41.16
N THR D 360 -34.92 18.52 41.41
CA THR D 360 -35.70 18.29 42.61
C THR D 360 -36.46 16.97 42.47
N PRO D 361 -36.46 16.11 43.49
CA PRO D 361 -37.25 14.87 43.43
C PRO D 361 -38.74 15.14 43.40
N TYR D 362 -39.48 14.16 42.88
CA TYR D 362 -40.90 14.31 42.63
C TYR D 362 -41.70 14.25 43.94
N SER D 363 -42.85 14.90 43.94
CA SER D 363 -43.77 14.91 45.07
C SER D 363 -44.91 13.93 44.79
N GLU D 364 -45.91 13.93 45.66
CA GLU D 364 -47.03 13.00 45.51
C GLU D 364 -48.03 13.49 44.47
N LYS D 365 -48.42 14.76 44.54
CA LYS D 365 -49.40 15.31 43.61
C LYS D 365 -48.83 15.44 42.20
N ASP D 366 -47.53 15.72 42.09
CA ASP D 366 -46.89 15.76 40.77
C ASP D 366 -46.85 14.36 40.16
N THR D 367 -46.60 13.33 40.98
CA THR D 367 -46.64 11.95 40.50
C THR D 367 -48.04 11.56 40.07
N LYS D 368 -49.07 11.99 40.82
CA LYS D 368 -50.45 11.72 40.45
C LYS D 368 -50.83 12.42 39.15
N GLN D 369 -50.29 13.63 38.93
CA GLN D 369 -50.60 14.34 37.69
C GLN D 369 -49.88 13.71 36.49
N ILE D 370 -48.66 13.21 36.69
CA ILE D 370 -47.96 12.48 35.64
C ILE D 370 -48.70 11.18 35.31
N LEU D 371 -49.22 10.50 36.34
CA LEU D 371 -50.03 9.30 36.09
C LEU D 371 -51.35 9.64 35.41
N ARG D 372 -51.90 10.83 35.66
CA ARG D 372 -53.10 11.26 34.94
C ARG D 372 -52.79 11.56 33.48
N ILE D 373 -51.61 12.11 33.20
CA ILE D 373 -51.18 12.33 31.82
C ILE D 373 -50.96 11.00 31.10
N ARG D 374 -50.36 10.02 31.79
CA ARG D 374 -50.21 8.69 31.21
C ARG D 374 -51.56 7.99 31.03
N CYS D 375 -52.53 8.31 31.89
CA CYS D 375 -53.89 7.79 31.73
C CYS D 375 -54.56 8.37 30.49
N GLU D 376 -54.45 9.69 30.31
CA GLU D 376 -55.10 10.38 29.19
C GLU D 376 -54.35 10.24 27.88
N GLU D 377 -53.10 9.77 27.90
CA GLU D 377 -52.30 9.70 26.68
C GLU D 377 -52.43 8.36 25.96
N GLU D 378 -52.30 7.26 26.69
CA GLU D 378 -52.25 5.93 26.09
C GLU D 378 -53.64 5.32 25.85
N ASP D 379 -54.70 6.12 25.98
CA ASP D 379 -56.10 5.72 25.78
C ASP D 379 -56.47 4.56 26.71
N VAL D 380 -56.21 4.75 28.00
CA VAL D 380 -56.46 3.74 29.03
C VAL D 380 -57.43 4.36 30.03
N GLU D 381 -58.67 3.88 30.02
CA GLU D 381 -59.69 4.37 30.94
C GLU D 381 -59.51 3.70 32.31
N MET D 382 -59.25 4.50 33.34
CA MET D 382 -58.99 4.00 34.68
C MET D 382 -60.19 4.25 35.59
N SER D 383 -60.23 3.51 36.68
CA SER D 383 -61.23 3.70 37.71
C SER D 383 -60.72 4.67 38.77
N GLU D 384 -61.67 5.29 39.48
CA GLU D 384 -61.32 6.29 40.49
C GLU D 384 -60.70 5.69 41.74
N ASP D 385 -60.95 4.40 42.01
CA ASP D 385 -60.38 3.74 43.17
C ASP D 385 -58.98 3.18 42.91
N ALA D 386 -58.47 3.30 41.69
CA ALA D 386 -57.16 2.75 41.35
C ALA D 386 -56.04 3.79 41.41
N TYR D 387 -56.38 5.08 41.53
CA TYR D 387 -55.35 6.11 41.55
C TYR D 387 -54.53 6.07 42.84
N THR D 388 -55.19 5.80 43.97
CA THR D 388 -54.48 5.72 45.25
C THR D 388 -53.57 4.50 45.30
N VAL D 389 -54.04 3.36 44.79
CA VAL D 389 -53.24 2.14 44.74
C VAL D 389 -52.06 2.31 43.78
N LEU D 390 -52.30 2.97 42.63
CA LEU D 390 -51.23 3.20 41.67
C LEU D 390 -50.20 4.19 42.20
N THR D 391 -50.63 5.19 42.99
CA THR D 391 -49.69 6.11 43.63
C THR D 391 -48.89 5.39 44.72
N ARG D 392 -49.53 4.48 45.45
CA ARG D 392 -48.83 3.69 46.46
C ARG D 392 -47.79 2.76 45.84
N ILE D 393 -48.08 2.22 44.65
CA ILE D 393 -47.08 1.41 43.94
C ILE D 393 -45.95 2.29 43.41
N GLY D 394 -46.30 3.43 42.79
CA GLY D 394 -45.30 4.29 42.19
C GLY D 394 -44.44 5.05 43.18
N LEU D 395 -44.88 5.15 44.44
CA LEU D 395 -44.06 5.81 45.44
C LEU D 395 -42.88 4.95 45.88
N GLU D 396 -43.10 3.64 46.03
CA GLU D 396 -42.04 2.75 46.48
C GLU D 396 -41.13 2.28 45.35
N THR D 397 -41.59 2.36 44.10
CA THR D 397 -40.83 1.92 42.95
C THR D 397 -40.55 3.12 42.03
N SER D 398 -39.98 2.83 40.86
CA SER D 398 -39.70 3.87 39.89
C SER D 398 -40.98 4.25 39.14
N LEU D 399 -40.91 5.38 38.44
CA LEU D 399 -42.06 5.86 37.67
C LEU D 399 -42.25 5.05 36.39
N ARG D 400 -41.14 4.63 35.77
CA ARG D 400 -41.22 3.86 34.54
C ARG D 400 -41.74 2.45 34.79
N TYR D 401 -41.48 1.90 35.97
CA TYR D 401 -42.12 0.64 36.36
C TYR D 401 -43.63 0.82 36.52
N ALA D 402 -44.08 1.99 37.00
CA ALA D 402 -45.51 2.26 37.05
C ALA D 402 -46.10 2.43 35.66
N ILE D 403 -45.33 2.99 34.72
CA ILE D 403 -45.78 3.09 33.34
C ILE D 403 -45.93 1.70 32.72
N GLN D 404 -44.96 0.81 32.97
CA GLN D 404 -45.06 -0.57 32.51
C GLN D 404 -46.20 -1.32 33.18
N LEU D 405 -46.50 -0.99 34.45
CA LEU D 405 -47.64 -1.58 35.14
C LEU D 405 -48.96 -1.14 34.52
N ILE D 406 -49.07 0.14 34.18
CA ILE D 406 -50.24 0.66 33.48
C ILE D 406 -50.41 -0.01 32.12
N THR D 407 -49.30 -0.19 31.40
CA THR D 407 -49.35 -0.80 30.07
C THR D 407 -49.76 -2.27 30.15
N ALA D 408 -49.20 -3.02 31.09
CA ALA D 408 -49.56 -4.43 31.23
C ALA D 408 -50.98 -4.61 31.75
N ALA D 409 -51.43 -3.71 32.64
CA ALA D 409 -52.81 -3.76 33.10
C ALA D 409 -53.78 -3.41 31.99
N SER D 410 -53.40 -2.50 31.08
CA SER D 410 -54.22 -2.21 29.92
C SER D 410 -54.25 -3.39 28.96
N LEU D 411 -53.13 -4.11 28.83
CA LEU D 411 -53.11 -5.33 28.02
C LEU D 411 -54.05 -6.39 28.56
N VAL D 412 -54.02 -6.62 29.89
CA VAL D 412 -54.90 -7.62 30.48
C VAL D 412 -56.36 -7.17 30.44
N CYS D 413 -56.61 -5.86 30.59
CA CYS D 413 -57.98 -5.35 30.54
C CYS D 413 -58.56 -5.42 29.14
N ARG D 414 -57.74 -5.17 28.11
CA ARG D 414 -58.22 -5.32 26.74
C ARG D 414 -58.27 -6.78 26.31
N LYS D 415 -57.53 -7.67 26.98
CA LYS D 415 -57.78 -9.10 26.83
C LYS D 415 -59.12 -9.47 27.42
N ARG D 416 -59.49 -8.86 28.55
CA ARG D 416 -60.82 -9.01 29.13
C ARG D 416 -61.87 -8.25 28.31
N LYS D 417 -61.43 -7.29 27.49
CA LYS D 417 -62.29 -6.40 26.70
C LYS D 417 -63.26 -5.62 27.60
N GLY D 418 -62.70 -4.95 28.60
CA GLY D 418 -63.47 -4.10 29.48
C GLY D 418 -63.04 -2.65 29.39
N THR D 419 -63.84 -1.74 29.93
CA THR D 419 -63.52 -0.32 29.89
C THR D 419 -62.77 0.16 31.13
N GLU D 420 -63.23 -0.24 32.31
CA GLU D 420 -62.64 0.22 33.55
C GLU D 420 -61.57 -0.76 34.03
N VAL D 421 -60.55 -0.21 34.68
CA VAL D 421 -59.45 -1.01 35.23
C VAL D 421 -59.81 -1.42 36.65
N GLN D 422 -59.85 -2.72 36.89
CA GLN D 422 -60.17 -3.25 38.21
C GLN D 422 -58.93 -3.15 39.11
N VAL D 423 -59.19 -2.88 40.40
CA VAL D 423 -58.12 -2.83 41.39
C VAL D 423 -57.50 -4.21 41.59
N ASP D 424 -58.33 -5.25 41.58
CA ASP D 424 -57.83 -6.62 41.65
C ASP D 424 -57.04 -7.01 40.41
N ASP D 425 -57.38 -6.43 39.26
CA ASP D 425 -56.65 -6.71 38.02
C ASP D 425 -55.23 -6.15 38.08
N ILE D 426 -55.09 -4.88 38.47
CA ILE D 426 -53.75 -4.29 38.56
C ILE D 426 -52.99 -4.88 39.75
N LYS D 427 -53.70 -5.37 40.77
CA LYS D 427 -53.05 -6.10 41.86
C LYS D 427 -52.49 -7.43 41.38
N ARG D 428 -53.23 -8.15 40.53
CA ARG D 428 -52.74 -9.41 39.98
C ARG D 428 -51.58 -9.18 39.02
N VAL D 429 -51.63 -8.09 38.24
CA VAL D 429 -50.53 -7.76 37.33
C VAL D 429 -49.27 -7.37 38.12
N TYR D 430 -49.44 -6.61 39.21
CA TYR D 430 -48.29 -6.26 40.05
C TYR D 430 -47.74 -7.48 40.79
N SER D 431 -48.60 -8.42 41.18
CA SER D 431 -48.14 -9.65 41.80
C SER D 431 -47.51 -10.62 40.82
N LEU D 432 -47.78 -10.45 39.52
CA LEU D 432 -47.17 -11.31 38.51
C LEU D 432 -45.67 -11.01 38.36
N PHE D 433 -45.30 -9.74 38.43
CA PHE D 433 -43.92 -9.31 38.24
C PHE D 433 -43.31 -8.90 39.58
N LEU D 434 -42.04 -8.50 39.54
CA LEU D 434 -41.29 -8.16 40.74
C LEU D 434 -40.63 -6.79 40.56
N ASP D 435 -39.78 -6.43 41.51
CA ASP D 435 -39.05 -5.17 41.53
C ASP D 435 -37.55 -5.44 41.51
N GLU D 436 -36.77 -4.36 41.54
CA GLU D 436 -35.32 -4.52 41.62
C GLU D 436 -34.88 -4.89 43.04
N SER D 437 -35.57 -4.37 44.05
CA SER D 437 -35.33 -4.81 45.42
C SER D 437 -35.85 -6.23 45.63
N ARG D 438 -36.89 -6.62 44.89
CA ARG D 438 -37.34 -8.00 44.92
C ARG D 438 -36.42 -8.92 44.15
N SER D 439 -35.76 -8.41 43.10
CA SER D 439 -34.73 -9.20 42.44
C SER D 439 -33.49 -9.36 43.32
N THR D 440 -33.23 -8.38 44.19
CA THR D 440 -32.20 -8.55 45.20
C THR D 440 -32.64 -9.54 46.28
N GLN D 441 -33.91 -9.48 46.68
CA GLN D 441 -34.39 -10.25 47.82
C GLN D 441 -34.66 -11.71 47.47
N TYR D 442 -35.43 -11.96 46.40
CA TYR D 442 -35.88 -13.31 46.08
C TYR D 442 -34.82 -14.19 45.44
N MET D 443 -33.60 -13.70 45.24
CA MET D 443 -32.49 -14.51 44.75
C MET D 443 -31.56 -14.96 45.87
N LYS D 444 -32.13 -15.24 47.04
CA LYS D 444 -31.37 -15.69 48.21
C LYS D 444 -31.16 -17.21 48.23
N GLU D 445 -31.50 -17.90 47.15
CA GLU D 445 -31.39 -19.36 47.10
C GLU D 445 -29.99 -19.85 46.77
N TYR D 446 -29.06 -18.93 46.47
CA TYR D 446 -27.67 -19.21 46.08
C TYR D 446 -27.62 -20.12 44.85
N GLN D 447 -28.14 -19.60 43.75
CA GLN D 447 -28.28 -20.40 42.54
C GLN D 447 -26.94 -20.62 41.83
N ASP D 448 -26.00 -19.70 41.97
CA ASP D 448 -24.72 -19.78 41.27
C ASP D 448 -23.62 -19.36 42.24
N ALA D 449 -22.43 -19.13 41.71
CA ALA D 449 -21.29 -18.71 42.52
C ALA D 449 -20.74 -17.37 42.04
N THR E 12 -35.41 -33.40 5.65
CA THR E 12 -34.59 -33.47 6.85
C THR E 12 -35.19 -32.65 7.99
N GLN E 13 -35.56 -33.33 9.08
CA GLN E 13 -36.14 -32.63 10.22
C GLN E 13 -35.07 -31.93 11.04
N ARG E 14 -33.94 -32.61 11.28
CA ARG E 14 -32.81 -32.15 12.08
C ARG E 14 -33.26 -31.76 13.50
N ILE E 15 -33.64 -32.80 14.24
CA ILE E 15 -34.16 -32.65 15.60
C ILE E 15 -33.07 -32.11 16.51
N ALA E 16 -33.27 -30.90 17.01
CA ALA E 16 -32.36 -30.26 17.95
C ALA E 16 -32.76 -30.64 19.38
N SER E 17 -32.19 -29.93 20.36
CA SER E 17 -32.53 -30.17 21.76
C SER E 17 -33.95 -29.72 22.06
N HIS E 18 -34.29 -28.48 21.72
CA HIS E 18 -35.62 -27.93 21.97
C HIS E 18 -36.48 -28.03 20.71
N SER E 19 -36.73 -29.27 20.31
CA SER E 19 -37.56 -29.55 19.14
C SER E 19 -38.98 -29.98 19.48
N HIS E 20 -39.25 -30.35 20.73
CA HIS E 20 -40.58 -30.76 21.14
C HIS E 20 -41.51 -29.58 21.43
N VAL E 21 -40.98 -28.37 21.49
CA VAL E 21 -41.78 -27.19 21.83
C VAL E 21 -42.49 -26.69 20.59
N LYS E 22 -43.83 -26.63 20.66
CA LYS E 22 -44.63 -26.15 19.54
C LYS E 22 -45.06 -24.70 19.74
N GLY E 23 -45.66 -24.39 20.87
CA GLY E 23 -46.11 -23.04 21.14
C GLY E 23 -46.24 -22.78 22.63
N LEU E 24 -47.04 -21.77 22.96
CA LEU E 24 -47.26 -21.42 24.36
C LEU E 24 -48.31 -22.30 25.01
N GLY E 25 -49.44 -22.53 24.34
CA GLY E 25 -50.46 -23.41 24.87
C GLY E 25 -51.46 -22.76 25.80
N LEU E 26 -51.74 -21.47 25.62
CA LEU E 26 -52.75 -20.81 26.43
C LEU E 26 -54.14 -21.05 25.84
N ASP E 27 -55.08 -21.44 26.70
CA ASP E 27 -56.36 -21.95 26.21
C ASP E 27 -57.35 -20.88 25.76
N GLU E 28 -57.87 -20.05 26.67
CA GLU E 28 -58.71 -18.92 26.27
C GLU E 28 -58.39 -17.68 27.09
N SER E 29 -57.83 -17.87 28.29
CA SER E 29 -57.55 -16.75 29.16
C SER E 29 -56.06 -16.57 29.39
N GLY E 30 -55.30 -17.65 29.34
CA GLY E 30 -53.86 -17.56 29.51
C GLY E 30 -53.40 -17.75 30.94
N LEU E 31 -53.78 -18.85 31.58
CA LEU E 31 -53.39 -19.06 32.96
C LEU E 31 -52.40 -20.21 33.13
N ALA E 32 -52.79 -21.42 32.75
CA ALA E 32 -51.99 -22.61 33.01
C ALA E 32 -52.51 -23.79 32.18
N LYS E 33 -51.59 -24.69 31.84
CA LYS E 33 -51.89 -26.03 31.33
C LYS E 33 -50.67 -26.89 31.62
N GLN E 34 -50.81 -28.22 31.64
CA GLN E 34 -49.66 -29.07 31.92
C GLN E 34 -49.08 -29.66 30.64
N ALA E 35 -49.91 -30.33 29.85
CA ALA E 35 -49.48 -30.91 28.59
C ALA E 35 -49.80 -29.98 27.41
N ALA E 36 -49.26 -28.76 27.44
CA ALA E 36 -49.60 -27.78 26.42
C ALA E 36 -48.65 -27.80 25.23
N SER E 37 -48.41 -29.00 24.69
CA SER E 37 -47.62 -29.24 23.47
C SER E 37 -46.22 -28.63 23.55
N GLY E 38 -45.58 -28.78 24.70
CA GLY E 38 -44.25 -28.21 24.89
C GLY E 38 -43.70 -28.33 26.28
N LEU E 39 -43.07 -27.26 26.76
CA LEU E 39 -42.46 -27.25 28.09
C LEU E 39 -43.54 -27.22 29.17
N VAL E 40 -43.32 -28.00 30.23
CA VAL E 40 -44.29 -28.17 31.29
C VAL E 40 -43.93 -27.26 32.46
N GLY E 41 -44.93 -26.98 33.30
CA GLY E 41 -44.74 -26.14 34.45
C GLY E 41 -44.59 -24.68 34.08
N GLN E 42 -44.03 -23.91 35.03
CA GLN E 42 -43.68 -22.50 34.90
C GLN E 42 -44.91 -21.65 34.53
N GLU E 43 -45.86 -21.64 35.46
CA GLU E 43 -47.13 -20.94 35.26
C GLU E 43 -46.94 -19.43 35.19
N ASN E 44 -46.15 -18.86 36.11
CA ASN E 44 -45.96 -17.41 36.14
C ASN E 44 -45.16 -16.93 34.94
N ALA E 45 -44.20 -17.73 34.48
CA ALA E 45 -43.43 -17.37 33.29
C ALA E 45 -44.28 -17.42 32.03
N ARG E 46 -45.17 -18.42 31.94
CA ARG E 46 -46.09 -18.50 30.80
C ARG E 46 -47.09 -17.35 30.80
N GLU E 47 -47.57 -16.95 31.98
CA GLU E 47 -48.45 -15.78 32.05
C GLU E 47 -47.71 -14.50 31.70
N ALA E 48 -46.47 -14.35 32.17
CA ALA E 48 -45.70 -13.14 31.93
C ALA E 48 -45.27 -13.02 30.46
N CYS E 49 -45.10 -14.14 29.76
CA CYS E 49 -44.82 -14.07 28.33
C CYS E 49 -46.08 -14.10 27.48
N GLY E 50 -47.23 -14.46 28.05
CA GLY E 50 -48.48 -14.43 27.31
C GLY E 50 -49.21 -13.11 27.42
N VAL E 51 -48.83 -12.29 28.40
CA VAL E 51 -49.35 -10.92 28.44
C VAL E 51 -48.76 -10.10 27.30
N ILE E 52 -47.44 -10.19 27.08
CA ILE E 52 -46.75 -9.29 26.16
C ILE E 52 -46.96 -9.60 24.69
N VAL E 53 -47.50 -10.77 24.35
CA VAL E 53 -47.72 -11.08 22.94
C VAL E 53 -48.88 -10.27 22.36
N GLU E 54 -49.80 -9.79 23.21
CA GLU E 54 -50.83 -8.87 22.74
C GLU E 54 -50.22 -7.52 22.40
N LEU E 55 -49.21 -7.08 23.17
CA LEU E 55 -48.47 -5.87 22.83
C LEU E 55 -47.64 -6.06 21.57
N ILE E 56 -47.14 -7.28 21.35
CA ILE E 56 -46.39 -7.57 20.12
C ILE E 56 -47.31 -7.50 18.91
N LYS E 57 -48.46 -8.17 18.98
CA LYS E 57 -49.38 -8.22 17.86
C LYS E 57 -50.21 -6.95 17.68
N SER E 58 -50.25 -6.07 18.68
CA SER E 58 -51.11 -4.90 18.62
C SER E 58 -50.37 -3.61 18.27
N LYS E 59 -49.04 -3.59 18.41
CA LYS E 59 -48.18 -2.43 18.12
C LYS E 59 -48.59 -1.20 18.93
N LYS E 60 -48.50 -1.33 20.25
CA LYS E 60 -48.94 -0.29 21.17
C LYS E 60 -47.79 0.61 21.63
N MET E 61 -46.76 0.02 22.22
CA MET E 61 -45.63 0.76 22.75
C MET E 61 -44.34 0.35 22.04
N ALA E 62 -43.26 1.05 22.38
CA ALA E 62 -41.96 0.78 21.79
C ALA E 62 -40.88 1.13 22.80
N GLY E 63 -39.78 0.38 22.75
CA GLY E 63 -38.67 0.62 23.65
C GLY E 63 -38.75 -0.09 24.98
N ARG E 64 -39.49 -1.20 25.05
CA ARG E 64 -39.61 -1.95 26.29
C ARG E 64 -38.56 -3.06 26.35
N ALA E 65 -38.36 -3.58 27.56
CA ALA E 65 -37.36 -4.61 27.79
C ALA E 65 -37.94 -5.68 28.71
N VAL E 66 -37.54 -6.93 28.47
CA VAL E 66 -38.00 -8.08 29.22
C VAL E 66 -36.77 -8.78 29.79
N LEU E 67 -36.71 -8.91 31.11
CA LEU E 67 -35.58 -9.54 31.78
C LEU E 67 -35.97 -10.94 32.26
N LEU E 68 -35.15 -11.92 31.93
CA LEU E 68 -35.32 -13.30 32.39
C LEU E 68 -34.21 -13.64 33.37
N ALA E 69 -34.59 -14.26 34.49
CA ALA E 69 -33.63 -14.63 35.52
C ALA E 69 -33.96 -16.03 36.04
N GLY E 70 -32.94 -16.72 36.53
CA GLY E 70 -33.10 -18.04 37.07
C GLY E 70 -31.84 -18.88 37.02
N PRO E 71 -31.88 -20.07 37.62
CA PRO E 71 -30.71 -20.96 37.59
C PRO E 71 -30.50 -21.55 36.20
N PRO E 72 -29.30 -22.06 35.90
CA PRO E 72 -29.10 -22.74 34.61
C PRO E 72 -29.87 -24.06 34.53
N GLY E 73 -30.89 -24.10 33.67
CA GLY E 73 -31.69 -25.30 33.52
C GLY E 73 -33.18 -25.05 33.56
N THR E 74 -33.58 -23.78 33.53
CA THR E 74 -35.00 -23.44 33.53
C THR E 74 -35.64 -23.51 32.16
N GLY E 75 -34.85 -23.64 31.09
CA GLY E 75 -35.40 -23.76 29.76
C GLY E 75 -35.91 -22.45 29.19
N LYS E 76 -35.09 -21.39 29.28
CA LYS E 76 -35.47 -20.11 28.70
C LYS E 76 -35.40 -20.12 27.18
N THR E 77 -34.62 -21.03 26.59
CA THR E 77 -34.56 -21.15 25.13
C THR E 77 -35.87 -21.71 24.58
N ALA E 78 -36.53 -22.59 25.35
CA ALA E 78 -37.81 -23.14 24.92
C ALA E 78 -38.90 -22.08 24.87
N LEU E 79 -38.98 -21.23 25.89
CA LEU E 79 -39.97 -20.14 25.85
C LEU E 79 -39.58 -19.06 24.86
N ALA E 80 -38.27 -18.85 24.64
CA ALA E 80 -37.83 -17.88 23.64
C ALA E 80 -38.13 -18.37 22.22
N LEU E 81 -38.20 -19.68 22.03
CA LEU E 81 -38.66 -20.21 20.75
C LEU E 81 -40.18 -20.18 20.65
N ALA E 82 -40.88 -20.49 21.75
CA ALA E 82 -42.33 -20.55 21.74
C ALA E 82 -42.98 -19.17 21.61
N ILE E 83 -42.29 -18.11 22.02
CA ILE E 83 -42.83 -16.77 21.82
C ILE E 83 -42.73 -16.34 20.36
N ALA E 84 -41.84 -16.98 19.58
CA ALA E 84 -41.68 -16.68 18.17
C ALA E 84 -42.47 -17.62 17.26
N GLN E 85 -42.66 -18.87 17.67
CA GLN E 85 -43.43 -19.81 16.85
C GLN E 85 -44.92 -19.51 16.89
N GLU E 86 -45.40 -18.88 17.98
CA GLU E 86 -46.78 -18.45 18.05
C GLU E 86 -47.04 -17.26 17.11
N LEU E 87 -46.01 -16.44 16.88
CA LEU E 87 -46.13 -15.33 15.95
C LEU E 87 -46.08 -15.80 14.50
N GLY E 88 -45.42 -16.92 14.23
CA GLY E 88 -45.31 -17.42 12.87
C GLY E 88 -44.28 -16.66 12.05
N SER E 89 -44.51 -16.61 10.74
CA SER E 89 -43.63 -15.91 9.82
C SER E 89 -44.04 -14.45 9.63
N LYS E 90 -45.01 -13.97 10.40
CA LYS E 90 -45.45 -12.58 10.27
C LYS E 90 -44.46 -11.62 10.93
N VAL E 91 -44.09 -11.92 12.17
CA VAL E 91 -43.15 -11.08 12.94
C VAL E 91 -41.77 -11.73 12.85
N PRO E 92 -40.74 -11.01 12.41
CA PRO E 92 -39.41 -11.62 12.31
C PRO E 92 -38.76 -11.77 13.68
N PHE E 93 -38.02 -12.86 13.84
CA PHE E 93 -37.31 -13.16 15.08
C PHE E 93 -35.86 -13.43 14.76
N CYS E 94 -34.96 -12.64 15.35
CA CYS E 94 -33.53 -12.75 15.11
C CYS E 94 -32.79 -12.73 16.44
N PRO E 95 -32.44 -13.89 17.00
CA PRO E 95 -31.67 -13.91 18.25
C PRO E 95 -30.20 -13.57 18.01
N MET E 96 -29.60 -12.92 19.01
CA MET E 96 -28.21 -12.51 18.92
C MET E 96 -27.62 -12.44 20.32
N VAL E 97 -26.60 -13.26 20.58
CA VAL E 97 -25.90 -13.26 21.85
C VAL E 97 -24.86 -12.14 21.86
N GLY E 98 -24.28 -11.89 23.02
CA GLY E 98 -23.25 -10.87 23.15
C GLY E 98 -21.91 -11.23 22.53
N SER E 99 -21.72 -12.50 22.14
CA SER E 99 -20.49 -12.90 21.47
C SER E 99 -20.40 -12.34 20.06
N GLU E 100 -21.54 -12.24 19.37
CA GLU E 100 -21.55 -11.64 18.04
C GLU E 100 -21.42 -10.12 18.10
N VAL E 101 -21.73 -9.51 19.24
CA VAL E 101 -21.49 -8.08 19.42
C VAL E 101 -20.00 -7.81 19.51
N TYR E 102 -19.26 -8.72 20.16
CA TYR E 102 -17.81 -8.60 20.28
C TYR E 102 -17.15 -8.87 18.94
N SER E 103 -16.36 -7.90 18.46
CA SER E 103 -15.64 -8.06 17.20
C SER E 103 -14.41 -7.17 17.22
N THR E 104 -13.49 -7.45 16.31
CA THR E 104 -12.23 -6.71 16.23
C THR E 104 -12.27 -5.61 15.18
N GLU E 105 -12.66 -5.94 13.95
CA GLU E 105 -12.69 -4.95 12.88
C GLU E 105 -13.91 -4.03 13.00
N ILE E 106 -15.10 -4.60 12.92
CA ILE E 106 -16.32 -3.82 13.08
C ILE E 106 -16.59 -3.59 14.56
N LYS E 107 -17.15 -2.43 14.89
CA LYS E 107 -17.37 -2.05 16.28
C LYS E 107 -18.64 -2.72 16.81
N LYS E 108 -18.97 -2.42 18.07
CA LYS E 108 -20.08 -3.10 18.73
C LYS E 108 -21.41 -2.44 18.40
N THR E 109 -21.46 -1.09 18.44
CA THR E 109 -22.71 -0.38 18.23
C THR E 109 -23.20 -0.48 16.79
N GLU E 110 -22.29 -0.68 15.84
CA GLU E 110 -22.70 -0.90 14.45
C GLU E 110 -23.44 -2.22 14.30
N VAL E 111 -22.91 -3.28 14.92
CA VAL E 111 -23.57 -4.59 14.90
C VAL E 111 -24.90 -4.53 15.65
N LEU E 112 -24.95 -3.74 16.73
CA LEU E 112 -26.20 -3.55 17.45
C LEU E 112 -27.25 -2.82 16.61
N MET E 113 -26.84 -1.79 15.87
CA MET E 113 -27.78 -1.08 14.99
C MET E 113 -28.23 -1.97 13.83
N GLU E 114 -27.35 -2.82 13.32
CA GLU E 114 -27.78 -3.77 12.30
C GLU E 114 -28.75 -4.80 12.88
N ASN E 115 -28.60 -5.15 14.16
CA ASN E 115 -29.56 -6.02 14.82
C ASN E 115 -30.92 -5.34 14.97
N PHE E 116 -30.92 -4.04 15.33
CA PHE E 116 -32.18 -3.29 15.40
C PHE E 116 -32.84 -3.14 14.04
N ARG E 117 -32.04 -3.03 12.97
CA ARG E 117 -32.62 -2.98 11.63
C ARG E 117 -33.10 -4.35 11.16
N ARG E 118 -32.48 -5.44 11.65
CA ARG E 118 -33.02 -6.77 11.41
C ARG E 118 -34.33 -6.99 12.15
N ALA E 119 -34.52 -6.31 13.28
CA ALA E 119 -35.77 -6.44 14.04
C ALA E 119 -36.92 -5.77 13.31
N ILE E 120 -36.81 -4.47 13.06
CA ILE E 120 -37.91 -3.68 12.51
C ILE E 120 -38.04 -3.97 11.02
N GLY E 121 -39.26 -4.27 10.57
CA GLY E 121 -39.51 -4.65 9.20
C GLY E 121 -40.69 -3.91 8.59
N LEU E 122 -40.87 -4.15 7.29
CA LEU E 122 -41.92 -3.53 6.50
C LEU E 122 -42.73 -4.60 5.78
N ARG E 123 -43.98 -4.26 5.46
CA ARG E 123 -44.85 -5.07 4.62
C ARG E 123 -45.24 -4.23 3.41
N ILE E 124 -44.93 -4.71 2.21
CA ILE E 124 -45.18 -3.97 0.98
C ILE E 124 -46.05 -4.82 0.06
N LYS E 125 -47.14 -4.21 -0.44
CA LYS E 125 -47.99 -4.77 -1.47
C LYS E 125 -47.72 -4.09 -2.80
N GLU E 126 -48.00 -4.79 -3.89
CA GLU E 126 -47.89 -4.21 -5.22
C GLU E 126 -48.81 -4.94 -6.20
N THR E 127 -49.54 -4.15 -6.99
CA THR E 127 -50.30 -4.63 -8.14
C THR E 127 -49.52 -4.34 -9.41
N LYS E 128 -49.40 -5.35 -10.28
CA LYS E 128 -48.73 -5.17 -11.57
C LYS E 128 -49.45 -5.91 -12.67
N GLU E 129 -49.30 -5.40 -13.89
CA GLU E 129 -49.83 -5.98 -15.10
C GLU E 129 -48.69 -6.51 -15.96
N VAL E 130 -48.76 -7.78 -16.32
CA VAL E 130 -47.73 -8.47 -17.09
C VAL E 130 -48.33 -8.90 -18.42
N TYR E 131 -47.63 -8.59 -19.51
CA TYR E 131 -48.04 -8.95 -20.86
C TYR E 131 -47.04 -9.94 -21.46
N GLU E 132 -47.55 -11.04 -22.03
CA GLU E 132 -46.68 -12.02 -22.69
C GLU E 132 -47.48 -12.78 -23.74
N GLY E 133 -46.74 -13.43 -24.63
CA GLY E 133 -47.28 -14.11 -25.79
C GLY E 133 -46.55 -13.64 -27.03
N GLU E 134 -46.72 -14.37 -28.13
CA GLU E 134 -46.02 -13.97 -29.35
C GLU E 134 -46.73 -12.82 -30.04
N VAL E 135 -45.98 -12.04 -30.82
CA VAL E 135 -46.39 -10.72 -31.25
C VAL E 135 -46.37 -10.66 -32.78
N THR E 136 -47.34 -9.93 -33.35
CA THR E 136 -47.36 -9.63 -34.78
C THR E 136 -47.46 -8.10 -34.91
N GLU E 137 -46.69 -7.53 -35.83
CA GLU E 137 -46.66 -6.09 -36.04
C GLU E 137 -46.89 -5.79 -37.51
N LEU E 138 -47.51 -4.63 -37.77
CA LEU E 138 -47.89 -4.21 -39.11
C LEU E 138 -47.57 -2.74 -39.36
N THR E 139 -47.22 -1.98 -38.30
CA THR E 139 -47.06 -0.53 -38.26
C THR E 139 -46.22 0.16 -39.36
N PRO E 140 -45.16 -0.45 -39.93
CA PRO E 140 -44.61 0.34 -41.04
C PRO E 140 -45.35 0.12 -42.35
N THR E 153 -45.22 7.17 -37.26
CA THR E 153 -45.57 7.19 -35.85
C THR E 153 -46.61 8.27 -35.56
N ILE E 154 -47.86 8.01 -35.94
CA ILE E 154 -48.96 8.95 -35.75
C ILE E 154 -49.99 8.25 -34.87
N SER E 155 -49.82 8.38 -33.54
CA SER E 155 -50.77 8.05 -32.49
C SER E 155 -51.42 6.67 -32.55
N HIS E 156 -50.78 5.69 -33.18
CA HIS E 156 -51.43 4.41 -33.42
C HIS E 156 -50.42 3.30 -33.67
N VAL E 157 -50.35 2.30 -32.79
CA VAL E 157 -49.46 1.16 -32.95
C VAL E 157 -50.27 -0.13 -32.84
N ILE E 158 -50.28 -0.92 -33.91
CA ILE E 158 -50.98 -2.20 -33.93
C ILE E 158 -50.05 -3.25 -33.32
N ILE E 159 -50.51 -3.91 -32.26
CA ILE E 159 -49.76 -4.99 -31.64
C ILE E 159 -50.67 -6.20 -31.50
N GLY E 160 -50.32 -7.30 -32.16
CA GLY E 160 -51.01 -8.55 -31.95
C GLY E 160 -50.43 -9.31 -30.77
N LEU E 161 -51.27 -10.12 -30.14
CA LEU E 161 -50.84 -10.92 -29.00
C LEU E 161 -51.51 -12.27 -29.13
N LYS E 162 -50.71 -13.30 -29.37
CA LYS E 162 -51.20 -14.66 -29.54
C LYS E 162 -50.69 -15.49 -28.37
N THR E 163 -51.61 -16.18 -27.70
CA THR E 163 -51.31 -17.19 -26.69
C THR E 163 -52.16 -18.43 -26.98
N ALA E 164 -52.01 -19.44 -26.14
CA ALA E 164 -52.76 -20.69 -26.29
C ALA E 164 -54.26 -20.50 -26.02
N LYS E 165 -54.64 -19.42 -25.36
CA LYS E 165 -56.05 -19.08 -25.19
C LYS E 165 -56.62 -18.30 -26.36
N GLY E 166 -55.78 -17.83 -27.30
CA GLY E 166 -56.30 -17.20 -28.48
C GLY E 166 -55.51 -15.94 -28.83
N THR E 167 -56.15 -15.10 -29.65
CA THR E 167 -55.52 -13.90 -30.20
C THR E 167 -56.21 -12.66 -29.68
N LYS E 168 -55.47 -11.56 -29.63
CA LYS E 168 -56.01 -10.27 -29.22
C LYS E 168 -55.19 -9.14 -29.82
N GLN E 169 -55.85 -8.16 -30.42
CA GLN E 169 -55.18 -7.01 -31.00
C GLN E 169 -55.30 -5.81 -30.08
N LEU E 170 -54.23 -5.01 -30.00
CA LEU E 170 -54.16 -3.87 -29.11
C LEU E 170 -53.59 -2.66 -29.83
N LYS E 171 -54.00 -1.48 -29.38
CA LYS E 171 -53.51 -0.20 -29.87
C LYS E 171 -52.62 0.43 -28.81
N LEU E 172 -51.38 0.73 -29.18
CA LEU E 172 -50.40 1.26 -28.24
C LEU E 172 -49.80 2.55 -28.78
N ASP E 173 -49.09 3.25 -27.88
CA ASP E 173 -48.52 4.54 -28.17
C ASP E 173 -47.27 4.41 -29.05
N PRO E 174 -46.95 5.45 -29.84
CA PRO E 174 -45.74 5.37 -30.67
C PRO E 174 -44.43 5.46 -29.89
N SER E 175 -44.47 5.93 -28.64
CA SER E 175 -43.26 5.94 -27.82
C SER E 175 -42.84 4.52 -27.44
N ILE E 176 -43.79 3.63 -27.23
CA ILE E 176 -43.49 2.23 -26.95
C ILE E 176 -42.88 1.57 -28.20
N PHE E 177 -43.39 1.92 -29.38
CA PHE E 177 -42.81 1.40 -30.61
C PHE E 177 -41.43 1.99 -30.88
N GLU E 178 -41.18 3.23 -30.46
CA GLU E 178 -39.85 3.80 -30.58
C GLU E 178 -38.87 3.11 -29.64
N SER E 179 -39.32 2.78 -28.42
CA SER E 179 -38.49 2.04 -27.48
C SER E 179 -38.22 0.62 -27.98
N LEU E 180 -39.18 0.01 -28.68
CA LEU E 180 -38.93 -1.28 -29.30
C LEU E 180 -37.99 -1.15 -30.50
N GLN E 181 -38.05 -0.02 -31.21
CA GLN E 181 -37.16 0.22 -32.34
C GLN E 181 -35.74 0.51 -31.86
N LYS E 182 -35.58 0.94 -30.61
CA LYS E 182 -34.25 1.15 -30.04
C LYS E 182 -33.44 -0.15 -29.97
N GLU E 183 -34.06 -1.21 -29.45
CA GLU E 183 -33.46 -2.53 -29.49
C GLU E 183 -33.91 -3.27 -30.74
N ARG E 184 -33.64 -4.58 -30.80
CA ARG E 184 -33.99 -5.39 -31.96
C ARG E 184 -35.27 -6.18 -31.67
N VAL E 185 -36.15 -6.23 -32.66
CA VAL E 185 -37.43 -6.93 -32.56
C VAL E 185 -37.47 -8.00 -33.64
N GLU E 186 -37.57 -9.27 -33.22
CA GLU E 186 -37.72 -10.37 -34.14
C GLU E 186 -39.19 -10.55 -34.50
N ALA E 187 -39.44 -10.92 -35.75
CA ALA E 187 -40.80 -11.15 -36.23
C ALA E 187 -41.33 -12.45 -35.63
N GLY E 188 -42.05 -12.33 -34.51
CA GLY E 188 -42.59 -13.50 -33.85
C GLY E 188 -41.77 -13.98 -32.67
N ASP E 189 -41.41 -13.05 -31.77
CA ASP E 189 -40.62 -13.36 -30.59
C ASP E 189 -41.44 -13.09 -29.33
N VAL E 190 -40.77 -13.19 -28.18
CA VAL E 190 -41.38 -12.95 -26.89
C VAL E 190 -40.82 -11.64 -26.34
N ILE E 191 -41.68 -10.64 -26.21
CA ILE E 191 -41.29 -9.30 -25.76
C ILE E 191 -42.00 -9.01 -24.44
N TYR E 192 -41.23 -8.73 -23.40
CA TYR E 192 -41.77 -8.47 -22.07
C TYR E 192 -42.23 -7.02 -22.00
N ILE E 193 -43.51 -6.78 -22.26
CA ILE E 193 -44.08 -5.44 -22.29
C ILE E 193 -44.59 -5.11 -20.90
N GLU E 194 -43.95 -4.15 -20.24
CA GLU E 194 -44.36 -3.72 -18.90
C GLU E 194 -44.62 -2.22 -18.87
N GLU E 219 -35.09 -20.85 -30.39
CA GLU E 219 -34.42 -21.90 -29.63
C GLU E 219 -34.62 -21.67 -28.14
N TYR E 220 -34.77 -20.40 -27.74
CA TYR E 220 -34.93 -20.03 -26.34
C TYR E 220 -36.34 -19.50 -26.11
N VAL E 221 -36.68 -19.34 -24.84
CA VAL E 221 -38.02 -19.12 -24.25
C VAL E 221 -39.18 -19.77 -25.01
N PRO E 222 -39.26 -21.10 -25.08
CA PRO E 222 -40.38 -21.73 -25.80
C PRO E 222 -41.66 -21.71 -24.98
N LEU E 223 -42.77 -21.37 -25.66
CA LEU E 223 -44.15 -21.42 -25.19
C LEU E 223 -44.36 -20.63 -23.88
N PRO E 224 -44.44 -19.30 -23.94
CA PRO E 224 -44.78 -18.53 -22.73
C PRO E 224 -46.26 -18.65 -22.37
N LYS E 225 -46.61 -19.71 -21.64
CA LYS E 225 -48.00 -19.97 -21.28
C LYS E 225 -48.52 -18.91 -20.31
N GLY E 226 -49.72 -18.40 -20.61
CA GLY E 226 -50.36 -17.37 -19.84
C GLY E 226 -51.41 -16.63 -20.65
N ASP E 227 -52.30 -15.90 -19.99
CA ASP E 227 -53.33 -15.17 -20.70
C ASP E 227 -52.80 -13.84 -21.23
N VAL E 228 -53.71 -13.02 -21.75
CA VAL E 228 -53.36 -11.79 -22.44
C VAL E 228 -52.85 -10.73 -21.46
N HIS E 229 -53.32 -10.78 -20.21
CA HIS E 229 -52.85 -9.87 -19.17
C HIS E 229 -52.85 -10.56 -17.82
N LYS E 230 -51.83 -10.29 -17.01
CA LYS E 230 -51.71 -10.84 -15.66
C LYS E 230 -51.70 -9.68 -14.68
N LYS E 231 -52.82 -9.46 -13.99
CA LYS E 231 -52.91 -8.43 -12.96
C LYS E 231 -52.78 -9.13 -11.60
N LYS E 232 -51.64 -8.92 -10.94
CA LYS E 232 -51.32 -9.64 -9.72
C LYS E 232 -51.00 -8.66 -8.59
N GLU E 233 -51.54 -8.94 -7.41
CA GLU E 233 -51.30 -8.18 -6.20
C GLU E 233 -50.57 -9.08 -5.20
N ILE E 234 -49.31 -8.76 -4.92
CA ILE E 234 -48.47 -9.58 -4.06
C ILE E 234 -47.98 -8.75 -2.88
N ILE E 235 -48.07 -9.32 -1.68
CA ILE E 235 -47.63 -8.70 -0.43
C ILE E 235 -46.47 -9.52 0.12
N GLN E 236 -45.36 -8.85 0.41
CA GLN E 236 -44.23 -9.52 1.07
C GLN E 236 -43.63 -8.60 2.12
N ASP E 237 -42.49 -9.03 2.67
CA ASP E 237 -41.83 -8.40 3.80
C ASP E 237 -40.46 -7.87 3.38
N VAL E 238 -40.03 -6.80 4.07
CA VAL E 238 -38.78 -6.11 3.80
C VAL E 238 -38.02 -5.97 5.11
N THR E 239 -36.77 -6.42 5.13
CA THR E 239 -35.88 -6.18 6.26
C THR E 239 -35.06 -4.92 6.02
N LEU E 240 -34.88 -4.13 7.08
CA LEU E 240 -34.13 -2.89 6.96
C LEU E 240 -32.63 -3.10 6.87
N HIS E 241 -32.15 -4.29 7.24
CA HIS E 241 -30.72 -4.61 7.11
C HIS E 241 -30.31 -4.67 5.64
N ASP E 242 -31.14 -5.28 4.79
CA ASP E 242 -30.85 -5.33 3.37
C ASP E 242 -30.92 -3.94 2.73
N LEU E 243 -31.83 -3.09 3.21
CA LEU E 243 -31.89 -1.71 2.73
C LEU E 243 -30.66 -0.92 3.15
N ASP E 244 -30.15 -1.14 4.35
CA ASP E 244 -28.94 -0.45 4.77
C ASP E 244 -27.70 -0.96 4.03
N VAL E 245 -27.67 -2.25 3.69
CA VAL E 245 -26.59 -2.78 2.88
C VAL E 245 -26.65 -2.20 1.46
N ALA E 246 -27.85 -2.12 0.88
CA ALA E 246 -27.99 -1.55 -0.46
C ALA E 246 -27.72 -0.04 -0.47
N ASN E 247 -27.97 0.64 0.64
CA ASN E 247 -27.54 2.03 0.76
C ASN E 247 -26.02 2.12 0.95
N ALA E 248 -25.40 1.09 1.53
CA ALA E 248 -23.95 1.08 1.66
C ALA E 248 -23.29 0.57 0.37
N ARG E 249 -23.81 -0.52 -0.19
CA ARG E 249 -23.26 -1.12 -1.41
C ARG E 249 -24.38 -1.37 -2.40
N PRO E 250 -24.58 -0.47 -3.38
CA PRO E 250 -25.62 -0.70 -4.39
C PRO E 250 -25.26 -1.81 -5.37
N GLN E 251 -24.01 -1.81 -5.83
CA GLN E 251 -23.43 -2.79 -6.77
C GLN E 251 -24.22 -2.91 -8.09
N LYS E 268 -18.30 -1.20 7.68
CA LYS E 268 -19.12 -0.12 7.13
C LYS E 268 -19.79 0.69 8.25
N THR E 269 -19.01 1.59 8.85
CA THR E 269 -19.53 2.47 9.88
C THR E 269 -20.43 3.52 9.23
N GLU E 270 -21.53 3.88 9.89
CA GLU E 270 -22.55 4.74 9.30
C GLU E 270 -22.73 6.02 10.10
N ILE E 271 -23.14 7.08 9.38
CA ILE E 271 -23.56 8.34 9.97
C ILE E 271 -25.07 8.28 10.14
N THR E 272 -25.57 8.78 11.27
CA THR E 272 -26.97 8.65 11.66
C THR E 272 -27.93 9.47 10.80
N ASP E 273 -27.46 10.30 9.86
CA ASP E 273 -28.37 11.08 9.04
C ASP E 273 -29.12 10.21 8.04
N LYS E 274 -28.40 9.39 7.28
CA LYS E 274 -29.03 8.43 6.38
C LYS E 274 -29.77 7.35 7.16
N LEU E 275 -29.26 7.01 8.35
CA LEU E 275 -29.88 6.00 9.19
C LEU E 275 -31.26 6.43 9.68
N ARG E 276 -31.37 7.65 10.21
CA ARG E 276 -32.66 8.15 10.71
C ARG E 276 -33.51 8.76 9.60
N GLY E 277 -33.04 9.88 9.02
CA GLY E 277 -33.93 10.72 8.25
C GLY E 277 -34.23 10.18 6.86
N GLU E 278 -33.20 9.70 6.16
CA GLU E 278 -33.37 9.21 4.79
C GLU E 278 -34.18 7.93 4.72
N ILE E 279 -34.34 7.22 5.84
CA ILE E 279 -35.25 6.09 5.90
C ILE E 279 -36.63 6.51 6.39
N ASN E 280 -36.69 7.34 7.44
CA ASN E 280 -37.98 7.66 8.05
C ASN E 280 -38.82 8.57 7.18
N LYS E 281 -38.20 9.41 6.34
CA LYS E 281 -38.98 10.27 5.45
C LYS E 281 -39.69 9.46 4.37
N VAL E 282 -38.99 8.51 3.75
CA VAL E 282 -39.65 7.71 2.72
C VAL E 282 -40.61 6.69 3.34
N VAL E 283 -40.36 6.26 4.58
CA VAL E 283 -41.33 5.41 5.27
C VAL E 283 -42.61 6.20 5.58
N ASN E 284 -42.46 7.47 6.01
CA ASN E 284 -43.61 8.33 6.24
C ASN E 284 -44.36 8.64 4.94
N LYS E 285 -43.63 8.82 3.84
CA LYS E 285 -44.27 9.06 2.55
C LYS E 285 -44.90 7.80 1.95
N TYR E 286 -44.49 6.61 2.39
CA TYR E 286 -45.03 5.38 1.83
C TYR E 286 -46.11 4.72 2.69
N ILE E 287 -46.20 5.05 3.98
CA ILE E 287 -47.29 4.51 4.79
C ILE E 287 -48.61 5.20 4.46
N ASP E 288 -48.60 6.53 4.40
CA ASP E 288 -49.84 7.29 4.22
C ASP E 288 -50.44 7.16 2.82
N GLN E 289 -49.66 6.69 1.84
CA GLN E 289 -50.21 6.42 0.52
C GLN E 289 -51.05 5.15 0.53
N GLY E 290 -50.61 4.14 1.28
CA GLY E 290 -51.35 2.90 1.38
C GLY E 290 -50.60 1.71 0.82
N ILE E 291 -49.27 1.74 0.91
CA ILE E 291 -48.40 0.71 0.36
C ILE E 291 -47.64 -0.01 1.46
N ALA E 292 -46.88 0.73 2.27
CA ALA E 292 -45.99 0.16 3.27
C ALA E 292 -46.67 0.13 4.64
N GLU E 293 -46.42 -0.94 5.39
CA GLU E 293 -46.91 -1.09 6.75
C GLU E 293 -45.76 -1.47 7.66
N LEU E 294 -45.55 -0.69 8.72
CA LEU E 294 -44.40 -0.88 9.60
C LEU E 294 -44.72 -1.96 10.64
N VAL E 295 -44.02 -3.09 10.59
CA VAL E 295 -44.20 -4.15 11.57
C VAL E 295 -42.86 -4.42 12.25
N PRO E 296 -42.74 -4.15 13.54
CA PRO E 296 -41.47 -4.39 14.25
C PRO E 296 -41.28 -5.87 14.56
N GLY E 297 -40.11 -6.18 15.12
CA GLY E 297 -39.76 -7.52 15.52
C GLY E 297 -39.42 -7.60 17.00
N VAL E 298 -39.17 -8.84 17.43
CA VAL E 298 -38.85 -9.13 18.83
C VAL E 298 -37.44 -9.70 18.87
N LEU E 299 -36.56 -9.07 19.64
CA LEU E 299 -35.19 -9.53 19.76
C LEU E 299 -35.02 -10.33 21.05
N PHE E 300 -33.99 -11.18 21.05
CA PHE E 300 -33.66 -11.99 22.22
C PHE E 300 -32.15 -11.97 22.41
N VAL E 301 -31.69 -11.42 23.53
CA VAL E 301 -30.27 -11.31 23.83
C VAL E 301 -29.97 -12.26 24.99
N ASP E 302 -29.30 -13.37 24.68
CA ASP E 302 -28.88 -14.34 25.68
C ASP E 302 -27.55 -13.91 26.28
N GLU E 303 -27.37 -14.23 27.56
CA GLU E 303 -26.20 -13.88 28.38
C GLU E 303 -25.97 -12.36 28.38
N VAL E 304 -26.99 -11.65 28.89
CA VAL E 304 -26.93 -10.19 28.92
C VAL E 304 -25.98 -9.68 29.99
N HIS E 305 -25.68 -10.48 31.02
CA HIS E 305 -24.76 -10.06 32.06
C HIS E 305 -23.30 -10.15 31.65
N MET E 306 -23.00 -10.82 30.54
CA MET E 306 -21.62 -10.89 30.03
C MET E 306 -21.43 -9.86 28.93
N LEU E 307 -21.56 -8.58 29.30
CA LEU E 307 -21.39 -7.48 28.39
C LEU E 307 -20.54 -6.39 29.02
N ASP E 308 -19.91 -5.59 28.17
CA ASP E 308 -19.18 -4.42 28.61
C ASP E 308 -20.18 -3.36 29.09
N ILE E 309 -19.73 -2.52 30.03
CA ILE E 309 -20.62 -1.51 30.63
C ILE E 309 -20.98 -0.41 29.62
N GLU E 310 -20.13 -0.20 28.60
CA GLU E 310 -20.47 0.70 27.51
C GLU E 310 -21.66 0.16 26.71
N CYS E 311 -21.74 -1.16 26.56
CA CYS E 311 -22.91 -1.76 25.93
C CYS E 311 -24.16 -1.59 26.79
N PHE E 312 -24.03 -1.63 28.12
CA PHE E 312 -25.18 -1.35 28.99
C PHE E 312 -25.65 0.09 28.87
N THR E 313 -24.70 1.03 28.77
CA THR E 313 -25.07 2.44 28.57
C THR E 313 -25.76 2.64 27.22
N TYR E 314 -25.27 1.97 26.19
CA TYR E 314 -25.90 2.08 24.87
C TYR E 314 -27.29 1.43 24.87
N LEU E 315 -27.46 0.32 25.59
CA LEU E 315 -28.75 -0.36 25.61
C LEU E 315 -29.79 0.46 26.37
N HIS E 316 -29.47 0.94 27.58
CA HIS E 316 -30.47 1.72 28.30
C HIS E 316 -30.44 3.20 27.93
N ARG E 317 -29.70 3.58 26.89
CA ARG E 317 -30.07 4.79 26.17
C ARG E 317 -30.98 4.51 24.99
N ALA E 318 -30.69 3.47 24.20
CA ALA E 318 -31.45 3.16 23.00
C ALA E 318 -32.84 2.63 23.30
N LEU E 319 -33.08 2.10 24.51
CA LEU E 319 -34.43 1.71 24.88
C LEU E 319 -35.33 2.90 25.15
N GLU E 320 -34.76 4.08 25.38
CA GLU E 320 -35.54 5.30 25.62
C GLU E 320 -35.79 6.08 24.34
N SER E 321 -35.42 5.55 23.18
CA SER E 321 -35.64 6.25 21.93
C SER E 321 -37.09 6.08 21.47
N SER E 322 -37.47 6.87 20.46
CA SER E 322 -38.82 6.80 19.92
C SER E 322 -38.99 5.60 18.99
N ILE E 323 -37.91 5.17 18.35
CA ILE E 323 -37.93 4.03 17.43
C ILE E 323 -37.04 2.96 18.04
N ALA E 324 -37.65 1.97 18.71
CA ALA E 324 -36.93 0.90 19.37
C ALA E 324 -37.84 -0.31 19.52
N PRO E 325 -37.45 -1.47 19.01
CA PRO E 325 -38.25 -2.68 19.19
C PRO E 325 -38.10 -3.25 20.61
N ILE E 326 -38.85 -4.32 20.85
CA ILE E 326 -38.84 -4.98 22.16
C ILE E 326 -37.75 -6.05 22.17
N VAL E 327 -36.95 -6.06 23.24
CA VAL E 327 -35.80 -6.94 23.38
C VAL E 327 -35.95 -7.71 24.69
N ILE E 328 -35.87 -9.04 24.61
CA ILE E 328 -35.97 -9.91 25.77
C ILE E 328 -34.55 -10.26 26.21
N PHE E 329 -34.16 -9.81 27.40
CA PHE E 329 -32.87 -10.15 27.97
C PHE E 329 -32.90 -11.53 28.60
N ALA E 330 -31.73 -12.14 28.70
CA ALA E 330 -31.57 -13.41 29.42
C ALA E 330 -30.37 -13.31 30.34
N SER E 331 -30.63 -13.17 31.63
CA SER E 331 -29.59 -13.10 32.65
C SER E 331 -29.60 -14.40 33.45
N ASN E 332 -28.47 -15.11 33.45
CA ASN E 332 -28.36 -16.40 34.10
C ASN E 332 -27.69 -16.30 35.46
N ARG E 333 -26.48 -15.76 35.50
CA ARG E 333 -25.70 -15.73 36.73
C ARG E 333 -26.18 -14.60 37.65
N GLY E 334 -25.78 -14.70 38.92
CA GLY E 334 -26.15 -13.71 39.91
C GLY E 334 -25.19 -12.53 39.95
N ASN E 335 -24.69 -12.20 41.14
CA ASN E 335 -23.77 -11.08 41.27
C ASN E 335 -22.41 -11.40 40.66
N CYS E 336 -21.81 -10.40 40.02
CA CYS E 336 -20.54 -10.57 39.32
C CYS E 336 -19.89 -9.20 39.16
N VAL E 337 -18.67 -9.21 38.64
CA VAL E 337 -17.95 -7.99 38.33
C VAL E 337 -18.21 -7.62 36.88
N ILE E 338 -18.71 -6.40 36.66
CA ILE E 338 -18.99 -5.92 35.31
C ILE E 338 -17.67 -5.66 34.59
N ARG E 339 -17.55 -6.18 33.37
CA ARG E 339 -16.32 -6.03 32.59
C ARG E 339 -16.10 -4.58 32.18
N GLY E 340 -14.86 -4.13 32.31
CA GLY E 340 -14.48 -2.76 32.07
C GLY E 340 -14.33 -1.93 33.33
N THR E 341 -15.09 -2.27 34.38
CA THR E 341 -15.04 -1.59 35.67
C THR E 341 -14.63 -2.58 36.75
N GLU E 342 -14.44 -2.06 37.97
CA GLU E 342 -14.03 -2.86 39.10
C GLU E 342 -14.86 -2.48 40.32
N ASP E 343 -14.88 -3.42 41.29
CA ASP E 343 -15.50 -3.24 42.62
C ASP E 343 -16.99 -2.93 42.53
N ILE E 344 -17.69 -3.65 41.66
CA ILE E 344 -19.14 -3.53 41.52
C ILE E 344 -19.75 -4.90 41.71
N THR E 345 -20.69 -5.01 42.66
CA THR E 345 -21.33 -6.28 42.98
C THR E 345 -22.82 -6.12 42.74
N SER E 346 -23.17 -5.59 41.57
CA SER E 346 -24.57 -5.38 41.23
C SER E 346 -25.26 -6.73 40.96
N PRO E 347 -26.55 -6.82 41.29
CA PRO E 347 -27.27 -8.09 41.07
C PRO E 347 -27.50 -8.37 39.58
N HIS E 348 -27.38 -9.65 39.23
CA HIS E 348 -27.59 -10.19 37.88
C HIS E 348 -26.68 -9.58 36.83
N GLY E 349 -25.53 -9.03 37.23
CA GLY E 349 -24.62 -8.38 36.31
C GLY E 349 -25.15 -7.13 35.64
N ILE E 350 -26.16 -6.50 36.23
CA ILE E 350 -26.87 -5.39 35.61
C ILE E 350 -26.83 -4.19 36.54
N PRO E 351 -26.44 -2.99 36.06
CA PRO E 351 -26.43 -1.81 36.93
C PRO E 351 -27.81 -1.29 37.27
N LEU E 352 -27.86 -0.21 38.07
CA LEU E 352 -29.12 0.31 38.59
C LEU E 352 -29.97 0.98 37.52
N ASP E 353 -29.35 1.50 36.45
CA ASP E 353 -30.09 2.25 35.45
C ASP E 353 -30.93 1.32 34.57
N LEU E 354 -30.40 0.15 34.23
CA LEU E 354 -31.14 -0.77 33.37
C LEU E 354 -32.22 -1.53 34.13
N LEU E 355 -32.05 -1.69 35.44
CA LEU E 355 -33.07 -2.38 36.24
C LEU E 355 -34.36 -1.59 36.38
N ASP E 356 -34.31 -0.27 36.18
CA ASP E 356 -35.52 0.55 36.20
C ASP E 356 -36.26 0.56 34.86
N ARG E 357 -35.75 -0.17 33.87
CA ARG E 357 -36.36 -0.22 32.54
C ARG E 357 -36.82 -1.61 32.12
N VAL E 358 -36.23 -2.66 32.67
CA VAL E 358 -36.55 -4.03 32.25
C VAL E 358 -37.76 -4.54 33.02
N MET E 359 -38.33 -5.63 32.52
CA MET E 359 -39.44 -6.33 33.17
C MET E 359 -38.90 -7.64 33.73
N ILE E 360 -38.74 -7.69 35.05
CA ILE E 360 -38.09 -8.83 35.70
C ILE E 360 -39.09 -9.99 35.80
N ILE E 361 -38.71 -11.14 35.25
CA ILE E 361 -39.50 -12.36 35.32
C ILE E 361 -38.70 -13.40 36.07
N ARG E 362 -39.24 -13.88 37.19
CA ARG E 362 -38.59 -14.89 38.02
C ARG E 362 -39.08 -16.27 37.63
N THR E 363 -38.13 -17.17 37.39
CA THR E 363 -38.45 -18.55 37.01
C THR E 363 -38.27 -19.48 38.21
N MET E 364 -39.22 -20.41 38.36
CA MET E 364 -39.20 -21.33 39.48
C MET E 364 -38.32 -22.54 39.18
N LEU E 365 -38.22 -23.44 40.15
CA LEU E 365 -37.47 -24.69 40.00
C LEU E 365 -38.45 -25.81 39.69
N TYR E 366 -38.01 -26.74 38.83
CA TYR E 366 -38.88 -27.83 38.42
C TYR E 366 -39.05 -28.85 39.54
N THR E 367 -40.29 -29.29 39.74
CA THR E 367 -40.61 -30.30 40.72
C THR E 367 -40.18 -31.69 40.22
N PRO E 368 -39.87 -32.62 41.12
CA PRO E 368 -39.53 -33.99 40.68
C PRO E 368 -40.69 -34.75 40.05
N GLN E 369 -41.93 -34.33 40.29
CA GLN E 369 -43.07 -35.00 39.66
C GLN E 369 -43.16 -34.69 38.18
N GLU E 370 -42.72 -33.50 37.76
CA GLU E 370 -42.83 -33.08 36.37
C GLU E 370 -41.67 -33.55 35.50
N MET E 371 -40.75 -34.36 36.03
CA MET E 371 -39.67 -34.88 35.21
C MET E 371 -40.17 -35.93 34.22
N LYS E 372 -41.22 -36.66 34.61
CA LYS E 372 -41.84 -37.61 33.69
C LYS E 372 -42.51 -36.90 32.53
N GLN E 373 -43.11 -35.73 32.79
CA GLN E 373 -43.70 -34.93 31.72
C GLN E 373 -42.64 -34.32 30.81
N ILE E 374 -41.41 -34.15 31.30
CA ILE E 374 -40.32 -33.69 30.44
C ILE E 374 -39.81 -34.84 29.59
N ILE E 375 -39.59 -36.01 30.19
CA ILE E 375 -38.98 -37.12 29.48
C ILE E 375 -39.98 -37.83 28.53
N LYS E 376 -41.29 -37.70 28.76
CA LYS E 376 -42.26 -38.40 27.92
C LYS E 376 -42.35 -37.77 26.54
N ILE E 377 -42.31 -36.43 26.47
CA ILE E 377 -42.38 -35.78 25.16
C ILE E 377 -41.05 -35.96 24.41
N ARG E 378 -39.94 -36.12 25.13
CA ARG E 378 -38.67 -36.43 24.47
C ARG E 378 -38.65 -37.86 23.94
N ALA E 379 -39.26 -38.80 24.68
CA ALA E 379 -39.39 -40.16 24.17
C ALA E 379 -40.37 -40.23 23.00
N GLN E 380 -41.39 -39.36 22.99
CA GLN E 380 -42.28 -39.26 21.83
C GLN E 380 -41.57 -38.66 20.62
N THR E 381 -40.68 -37.68 20.84
CA THR E 381 -39.88 -37.11 19.76
C THR E 381 -38.90 -38.15 19.20
N GLU E 382 -38.25 -38.92 20.08
CA GLU E 382 -37.34 -39.96 19.62
C GLU E 382 -38.10 -41.14 19.01
N GLY E 383 -39.17 -41.60 19.67
CA GLY E 383 -39.98 -42.66 19.13
C GLY E 383 -39.73 -44.03 19.73
N ILE E 384 -39.56 -44.08 21.05
CA ILE E 384 -39.34 -45.33 21.75
C ILE E 384 -39.96 -45.22 23.13
N ASN E 385 -40.46 -46.34 23.64
CA ASN E 385 -41.12 -46.39 24.94
C ASN E 385 -40.11 -46.63 26.05
N ILE E 386 -40.48 -46.22 27.26
CA ILE E 386 -39.64 -46.35 28.45
C ILE E 386 -40.39 -47.21 29.45
N SER E 387 -39.71 -48.23 30.00
CA SER E 387 -40.30 -49.11 30.98
C SER E 387 -40.41 -48.40 32.33
N GLU E 388 -40.99 -49.11 33.31
CA GLU E 388 -41.25 -48.50 34.61
C GLU E 388 -39.96 -48.34 35.42
N GLU E 389 -39.10 -49.38 35.43
CA GLU E 389 -37.86 -49.30 36.18
C GLU E 389 -36.86 -48.33 35.53
N ALA E 390 -36.86 -48.26 34.20
CA ALA E 390 -36.00 -47.30 33.50
C ALA E 390 -36.46 -45.87 33.77
N LEU E 391 -37.77 -45.63 33.78
CA LEU E 391 -38.29 -44.30 34.11
C LEU E 391 -38.04 -43.97 35.57
N ASN E 392 -38.06 -44.97 36.45
CA ASN E 392 -37.75 -44.74 37.86
C ASN E 392 -36.29 -44.36 38.05
N HIS E 393 -35.37 -45.04 37.36
CA HIS E 393 -33.95 -44.69 37.48
C HIS E 393 -33.65 -43.35 36.82
N LEU E 394 -34.33 -43.03 35.72
CA LEU E 394 -34.16 -41.71 35.10
C LEU E 394 -34.71 -40.61 36.00
N GLY E 395 -35.81 -40.88 36.71
CA GLY E 395 -36.31 -39.91 37.68
C GLY E 395 -35.39 -39.74 38.86
N GLU E 396 -34.76 -40.82 39.32
CA GLU E 396 -33.80 -40.73 40.41
C GLU E 396 -32.55 -39.94 40.01
N ILE E 397 -32.02 -40.18 38.81
CA ILE E 397 -30.85 -39.42 38.37
C ILE E 397 -31.24 -38.01 37.92
N GLY E 398 -32.53 -37.74 37.67
CA GLY E 398 -32.98 -36.38 37.48
C GLY E 398 -33.26 -35.63 38.76
N THR E 399 -33.45 -36.35 39.87
CA THR E 399 -33.46 -35.71 41.18
C THR E 399 -32.07 -35.56 41.78
N LYS E 400 -31.10 -36.38 41.36
CA LYS E 400 -29.74 -36.23 41.86
C LYS E 400 -29.07 -34.99 41.25
N THR E 401 -29.12 -34.85 39.94
CA THR E 401 -28.51 -33.72 39.25
C THR E 401 -29.52 -33.00 38.38
N THR E 402 -29.06 -32.10 37.51
CA THR E 402 -29.96 -31.34 36.64
C THR E 402 -30.59 -32.24 35.59
N LEU E 403 -31.70 -31.75 35.02
CA LEU E 403 -32.47 -32.54 34.06
C LEU E 403 -31.79 -32.64 32.69
N ARG E 404 -30.80 -31.78 32.42
CA ARG E 404 -30.06 -31.86 31.17
C ARG E 404 -29.25 -33.14 31.09
N TYR E 405 -28.76 -33.65 32.22
CA TYR E 405 -28.11 -34.95 32.26
C TYR E 405 -29.12 -36.08 32.01
N SER E 406 -30.38 -35.88 32.39
CA SER E 406 -31.40 -36.88 32.12
C SER E 406 -31.80 -36.90 30.65
N VAL E 407 -31.85 -35.72 30.02
CA VAL E 407 -32.15 -35.63 28.60
C VAL E 407 -30.96 -36.14 27.77
N GLN E 408 -29.74 -35.97 28.28
CA GLN E 408 -28.53 -36.31 27.53
C GLN E 408 -28.37 -37.82 27.35
N LEU E 409 -28.87 -38.62 28.28
CA LEU E 409 -28.72 -40.07 28.23
C LEU E 409 -29.93 -40.77 27.63
N LEU E 410 -30.59 -40.14 26.65
CA LEU E 410 -31.72 -40.75 25.96
C LEU E 410 -31.32 -41.36 24.61
N THR E 411 -30.46 -40.68 23.86
CA THR E 411 -29.99 -41.15 22.56
C THR E 411 -28.94 -42.28 22.61
N PRO E 412 -27.84 -42.21 23.39
CA PRO E 412 -26.88 -43.33 23.33
C PRO E 412 -27.40 -44.61 23.97
N ALA E 413 -28.33 -44.52 24.91
CA ALA E 413 -28.98 -45.70 25.44
C ALA E 413 -29.79 -46.42 24.37
N ASN E 414 -30.53 -45.65 23.56
CA ASN E 414 -31.30 -46.24 22.48
C ASN E 414 -30.39 -46.79 21.38
N LEU E 415 -29.26 -46.13 21.13
CA LEU E 415 -28.32 -46.63 20.13
C LEU E 415 -27.65 -47.91 20.58
N LEU E 416 -27.25 -47.99 21.85
CA LEU E 416 -26.63 -49.21 22.34
C LEU E 416 -27.64 -50.34 22.50
N ALA E 417 -28.91 -50.00 22.76
CA ALA E 417 -29.97 -51.02 22.75
C ALA E 417 -30.27 -51.50 21.35
N LYS E 418 -30.11 -50.64 20.34
CA LYS E 418 -30.25 -51.06 18.95
C LYS E 418 -29.08 -51.95 18.52
N ILE E 419 -27.88 -51.67 19.04
CA ILE E 419 -26.72 -52.51 18.74
C ILE E 419 -26.88 -53.88 19.39
N ASN E 420 -27.13 -53.91 20.70
CA ASN E 420 -27.26 -55.17 21.42
C ASN E 420 -28.56 -55.90 21.10
N GLY E 421 -29.56 -55.21 20.56
CA GLY E 421 -30.80 -55.86 20.18
C GLY E 421 -31.87 -55.81 21.26
N LYS E 422 -32.11 -54.62 21.80
CA LYS E 422 -33.12 -54.41 22.84
C LYS E 422 -34.12 -53.39 22.34
N ASP E 423 -35.39 -53.80 22.23
CA ASP E 423 -36.44 -52.91 21.74
C ASP E 423 -36.90 -51.91 22.79
N SER E 424 -36.63 -52.17 24.06
CA SER E 424 -37.03 -51.30 25.16
C SER E 424 -35.77 -50.78 25.88
N ILE E 425 -35.99 -50.05 26.97
CA ILE E 425 -34.92 -49.47 27.77
C ILE E 425 -34.92 -50.17 29.12
N GLU E 426 -33.77 -50.75 29.49
CA GLU E 426 -33.62 -51.50 30.72
C GLU E 426 -32.96 -50.63 31.79
N LYS E 427 -33.36 -50.86 33.05
CA LYS E 427 -32.73 -50.17 34.16
C LYS E 427 -31.27 -50.57 34.32
N GLU E 428 -30.96 -51.84 34.04
CA GLU E 428 -29.56 -52.28 34.04
C GLU E 428 -28.78 -51.66 32.89
N HIS E 429 -29.45 -51.38 31.76
CA HIS E 429 -28.79 -50.76 30.62
C HIS E 429 -28.38 -49.32 30.93
N VAL E 430 -29.29 -48.53 31.51
CA VAL E 430 -28.95 -47.17 31.87
C VAL E 430 -28.01 -47.14 33.07
N GLU E 431 -28.06 -48.17 33.92
CA GLU E 431 -27.08 -48.29 35.00
C GLU E 431 -25.68 -48.54 34.46
N GLU E 432 -25.56 -49.39 33.43
CA GLU E 432 -24.24 -49.65 32.84
C GLU E 432 -23.73 -48.44 32.07
N ILE E 433 -24.61 -47.70 31.38
CA ILE E 433 -24.10 -46.51 30.69
C ILE E 433 -23.86 -45.34 31.64
N SER E 434 -24.44 -45.38 32.85
CA SER E 434 -24.05 -44.41 33.89
C SER E 434 -22.76 -44.81 34.58
N GLU E 435 -22.48 -46.11 34.64
CA GLU E 435 -21.16 -46.57 35.06
C GLU E 435 -20.09 -46.26 34.01
N LEU E 436 -20.51 -46.16 32.74
CA LEU E 436 -19.58 -45.86 31.65
C LEU E 436 -19.02 -44.44 31.77
N PHE E 437 -19.89 -43.46 32.03
CA PHE E 437 -19.47 -42.08 32.21
C PHE E 437 -20.33 -41.42 33.27
N TYR E 438 -19.71 -40.61 34.11
CA TYR E 438 -20.39 -39.98 35.23
C TYR E 438 -20.60 -38.49 34.96
N ASP E 439 -21.37 -37.86 35.85
CA ASP E 439 -21.82 -36.49 35.64
C ASP E 439 -20.74 -35.47 35.98
N ALA E 440 -21.07 -34.20 35.76
CA ALA E 440 -20.10 -33.14 36.00
C ALA E 440 -20.02 -32.76 37.48
N LYS E 441 -21.01 -33.20 38.26
CA LYS E 441 -21.05 -32.85 39.68
C LYS E 441 -19.99 -33.59 40.49
N SER E 442 -19.68 -34.84 40.14
CA SER E 442 -18.71 -35.64 40.87
C SER E 442 -17.38 -35.73 40.13
N SER E 443 -16.98 -34.66 39.45
CA SER E 443 -15.70 -34.65 38.72
C SER E 443 -14.53 -34.44 39.68
N THR F 17 10.17 -42.48 2.01
CA THR F 17 10.63 -41.16 2.41
C THR F 17 9.57 -40.10 2.16
N ARG F 18 8.33 -40.55 1.96
CA ARG F 18 7.21 -39.65 1.75
C ARG F 18 6.85 -38.93 3.04
N ILE F 19 6.00 -37.89 2.92
CA ILE F 19 5.88 -36.77 3.85
C ILE F 19 5.59 -37.18 5.29
N GLU F 20 4.52 -37.95 5.52
CA GLU F 20 4.32 -38.52 6.84
C GLU F 20 4.85 -39.96 6.90
N ARG F 21 5.81 -40.20 7.78
CA ARG F 21 6.31 -41.56 7.93
C ARG F 21 6.11 -42.04 9.36
N ILE F 22 6.37 -41.17 10.34
CA ILE F 22 6.12 -41.42 11.76
C ILE F 22 6.16 -40.06 12.47
N GLY F 23 5.33 -39.92 13.50
CA GLY F 23 5.30 -38.70 14.28
C GLY F 23 5.11 -38.95 15.75
N ALA F 24 4.09 -38.32 16.32
CA ALA F 24 3.57 -38.55 17.65
C ALA F 24 2.67 -39.79 17.64
N HIS F 25 1.79 -39.91 18.64
CA HIS F 25 1.03 -41.15 18.86
C HIS F 25 0.00 -41.39 17.76
N SER F 26 0.47 -41.82 16.59
CA SER F 26 -0.40 -42.23 15.49
C SER F 26 0.32 -43.26 14.63
N HIS F 27 0.11 -44.54 14.93
CA HIS F 27 0.71 -45.63 14.15
C HIS F 27 -0.35 -46.68 13.85
N ILE F 28 -1.37 -46.76 14.69
CA ILE F 28 -2.44 -47.74 14.55
C ILE F 28 -3.39 -47.29 13.44
N ARG F 29 -3.91 -48.26 12.68
CA ARG F 29 -4.86 -47.96 11.62
C ARG F 29 -6.28 -48.19 12.13
N GLY F 30 -7.16 -47.21 11.90
CA GLY F 30 -8.52 -47.26 12.40
C GLY F 30 -8.62 -47.24 13.91
N LEU F 31 -9.79 -47.63 14.41
CA LEU F 31 -9.98 -47.90 15.82
C LEU F 31 -10.38 -49.36 15.99
N GLY F 32 -10.08 -49.95 17.13
CA GLY F 32 -10.32 -51.37 17.30
C GLY F 32 -11.39 -51.70 18.32
N LEU F 33 -12.55 -52.14 17.83
CA LEU F 33 -13.64 -52.60 18.67
C LEU F 33 -14.21 -53.89 18.09
N ASP F 34 -15.32 -54.35 18.66
CA ASP F 34 -15.97 -55.56 18.20
C ASP F 34 -17.45 -55.33 17.91
N ASP F 35 -18.20 -56.40 17.68
CA ASP F 35 -19.64 -56.28 17.47
C ASP F 35 -20.35 -55.88 18.77
N ALA F 36 -19.82 -56.30 19.90
CA ALA F 36 -20.33 -55.91 21.21
C ALA F 36 -19.64 -54.68 21.77
N LEU F 37 -18.82 -54.01 20.96
CA LEU F 37 -18.09 -52.77 21.26
C LEU F 37 -17.15 -52.93 22.45
N GLU F 38 -16.61 -54.13 22.64
CA GLU F 38 -15.64 -54.36 23.70
C GLU F 38 -14.23 -54.43 23.13
N PRO F 39 -13.30 -53.60 23.61
CA PRO F 39 -11.92 -53.69 23.12
C PRO F 39 -11.23 -54.94 23.65
N ARG F 40 -10.25 -55.40 22.87
CA ARG F 40 -9.46 -56.56 23.25
C ARG F 40 -8.26 -56.15 24.10
N GLN F 41 -7.38 -57.11 24.36
CA GLN F 41 -6.11 -56.84 25.03
C GLN F 41 -4.92 -56.87 24.08
N ALA F 42 -5.06 -57.51 22.92
CA ALA F 42 -4.01 -57.54 21.90
C ALA F 42 -4.71 -57.43 20.54
N SER F 43 -4.88 -56.20 20.06
CA SER F 43 -5.55 -55.93 18.80
C SER F 43 -5.10 -54.56 18.30
N GLN F 44 -5.82 -54.04 17.29
CA GLN F 44 -5.53 -52.71 16.78
C GLN F 44 -5.97 -51.65 17.77
N GLY F 45 -5.23 -50.54 17.81
CA GLY F 45 -5.49 -49.50 18.78
C GLY F 45 -4.54 -49.57 19.95
N MET F 46 -4.97 -49.09 21.11
CA MET F 46 -4.14 -49.13 22.30
C MET F 46 -4.57 -50.25 23.23
N VAL F 47 -3.76 -50.49 24.26
CA VAL F 47 -3.98 -51.55 25.23
C VAL F 47 -4.52 -50.92 26.51
N GLY F 48 -5.69 -51.37 26.94
CA GLY F 48 -6.36 -50.79 28.08
C GLY F 48 -7.44 -49.82 27.67
N GLN F 49 -7.88 -49.04 28.66
CA GLN F 49 -8.92 -48.00 28.53
C GLN F 49 -10.22 -48.59 27.98
N LEU F 50 -10.83 -49.48 28.77
CA LEU F 50 -12.04 -50.16 28.33
C LEU F 50 -13.23 -49.21 28.26
N ALA F 51 -13.44 -48.43 29.33
CA ALA F 51 -14.59 -47.52 29.36
C ALA F 51 -14.40 -46.35 28.42
N ALA F 52 -13.16 -45.85 28.28
CA ALA F 52 -12.89 -44.71 27.41
C ALA F 52 -13.08 -45.07 25.93
N ARG F 53 -12.50 -46.21 25.51
CA ARG F 53 -12.69 -46.66 24.14
C ARG F 53 -14.11 -47.13 23.88
N ARG F 54 -14.80 -47.63 24.91
CA ARG F 54 -16.21 -48.00 24.75
C ARG F 54 -17.09 -46.78 24.53
N ALA F 55 -16.88 -45.72 25.32
CA ALA F 55 -17.62 -44.48 25.11
C ALA F 55 -17.25 -43.81 23.80
N ALA F 56 -15.99 -43.93 23.38
CA ALA F 56 -15.58 -43.43 22.07
C ALA F 56 -16.27 -44.18 20.94
N GLY F 57 -16.42 -45.50 21.09
CA GLY F 57 -17.15 -46.26 20.09
C GLY F 57 -18.64 -45.94 20.06
N VAL F 58 -19.22 -45.67 21.23
CA VAL F 58 -20.63 -45.28 21.30
C VAL F 58 -20.86 -43.93 20.63
N VAL F 59 -19.99 -42.95 20.91
CA VAL F 59 -20.19 -41.64 20.28
C VAL F 59 -19.81 -41.69 18.80
N LEU F 60 -18.91 -42.60 18.39
CA LEU F 60 -18.60 -42.73 16.98
C LEU F 60 -19.73 -43.42 16.22
N GLU F 61 -20.43 -44.36 16.86
CA GLU F 61 -21.66 -44.91 16.29
C GLU F 61 -22.76 -43.85 16.22
N MET F 62 -22.80 -42.94 17.20
CA MET F 62 -23.73 -41.82 17.14
C MET F 62 -23.41 -40.88 15.98
N ILE F 63 -22.12 -40.67 15.68
CA ILE F 63 -21.71 -39.88 14.53
C ILE F 63 -22.09 -40.60 13.23
N ARG F 64 -21.89 -41.92 13.18
CA ARG F 64 -22.22 -42.69 11.98
C ARG F 64 -23.73 -42.74 11.72
N GLU F 65 -24.54 -42.74 12.78
CA GLU F 65 -25.99 -42.70 12.59
C GLU F 65 -26.46 -41.28 12.25
N GLY F 66 -26.13 -40.32 13.10
CA GLY F 66 -26.50 -38.93 12.86
C GLY F 66 -27.97 -38.66 13.09
N LYS F 67 -28.43 -38.80 14.32
CA LYS F 67 -29.84 -38.60 14.65
C LYS F 67 -30.10 -37.17 15.14
N ILE F 68 -29.36 -36.72 16.15
CA ILE F 68 -29.57 -35.40 16.73
C ILE F 68 -28.29 -34.58 16.59
N ALA F 69 -28.33 -33.33 17.07
CA ALA F 69 -27.18 -32.45 17.03
C ALA F 69 -26.94 -31.86 18.41
N GLY F 70 -25.73 -31.31 18.59
CA GLY F 70 -25.35 -30.75 19.87
C GLY F 70 -24.82 -31.78 20.84
N ARG F 71 -23.81 -32.53 20.42
CA ARG F 71 -23.21 -33.60 21.21
C ARG F 71 -21.76 -33.21 21.53
N ALA F 72 -21.55 -32.68 22.72
CA ALA F 72 -20.23 -32.24 23.16
C ALA F 72 -19.68 -33.24 24.17
N VAL F 73 -18.55 -33.86 23.82
CA VAL F 73 -17.92 -34.90 24.64
C VAL F 73 -16.58 -34.37 25.14
N LEU F 74 -16.43 -34.32 26.46
CA LEU F 74 -15.19 -33.92 27.09
C LEU F 74 -14.42 -35.16 27.52
N ILE F 75 -13.11 -35.15 27.27
CA ILE F 75 -12.21 -36.22 27.70
C ILE F 75 -11.17 -35.64 28.65
N ALA F 76 -10.87 -36.37 29.72
CA ALA F 76 -9.97 -35.86 30.74
C ALA F 76 -9.17 -37.02 31.33
N GLY F 77 -8.16 -36.66 32.10
CA GLY F 77 -7.33 -37.64 32.75
C GLY F 77 -5.96 -37.06 33.07
N GLN F 78 -5.06 -37.94 33.49
CA GLN F 78 -3.70 -37.55 33.79
C GLN F 78 -2.93 -37.27 32.50
N PRO F 79 -1.94 -36.36 32.54
CA PRO F 79 -1.10 -36.13 31.36
C PRO F 79 -0.22 -37.32 31.02
N GLY F 80 -0.52 -37.97 29.89
CA GLY F 80 0.25 -39.12 29.47
C GLY F 80 -0.59 -40.31 29.07
N THR F 81 -1.91 -40.11 28.96
CA THR F 81 -2.82 -41.18 28.59
C THR F 81 -3.05 -41.27 27.08
N GLY F 82 -2.61 -40.28 26.32
CA GLY F 82 -2.73 -40.35 24.87
C GLY F 82 -4.12 -40.04 24.34
N LYS F 83 -4.59 -38.81 24.56
CA LYS F 83 -5.86 -38.39 23.97
C LYS F 83 -5.73 -38.19 22.47
N THR F 84 -4.54 -37.79 22.01
CA THR F 84 -4.31 -37.56 20.58
C THR F 84 -4.38 -38.86 19.80
N ALA F 85 -3.92 -39.97 20.38
CA ALA F 85 -4.03 -41.27 19.71
C ALA F 85 -5.48 -41.71 19.59
N ILE F 86 -6.30 -41.44 20.61
CA ILE F 86 -7.73 -41.75 20.55
C ILE F 86 -8.42 -40.88 19.50
N ALA F 87 -8.02 -39.61 19.40
CA ALA F 87 -8.59 -38.72 18.39
C ALA F 87 -8.21 -39.15 16.98
N MET F 88 -6.95 -39.58 16.78
CA MET F 88 -6.53 -40.06 15.46
C MET F 88 -7.18 -41.40 15.11
N GLY F 89 -7.41 -42.26 16.10
CA GLY F 89 -8.13 -43.51 15.84
C GLY F 89 -9.58 -43.28 15.47
N MET F 90 -10.25 -42.33 16.15
CA MET F 90 -11.62 -41.98 15.79
C MET F 90 -11.67 -41.24 14.46
N ALA F 91 -10.58 -40.55 14.08
CA ALA F 91 -10.53 -39.90 12.77
C ALA F 91 -10.35 -40.91 11.65
N GLN F 92 -9.46 -41.89 11.83
CA GLN F 92 -9.21 -42.87 10.77
C GLN F 92 -10.34 -43.88 10.67
N ALA F 93 -10.99 -44.20 11.79
CA ALA F 93 -12.13 -45.11 11.76
C ALA F 93 -13.41 -44.44 11.27
N LEU F 94 -13.41 -43.13 11.11
CA LEU F 94 -14.59 -42.40 10.63
C LEU F 94 -14.78 -42.61 9.13
N THR F 98 -16.39 -38.68 5.25
CA THR F 98 -16.91 -37.75 6.25
C THR F 98 -15.80 -36.78 6.68
N PRO F 99 -16.06 -35.47 6.56
CA PRO F 99 -15.03 -34.48 6.89
C PRO F 99 -14.73 -34.39 8.38
N PHE F 100 -13.52 -34.81 8.76
CA PHE F 100 -13.02 -34.64 10.11
C PHE F 100 -12.16 -33.38 10.17
N THR F 101 -12.19 -32.70 11.31
CA THR F 101 -11.38 -31.50 11.50
C THR F 101 -10.88 -31.47 12.94
N ALA F 102 -9.56 -31.36 13.11
CA ALA F 102 -8.94 -31.26 14.43
C ALA F 102 -8.22 -29.93 14.53
N ILE F 103 -8.72 -29.03 15.37
CA ILE F 103 -8.14 -27.71 15.52
C ILE F 103 -7.58 -27.56 16.93
N ALA F 104 -6.73 -26.55 17.09
CA ALA F 104 -6.14 -26.22 18.37
C ALA F 104 -6.92 -25.08 19.02
N GLY F 105 -6.47 -24.69 20.21
CA GLY F 105 -7.10 -23.61 20.94
C GLY F 105 -6.68 -22.22 20.56
N SER F 106 -5.70 -22.09 19.67
CA SER F 106 -5.20 -20.78 19.24
C SER F 106 -5.40 -20.50 17.76
N GLU F 107 -6.03 -21.41 17.02
CA GLU F 107 -6.27 -21.16 15.60
C GLU F 107 -7.40 -20.16 15.40
N ILE F 108 -8.42 -20.20 16.27
CA ILE F 108 -9.52 -19.25 16.18
C ILE F 108 -9.15 -17.88 16.74
N PHE F 109 -8.02 -17.77 17.44
CA PHE F 109 -7.56 -16.49 17.97
C PHE F 109 -6.75 -15.79 16.88
N SER F 110 -7.39 -14.88 16.16
CA SER F 110 -6.76 -14.19 15.04
C SER F 110 -6.85 -12.68 15.26
N LEU F 111 -6.20 -11.94 14.37
CA LEU F 111 -6.16 -10.49 14.42
C LEU F 111 -7.04 -9.82 13.38
N GLU F 112 -7.03 -10.33 12.14
CA GLU F 112 -7.92 -9.77 11.12
C GLU F 112 -9.37 -10.19 11.36
N MET F 113 -9.59 -11.40 11.84
CA MET F 113 -10.92 -11.87 12.22
C MET F 113 -11.06 -11.83 13.73
N SER F 114 -12.32 -11.87 14.19
CA SER F 114 -12.62 -11.83 15.60
C SER F 114 -12.60 -13.24 16.19
N LYS F 115 -12.92 -13.34 17.48
CA LYS F 115 -13.03 -14.63 18.16
C LYS F 115 -14.39 -15.28 17.97
N THR F 116 -15.30 -14.61 17.27
CA THR F 116 -16.62 -15.15 16.94
C THR F 116 -16.70 -15.66 15.51
N GLU F 117 -16.14 -14.91 14.56
CA GLU F 117 -16.19 -15.30 13.14
C GLU F 117 -15.30 -16.49 12.86
N ALA F 118 -14.12 -16.54 13.49
CA ALA F 118 -13.16 -17.63 13.21
C ALA F 118 -13.67 -18.95 13.78
N LEU F 119 -14.27 -18.92 14.97
CA LEU F 119 -14.86 -20.14 15.53
C LEU F 119 -16.10 -20.56 14.75
N THR F 120 -16.83 -19.60 14.17
CA THR F 120 -17.96 -19.93 13.31
C THR F 120 -17.49 -20.60 12.02
N GLN F 121 -16.41 -20.10 11.42
CA GLN F 121 -15.86 -20.73 10.23
C GLN F 121 -15.23 -22.08 10.54
N ALA F 122 -14.72 -22.27 11.76
CA ALA F 122 -14.26 -23.59 12.17
C ALA F 122 -15.41 -24.56 12.37
N PHE F 123 -16.56 -24.05 12.82
CA PHE F 123 -17.73 -24.90 12.99
C PHE F 123 -18.33 -25.30 11.64
N ARG F 124 -18.48 -24.34 10.73
CA ARG F 124 -19.19 -24.57 9.47
C ARG F 124 -18.35 -25.27 8.41
N ARG F 125 -17.07 -25.55 8.67
CA ARG F 125 -16.22 -26.15 7.66
C ARG F 125 -16.36 -27.67 7.62
N SER F 126 -16.72 -28.29 8.74
CA SER F 126 -16.82 -29.75 8.81
C SER F 126 -18.07 -30.28 8.12
N ILE F 127 -19.03 -29.42 7.79
CA ILE F 127 -20.28 -29.84 7.16
C ILE F 127 -20.01 -30.09 5.68
N GLY F 128 -20.34 -31.29 5.20
CA GLY F 128 -20.13 -31.62 3.80
C GLY F 128 -21.43 -31.73 3.01
N VAL F 129 -21.36 -31.52 1.70
CA VAL F 129 -22.52 -31.58 0.82
C VAL F 129 -22.15 -32.44 -0.38
N ARG F 130 -22.93 -33.49 -0.62
CA ARG F 130 -22.80 -34.34 -1.80
C ARG F 130 -23.77 -33.83 -2.86
N ILE F 131 -23.24 -33.52 -4.04
CA ILE F 131 -24.00 -32.93 -5.14
C ILE F 131 -23.94 -33.87 -6.33
N LYS F 132 -25.10 -34.22 -6.88
CA LYS F 132 -25.20 -35.01 -8.10
C LYS F 132 -25.61 -34.10 -9.24
N GLU F 133 -24.72 -33.91 -10.22
CA GLU F 133 -24.97 -32.97 -11.31
C GLU F 133 -24.85 -33.68 -12.65
N GLU F 134 -25.89 -33.61 -13.46
CA GLU F 134 -25.91 -34.23 -14.78
C GLU F 134 -25.91 -33.11 -15.83
N THR F 135 -24.87 -33.07 -16.66
CA THR F 135 -24.72 -32.06 -17.69
C THR F 135 -24.62 -32.72 -19.06
N GLU F 136 -24.79 -31.91 -20.10
CA GLU F 136 -24.72 -32.35 -21.48
C GLU F 136 -23.59 -31.59 -22.17
N ILE F 137 -22.57 -32.32 -22.62
CA ILE F 137 -21.34 -31.72 -23.14
C ILE F 137 -21.11 -32.23 -24.55
N ILE F 138 -20.85 -31.29 -25.48
CA ILE F 138 -20.45 -31.61 -26.84
C ILE F 138 -19.08 -30.96 -27.06
N GLU F 139 -18.01 -31.75 -27.01
CA GLU F 139 -16.66 -31.24 -27.04
C GLU F 139 -15.94 -31.68 -28.31
N GLY F 140 -14.84 -31.00 -28.62
CA GLY F 140 -13.91 -31.57 -29.56
C GLY F 140 -13.15 -30.54 -30.37
N GLU F 141 -12.64 -31.01 -31.51
CA GLU F 141 -11.81 -30.23 -32.41
C GLU F 141 -12.65 -29.71 -33.58
N VAL F 142 -12.28 -28.50 -33.99
CA VAL F 142 -12.91 -27.78 -35.07
C VAL F 142 -12.50 -28.30 -36.44
N VAL F 143 -13.31 -27.97 -37.44
CA VAL F 143 -13.04 -28.30 -38.83
C VAL F 143 -13.85 -27.34 -39.69
N GLU F 144 -14.09 -26.14 -39.16
CA GLU F 144 -14.89 -25.12 -39.83
C GLU F 144 -14.63 -23.71 -39.28
N ILE F 145 -15.59 -22.82 -39.45
CA ILE F 145 -15.51 -21.44 -38.90
C ILE F 145 -16.66 -20.53 -39.36
N GLN F 146 -16.39 -19.67 -40.34
CA GLN F 146 -17.42 -18.78 -40.87
C GLN F 146 -17.37 -18.70 -42.38
N GLY F 159 -19.66 -21.10 -37.92
CA GLY F 159 -21.06 -21.44 -37.77
C GLY F 159 -21.44 -22.91 -37.91
N LYS F 160 -20.92 -23.57 -38.94
CA LYS F 160 -21.32 -24.94 -39.25
C LYS F 160 -20.47 -25.92 -38.44
N LEU F 161 -21.13 -26.78 -37.68
CA LEU F 161 -20.43 -27.56 -36.66
C LEU F 161 -20.24 -29.03 -37.10
N THR F 162 -18.98 -29.44 -37.22
CA THR F 162 -18.54 -30.83 -37.26
C THR F 162 -17.21 -30.94 -36.52
N LEU F 163 -16.51 -32.05 -36.73
CA LEU F 163 -15.42 -32.46 -35.87
C LEU F 163 -14.24 -32.86 -36.74
N LYS F 164 -13.20 -33.40 -36.10
CA LYS F 164 -12.06 -34.05 -36.74
C LYS F 164 -12.21 -35.50 -36.28
N THR F 165 -13.43 -36.00 -36.50
CA THR F 165 -14.07 -37.05 -35.73
C THR F 165 -13.41 -38.41 -35.92
N THR F 166 -13.88 -39.34 -35.10
CA THR F 166 -13.83 -40.77 -35.37
C THR F 166 -15.21 -41.28 -35.79
N GLU F 167 -16.28 -40.61 -35.38
CA GLU F 167 -17.63 -41.18 -35.46
C GLU F 167 -18.60 -40.49 -36.43
N MET F 168 -18.89 -39.19 -36.24
CA MET F 168 -20.05 -38.58 -36.91
C MET F 168 -19.69 -37.27 -37.60
N GLU F 169 -20.67 -36.77 -38.36
CA GLU F 169 -20.52 -35.76 -39.41
C GLU F 169 -21.77 -34.88 -39.46
N THR F 170 -22.10 -34.35 -40.65
CA THR F 170 -23.31 -33.58 -40.97
C THR F 170 -23.42 -32.24 -40.23
N ILE F 171 -22.69 -31.23 -40.75
CA ILE F 171 -22.77 -29.82 -40.31
C ILE F 171 -24.21 -29.35 -40.15
N TYR F 172 -24.42 -28.50 -39.14
CA TYR F 172 -25.70 -27.85 -38.92
C TYR F 172 -25.51 -26.37 -38.60
N ALA F 189 -9.18 -23.88 -37.71
CA ALA F 189 -8.93 -25.31 -37.86
C ALA F 189 -7.91 -25.78 -36.84
N GLY F 190 -8.31 -26.76 -36.03
CA GLY F 190 -7.44 -27.39 -35.06
C GLY F 190 -7.71 -27.03 -33.61
N ASP F 191 -8.48 -25.97 -33.37
CA ASP F 191 -8.75 -25.54 -32.00
C ASP F 191 -9.80 -26.42 -31.35
N VAL F 192 -9.86 -26.34 -30.02
CA VAL F 192 -10.77 -27.18 -29.24
C VAL F 192 -11.90 -26.31 -28.69
N ILE F 193 -13.14 -26.68 -29.02
CA ILE F 193 -14.33 -25.98 -28.56
C ILE F 193 -15.22 -26.97 -27.83
N THR F 194 -15.72 -26.57 -26.66
CA THR F 194 -16.68 -27.33 -25.86
C THR F 194 -17.97 -26.52 -25.75
N ILE F 195 -19.10 -27.16 -26.04
CA ILE F 195 -20.41 -26.53 -26.01
C ILE F 195 -21.25 -27.23 -24.95
N ASP F 196 -21.85 -26.43 -24.07
CA ASP F 196 -22.74 -26.93 -23.02
C ASP F 196 -24.16 -26.47 -23.29
N LYS F 197 -25.13 -27.34 -23.05
CA LYS F 197 -26.53 -27.01 -23.27
C LYS F 197 -27.07 -26.15 -22.13
N LEU F 232 -17.98 -35.57 -28.68
CA LEU F 232 -19.37 -35.57 -29.13
C LEU F 232 -20.33 -35.37 -27.95
N GLN F 233 -21.61 -35.65 -28.19
CA GLN F 233 -22.65 -35.43 -27.19
C GLN F 233 -22.56 -36.50 -26.10
N LYS F 234 -22.44 -36.05 -24.85
CA LYS F 234 -22.40 -36.99 -23.73
C LYS F 234 -23.10 -36.37 -22.52
N ARG F 235 -23.92 -37.18 -21.86
CA ARG F 235 -24.57 -36.80 -20.61
C ARG F 235 -23.69 -37.29 -19.47
N LYS F 236 -22.93 -36.39 -18.87
CA LYS F 236 -21.97 -36.72 -17.83
C LYS F 236 -22.57 -36.46 -16.45
N GLU F 237 -22.40 -37.44 -15.55
CA GLU F 237 -22.85 -37.34 -14.16
C GLU F 237 -21.63 -37.16 -13.27
N VAL F 238 -21.64 -36.10 -12.46
CA VAL F 238 -20.52 -35.73 -11.62
C VAL F 238 -20.99 -35.70 -10.17
N VAL F 239 -20.22 -36.32 -9.29
CA VAL F 239 -20.44 -36.26 -7.85
C VAL F 239 -19.45 -35.26 -7.25
N HIS F 240 -19.98 -34.24 -6.58
CA HIS F 240 -19.19 -33.22 -5.91
C HIS F 240 -19.28 -33.41 -4.41
N THR F 241 -18.14 -33.26 -3.73
CA THR F 241 -18.06 -33.27 -2.27
C THR F 241 -17.59 -31.89 -1.84
N VAL F 242 -18.53 -30.98 -1.64
CA VAL F 242 -18.22 -29.56 -1.44
C VAL F 242 -18.59 -29.18 0.00
N SER F 243 -17.71 -28.42 0.65
CA SER F 243 -17.99 -27.91 1.99
C SER F 243 -18.91 -26.70 1.90
N LEU F 244 -19.07 -25.97 3.01
CA LEU F 244 -20.00 -24.85 3.05
C LEU F 244 -19.36 -23.55 2.56
N HIS F 245 -18.19 -23.64 1.91
CA HIS F 245 -17.49 -22.50 1.32
C HIS F 245 -18.22 -21.89 0.11
N GLU F 246 -19.41 -22.37 -0.24
CA GLU F 246 -20.33 -21.62 -1.07
C GLU F 246 -20.65 -20.25 -0.46
N ILE F 247 -20.67 -20.16 0.88
CA ILE F 247 -20.80 -18.85 1.54
C ILE F 247 -19.59 -17.98 1.20
N ASP F 248 -18.44 -18.59 0.97
CA ASP F 248 -17.28 -17.86 0.48
C ASP F 248 -17.47 -17.37 -0.96
N VAL F 249 -18.20 -18.12 -1.79
CA VAL F 249 -18.22 -17.76 -3.21
C VAL F 249 -19.43 -16.90 -3.58
N ILE F 250 -20.48 -16.89 -2.76
CA ILE F 250 -21.63 -16.04 -3.04
C ILE F 250 -21.32 -14.59 -2.69
N ASN F 251 -20.67 -14.35 -1.55
CA ASN F 251 -20.32 -12.99 -1.15
C ASN F 251 -19.21 -12.43 -2.02
N SER F 252 -18.34 -13.28 -2.56
CA SER F 252 -17.22 -12.84 -3.38
C SER F 252 -17.70 -12.39 -4.76
N ARG F 253 -16.80 -11.72 -5.49
CA ARG F 253 -17.02 -11.35 -6.87
C ARG F 253 -16.54 -12.44 -7.83
N THR F 254 -15.30 -12.90 -7.64
CA THR F 254 -14.74 -14.00 -8.39
C THR F 254 -14.40 -15.15 -7.44
N GLN F 255 -14.16 -16.32 -8.03
CA GLN F 255 -13.87 -17.53 -7.27
C GLN F 255 -12.38 -17.85 -7.18
N GLY F 256 -11.52 -16.95 -7.65
CA GLY F 256 -10.10 -17.22 -7.67
C GLY F 256 -9.32 -16.69 -6.48
N PHE F 257 -9.75 -15.56 -5.93
CA PHE F 257 -8.97 -14.92 -4.87
C PHE F 257 -9.26 -15.54 -3.50
N LEU F 258 -10.51 -15.48 -3.04
CA LEU F 258 -10.85 -15.87 -1.68
C LEU F 258 -10.88 -17.38 -1.47
N ALA F 259 -10.78 -18.18 -2.52
CA ALA F 259 -10.79 -19.63 -2.39
C ALA F 259 -9.44 -20.22 -2.04
N LEU F 260 -8.41 -19.38 -1.83
CA LEU F 260 -7.08 -19.86 -1.48
C LEU F 260 -6.59 -19.39 -0.11
N PHE F 261 -7.27 -18.45 0.53
CA PHE F 261 -6.92 -18.04 1.88
C PHE F 261 -8.21 -17.83 2.67
N SER F 262 -8.07 -17.22 3.85
CA SER F 262 -9.18 -17.15 4.81
C SER F 262 -10.30 -16.25 4.30
N GLY F 263 -10.00 -14.98 4.04
CA GLY F 263 -10.99 -14.12 3.43
C GLY F 263 -11.20 -12.77 4.10
N ASP F 264 -12.46 -12.33 4.16
CA ASP F 264 -12.78 -10.99 4.61
C ASP F 264 -13.14 -10.97 6.09
N THR F 265 -13.65 -9.82 6.54
CA THR F 265 -14.09 -9.61 7.91
C THR F 265 -15.53 -10.10 8.06
N GLY F 266 -16.18 -9.70 9.15
CA GLY F 266 -17.55 -10.07 9.47
C GLY F 266 -18.58 -9.67 8.42
N GLU F 267 -19.13 -10.67 7.75
CA GLU F 267 -20.01 -10.45 6.61
C GLU F 267 -21.46 -10.36 7.06
N ILE F 268 -22.38 -10.35 6.09
CA ILE F 268 -23.81 -10.31 6.37
C ILE F 268 -24.23 -11.67 6.93
N LYS F 269 -24.62 -11.71 8.20
CA LYS F 269 -25.02 -12.97 8.83
C LYS F 269 -26.39 -13.44 8.37
N SER F 270 -27.24 -12.52 7.90
CA SER F 270 -28.51 -12.93 7.30
C SER F 270 -28.29 -13.67 5.99
N GLU F 271 -27.29 -13.25 5.21
CA GLU F 271 -26.91 -13.97 4.01
C GLU F 271 -26.33 -15.35 4.33
N VAL F 272 -25.67 -15.47 5.48
CA VAL F 272 -25.14 -16.77 5.90
C VAL F 272 -26.26 -17.69 6.35
N ARG F 273 -27.23 -17.17 7.09
CA ARG F 273 -28.28 -18.03 7.61
C ARG F 273 -29.40 -18.29 6.60
N GLU F 274 -30.13 -17.23 6.23
CA GLU F 274 -31.46 -17.40 5.65
C GLU F 274 -31.42 -17.89 4.21
N GLN F 275 -30.64 -17.23 3.36
CA GLN F 275 -30.57 -17.61 1.95
C GLN F 275 -29.92 -18.97 1.76
N ILE F 276 -28.91 -19.28 2.56
CA ILE F 276 -28.24 -20.58 2.47
C ILE F 276 -29.18 -21.70 2.93
N ASN F 277 -29.90 -21.48 4.04
CA ASN F 277 -30.83 -22.50 4.53
C ASN F 277 -32.00 -22.69 3.56
N ALA F 278 -32.48 -21.60 2.94
CA ALA F 278 -33.57 -21.72 1.99
C ALA F 278 -33.14 -22.44 0.72
N LYS F 279 -31.94 -22.15 0.21
CA LYS F 279 -31.51 -22.79 -1.04
C LYS F 279 -31.10 -24.24 -0.81
N VAL F 280 -30.52 -24.56 0.34
CA VAL F 280 -30.23 -25.96 0.65
C VAL F 280 -31.52 -26.73 0.93
N ALA F 281 -32.55 -26.08 1.50
CA ALA F 281 -33.84 -26.74 1.67
C ALA F 281 -34.53 -26.98 0.33
N GLU F 282 -34.40 -26.04 -0.61
CA GLU F 282 -34.90 -26.28 -1.97
C GLU F 282 -34.14 -27.38 -2.68
N TRP F 283 -32.83 -27.49 -2.43
CA TRP F 283 -32.06 -28.58 -3.01
C TRP F 283 -32.41 -29.92 -2.38
N ARG F 284 -32.83 -29.93 -1.12
CA ARG F 284 -33.32 -31.17 -0.51
C ARG F 284 -34.70 -31.54 -1.05
N GLU F 285 -35.55 -30.55 -1.29
CA GLU F 285 -36.87 -30.82 -1.84
C GLU F 285 -36.81 -31.28 -3.29
N GLU F 286 -35.87 -30.75 -4.07
CA GLU F 286 -35.69 -31.19 -5.45
C GLU F 286 -34.88 -32.47 -5.56
N GLY F 287 -34.21 -32.89 -4.50
CA GLY F 287 -33.44 -34.12 -4.54
C GLY F 287 -32.16 -34.03 -5.33
N LYS F 288 -31.51 -32.86 -5.35
CA LYS F 288 -30.28 -32.68 -6.10
C LYS F 288 -29.04 -32.92 -5.23
N ALA F 289 -29.02 -32.36 -4.02
CA ALA F 289 -27.87 -32.46 -3.13
C ALA F 289 -28.33 -32.89 -1.75
N GLU F 290 -27.40 -33.50 -1.02
CA GLU F 290 -27.64 -33.93 0.35
C GLU F 290 -26.51 -33.43 1.25
N ILE F 291 -26.77 -33.41 2.55
CA ILE F 291 -25.80 -32.88 3.51
C ILE F 291 -25.41 -33.97 4.49
N ILE F 292 -24.17 -33.89 4.97
CA ILE F 292 -23.63 -34.78 5.99
C ILE F 292 -22.91 -33.92 7.04
N PRO F 293 -22.99 -34.28 8.32
CA PRO F 293 -22.30 -33.51 9.36
C PRO F 293 -20.82 -33.88 9.43
N GLY F 294 -20.12 -33.21 10.34
CA GLY F 294 -18.70 -33.44 10.53
C GLY F 294 -18.35 -33.54 12.01
N VAL F 295 -17.07 -33.76 12.27
CA VAL F 295 -16.54 -33.90 13.63
C VAL F 295 -15.47 -32.83 13.81
N LEU F 296 -15.53 -32.12 14.95
CA LEU F 296 -14.52 -31.13 15.30
C LEU F 296 -13.89 -31.50 16.63
N PHE F 297 -12.57 -31.74 16.61
CA PHE F 297 -11.80 -32.07 17.80
C PHE F 297 -11.04 -30.83 18.25
N ILE F 298 -11.39 -30.30 19.41
CA ILE F 298 -10.73 -29.13 19.98
C ILE F 298 -9.92 -29.61 21.18
N ASP F 299 -8.59 -29.57 21.04
CA ASP F 299 -7.67 -30.02 22.07
C ASP F 299 -7.19 -28.83 22.90
N GLU F 300 -6.81 -29.12 24.15
CA GLU F 300 -6.21 -28.18 25.11
C GLU F 300 -7.14 -26.99 25.36
N VAL F 301 -8.27 -27.32 25.99
CA VAL F 301 -9.30 -26.33 26.32
C VAL F 301 -9.13 -25.85 27.77
N HIS F 302 -7.93 -26.02 28.34
CA HIS F 302 -7.65 -25.50 29.67
C HIS F 302 -7.57 -23.97 29.67
N MET F 303 -7.19 -23.38 28.54
CA MET F 303 -7.18 -21.93 28.37
C MET F 303 -8.17 -21.56 27.27
N LEU F 304 -9.11 -20.68 27.62
CA LEU F 304 -10.12 -20.19 26.69
C LEU F 304 -10.76 -18.96 27.30
N ASP F 305 -10.93 -17.92 26.50
CA ASP F 305 -11.59 -16.72 26.97
C ASP F 305 -13.10 -16.92 27.06
N ILE F 306 -13.75 -16.07 27.86
CA ILE F 306 -15.17 -16.22 28.16
C ILE F 306 -16.07 -15.86 26.98
N GLU F 307 -15.52 -15.24 25.93
CA GLU F 307 -16.29 -14.95 24.73
C GLU F 307 -16.72 -16.23 24.03
N SER F 308 -15.82 -17.22 23.96
CA SER F 308 -16.17 -18.51 23.38
C SER F 308 -17.14 -19.28 24.27
N PHE F 309 -17.03 -19.12 25.60
CA PHE F 309 -17.98 -19.77 26.50
C PHE F 309 -19.37 -19.15 26.38
N SER F 310 -19.45 -17.86 26.09
CA SER F 310 -20.74 -17.25 25.82
C SER F 310 -21.26 -17.59 24.43
N PHE F 311 -20.35 -17.84 23.48
CA PHE F 311 -20.76 -18.24 22.13
C PHE F 311 -21.28 -19.67 22.10
N LEU F 312 -20.73 -20.55 22.92
CA LEU F 312 -21.17 -21.95 22.94
C LEU F 312 -22.53 -22.14 23.59
N ASN F 313 -23.08 -21.13 24.25
CA ASN F 313 -24.45 -21.21 24.76
C ASN F 313 -25.44 -21.25 23.59
N ARG F 314 -25.16 -20.50 22.53
CA ARG F 314 -25.99 -20.51 21.34
C ARG F 314 -25.51 -21.53 20.31
N ALA F 315 -24.20 -21.82 20.30
CA ALA F 315 -23.64 -22.73 19.30
C ALA F 315 -24.11 -24.17 19.52
N LEU F 316 -24.23 -24.59 20.78
CA LEU F 316 -24.79 -25.91 21.07
C LEU F 316 -26.31 -25.92 20.99
N GLU F 317 -26.96 -24.77 21.18
CA GLU F 317 -28.41 -24.66 21.10
C GLU F 317 -28.87 -24.07 19.77
N SER F 318 -28.08 -24.22 18.71
CA SER F 318 -28.44 -23.68 17.41
C SER F 318 -29.34 -24.67 16.66
N ASP F 319 -29.69 -24.30 15.42
CA ASP F 319 -30.53 -25.18 14.61
C ASP F 319 -29.73 -26.36 14.09
N MET F 320 -28.48 -26.13 13.70
CA MET F 320 -27.60 -27.19 13.20
C MET F 320 -26.16 -26.89 13.60
N ALA F 321 -25.44 -27.95 13.99
CA ALA F 321 -24.07 -27.83 14.46
C ALA F 321 -23.39 -29.20 14.38
N PRO F 322 -22.13 -29.27 13.98
CA PRO F 322 -21.42 -30.55 14.00
C PRO F 322 -21.08 -30.97 15.42
N VAL F 323 -20.66 -32.22 15.56
CA VAL F 323 -20.31 -32.76 16.88
C VAL F 323 -18.94 -32.25 17.30
N LEU F 324 -18.80 -32.04 18.60
CA LEU F 324 -17.62 -31.42 19.20
C LEU F 324 -17.01 -32.38 20.20
N ILE F 325 -15.70 -32.55 20.15
CA ILE F 325 -14.96 -33.35 21.11
C ILE F 325 -13.93 -32.44 21.78
N MET F 326 -14.21 -32.05 23.02
CA MET F 326 -13.30 -31.20 23.78
C MET F 326 -12.29 -32.05 24.53
N ALA F 327 -11.05 -31.59 24.58
CA ALA F 327 -9.98 -32.26 25.31
C ALA F 327 -9.37 -31.26 26.29
N THR F 328 -9.56 -31.50 27.58
CA THR F 328 -9.03 -30.64 28.63
C THR F 328 -8.09 -31.45 29.51
N ASN F 329 -6.87 -30.94 29.69
CA ASN F 329 -5.85 -31.65 30.45
C ASN F 329 -5.79 -31.21 31.91
N ARG F 330 -5.92 -29.91 32.19
CA ARG F 330 -5.78 -29.38 33.54
C ARG F 330 -7.11 -29.44 34.27
N GLY F 331 -7.04 -29.73 35.57
CA GLY F 331 -8.24 -29.83 36.39
C GLY F 331 -8.77 -28.49 36.88
N ILE F 332 -7.95 -27.75 37.62
CA ILE F 332 -8.34 -26.46 38.18
C ILE F 332 -7.39 -25.41 37.61
N THR F 333 -7.95 -24.48 36.83
CA THR F 333 -7.17 -23.42 36.21
C THR F 333 -8.00 -22.15 36.17
N ARG F 334 -7.42 -21.04 36.59
CA ARG F 334 -8.10 -19.76 36.56
C ARG F 334 -8.29 -19.29 35.13
N ILE F 335 -9.51 -18.85 34.81
CA ILE F 335 -9.84 -18.38 33.47
C ILE F 335 -9.18 -17.04 33.23
N ARG F 336 -8.49 -16.91 32.09
CA ARG F 336 -7.81 -15.67 31.74
C ARG F 336 -8.81 -14.54 31.49
N GLY F 337 -8.52 -13.37 32.06
CA GLY F 337 -9.38 -12.21 31.98
C GLY F 337 -10.28 -12.04 33.19
N THR F 338 -10.70 -13.13 33.82
CA THR F 338 -11.55 -13.11 35.00
C THR F 338 -10.80 -13.72 36.17
N SER F 339 -11.51 -13.91 37.29
CA SER F 339 -10.93 -14.50 38.50
C SER F 339 -11.99 -15.41 39.12
N TYR F 340 -11.93 -16.70 38.79
CA TYR F 340 -12.87 -17.68 39.29
C TYR F 340 -12.14 -18.99 39.56
N GLN F 341 -12.78 -19.85 40.35
CA GLN F 341 -12.26 -21.17 40.68
C GLN F 341 -13.33 -22.20 40.28
N SER F 342 -13.10 -22.87 39.15
CA SER F 342 -14.05 -23.84 38.61
C SER F 342 -13.27 -25.00 38.02
N PRO F 343 -13.84 -26.21 38.06
CA PRO F 343 -13.18 -27.36 37.43
C PRO F 343 -13.19 -27.24 35.91
N HIS F 344 -12.08 -27.67 35.30
CA HIS F 344 -11.83 -27.71 33.86
C HIS F 344 -11.86 -26.34 33.19
N GLY F 345 -11.79 -25.25 33.96
CA GLY F 345 -11.80 -23.92 33.39
C GLY F 345 -13.09 -23.50 32.71
N ILE F 346 -14.21 -24.13 33.06
CA ILE F 346 -15.47 -23.88 32.37
C ILE F 346 -16.49 -23.30 33.34
N PRO F 347 -17.43 -22.47 32.87
CA PRO F 347 -18.52 -22.00 33.74
C PRO F 347 -19.60 -23.05 33.96
N ILE F 348 -20.68 -22.65 34.63
CA ILE F 348 -21.78 -23.56 34.92
C ILE F 348 -22.60 -23.85 33.66
N ASP F 349 -22.57 -22.93 32.68
CA ASP F 349 -23.39 -23.07 31.48
C ASP F 349 -22.88 -24.20 30.59
N LEU F 350 -21.56 -24.34 30.45
CA LEU F 350 -20.97 -25.43 29.69
C LEU F 350 -20.70 -26.66 30.56
N LEU F 351 -20.98 -26.56 31.86
CA LEU F 351 -20.68 -27.65 32.79
C LEU F 351 -21.58 -28.87 32.55
N ASP F 352 -22.89 -28.65 32.40
CA ASP F 352 -23.83 -29.74 32.20
C ASP F 352 -24.01 -30.11 30.74
N ARG F 353 -23.17 -29.58 29.84
CA ARG F 353 -23.28 -29.83 28.41
C ARG F 353 -22.14 -30.69 27.88
N LEU F 354 -21.38 -31.34 28.77
CA LEU F 354 -20.20 -32.10 28.37
C LEU F 354 -20.34 -33.53 28.89
N LEU F 355 -20.37 -34.49 27.97
CA LEU F 355 -20.27 -35.91 28.32
C LEU F 355 -18.83 -36.18 28.73
N ILE F 356 -18.59 -36.27 30.03
CA ILE F 356 -17.23 -36.29 30.58
C ILE F 356 -16.77 -37.74 30.72
N VAL F 357 -15.63 -38.06 30.09
CA VAL F 357 -15.02 -39.38 30.18
C VAL F 357 -13.64 -39.22 30.79
N SER F 358 -13.42 -39.86 31.94
CA SER F 358 -12.13 -39.88 32.59
C SER F 358 -11.38 -41.17 32.26
N THR F 359 -10.07 -41.12 32.38
CA THR F 359 -9.20 -42.23 32.01
C THR F 359 -8.53 -42.83 33.24
N THR F 360 -7.64 -43.80 32.98
CA THR F 360 -6.93 -44.55 34.01
C THR F 360 -5.48 -44.66 33.56
N PRO F 361 -4.51 -44.39 34.43
CA PRO F 361 -3.11 -44.55 34.04
C PRO F 361 -2.73 -46.00 33.80
N TYR F 362 -1.69 -46.19 33.00
CA TYR F 362 -1.31 -47.53 32.54
C TYR F 362 -0.65 -48.33 33.65
N SER F 363 -0.83 -49.63 33.59
CA SER F 363 -0.25 -50.56 34.55
C SER F 363 1.10 -51.07 34.03
N GLU F 364 1.62 -52.11 34.66
CA GLU F 364 2.90 -52.68 34.25
C GLU F 364 2.78 -53.45 32.93
N LYS F 365 1.80 -54.36 32.85
CA LYS F 365 1.64 -55.21 31.68
C LYS F 365 1.18 -54.41 30.47
N ASP F 366 0.34 -53.38 30.69
CA ASP F 366 -0.13 -52.56 29.59
C ASP F 366 1.00 -51.72 29.00
N THR F 367 1.86 -51.17 29.87
CA THR F 367 3.02 -50.41 29.40
C THR F 367 4.02 -51.32 28.67
N LYS F 368 4.24 -52.53 29.20
CA LYS F 368 5.14 -53.47 28.53
C LYS F 368 4.58 -53.91 27.18
N GLN F 369 3.25 -54.06 27.08
CA GLN F 369 2.65 -54.50 25.83
C GLN F 369 2.66 -53.37 24.79
N ILE F 370 2.43 -52.12 25.21
CA ILE F 370 2.49 -51.05 24.21
C ILE F 370 3.94 -50.75 23.83
N LEU F 371 4.91 -51.06 24.70
CA LEU F 371 6.31 -51.00 24.26
C LEU F 371 6.63 -52.10 23.27
N ARG F 372 6.05 -53.30 23.47
CA ARG F 372 6.19 -54.38 22.48
C ARG F 372 5.55 -54.00 21.15
N ILE F 373 4.47 -53.22 21.18
CA ILE F 373 3.86 -52.73 19.95
C ILE F 373 4.77 -51.71 19.27
N ARG F 374 5.27 -50.73 20.04
CA ARG F 374 6.08 -49.66 19.47
C ARG F 374 7.49 -50.10 19.07
N CYS F 375 7.93 -51.30 19.49
CA CYS F 375 9.17 -51.85 18.95
C CYS F 375 9.06 -52.22 17.48
N GLU F 376 7.84 -52.45 16.97
CA GLU F 376 7.63 -52.82 15.58
C GLU F 376 7.45 -51.60 14.67
N GLU F 377 7.74 -50.39 15.15
CA GLU F 377 7.57 -49.20 14.33
C GLU F 377 8.70 -49.04 13.33
N GLU F 378 9.93 -48.90 13.82
CA GLU F 378 11.10 -48.67 12.96
C GLU F 378 11.95 -49.93 12.81
N ASP F 379 11.37 -51.11 13.05
CA ASP F 379 12.02 -52.42 12.95
C ASP F 379 13.25 -52.50 13.85
N VAL F 380 13.01 -52.31 15.15
CA VAL F 380 14.05 -52.30 16.17
C VAL F 380 13.78 -53.43 17.14
N GLU F 381 14.73 -54.37 17.24
CA GLU F 381 14.63 -55.48 18.16
C GLU F 381 15.43 -55.19 19.42
N MET F 382 14.92 -55.68 20.55
CA MET F 382 15.54 -55.46 21.85
C MET F 382 15.88 -56.79 22.50
N SER F 383 16.77 -56.74 23.48
CA SER F 383 17.13 -57.92 24.26
C SER F 383 16.04 -58.21 25.30
N GLU F 384 16.18 -59.36 25.97
CA GLU F 384 15.16 -59.79 26.93
C GLU F 384 15.21 -58.98 28.21
N ASP F 385 16.42 -58.64 28.67
CA ASP F 385 16.59 -57.91 29.93
C ASP F 385 16.45 -56.40 29.77
N ALA F 386 16.11 -55.90 28.58
CA ALA F 386 16.01 -54.47 28.36
C ALA F 386 14.59 -53.94 28.47
N TYR F 387 13.58 -54.79 28.25
CA TYR F 387 12.19 -54.35 28.37
C TYR F 387 11.83 -53.99 29.80
N THR F 388 12.37 -54.75 30.77
CA THR F 388 12.11 -54.46 32.18
C THR F 388 12.74 -53.14 32.60
N VAL F 389 13.96 -52.86 32.10
CA VAL F 389 14.63 -51.60 32.40
C VAL F 389 13.90 -50.43 31.75
N LEU F 390 13.44 -50.61 30.50
CA LEU F 390 12.71 -49.55 29.80
C LEU F 390 11.37 -49.27 30.47
N THR F 391 10.67 -50.31 30.93
CA THR F 391 9.41 -50.10 31.63
C THR F 391 9.62 -49.50 33.02
N ARG F 392 10.73 -49.85 33.68
CA ARG F 392 11.06 -49.26 34.98
C ARG F 392 11.39 -47.78 34.84
N ILE F 393 12.04 -47.39 33.74
CA ILE F 393 12.28 -45.97 33.51
C ILE F 393 10.99 -45.26 33.15
N GLY F 394 10.16 -45.87 32.29
CA GLY F 394 8.93 -45.23 31.85
C GLY F 394 7.84 -45.18 32.92
N LEU F 395 7.96 -45.98 33.97
CA LEU F 395 6.97 -45.93 35.05
C LEU F 395 7.20 -44.75 35.97
N GLU F 396 8.46 -44.53 36.38
CA GLU F 396 8.77 -43.40 37.25
C GLU F 396 8.75 -42.08 36.49
N THR F 397 9.38 -42.05 35.31
CA THR F 397 9.37 -40.86 34.46
C THR F 397 8.15 -40.89 33.55
N SER F 398 8.14 -40.02 32.54
CA SER F 398 7.04 -40.00 31.59
C SER F 398 7.16 -41.16 30.61
N LEU F 399 6.01 -41.51 30.00
CA LEU F 399 5.97 -42.61 29.05
C LEU F 399 6.60 -42.24 27.71
N ARG F 400 6.40 -40.98 27.28
CA ARG F 400 6.94 -40.52 26.01
C ARG F 400 8.46 -40.43 26.02
N TYR F 401 9.05 -40.21 27.19
CA TYR F 401 10.50 -40.30 27.33
C TYR F 401 10.99 -41.72 27.04
N ALA F 402 10.31 -42.73 27.59
CA ALA F 402 10.65 -44.11 27.30
C ALA F 402 10.36 -44.51 25.86
N ILE F 403 9.40 -43.84 25.21
CA ILE F 403 9.20 -44.04 23.78
C ILE F 403 10.37 -43.46 22.99
N GLN F 404 10.87 -42.31 23.41
CA GLN F 404 12.03 -41.70 22.74
C GLN F 404 13.34 -42.41 23.04
N LEU F 405 13.40 -43.20 24.12
CA LEU F 405 14.64 -43.88 24.49
C LEU F 405 15.06 -44.92 23.45
N ILE F 406 14.10 -45.66 22.88
CA ILE F 406 14.46 -46.67 21.89
C ILE F 406 14.95 -46.02 20.59
N THR F 407 14.41 -44.84 20.25
CA THR F 407 14.89 -44.12 19.08
C THR F 407 16.27 -43.54 19.32
N ALA F 408 16.52 -43.02 20.53
CA ALA F 408 17.85 -42.50 20.84
C ALA F 408 18.88 -43.62 21.03
N ALA F 409 18.46 -44.84 21.32
CA ALA F 409 19.38 -45.96 21.46
C ALA F 409 19.60 -46.74 20.17
N SER F 410 18.68 -46.65 19.22
CA SER F 410 18.85 -47.36 17.95
C SER F 410 20.01 -46.82 17.14
N LEU F 411 20.28 -45.51 17.24
CA LEU F 411 21.41 -44.94 16.52
C LEU F 411 22.74 -45.35 17.13
N VAL F 412 22.78 -45.47 18.46
CA VAL F 412 23.99 -45.95 19.13
C VAL F 412 24.21 -47.43 18.83
N CYS F 413 23.11 -48.20 18.72
CA CYS F 413 23.22 -49.60 18.33
C CYS F 413 23.65 -49.75 16.87
N ARG F 414 23.26 -48.79 16.01
CA ARG F 414 23.70 -48.81 14.62
C ARG F 414 25.18 -48.46 14.51
N LYS F 415 25.65 -47.49 15.29
CA LYS F 415 27.07 -47.17 15.33
C LYS F 415 27.89 -48.26 16.01
N ARG F 416 27.28 -49.08 16.86
CA ARG F 416 27.97 -50.21 17.47
C ARG F 416 28.16 -51.36 16.50
N LYS F 417 27.41 -51.38 15.39
CA LYS F 417 27.34 -52.47 14.41
C LYS F 417 26.93 -53.77 15.11
N GLY F 418 25.70 -53.75 15.59
CA GLY F 418 25.10 -54.91 16.22
C GLY F 418 23.62 -54.96 15.91
N THR F 419 23.08 -56.17 15.87
CA THR F 419 21.67 -56.39 15.56
C THR F 419 20.80 -56.50 16.82
N GLU F 420 21.35 -56.16 17.99
CA GLU F 420 20.61 -56.30 19.24
C GLU F 420 21.18 -55.32 20.25
N VAL F 421 20.31 -54.59 20.94
CA VAL F 421 20.73 -53.62 21.95
C VAL F 421 21.07 -54.36 23.23
N GLN F 422 21.73 -53.69 24.17
CA GLN F 422 22.14 -54.27 25.43
C GLN F 422 21.67 -53.39 26.58
N VAL F 423 22.04 -53.79 27.80
CA VAL F 423 21.67 -53.02 28.99
C VAL F 423 22.51 -51.75 29.09
N ASP F 424 23.81 -51.87 28.77
CA ASP F 424 24.71 -50.71 28.86
C ASP F 424 24.34 -49.63 27.84
N ASP F 425 23.74 -50.02 26.70
CA ASP F 425 23.29 -49.05 25.71
C ASP F 425 22.17 -48.17 26.27
N ILE F 426 21.14 -48.79 26.85
CA ILE F 426 20.02 -48.01 27.34
C ILE F 426 20.40 -47.26 28.63
N LYS F 427 21.37 -47.78 29.39
CA LYS F 427 21.86 -47.02 30.54
C LYS F 427 22.69 -45.82 30.09
N ARG F 428 23.44 -45.95 29.00
CA ARG F 428 24.18 -44.81 28.47
C ARG F 428 23.25 -43.76 27.89
N VAL F 429 22.17 -44.19 27.23
CA VAL F 429 21.18 -43.25 26.70
C VAL F 429 20.43 -42.56 27.84
N TYR F 430 20.14 -43.28 28.92
CA TYR F 430 19.54 -42.66 30.09
C TYR F 430 20.49 -41.70 30.80
N SER F 431 21.80 -41.96 30.72
CA SER F 431 22.76 -41.02 31.28
C SER F 431 22.92 -39.78 30.41
N LEU F 432 22.75 -39.92 29.09
CA LEU F 432 22.87 -38.76 28.21
C LEU F 432 21.65 -37.86 28.30
N PHE F 433 20.48 -38.39 27.95
CA PHE F 433 19.25 -37.60 27.95
C PHE F 433 18.53 -37.75 29.28
N LEU F 434 18.00 -36.64 29.78
CA LEU F 434 17.36 -36.59 31.08
C LEU F 434 15.93 -36.05 30.94
N ASP F 435 15.21 -36.02 32.06
CA ASP F 435 13.82 -35.65 32.10
C ASP F 435 13.64 -34.54 33.15
N GLU F 436 12.38 -34.21 33.46
CA GLU F 436 12.10 -33.16 34.43
C GLU F 436 12.48 -33.59 35.85
N SER F 437 12.28 -34.87 36.18
CA SER F 437 12.62 -35.38 37.51
C SER F 437 14.12 -35.41 37.75
N ARG F 438 14.94 -35.48 36.69
CA ARG F 438 16.38 -35.40 36.85
C ARG F 438 16.84 -33.95 36.96
N SER F 439 16.23 -33.05 36.18
CA SER F 439 16.59 -31.64 36.19
C SER F 439 15.96 -30.84 37.32
N THR F 440 15.12 -31.46 38.14
CA THR F 440 14.51 -30.74 39.26
C THR F 440 15.52 -30.49 40.36
N GLN F 441 16.37 -31.47 40.66
CA GLN F 441 17.32 -31.34 41.75
C GLN F 441 18.55 -30.52 41.36
N TYR F 442 18.99 -30.64 40.11
CA TYR F 442 20.27 -30.06 39.69
C TYR F 442 20.18 -28.59 39.31
N MET F 443 19.01 -27.96 39.43
CA MET F 443 18.85 -26.53 39.16
C MET F 443 18.81 -25.71 40.45
N LYS F 444 19.59 -26.11 41.46
CA LYS F 444 19.64 -25.41 42.73
C LYS F 444 20.70 -24.32 42.75
N GLU F 445 21.29 -23.97 41.60
CA GLU F 445 22.32 -22.94 41.56
C GLU F 445 21.71 -21.55 41.71
N TYR F 446 20.78 -21.20 40.80
CA TYR F 446 20.07 -19.92 40.76
C TYR F 446 21.02 -18.73 40.66
N GLN F 447 21.99 -18.83 39.74
CA GLN F 447 22.95 -17.76 39.54
C GLN F 447 22.47 -16.78 38.47
N MET G 1 55.06 -31.74 -72.86
CA MET G 1 56.12 -30.88 -73.36
C MET G 1 56.25 -29.61 -72.51
N THR G 2 57.23 -28.79 -72.84
CA THR G 2 57.48 -27.56 -72.10
C THR G 2 56.49 -26.48 -72.54
N THR G 3 55.69 -25.98 -71.61
CA THR G 3 54.71 -24.95 -71.87
C THR G 3 55.08 -23.67 -71.12
N LEU G 4 54.54 -22.56 -71.60
CA LEU G 4 54.77 -21.25 -71.01
C LEU G 4 53.48 -20.79 -70.32
N VAL G 5 53.46 -20.86 -69.00
CA VAL G 5 52.32 -20.40 -68.21
C VAL G 5 52.44 -18.89 -68.01
N LEU G 6 51.38 -18.17 -68.35
CA LEU G 6 51.34 -16.72 -68.24
C LEU G 6 50.17 -16.34 -67.36
N ASP G 7 50.45 -15.73 -66.21
CA ASP G 7 49.44 -15.22 -65.29
C ASP G 7 49.55 -13.70 -65.32
N ASN G 8 48.52 -13.04 -65.86
CA ASN G 8 48.53 -11.59 -66.07
C ASN G 8 47.48 -10.92 -65.19
N GLY G 9 47.89 -10.56 -63.97
CA GLY G 9 47.05 -9.84 -63.04
C GLY G 9 47.11 -8.35 -63.25
N ALA G 10 46.81 -7.61 -62.18
CA ALA G 10 46.87 -6.16 -62.21
C ALA G 10 48.16 -5.59 -61.65
N TYR G 11 48.86 -6.33 -60.80
CA TYR G 11 50.16 -5.92 -60.28
C TYR G 11 51.32 -6.64 -60.94
N ASN G 12 51.08 -7.86 -61.43
CA ASN G 12 52.14 -8.67 -62.02
C ASN G 12 51.65 -9.38 -63.28
N ALA G 13 52.59 -9.68 -64.16
CA ALA G 13 52.33 -10.49 -65.36
C ALA G 13 53.51 -11.45 -65.48
N LYS G 14 53.38 -12.62 -64.87
CA LYS G 14 54.48 -13.55 -64.69
C LYS G 14 54.38 -14.68 -65.72
N ILE G 15 55.52 -14.97 -66.36
CA ILE G 15 55.64 -16.11 -67.26
C ILE G 15 56.57 -17.13 -66.61
N GLY G 16 56.37 -18.40 -66.96
CA GLY G 16 57.21 -19.43 -66.38
C GLY G 16 57.01 -20.76 -67.06
N TYR G 17 57.85 -21.72 -66.68
CA TYR G 17 57.73 -23.10 -67.14
C TYR G 17 57.64 -24.03 -65.93
N SER G 18 57.44 -25.31 -66.21
CA SER G 18 56.99 -26.27 -65.21
C SER G 18 58.12 -26.89 -64.39
N HIS G 19 59.31 -26.29 -64.38
CA HIS G 19 60.42 -26.89 -63.65
C HIS G 19 61.14 -25.92 -62.71
N GLU G 20 61.28 -24.66 -63.08
CA GLU G 20 62.14 -23.73 -62.35
C GLU G 20 61.58 -22.32 -62.60
N ASN G 21 62.40 -21.29 -62.34
CA ASN G 21 62.06 -19.87 -62.46
C ASN G 21 60.92 -19.50 -61.50
N VAL G 22 61.17 -19.71 -60.22
CA VAL G 22 60.27 -19.26 -59.16
C VAL G 22 60.79 -17.89 -58.72
N SER G 23 60.27 -16.83 -59.33
CA SER G 23 60.72 -15.47 -59.06
C SER G 23 59.53 -14.54 -59.23
N VAL G 24 59.80 -13.24 -59.25
CA VAL G 24 58.78 -12.20 -59.41
C VAL G 24 59.00 -11.50 -60.75
N ILE G 25 57.93 -11.37 -61.52
CA ILE G 25 57.95 -10.65 -62.80
C ILE G 25 56.87 -9.58 -62.74
N PRO G 26 57.19 -8.32 -63.03
CA PRO G 26 56.19 -7.25 -62.90
C PRO G 26 55.13 -7.27 -64.00
N ASN G 27 54.23 -6.29 -63.97
CA ASN G 27 53.08 -6.28 -64.86
C ASN G 27 53.46 -5.82 -66.26
N CYS G 28 53.97 -4.59 -66.39
CA CYS G 28 54.20 -3.99 -67.69
C CYS G 28 55.49 -3.19 -67.66
N GLN G 29 55.85 -2.65 -68.83
CA GLN G 29 57.05 -1.83 -68.97
C GLN G 29 56.84 -0.48 -68.28
N PHE G 30 57.76 -0.15 -67.38
CA PHE G 30 57.71 1.12 -66.64
C PHE G 30 58.69 2.08 -67.30
N ARG G 31 58.17 3.17 -67.86
CA ARG G 31 58.98 4.15 -68.56
C ARG G 31 59.35 5.30 -67.63
N SER G 32 60.60 5.75 -67.71
CA SER G 32 61.10 6.80 -66.83
C SER G 32 60.54 8.15 -67.28
N LYS G 33 59.73 8.77 -66.42
CA LYS G 33 59.18 10.09 -66.71
C LYS G 33 60.22 11.18 -66.54
N THR G 34 60.82 11.27 -65.36
CA THR G 34 61.86 12.25 -65.06
C THR G 34 63.14 11.50 -64.72
N ALA G 35 63.99 11.28 -65.73
CA ALA G 35 65.27 10.62 -65.52
C ALA G 35 66.24 11.57 -64.86
N ARG G 36 66.88 11.12 -63.78
CA ARG G 36 67.79 11.95 -62.99
C ARG G 36 69.17 11.29 -62.99
N LEU G 37 69.96 11.59 -64.05
CA LEU G 37 71.36 11.18 -64.19
C LEU G 37 71.56 9.66 -64.12
N LYS G 38 70.59 8.90 -64.62
CA LYS G 38 70.65 7.44 -64.57
C LYS G 38 70.31 6.86 -65.93
N THR G 39 71.12 5.89 -66.36
CA THR G 39 70.82 5.14 -67.57
C THR G 39 69.76 4.10 -67.27
N PHE G 40 68.68 4.10 -68.04
CA PHE G 40 67.54 3.23 -67.74
C PHE G 40 67.86 1.78 -68.09
N THR G 41 67.48 0.88 -67.18
CA THR G 41 67.59 -0.56 -67.37
C THR G 41 66.29 -1.16 -66.82
N ALA G 42 65.35 -1.42 -67.71
CA ALA G 42 63.99 -1.81 -67.34
C ALA G 42 63.52 -2.99 -68.17
N ASN G 43 64.35 -4.03 -68.27
CA ASN G 43 63.98 -5.17 -69.10
C ASN G 43 63.02 -6.10 -68.36
N GLN G 44 63.51 -6.76 -67.29
CA GLN G 44 62.64 -7.61 -66.48
C GLN G 44 62.61 -7.21 -65.01
N ILE G 45 63.80 -7.04 -64.43
CA ILE G 45 63.98 -6.30 -63.20
C ILE G 45 64.30 -4.84 -63.55
N ASP G 46 64.38 -4.53 -64.83
CA ASP G 46 64.72 -3.18 -65.29
C ASP G 46 63.92 -2.14 -64.53
N GLU G 47 62.60 -2.19 -64.64
CA GLU G 47 61.73 -1.22 -63.99
C GLU G 47 61.94 -1.12 -62.48
N ILE G 48 63.01 -1.73 -61.99
CA ILE G 48 63.33 -1.69 -60.55
C ILE G 48 64.54 -2.56 -60.19
N LYS G 49 65.68 -1.92 -59.94
CA LYS G 49 66.86 -2.65 -59.49
C LYS G 49 67.81 -1.78 -58.66
N ASP G 50 67.25 -0.73 -58.08
CA ASP G 50 68.00 0.17 -57.20
C ASP G 50 67.09 0.65 -56.08
N PRO G 51 67.25 1.98 -55.65
CA PRO G 51 66.30 2.39 -54.62
C PRO G 51 65.18 3.28 -55.15
N SER G 52 64.54 2.87 -56.25
CA SER G 52 63.46 3.64 -56.84
C SER G 52 63.99 4.85 -57.59
N GLY G 53 63.57 5.02 -58.84
CA GLY G 53 64.04 6.13 -59.66
C GLY G 53 63.07 6.63 -60.71
N LEU G 54 61.90 5.99 -60.79
CA LEU G 54 60.87 6.36 -61.74
C LEU G 54 59.50 5.80 -61.35
N PHE G 55 58.57 5.82 -62.28
CA PHE G 55 57.21 5.33 -62.05
C PHE G 55 56.83 4.26 -63.07
N TYR G 56 55.54 4.13 -63.34
CA TYR G 56 55.04 3.17 -64.32
C TYR G 56 53.72 3.57 -64.97
N ILE G 57 53.34 2.81 -65.99
CA ILE G 57 52.09 3.03 -66.72
C ILE G 57 51.36 1.71 -66.67
N LEU G 58 50.03 1.67 -66.77
CA LEU G 58 49.44 0.35 -66.53
C LEU G 58 48.30 0.09 -67.50
N PRO G 59 48.37 -1.00 -68.28
CA PRO G 59 47.17 -1.43 -69.02
C PRO G 59 46.08 -1.98 -68.14
N PHE G 60 46.42 -2.49 -66.96
CA PHE G 60 45.46 -3.03 -66.00
C PHE G 60 45.09 -2.01 -64.93
N GLN G 61 45.02 -0.73 -65.30
CA GLN G 61 44.66 0.31 -64.35
C GLN G 61 43.20 0.19 -63.93
N LYS G 62 42.31 -0.06 -64.89
CA LYS G 62 40.92 -0.37 -64.63
C LYS G 62 40.66 -1.87 -64.65
N GLY G 63 41.71 -2.68 -64.80
CA GLY G 63 41.58 -4.12 -64.84
C GLY G 63 41.37 -4.72 -66.21
N TYR G 64 40.89 -3.94 -67.18
CA TYR G 64 40.56 -4.43 -68.49
C TYR G 64 41.76 -4.28 -69.44
N LEU G 65 41.50 -4.46 -70.74
CA LEU G 65 42.55 -4.46 -71.76
C LEU G 65 42.30 -3.37 -72.79
N VAL G 66 42.09 -2.13 -72.32
CA VAL G 66 41.69 -1.02 -73.19
C VAL G 66 42.78 -0.69 -74.20
N ASN G 67 43.96 -0.30 -73.72
CA ASN G 67 45.06 0.04 -74.62
C ASN G 67 45.73 -1.21 -75.16
N TRP G 68 46.20 -1.13 -76.41
CA TRP G 68 46.69 -2.28 -77.14
C TRP G 68 48.15 -2.21 -77.55
N ASP G 69 48.74 -1.01 -77.66
CA ASP G 69 50.11 -0.89 -78.12
C ASP G 69 51.11 -1.28 -77.04
N VAL G 70 50.88 -0.82 -75.80
CA VAL G 70 51.80 -1.14 -74.71
C VAL G 70 51.72 -2.61 -74.34
N GLN G 71 50.58 -3.25 -74.58
CA GLN G 71 50.44 -4.68 -74.29
C GLN G 71 51.27 -5.52 -75.25
N ARG G 72 51.26 -5.19 -76.54
CA ARG G 72 52.11 -5.92 -77.48
C ARG G 72 53.58 -5.53 -77.32
N GLN G 73 53.86 -4.33 -76.79
CA GLN G 73 55.25 -3.99 -76.45
C GLN G 73 55.75 -4.83 -75.27
N VAL G 74 54.89 -5.07 -74.27
CA VAL G 74 55.25 -5.94 -73.15
C VAL G 74 55.41 -7.38 -73.62
N TRP G 75 54.57 -7.82 -74.56
CA TRP G 75 54.70 -9.16 -75.13
C TRP G 75 56.00 -9.32 -75.93
N ASP G 76 56.36 -8.30 -76.71
CA ASP G 76 57.62 -8.34 -77.46
C ASP G 76 58.83 -8.27 -76.53
N TYR G 77 58.71 -7.53 -75.42
CA TYR G 77 59.82 -7.39 -74.49
C TYR G 77 59.88 -8.54 -73.47
N LEU G 78 58.90 -9.42 -73.44
CA LEU G 78 58.98 -10.62 -72.60
C LEU G 78 59.15 -11.92 -73.37
N PHE G 79 58.84 -11.96 -74.67
CA PHE G 79 58.93 -13.22 -75.40
C PHE G 79 60.31 -13.52 -75.95
N GLY G 80 61.18 -12.53 -76.10
CA GLY G 80 62.42 -12.77 -76.82
C GLY G 80 63.71 -12.17 -76.28
N LYS G 81 63.73 -11.79 -75.00
CA LYS G 81 64.94 -11.19 -74.45
C LYS G 81 65.87 -12.28 -73.90
N GLU G 82 66.95 -11.85 -73.25
CA GLU G 82 68.04 -12.75 -72.85
C GLU G 82 67.84 -13.30 -71.43
N MET G 83 66.66 -13.83 -71.17
CA MET G 83 66.41 -14.69 -70.01
C MET G 83 65.71 -15.98 -70.40
N TYR G 84 64.81 -15.92 -71.36
CA TYR G 84 64.22 -17.09 -72.02
C TYR G 84 64.57 -16.89 -73.49
N GLN G 85 65.79 -17.32 -73.84
CA GLN G 85 66.52 -16.81 -75.01
C GLN G 85 65.89 -17.11 -76.37
N VAL G 86 65.89 -18.37 -76.79
CA VAL G 86 65.51 -18.75 -78.15
C VAL G 86 64.44 -19.83 -78.05
N ASP G 87 63.18 -19.42 -78.06
CA ASP G 87 62.02 -20.28 -78.25
C ASP G 87 60.93 -19.44 -78.90
N PHE G 88 60.61 -19.72 -80.16
CA PHE G 88 59.66 -18.89 -80.89
C PHE G 88 58.56 -19.73 -81.53
N LEU G 89 58.87 -20.99 -81.85
CA LEU G 89 57.93 -21.84 -82.56
C LEU G 89 57.75 -23.22 -81.93
N ASP G 90 58.71 -23.71 -81.14
CA ASP G 90 58.62 -25.06 -80.59
C ASP G 90 57.64 -25.15 -79.44
N THR G 91 57.83 -24.34 -78.40
CA THR G 91 57.02 -24.45 -77.20
C THR G 91 55.67 -23.77 -77.38
N ASN G 92 54.70 -24.22 -76.60
CA ASN G 92 53.35 -23.67 -76.60
C ASN G 92 53.16 -22.76 -75.39
N ILE G 93 52.11 -21.94 -75.46
CA ILE G 93 51.82 -20.94 -74.44
C ILE G 93 50.40 -21.16 -73.91
N ILE G 94 50.21 -20.92 -72.62
CA ILE G 94 48.91 -20.99 -71.97
C ILE G 94 48.74 -19.71 -71.14
N ILE G 95 47.60 -19.06 -71.29
CA ILE G 95 47.36 -17.72 -70.77
C ILE G 95 46.08 -17.74 -69.94
N THR G 96 46.13 -17.21 -68.72
CA THR G 96 44.98 -17.11 -67.85
C THR G 96 44.05 -16.00 -68.31
N GLU G 97 42.86 -15.93 -67.69
CA GLU G 97 41.86 -14.95 -68.04
C GLU G 97 40.97 -14.71 -66.82
N PRO G 98 40.26 -13.56 -66.77
CA PRO G 98 39.10 -13.45 -65.89
C PRO G 98 37.92 -14.25 -66.41
N TYR G 99 36.85 -14.39 -65.63
CA TYR G 99 35.77 -15.27 -66.06
C TYR G 99 34.86 -14.62 -67.08
N PHE G 100 35.00 -13.32 -67.35
CA PHE G 100 34.32 -12.65 -68.47
C PHE G 100 35.27 -11.62 -69.06
N ASN G 101 35.36 -11.61 -70.39
CA ASN G 101 36.09 -10.57 -71.10
C ASN G 101 35.16 -9.92 -72.13
N PHE G 102 35.61 -8.79 -72.67
CA PHE G 102 34.83 -8.08 -73.69
C PHE G 102 34.83 -8.87 -75.00
N THR G 103 33.86 -8.56 -75.86
CA THR G 103 33.67 -9.36 -77.07
C THR G 103 34.69 -9.02 -78.15
N SER G 104 34.93 -7.73 -78.38
CA SER G 104 35.81 -7.32 -79.47
C SER G 104 37.28 -7.32 -79.07
N ILE G 105 37.58 -7.03 -77.81
CA ILE G 105 38.98 -6.95 -77.38
C ILE G 105 39.59 -8.35 -77.30
N GLN G 106 38.79 -9.35 -76.92
CA GLN G 106 39.25 -10.73 -76.91
C GLN G 106 39.54 -11.22 -78.33
N GLU G 107 38.71 -10.82 -79.29
CA GLU G 107 38.95 -11.16 -80.69
C GLU G 107 40.17 -10.44 -81.24
N SER G 108 40.43 -9.20 -80.80
CA SER G 108 41.63 -8.49 -81.22
C SER G 108 42.88 -9.13 -80.64
N MET G 109 42.82 -9.58 -79.38
CA MET G 109 43.95 -10.28 -78.79
C MET G 109 44.20 -11.62 -79.47
N ASN G 110 43.12 -12.31 -79.86
CA ASN G 110 43.28 -13.55 -80.62
C ASN G 110 43.88 -13.28 -82.00
N GLU G 111 43.49 -12.17 -82.63
CA GLU G 111 44.07 -11.80 -83.93
C GLU G 111 45.55 -11.49 -83.80
N ILE G 112 45.96 -10.83 -82.70
CA ILE G 112 47.37 -10.56 -82.46
C ILE G 112 48.14 -11.85 -82.19
N LEU G 113 47.58 -12.74 -81.37
CA LEU G 113 48.29 -13.96 -80.99
C LEU G 113 48.34 -15.01 -82.10
N PHE G 114 47.42 -14.98 -83.06
CA PHE G 114 47.45 -15.93 -84.16
C PHE G 114 48.04 -15.35 -85.44
N GLU G 115 47.48 -14.23 -85.92
CA GLU G 115 47.83 -13.73 -87.25
C GLU G 115 49.15 -12.97 -87.30
N GLU G 116 49.81 -12.75 -86.16
CA GLU G 116 51.02 -11.92 -86.14
C GLU G 116 52.24 -12.59 -85.53
N TYR G 117 52.07 -13.43 -84.49
CA TYR G 117 53.20 -13.94 -83.72
C TYR G 117 53.60 -15.36 -84.07
N GLN G 118 52.80 -16.05 -84.89
CA GLN G 118 53.11 -17.39 -85.43
C GLN G 118 53.27 -18.45 -84.32
N PHE G 119 52.30 -18.49 -83.42
CA PHE G 119 52.26 -19.56 -82.42
C PHE G 119 51.69 -20.84 -83.03
N GLN G 120 51.59 -21.87 -82.20
CA GLN G 120 51.00 -23.14 -82.59
C GLN G 120 49.66 -23.40 -81.91
N ALA G 121 49.54 -23.12 -80.62
CA ALA G 121 48.30 -23.40 -79.89
C ALA G 121 48.13 -22.34 -78.82
N VAL G 122 47.07 -21.54 -78.94
CA VAL G 122 46.70 -20.54 -77.94
C VAL G 122 45.30 -20.87 -77.45
N LEU G 123 45.20 -21.25 -76.18
CA LEU G 123 43.94 -21.70 -75.59
C LEU G 123 43.47 -20.69 -74.55
N ARG G 124 42.27 -20.92 -74.04
CA ARG G 124 41.51 -19.92 -73.29
C ARG G 124 40.92 -20.52 -72.01
N VAL G 125 41.77 -21.17 -71.21
CA VAL G 125 41.33 -21.67 -69.92
C VAL G 125 41.33 -20.53 -68.90
N ASN G 126 40.62 -20.75 -67.79
CA ASN G 126 40.56 -19.81 -66.70
C ASN G 126 41.77 -19.95 -65.79
N ALA G 127 41.89 -19.01 -64.85
CA ALA G 127 42.86 -19.15 -63.78
C ALA G 127 42.26 -19.88 -62.58
N GLY G 128 40.98 -19.61 -62.29
CA GLY G 128 40.30 -20.34 -61.24
C GLY G 128 40.05 -21.79 -61.58
N ALA G 129 39.96 -22.12 -62.88
CA ALA G 129 39.84 -23.51 -63.29
C ALA G 129 41.12 -24.29 -62.97
N LEU G 130 42.28 -23.69 -63.26
CA LEU G 130 43.54 -24.30 -62.88
C LEU G 130 43.74 -24.28 -61.37
N SER G 131 43.14 -23.30 -60.68
CA SER G 131 43.21 -23.26 -59.23
C SER G 131 42.39 -24.38 -58.59
N ALA G 132 41.24 -24.70 -59.17
CA ALA G 132 40.45 -25.83 -58.71
C ALA G 132 41.07 -27.15 -59.12
N HIS G 133 41.78 -27.19 -60.24
CA HIS G 133 42.52 -28.38 -60.63
C HIS G 133 43.70 -28.63 -59.70
N ARG G 134 44.28 -27.57 -59.14
CA ARG G 134 45.41 -27.73 -58.22
C ARG G 134 44.95 -28.30 -56.89
N TYR G 135 43.77 -27.90 -56.42
CA TYR G 135 43.31 -28.22 -55.08
C TYR G 135 42.60 -29.59 -55.02
N PHE G 136 42.59 -30.34 -56.14
CA PHE G 136 41.97 -31.68 -56.25
C PHE G 136 40.48 -31.62 -55.91
N ARG G 137 39.72 -30.92 -56.76
CA ARG G 137 38.27 -30.81 -56.59
C ARG G 137 37.48 -31.16 -57.84
N ASP G 138 38.07 -31.08 -59.03
CA ASP G 138 37.40 -31.52 -60.26
C ASP G 138 37.72 -32.98 -60.58
N ASN G 139 37.50 -33.84 -59.59
CA ASN G 139 37.75 -35.27 -59.64
C ASN G 139 36.73 -35.92 -58.73
N PRO G 140 36.32 -37.19 -59.00
CA PRO G 140 35.23 -37.78 -58.21
C PRO G 140 35.58 -38.13 -56.77
N SER G 141 35.88 -37.12 -55.96
CA SER G 141 36.02 -37.25 -54.51
C SER G 141 35.03 -36.38 -53.76
N GLU G 142 35.00 -35.08 -54.07
CA GLU G 142 34.01 -34.17 -53.50
C GLU G 142 33.29 -33.31 -54.53
N LEU G 143 33.85 -33.16 -55.75
CA LEU G 143 33.20 -32.69 -56.97
C LEU G 143 32.90 -31.19 -56.98
N CYS G 144 33.09 -30.48 -55.88
CA CYS G 144 32.72 -29.06 -55.87
C CYS G 144 33.61 -28.29 -54.91
N CYS G 145 33.74 -26.99 -55.19
CA CYS G 145 34.49 -26.07 -54.33
C CYS G 145 34.03 -24.64 -54.62
N ILE G 146 34.44 -23.73 -53.76
CA ILE G 146 34.29 -22.29 -53.98
C ILE G 146 35.62 -21.64 -53.69
N ILE G 147 36.18 -20.96 -54.68
CA ILE G 147 37.49 -20.32 -54.58
C ILE G 147 37.30 -18.86 -54.23
N VAL G 148 37.98 -18.43 -53.16
CA VAL G 148 38.08 -17.03 -52.77
C VAL G 148 39.48 -16.58 -53.18
N ASP G 149 39.57 -15.93 -54.33
CA ASP G 149 40.84 -15.43 -54.85
C ASP G 149 40.99 -13.98 -54.40
N SER G 150 41.80 -13.77 -53.37
CA SER G 150 42.08 -12.43 -52.86
C SER G 150 43.42 -11.98 -53.43
N GLY G 151 43.39 -11.53 -54.68
CA GLY G 151 44.60 -11.21 -55.42
C GLY G 151 45.23 -9.90 -54.99
N TYR G 152 46.20 -9.47 -55.80
CA TYR G 152 46.94 -8.25 -55.49
C TYR G 152 46.10 -7.00 -55.70
N SER G 153 45.15 -7.03 -56.63
CA SER G 153 44.21 -5.94 -56.79
C SER G 153 42.79 -6.41 -57.07
N PHE G 154 42.54 -7.71 -57.18
CA PHE G 154 41.23 -8.24 -57.52
C PHE G 154 40.69 -9.07 -56.37
N THR G 155 39.39 -9.35 -56.42
CA THR G 155 38.73 -10.22 -55.45
C THR G 155 37.70 -11.05 -56.18
N HIS G 156 37.80 -12.37 -56.07
CA HIS G 156 36.94 -13.30 -56.80
C HIS G 156 36.28 -14.26 -55.82
N ILE G 157 34.95 -14.30 -55.84
CA ILE G 157 34.19 -15.36 -55.19
C ILE G 157 33.61 -16.20 -56.33
N VAL G 158 34.27 -17.31 -56.65
CA VAL G 158 33.96 -18.10 -57.83
C VAL G 158 33.67 -19.54 -57.43
N PRO G 159 32.46 -20.04 -57.61
CA PRO G 159 32.21 -21.47 -57.39
C PRO G 159 32.66 -22.31 -58.59
N TYR G 160 32.88 -23.59 -58.31
CA TYR G 160 33.11 -24.59 -59.35
C TYR G 160 32.44 -25.89 -58.94
N CYS G 161 31.41 -26.29 -59.69
CA CYS G 161 30.70 -27.54 -59.45
C CYS G 161 30.56 -28.26 -60.79
N ARG G 162 30.82 -29.58 -60.77
CA ARG G 162 30.66 -30.48 -61.93
C ARG G 162 31.56 -30.03 -63.08
N SER G 163 32.77 -29.56 -62.72
CA SER G 163 33.80 -29.09 -63.66
C SER G 163 33.29 -27.96 -64.55
N LYS G 164 32.50 -27.05 -63.97
CA LYS G 164 31.86 -25.99 -64.73
C LYS G 164 31.60 -24.81 -63.81
N LYS G 165 31.91 -23.61 -64.30
CA LYS G 165 31.67 -22.38 -63.57
C LYS G 165 30.25 -21.88 -63.81
N LYS G 166 29.79 -21.00 -62.93
CA LYS G 166 28.45 -20.41 -63.01
C LYS G 166 28.59 -18.90 -63.13
N LYS G 167 27.79 -18.31 -64.02
CA LYS G 167 27.85 -16.88 -64.31
C LYS G 167 26.71 -16.09 -63.66
N GLU G 168 26.07 -16.65 -62.64
CA GLU G 168 24.97 -15.98 -61.96
C GLU G 168 25.31 -15.61 -60.52
N ALA G 169 25.66 -16.58 -59.69
CA ALA G 169 26.06 -16.33 -58.31
C ALA G 169 27.59 -16.32 -58.20
N ILE G 170 28.20 -15.34 -58.86
CA ILE G 170 29.64 -15.19 -58.92
C ILE G 170 29.97 -13.73 -58.67
N ILE G 171 31.06 -13.47 -57.93
CA ILE G 171 31.35 -12.12 -57.45
C ILE G 171 32.73 -11.71 -57.92
N ARG G 172 32.80 -10.58 -58.63
CA ARG G 172 34.06 -9.89 -58.93
C ARG G 172 34.05 -8.54 -58.23
N ILE G 173 35.12 -8.25 -57.48
CA ILE G 173 35.29 -7.00 -56.77
C ILE G 173 36.63 -6.41 -57.17
N ASN G 174 36.62 -5.17 -57.66
CA ASN G 174 37.85 -4.48 -58.05
C ASN G 174 38.65 -3.96 -56.87
N VAL G 175 38.08 -3.97 -55.66
CA VAL G 175 38.78 -3.49 -54.48
C VAL G 175 39.76 -4.58 -54.04
N GLY G 176 41.06 -4.29 -54.14
CA GLY G 176 42.08 -5.22 -53.73
C GLY G 176 43.17 -4.56 -52.91
N GLY G 177 44.39 -5.13 -52.95
CA GLY G 177 45.49 -4.58 -52.18
C GLY G 177 46.03 -3.27 -52.73
N LYS G 178 45.73 -2.96 -53.99
CA LYS G 178 46.17 -1.68 -54.56
C LYS G 178 45.45 -0.51 -53.90
N LEU G 179 44.15 -0.64 -53.66
CA LEU G 179 43.42 0.40 -52.95
C LEU G 179 43.81 0.44 -51.47
N LEU G 180 44.24 -0.69 -50.92
CA LEU G 180 44.79 -0.70 -49.55
C LEU G 180 46.07 0.11 -49.47
N THR G 181 46.97 -0.10 -50.45
CA THR G 181 48.21 0.67 -50.52
C THR G 181 47.92 2.14 -50.77
N ASN G 182 46.90 2.45 -51.57
CA ASN G 182 46.53 3.84 -51.84
C ASN G 182 45.97 4.52 -50.60
N HIS G 183 45.14 3.81 -49.83
CA HIS G 183 44.61 4.41 -48.61
C HIS G 183 45.70 4.56 -47.55
N LEU G 184 46.65 3.62 -47.50
CA LEU G 184 47.78 3.77 -46.59
C LEU G 184 48.67 4.94 -47.00
N LYS G 185 48.84 5.16 -48.31
CA LYS G 185 49.56 6.34 -48.78
C LYS G 185 48.81 7.62 -48.46
N GLU G 186 47.46 7.59 -48.47
CA GLU G 186 46.68 8.75 -48.06
C GLU G 186 46.87 9.05 -46.57
N ILE G 187 46.91 8.00 -45.74
CA ILE G 187 47.13 8.16 -44.31
C ILE G 187 48.53 8.73 -44.04
N ILE G 188 49.55 8.20 -44.73
CA ILE G 188 50.92 8.69 -44.56
C ILE G 188 51.04 10.12 -45.08
N SER G 189 50.38 10.44 -46.20
CA SER G 189 50.42 11.78 -46.75
C SER G 189 49.62 12.78 -45.94
N TYR G 190 48.69 12.32 -45.11
CA TYR G 190 47.95 13.26 -44.28
C TYR G 190 48.61 13.47 -42.92
N ARG G 191 49.00 12.38 -42.24
CA ARG G 191 49.48 12.49 -40.87
C ARG G 191 50.80 13.26 -40.70
N GLN G 192 51.92 12.69 -41.14
CA GLN G 192 53.20 13.30 -40.81
C GLN G 192 54.09 13.60 -42.02
N LEU G 193 54.27 12.62 -42.91
CA LEU G 193 55.32 12.71 -43.92
C LEU G 193 54.94 13.58 -45.11
N HIS G 194 53.66 13.58 -45.49
CA HIS G 194 53.12 14.33 -46.64
C HIS G 194 53.80 13.97 -47.96
N VAL G 195 54.23 12.71 -48.12
CA VAL G 195 54.84 12.23 -49.35
C VAL G 195 54.11 10.97 -49.82
N MET G 196 54.01 10.82 -51.14
CA MET G 196 53.37 9.66 -51.74
C MET G 196 54.07 9.16 -53.00
N ASP G 197 55.30 9.60 -53.26
CA ASP G 197 55.88 9.45 -54.60
C ASP G 197 56.56 8.11 -54.82
N GLU G 198 57.23 7.57 -53.80
CA GLU G 198 58.12 6.43 -54.03
C GLU G 198 57.37 5.11 -54.19
N THR G 199 56.32 4.90 -53.38
CA THR G 199 55.37 3.76 -53.47
C THR G 199 56.05 2.39 -53.40
N HIS G 200 57.22 2.31 -52.77
CA HIS G 200 57.90 1.02 -52.65
C HIS G 200 58.26 0.67 -51.21
N VAL G 201 58.68 1.65 -50.41
CA VAL G 201 58.98 1.39 -49.00
C VAL G 201 57.68 1.15 -48.24
N ILE G 202 56.60 1.82 -48.63
CA ILE G 202 55.29 1.66 -48.01
C ILE G 202 54.75 0.26 -48.25
N ASN G 203 55.07 -0.34 -49.40
CA ASN G 203 54.72 -1.73 -49.66
C ASN G 203 55.47 -2.67 -48.72
N GLN G 204 56.73 -2.36 -48.41
CA GLN G 204 57.49 -3.17 -47.46
C GLN G 204 56.96 -3.02 -46.04
N VAL G 205 56.49 -1.81 -45.68
CA VAL G 205 55.87 -1.60 -44.38
C VAL G 205 54.56 -2.37 -44.28
N LYS G 206 53.79 -2.40 -45.38
CA LYS G 206 52.54 -3.15 -45.40
C LYS G 206 52.78 -4.65 -45.31
N GLU G 207 53.83 -5.15 -45.98
CA GLU G 207 54.12 -6.57 -45.96
C GLU G 207 54.88 -7.02 -44.72
N ASP G 208 55.47 -6.10 -43.97
CA ASP G 208 56.25 -6.46 -42.78
C ASP G 208 55.62 -6.07 -41.46
N VAL G 209 54.94 -4.94 -41.39
CA VAL G 209 54.38 -4.43 -40.15
C VAL G 209 52.87 -4.67 -40.07
N CYS G 210 52.15 -4.37 -41.16
CA CYS G 210 50.69 -4.46 -41.15
C CYS G 210 50.24 -5.92 -41.14
N TYR G 211 49.30 -6.23 -40.25
CA TYR G 211 48.74 -7.58 -40.14
C TYR G 211 47.25 -7.47 -39.85
N VAL G 212 46.58 -8.62 -39.85
CA VAL G 212 45.15 -8.68 -39.58
C VAL G 212 44.97 -8.95 -38.09
N SER G 213 44.31 -8.03 -37.40
CA SER G 213 44.02 -8.20 -35.99
C SER G 213 42.81 -9.10 -35.80
N GLN G 214 42.49 -9.39 -34.54
CA GLN G 214 41.35 -10.26 -34.23
C GLN G 214 40.05 -9.47 -34.23
N ASP G 215 39.95 -8.46 -33.37
CA ASP G 215 38.74 -7.65 -33.25
C ASP G 215 39.09 -6.20 -33.57
N PHE G 216 38.09 -5.45 -34.04
CA PHE G 216 38.28 -4.05 -34.42
C PHE G 216 37.86 -3.09 -33.32
N TYR G 217 36.75 -3.36 -32.64
CA TYR G 217 36.31 -2.48 -31.57
C TYR G 217 37.15 -2.67 -30.31
N ARG G 218 37.54 -3.92 -30.02
CA ARG G 218 38.35 -4.21 -28.84
C ARG G 218 39.75 -3.64 -28.98
N ASP G 219 40.37 -3.79 -30.16
CA ASP G 219 41.68 -3.21 -30.40
C ASP G 219 41.62 -1.70 -30.61
N MET G 220 40.43 -1.12 -30.80
CA MET G 220 40.29 0.33 -30.71
C MET G 220 40.22 0.79 -29.27
N ASP G 221 39.60 -0.04 -28.41
CA ASP G 221 39.52 0.30 -26.99
C ASP G 221 40.88 0.19 -26.31
N ILE G 222 41.69 -0.79 -26.72
CA ILE G 222 43.00 -0.99 -26.10
C ILE G 222 43.99 0.07 -26.58
N ALA G 223 43.83 0.56 -27.82
CA ALA G 223 44.78 1.49 -28.45
C ALA G 223 44.83 2.85 -27.78
N LYS G 224 43.84 3.23 -26.99
CA LYS G 224 43.89 4.46 -26.21
C LYS G 224 44.71 4.24 -24.95
N LEU G 225 45.24 5.34 -24.41
CA LEU G 225 46.19 5.35 -23.29
C LEU G 225 47.41 4.47 -23.58
N LYS G 226 48.05 4.75 -24.71
CA LYS G 226 49.20 3.98 -25.19
C LYS G 226 50.50 4.76 -24.97
N GLY G 227 50.57 5.43 -23.83
CA GLY G 227 51.75 6.23 -23.51
C GLY G 227 52.98 5.42 -23.13
N GLU G 228 52.80 4.19 -22.68
CA GLU G 228 53.93 3.37 -22.25
C GLU G 228 53.90 1.93 -22.73
N GLU G 229 52.80 1.43 -23.28
CA GLU G 229 52.71 0.03 -23.65
C GLU G 229 53.29 -0.17 -25.05
N ASN G 230 54.29 -1.03 -25.17
CA ASN G 230 54.99 -1.28 -26.43
C ASN G 230 54.25 -2.36 -27.21
N THR G 231 53.07 -2.00 -27.70
CA THR G 231 52.30 -2.88 -28.59
C THR G 231 51.86 -2.21 -29.89
N VAL G 232 52.05 -0.90 -30.04
CA VAL G 232 51.58 -0.20 -31.23
C VAL G 232 52.75 0.39 -32.01
N MET G 233 53.58 1.19 -31.33
CA MET G 233 54.62 1.94 -32.00
C MET G 233 55.81 1.05 -32.38
N ILE G 234 56.31 1.25 -33.60
CA ILE G 234 57.42 0.46 -34.13
C ILE G 234 58.04 1.28 -35.26
N ASP G 235 59.33 1.08 -35.48
CA ASP G 235 60.08 1.83 -36.48
C ASP G 235 60.30 1.01 -37.75
N TYR G 236 60.77 1.70 -38.79
CA TYR G 236 61.06 1.05 -40.05
C TYR G 236 62.22 1.76 -40.74
N VAL G 237 61.92 2.58 -41.74
CA VAL G 237 62.93 3.35 -42.44
C VAL G 237 62.30 4.55 -43.12
N LEU G 238 62.33 5.70 -42.45
CA LEU G 238 61.77 6.91 -43.01
C LEU G 238 62.24 7.11 -44.44
N ILE G 267 63.25 6.15 -37.39
CA ILE G 267 62.47 6.42 -38.59
C ILE G 267 61.29 7.32 -38.26
N LEU G 268 60.30 7.31 -39.12
CA LEU G 268 59.09 8.10 -38.91
C LEU G 268 58.00 7.24 -38.27
N ARG G 269 58.05 7.14 -36.94
CA ARG G 269 57.11 6.36 -36.09
C ARG G 269 55.66 6.25 -36.57
N LEU G 270 55.12 5.03 -36.54
CA LEU G 270 53.79 4.81 -37.08
C LEU G 270 52.74 4.61 -36.00
N ALA G 271 51.47 4.73 -36.38
CA ALA G 271 50.35 4.69 -35.47
C ALA G 271 49.58 3.39 -35.68
N ASN G 272 48.34 3.31 -35.18
CA ASN G 272 47.57 2.07 -35.14
C ASN G 272 46.80 1.79 -36.44
N GLU G 273 47.24 2.28 -37.59
CA GLU G 273 46.56 1.98 -38.85
C GLU G 273 47.00 0.65 -39.46
N ARG G 274 47.82 -0.14 -38.77
CA ARG G 274 48.31 -1.40 -39.34
C ARG G 274 47.23 -2.47 -39.39
N PHE G 275 46.16 -2.33 -38.61
CA PHE G 275 45.01 -3.21 -38.73
C PHE G 275 43.79 -2.51 -39.33
N ALA G 276 43.85 -1.19 -39.51
CA ALA G 276 42.77 -0.48 -40.18
C ALA G 276 42.86 -0.59 -41.70
N VAL G 277 44.05 -0.87 -42.24
CA VAL G 277 44.20 -1.11 -43.68
C VAL G 277 43.64 -2.47 -44.08
N PRO G 278 43.90 -3.61 -43.41
CA PRO G 278 43.15 -4.82 -43.78
C PRO G 278 41.70 -4.82 -43.31
N GLU G 279 41.29 -3.84 -42.51
CA GLU G 279 39.89 -3.66 -42.16
C GLU G 279 39.06 -3.19 -43.36
N ILE G 280 39.71 -2.61 -44.37
CA ILE G 280 39.01 -2.15 -45.56
C ILE G 280 38.49 -3.34 -46.37
N LEU G 281 39.29 -4.40 -46.48
CA LEU G 281 38.86 -5.64 -47.12
C LEU G 281 37.70 -6.30 -46.38
N PHE G 282 37.63 -6.14 -45.06
CA PHE G 282 36.55 -6.69 -44.26
C PHE G 282 35.38 -5.74 -44.10
N ASN G 283 35.61 -4.43 -44.22
CA ASN G 283 34.56 -3.42 -44.21
C ASN G 283 35.04 -2.21 -45.01
N PRO G 284 34.54 -2.02 -46.24
CA PRO G 284 34.97 -0.86 -47.06
C PRO G 284 34.27 0.45 -46.72
N SER G 285 33.69 0.57 -45.52
CA SER G 285 32.84 1.70 -45.19
C SER G 285 33.60 3.02 -45.06
N ASP G 286 34.92 2.99 -45.00
CA ASP G 286 35.66 4.23 -44.84
C ASP G 286 35.73 5.01 -46.15
N ILE G 287 35.53 4.33 -47.28
CA ILE G 287 35.54 5.03 -48.57
C ILE G 287 34.12 5.35 -49.02
N GLY G 288 33.28 4.32 -49.06
CA GLY G 288 31.90 4.50 -49.47
C GLY G 288 31.67 4.08 -50.91
N ILE G 289 32.50 3.18 -51.41
CA ILE G 289 32.39 2.70 -52.78
C ILE G 289 31.26 1.69 -52.91
N GLN G 290 31.46 0.48 -52.41
CA GLN G 290 30.44 -0.55 -52.48
C GLN G 290 30.06 -1.07 -51.11
N GLU G 291 30.70 -2.16 -50.70
CA GLU G 291 30.34 -2.85 -49.47
C GLU G 291 30.84 -2.35 -48.11
N MET G 292 30.51 -3.16 -47.10
CA MET G 292 30.89 -2.92 -45.71
C MET G 292 31.46 -4.22 -45.12
N GLY G 293 31.76 -5.18 -45.98
CA GLY G 293 32.68 -6.26 -45.68
C GLY G 293 32.76 -7.29 -46.80
N ILE G 294 33.13 -8.51 -46.43
CA ILE G 294 33.24 -9.64 -47.36
C ILE G 294 32.50 -10.85 -46.81
N PRO G 295 32.44 -10.95 -45.48
CA PRO G 295 31.80 -11.96 -44.60
C PRO G 295 30.34 -12.22 -44.93
N GLU G 296 29.63 -11.23 -45.49
CA GLU G 296 28.19 -11.39 -45.66
C GLU G 296 27.81 -11.67 -47.11
N ALA G 297 28.65 -11.26 -48.07
CA ALA G 297 28.29 -11.41 -49.48
C ALA G 297 28.37 -12.85 -49.95
N ILE G 298 29.28 -13.63 -49.36
CA ILE G 298 29.40 -15.06 -49.70
C ILE G 298 28.16 -15.82 -49.24
N VAL G 299 27.63 -15.45 -48.07
CA VAL G 299 26.42 -16.10 -47.57
C VAL G 299 25.20 -15.62 -48.34
N TYR G 300 25.16 -14.32 -48.66
CA TYR G 300 24.01 -13.75 -49.36
C TYR G 300 23.99 -14.06 -50.85
N SER G 301 25.08 -14.59 -51.40
CA SER G 301 25.18 -14.82 -52.84
C SER G 301 25.02 -16.28 -53.24
N ILE G 302 25.56 -17.21 -52.45
CA ILE G 302 25.62 -18.62 -52.86
C ILE G 302 24.28 -19.24 -52.47
N GLN G 303 23.31 -19.15 -53.39
CA GLN G 303 22.03 -19.85 -53.29
C GLN G 303 21.71 -20.38 -54.69
N ASN G 304 22.17 -21.60 -54.96
CA ASN G 304 22.07 -22.15 -56.30
C ASN G 304 21.37 -23.49 -56.30
N LEU G 305 21.33 -24.12 -57.47
CA LEU G 305 20.80 -25.45 -57.61
C LEU G 305 21.31 -26.34 -56.48
N PRO G 306 22.60 -26.03 -56.02
CA PRO G 306 23.06 -26.92 -54.94
C PRO G 306 22.25 -26.77 -53.64
N GLU G 307 20.97 -26.45 -53.78
CA GLU G 307 20.05 -26.48 -52.65
C GLU G 307 20.16 -27.86 -52.05
N GLU G 308 20.35 -28.84 -52.93
CA GLU G 308 20.82 -30.15 -52.57
C GLU G 308 22.33 -30.07 -52.74
N MET G 309 22.78 -28.98 -53.36
CA MET G 309 24.20 -28.81 -53.65
C MET G 309 24.86 -27.70 -52.84
N GLN G 310 24.19 -27.15 -51.84
CA GLN G 310 24.76 -26.12 -50.99
C GLN G 310 25.83 -26.64 -49.99
N PRO G 311 25.70 -27.83 -49.37
CA PRO G 311 26.88 -28.39 -48.68
C PRO G 311 27.99 -28.80 -49.62
N HIS G 312 27.71 -29.06 -50.90
CA HIS G 312 28.80 -29.15 -51.87
C HIS G 312 29.46 -27.79 -52.08
N PHE G 313 28.67 -26.70 -51.98
CA PHE G 313 29.20 -25.37 -52.26
C PHE G 313 30.09 -24.88 -51.12
N PHE G 314 29.52 -24.72 -49.92
CA PHE G 314 30.21 -23.93 -48.89
C PHE G 314 31.33 -24.70 -48.19
N LYS G 315 31.28 -26.03 -48.15
CA LYS G 315 32.22 -26.79 -47.34
C LYS G 315 33.64 -26.85 -47.92
N ASN G 316 33.92 -26.22 -49.06
CA ASN G 316 35.26 -26.21 -49.65
C ASN G 316 35.60 -24.77 -50.04
N ILE G 317 36.23 -24.06 -49.11
CA ILE G 317 36.63 -22.67 -49.31
C ILE G 317 38.14 -22.63 -49.53
N VAL G 318 38.56 -22.04 -50.66
CA VAL G 318 39.96 -21.95 -51.02
C VAL G 318 40.39 -20.49 -50.93
N LEU G 319 41.32 -20.21 -50.02
CA LEU G 319 41.90 -18.88 -49.88
C LEU G 319 43.19 -18.81 -50.67
N THR G 320 43.23 -17.91 -51.65
CA THR G 320 44.42 -17.76 -52.49
C THR G 320 44.50 -16.32 -52.98
N GLY G 321 45.63 -15.98 -53.60
CA GLY G 321 45.84 -14.66 -54.16
C GLY G 321 47.02 -13.97 -53.48
N GLY G 322 46.87 -12.66 -53.27
CA GLY G 322 47.92 -11.86 -52.67
C GLY G 322 47.55 -11.23 -51.35
N ASN G 323 46.26 -11.04 -51.10
CA ASN G 323 45.79 -10.44 -49.86
C ASN G 323 45.71 -11.43 -48.71
N SER G 324 45.93 -12.72 -48.97
CA SER G 324 45.92 -13.74 -47.93
C SER G 324 47.29 -13.95 -47.31
N LEU G 325 48.26 -13.09 -47.62
CA LEU G 325 49.61 -13.20 -47.06
C LEU G 325 49.67 -12.71 -45.62
N PHE G 326 48.71 -11.90 -45.19
CA PHE G 326 48.75 -11.31 -43.86
C PHE G 326 48.43 -12.37 -42.80
N PRO G 327 49.17 -12.40 -41.69
CA PRO G 327 48.84 -13.33 -40.61
C PRO G 327 47.57 -12.93 -39.89
N GLY G 328 46.95 -13.92 -39.24
CA GLY G 328 45.69 -13.71 -38.57
C GLY G 328 44.49 -13.65 -39.48
N PHE G 329 44.62 -14.08 -40.73
CA PHE G 329 43.56 -14.00 -41.73
C PHE G 329 42.63 -15.20 -41.67
N ARG G 330 43.20 -16.40 -41.50
CA ARG G 330 42.43 -17.64 -41.60
C ARG G 330 41.41 -17.75 -40.47
N ASP G 331 41.84 -17.48 -39.23
CA ASP G 331 40.97 -17.63 -38.08
C ASP G 331 39.85 -16.58 -38.08
N ARG G 332 40.16 -15.35 -38.51
CA ARG G 332 39.14 -14.31 -38.52
C ARG G 332 38.13 -14.53 -39.64
N VAL G 333 38.59 -14.97 -40.82
CA VAL G 333 37.67 -15.29 -41.91
C VAL G 333 36.80 -16.49 -41.54
N TYR G 334 37.37 -17.49 -40.87
CA TYR G 334 36.61 -18.64 -40.41
C TYR G 334 35.57 -18.26 -39.35
N SER G 335 35.93 -17.33 -38.45
CA SER G 335 35.00 -16.89 -37.43
C SER G 335 33.89 -16.01 -38.00
N GLU G 336 34.20 -15.27 -39.07
CA GLU G 336 33.17 -14.42 -39.68
C GLU G 336 32.24 -15.22 -40.60
N VAL G 337 32.73 -16.30 -41.23
CA VAL G 337 31.83 -17.15 -42.01
C VAL G 337 31.15 -18.20 -41.15
N ARG G 338 31.60 -18.41 -39.91
CA ARG G 338 30.97 -19.37 -39.02
C ARG G 338 29.65 -18.86 -38.48
N CYS G 339 29.51 -17.53 -38.34
CA CYS G 339 28.33 -16.95 -37.71
C CYS G 339 27.09 -16.99 -38.59
N LEU G 340 27.26 -17.14 -39.90
CA LEU G 340 26.12 -17.07 -40.83
C LEU G 340 25.85 -18.38 -41.56
N THR G 341 26.59 -19.44 -41.25
CA THR G 341 26.44 -20.76 -41.84
C THR G 341 26.31 -21.80 -40.74
N PRO G 342 25.55 -22.89 -40.95
CA PRO G 342 25.19 -23.79 -39.84
C PRO G 342 26.36 -24.52 -39.19
N THR G 343 26.13 -24.92 -37.94
CA THR G 343 27.13 -25.62 -37.14
C THR G 343 27.35 -27.05 -37.64
N ASP G 344 26.26 -27.74 -38.00
CA ASP G 344 26.32 -29.15 -38.38
C ASP G 344 27.04 -29.38 -39.70
N TYR G 345 27.21 -28.35 -40.53
CA TYR G 345 27.96 -28.49 -41.77
C TYR G 345 29.45 -28.57 -41.47
N ASP G 346 30.08 -29.66 -41.89
CA ASP G 346 31.51 -29.86 -41.67
C ASP G 346 32.25 -28.98 -42.67
N VAL G 347 32.54 -27.75 -42.24
CA VAL G 347 33.19 -26.77 -43.10
C VAL G 347 34.70 -26.87 -42.93
N SER G 348 35.42 -26.32 -43.91
CA SER G 348 36.88 -26.38 -43.89
C SER G 348 37.42 -25.17 -44.64
N VAL G 349 38.04 -24.26 -43.91
CA VAL G 349 38.72 -23.09 -44.48
C VAL G 349 40.21 -23.34 -44.39
N VAL G 350 40.85 -23.55 -45.53
CA VAL G 350 42.26 -23.97 -45.58
C VAL G 350 43.06 -22.88 -46.29
N LEU G 351 44.10 -22.40 -45.63
CA LEU G 351 45.04 -21.44 -46.22
C LEU G 351 46.40 -22.11 -46.37
N PRO G 352 46.80 -22.53 -47.59
CA PRO G 352 48.12 -23.15 -47.76
C PRO G 352 49.26 -22.15 -47.66
N GLU G 353 50.50 -22.66 -47.65
CA GLU G 353 51.67 -21.81 -47.56
C GLU G 353 52.22 -21.38 -48.92
N ASN G 354 51.93 -22.14 -49.97
CA ASN G 354 52.42 -21.83 -51.32
C ASN G 354 51.77 -20.69 -52.13
N PRO G 355 50.42 -20.33 -52.00
CA PRO G 355 49.74 -19.74 -53.16
C PRO G 355 50.09 -18.30 -53.51
N ILE G 356 51.38 -17.99 -53.67
CA ILE G 356 51.77 -16.69 -54.21
C ILE G 356 51.53 -16.66 -55.71
N THR G 357 52.04 -17.67 -56.42
CA THR G 357 51.73 -17.91 -57.83
C THR G 357 51.01 -19.25 -57.89
N TYR G 358 49.70 -19.23 -57.68
CA TYR G 358 48.91 -20.45 -57.53
C TYR G 358 48.31 -20.92 -58.85
N ALA G 359 47.88 -19.99 -59.71
CA ALA G 359 47.47 -20.36 -61.05
C ALA G 359 48.64 -20.85 -61.88
N TRP G 360 49.85 -20.36 -61.59
CA TRP G 360 51.06 -20.93 -62.20
C TRP G 360 51.28 -22.37 -61.77
N GLU G 361 51.00 -22.67 -60.50
CA GLU G 361 51.11 -24.05 -60.02
C GLU G 361 50.06 -24.94 -60.66
N GLY G 362 48.84 -24.43 -60.85
CA GLY G 362 47.82 -25.19 -61.55
C GLY G 362 48.16 -25.43 -63.00
N GLY G 363 48.73 -24.42 -63.66
CA GLY G 363 49.12 -24.57 -65.05
C GLY G 363 50.29 -25.52 -65.25
N LYS G 364 51.24 -25.53 -64.32
CA LYS G 364 52.32 -26.49 -64.41
C LYS G 364 51.92 -27.88 -63.92
N LEU G 365 50.81 -27.98 -63.17
CA LEU G 365 50.30 -29.30 -62.80
C LEU G 365 49.51 -29.93 -63.95
N ILE G 366 48.71 -29.14 -64.67
CA ILE G 366 47.91 -29.70 -65.76
C ILE G 366 48.79 -30.03 -66.96
N SER G 367 49.81 -29.21 -67.23
CA SER G 367 50.67 -29.43 -68.39
C SER G 367 51.58 -30.65 -68.24
N GLU G 368 51.76 -31.15 -67.01
CA GLU G 368 52.53 -32.37 -66.79
C GLU G 368 51.67 -33.61 -66.60
N ASN G 369 50.34 -33.45 -66.52
CA ASN G 369 49.41 -34.56 -66.37
C ASN G 369 48.74 -34.93 -67.69
N ASP G 370 49.51 -34.84 -68.79
CA ASP G 370 49.25 -35.25 -70.18
C ASP G 370 47.81 -35.08 -70.68
N ASP G 371 47.19 -33.95 -70.32
CA ASP G 371 45.87 -33.59 -70.83
C ASP G 371 45.91 -32.43 -71.81
N PHE G 372 47.07 -31.80 -72.01
CA PHE G 372 47.17 -30.68 -72.93
C PHE G 372 47.16 -31.12 -74.38
N GLU G 373 47.71 -32.30 -74.68
CA GLU G 373 47.79 -32.78 -76.05
C GLU G 373 46.49 -33.37 -76.56
N ASP G 374 45.52 -33.62 -75.69
CA ASP G 374 44.24 -34.18 -76.13
C ASP G 374 43.37 -33.11 -76.78
N MET G 375 43.23 -31.96 -76.13
CA MET G 375 42.44 -30.84 -76.65
C MET G 375 43.40 -29.72 -77.01
N VAL G 376 43.76 -29.64 -78.29
CA VAL G 376 44.68 -28.63 -78.80
C VAL G 376 43.88 -27.68 -79.67
N VAL G 377 43.95 -26.38 -79.35
CA VAL G 377 43.27 -25.35 -80.13
C VAL G 377 44.23 -24.28 -80.66
N THR G 378 44.65 -24.43 -81.92
CA THR G 378 45.60 -23.50 -82.52
C THR G 378 45.30 -23.12 -83.98
N ARG G 379 46.24 -22.44 -84.61
CA ARG G 379 46.14 -21.93 -85.98
C ARG G 379 45.24 -22.76 -86.92
N GLU G 380 45.81 -23.85 -87.44
CA GLU G 380 45.16 -24.80 -88.37
C GLU G 380 43.65 -24.78 -88.32
N ASP G 381 43.17 -24.10 -87.29
CA ASP G 381 41.76 -24.00 -86.93
C ASP G 381 41.29 -22.55 -86.83
N TYR G 382 42.21 -21.60 -86.63
CA TYR G 382 41.84 -20.19 -86.63
C TYR G 382 41.58 -19.68 -88.03
N GLU G 383 42.29 -20.20 -89.03
CA GLU G 383 42.03 -19.81 -90.41
C GLU G 383 40.88 -20.58 -91.03
N GLU G 384 40.69 -21.84 -90.63
CA GLU G 384 39.55 -22.59 -91.14
C GLU G 384 38.25 -22.17 -90.48
N ASN G 385 38.30 -21.69 -89.24
CA ASN G 385 37.11 -21.21 -88.53
C ASN G 385 37.46 -19.89 -87.86
N GLY G 386 36.84 -18.81 -88.31
CA GLY G 386 37.14 -17.49 -87.79
C GLY G 386 36.52 -17.22 -86.44
N HIS G 387 37.35 -17.26 -85.38
CA HIS G 387 37.08 -16.92 -83.98
C HIS G 387 36.11 -17.87 -83.28
N SER G 388 35.55 -18.85 -83.96
CA SER G 388 34.67 -19.84 -83.34
C SER G 388 35.44 -21.10 -82.97
N VAL G 389 36.54 -20.94 -82.23
CA VAL G 389 37.37 -22.08 -81.84
C VAL G 389 37.68 -22.10 -80.35
N CYS G 390 37.57 -20.99 -79.62
CA CYS G 390 37.89 -20.94 -78.21
C CYS G 390 36.64 -20.83 -77.34
N GLU G 391 35.47 -21.18 -77.88
CA GLU G 391 34.21 -21.09 -77.15
C GLU G 391 33.62 -22.47 -76.85
N GLU G 392 33.60 -23.38 -77.83
CA GLU G 392 33.03 -24.70 -77.62
C GLU G 392 33.98 -25.63 -76.88
N LYS G 393 35.29 -25.45 -77.09
CA LYS G 393 36.28 -26.30 -76.43
C LYS G 393 36.68 -25.77 -75.07
N PHE G 394 36.96 -24.48 -74.97
CA PHE G 394 37.34 -23.87 -73.69
C PHE G 394 36.66 -22.52 -73.50
N LYS H 851 -43.64 66.89 -21.12
CA LYS H 851 -42.75 67.42 -20.10
C LYS H 851 -41.91 66.28 -19.51
N LYS H 852 -40.61 66.54 -19.36
CA LYS H 852 -39.68 65.58 -18.80
C LYS H 852 -38.97 66.18 -17.60
N TYR H 853 -38.55 65.33 -16.67
CA TYR H 853 -37.91 65.76 -15.44
C TYR H 853 -36.71 64.88 -15.15
N GLU H 854 -35.92 65.30 -14.17
CA GLU H 854 -34.74 64.56 -13.74
C GLU H 854 -34.92 64.08 -12.31
N HIS H 855 -34.32 62.93 -12.02
CA HIS H 855 -34.40 62.30 -10.70
C HIS H 855 -32.99 62.15 -10.14
N VAL H 856 -32.80 62.62 -8.90
CA VAL H 856 -31.51 62.58 -8.23
C VAL H 856 -31.54 61.45 -7.21
N ILE H 857 -30.68 60.45 -7.41
CA ILE H 857 -30.56 59.32 -6.50
C ILE H 857 -29.11 59.24 -6.05
N ARG H 858 -28.89 59.37 -4.75
CA ARG H 858 -27.55 59.32 -4.17
C ARG H 858 -27.29 57.94 -3.57
N CYS H 859 -26.07 57.45 -3.76
CA CYS H 859 -25.68 56.11 -3.33
C CYS H 859 -24.68 56.20 -2.18
N ARG H 860 -24.39 55.03 -1.61
CA ARG H 860 -23.46 54.90 -0.49
C ARG H 860 -22.29 54.00 -0.86
N LEU H 861 -21.28 53.99 0.01
CA LEU H 861 -20.09 53.21 -0.20
C LEU H 861 -20.19 51.88 0.56
N SER H 862 -19.09 51.12 0.60
CA SER H 862 -19.06 49.86 1.31
C SER H 862 -17.85 49.78 2.24
N LYS H 863 -17.59 48.59 2.81
CA LYS H 863 -16.51 48.46 3.78
C LYS H 863 -15.15 48.31 3.11
N ARG H 864 -15.07 47.46 2.07
CA ARG H 864 -13.81 47.26 1.37
C ARG H 864 -13.37 48.51 0.62
N GLN H 865 -14.33 49.29 0.11
CA GLN H 865 -13.98 50.54 -0.56
C GLN H 865 -13.40 51.55 0.42
N ARG H 866 -13.99 51.67 1.61
CA ARG H 866 -13.45 52.57 2.62
C ARG H 866 -12.11 52.08 3.17
N CYS H 867 -11.90 50.76 3.22
CA CYS H 867 -10.58 50.23 3.53
C CYS H 867 -9.57 50.60 2.45
N LEU H 868 -10.00 50.62 1.18
CA LEU H 868 -9.11 51.08 0.11
C LEU H 868 -8.79 52.56 0.23
N TYR H 869 -9.80 53.38 0.56
CA TYR H 869 -9.56 54.83 0.76
C TYR H 869 -8.63 55.08 1.94
N ASP H 870 -8.70 54.24 2.97
CA ASP H 870 -7.72 54.30 4.05
C ASP H 870 -6.34 53.84 3.57
N ASP H 871 -6.29 52.91 2.62
CA ASP H 871 -5.02 52.44 2.10
C ASP H 871 -4.38 53.39 1.10
N PHE H 872 -5.12 54.35 0.55
CA PHE H 872 -4.51 55.33 -0.35
C PHE H 872 -3.59 56.29 0.41
N MET H 873 -4.13 56.94 1.44
CA MET H 873 -3.38 57.95 2.18
C MET H 873 -2.47 57.37 3.25
N ALA H 874 -2.42 56.04 3.39
CA ALA H 874 -1.57 55.41 4.39
C ALA H 874 -0.11 55.44 3.94
N ILE H 893 0.87 59.43 -10.03
CA ILE H 893 -0.09 59.90 -11.01
C ILE H 893 -1.44 60.16 -10.33
N LEU H 894 -1.89 61.42 -10.39
CA LEU H 894 -3.17 61.79 -9.79
C LEU H 894 -4.37 61.36 -10.62
N MET H 895 -4.15 61.05 -11.91
CA MET H 895 -5.26 60.62 -12.75
C MET H 895 -5.69 59.19 -12.44
N GLN H 896 -4.77 58.37 -11.92
CA GLN H 896 -5.11 57.00 -11.57
C GLN H 896 -5.92 56.89 -10.29
N LEU H 897 -5.86 57.92 -9.43
CA LEU H 897 -6.63 57.88 -8.19
C LEU H 897 -8.10 58.17 -8.45
N ARG H 898 -8.42 58.86 -9.54
CA ARG H 898 -9.80 59.22 -9.85
C ARG H 898 -10.61 58.06 -10.40
N LYS H 899 -9.96 57.05 -10.98
CA LYS H 899 -10.67 55.92 -11.56
C LYS H 899 -11.17 54.94 -10.49
N VAL H 900 -10.42 54.78 -9.39
CA VAL H 900 -10.80 53.82 -8.36
C VAL H 900 -11.98 54.33 -7.55
N CYS H 901 -12.11 55.65 -7.42
CA CYS H 901 -13.19 56.26 -6.64
C CYS H 901 -14.56 56.00 -7.25
N ASN H 902 -14.64 55.76 -8.56
CA ASN H 902 -15.90 55.36 -9.17
C ASN H 902 -16.14 53.86 -8.99
N HIS H 903 -15.20 53.05 -9.49
CA HIS H 903 -15.25 51.59 -9.38
C HIS H 903 -13.82 51.08 -9.23
N PRO H 904 -13.58 50.06 -8.42
CA PRO H 904 -12.21 49.57 -8.23
C PRO H 904 -11.67 48.80 -9.44
N ASN H 905 -11.20 49.54 -10.44
CA ASN H 905 -10.72 48.95 -11.68
C ASN H 905 -9.23 48.61 -11.63
N LEU H 906 -8.42 49.41 -10.94
CA LEU H 906 -6.99 49.15 -10.87
C LEU H 906 -6.69 48.00 -9.92
N PHE H 907 -7.17 48.08 -8.68
CA PHE H 907 -6.98 47.00 -7.73
C PHE H 907 -7.90 45.84 -8.06
N ASP H 908 -7.60 44.68 -7.47
CA ASP H 908 -8.38 43.47 -7.70
C ASP H 908 -9.15 43.13 -6.45
N PRO H 909 -10.47 43.38 -6.38
CA PRO H 909 -11.24 42.91 -5.22
C PRO H 909 -11.42 41.41 -5.18
N ARG H 910 -11.30 40.74 -6.31
CA ARG H 910 -11.47 39.30 -6.40
C ARG H 910 -10.21 38.55 -5.98
N PRO H 911 -10.36 37.51 -5.15
CA PRO H 911 -9.31 36.48 -5.04
C PRO H 911 -9.29 35.62 -6.31
N VAL H 912 -8.60 36.13 -7.33
CA VAL H 912 -8.70 35.67 -8.72
C VAL H 912 -8.22 34.24 -8.89
N THR H 913 -8.60 33.61 -10.01
CA THR H 913 -8.27 32.23 -10.28
C THR H 913 -6.77 32.07 -10.54
N SER H 914 -6.06 31.53 -9.55
CA SER H 914 -4.62 31.34 -9.63
C SER H 914 -4.32 29.84 -9.57
N PRO H 915 -3.60 29.28 -10.55
CA PRO H 915 -3.18 27.88 -10.44
C PRO H 915 -2.16 27.71 -9.33
N PHE H 916 -2.42 26.74 -8.46
CA PHE H 916 -1.64 26.60 -7.23
C PHE H 916 -0.25 26.03 -7.53
N ILE H 917 0.59 26.04 -6.48
CA ILE H 917 2.01 25.73 -6.64
C ILE H 917 2.19 24.23 -6.85
N THR H 918 2.82 23.86 -7.97
CA THR H 918 3.20 22.48 -8.26
C THR H 918 4.73 22.45 -8.36
N PRO H 919 5.43 22.30 -7.24
CA PRO H 919 6.90 22.33 -7.27
C PRO H 919 7.48 21.02 -7.80
N GLY H 920 8.72 21.11 -8.22
CA GLY H 920 9.40 19.97 -8.81
C GLY H 920 10.62 19.51 -8.05
N ILE H 921 10.58 18.28 -7.55
CA ILE H 921 11.71 17.67 -6.87
C ILE H 921 12.51 16.90 -7.91
N CYS H 922 13.84 17.07 -7.88
CA CYS H 922 14.72 16.34 -8.80
C CYS H 922 14.69 14.86 -8.49
N PHE H 923 14.95 14.06 -9.52
CA PHE H 923 14.82 12.61 -9.43
C PHE H 923 15.96 12.01 -8.62
N SER H 924 15.64 11.08 -7.73
CA SER H 924 16.64 10.40 -6.94
C SER H 924 17.37 9.37 -7.81
N THR H 925 18.69 9.47 -7.87
CA THR H 925 19.48 8.57 -8.68
C THR H 925 19.56 7.19 -8.05
N ALA H 926 19.98 6.22 -8.85
CA ALA H 926 20.10 4.84 -8.41
C ALA H 926 21.35 4.24 -9.03
N SER H 927 21.49 2.92 -8.92
CA SER H 927 22.63 2.20 -9.44
C SER H 927 22.14 1.05 -10.32
N LEU H 928 23.08 0.45 -11.05
CA LEU H 928 22.76 -0.60 -11.99
C LEU H 928 22.76 -1.99 -11.35
N VAL H 929 23.13 -2.07 -10.07
CA VAL H 929 23.19 -3.35 -9.37
C VAL H 929 21.82 -3.76 -8.82
N LEU H 930 20.88 -2.81 -8.72
CA LEU H 930 19.68 -3.00 -7.93
C LEU H 930 18.70 -3.99 -8.57
N ARG H 931 18.22 -3.69 -9.77
CA ARG H 931 17.17 -4.51 -10.36
C ARG H 931 17.71 -5.82 -10.94
N ALA H 932 18.93 -5.82 -11.47
CA ALA H 932 19.45 -6.98 -12.18
C ALA H 932 19.99 -8.05 -11.24
N THR H 933 19.18 -8.47 -10.27
CA THR H 933 19.48 -9.60 -9.40
C THR H 933 18.41 -10.68 -9.48
N ASP H 934 17.15 -10.29 -9.36
CA ASP H 934 16.07 -11.25 -9.39
C ASP H 934 15.74 -11.56 -10.83
N VAL H 935 16.49 -12.49 -11.40
CA VAL H 935 16.33 -12.87 -12.80
C VAL H 935 17.49 -13.76 -13.22
N HIS H 936 17.30 -14.51 -14.30
CA HIS H 936 18.35 -15.38 -14.83
C HIS H 936 17.83 -16.31 -15.90
N PRO H 937 18.74 -16.98 -16.60
CA PRO H 937 18.37 -17.93 -17.66
C PRO H 937 16.95 -18.45 -17.49
N LEU H 938 16.80 -19.53 -16.72
CA LEU H 938 15.48 -20.12 -16.49
C LEU H 938 15.48 -20.98 -15.23
N GLN H 939 14.78 -22.12 -15.27
CA GLN H 939 14.77 -23.12 -14.16
C GLN H 939 14.38 -22.62 -12.77
N ARG H 940 13.15 -22.16 -12.61
CA ARG H 940 12.69 -21.70 -11.31
C ARG H 940 11.22 -22.02 -11.11
N ILE H 941 10.63 -22.75 -12.05
CA ILE H 941 9.22 -23.09 -11.96
C ILE H 941 8.97 -24.60 -11.90
N ASP H 942 7.70 -24.98 -11.84
CA ASP H 942 7.32 -26.39 -11.78
C ASP H 942 6.21 -26.71 -12.79
N MET H 943 5.00 -26.26 -12.47
CA MET H 943 3.85 -26.50 -13.34
C MET H 943 2.72 -25.52 -13.03
N GLY H 944 1.67 -25.57 -13.84
CA GLY H 944 0.52 -24.70 -13.65
C GLY H 944 -0.49 -25.29 -12.69
N ARG H 945 -0.30 -25.00 -11.40
CA ARG H 945 -1.12 -25.60 -10.36
C ARG H 945 -2.41 -24.82 -10.13
N PHE H 946 -2.31 -23.51 -10.08
CA PHE H 946 -3.46 -22.65 -9.86
C PHE H 946 -4.20 -22.34 -11.16
N ASP H 947 -4.84 -23.37 -11.72
CA ASP H 947 -5.60 -23.26 -12.95
C ASP H 947 -6.82 -24.18 -12.84
N LEU H 948 -7.92 -23.64 -12.32
CA LEU H 948 -9.15 -24.41 -12.13
C LEU H 948 -9.72 -25.04 -13.40
N ILE H 949 -10.13 -26.31 -13.27
CA ILE H 949 -10.61 -27.12 -14.41
C ILE H 949 -11.34 -28.38 -14.00
N GLY H 950 -12.20 -28.86 -14.89
CA GLY H 950 -12.96 -30.07 -14.64
C GLY H 950 -12.37 -31.31 -15.29
N LEU H 951 -12.85 -31.62 -16.49
CA LEU H 951 -12.40 -32.78 -17.25
C LEU H 951 -12.43 -34.05 -16.40
N GLU H 952 -13.56 -34.29 -15.74
CA GLU H 952 -13.73 -35.47 -14.89
C GLU H 952 -14.09 -36.69 -15.74
N GLY H 953 -13.06 -37.41 -16.18
CA GLY H 953 -13.26 -38.59 -17.00
C GLY H 953 -12.59 -38.46 -18.35
N ARG H 954 -12.36 -37.21 -18.77
CA ARG H 954 -11.72 -36.94 -20.04
C ARG H 954 -10.20 -37.06 -19.93
N VAL H 955 -9.72 -37.35 -18.72
CA VAL H 955 -8.29 -37.49 -18.49
C VAL H 955 -7.67 -38.51 -19.44
N SER H 956 -8.34 -39.66 -19.61
CA SER H 956 -7.84 -40.67 -20.54
C SER H 956 -7.94 -40.21 -21.98
N ARG H 957 -8.87 -39.29 -22.28
CA ARG H 957 -8.96 -38.75 -23.63
C ARG H 957 -7.77 -37.84 -23.96
N TYR H 958 -7.35 -37.01 -22.98
CA TYR H 958 -6.13 -36.24 -23.19
C TYR H 958 -4.89 -37.13 -23.18
N GLU H 959 -4.93 -38.25 -22.44
CA GLU H 959 -3.84 -39.22 -22.50
C GLU H 959 -3.72 -39.81 -23.91
N ALA H 960 -4.85 -40.22 -24.50
CA ALA H 960 -4.84 -40.72 -25.88
C ALA H 960 -4.43 -39.64 -26.88
N ASP H 961 -4.86 -38.40 -26.65
CA ASP H 961 -4.45 -37.28 -27.49
C ASP H 961 -2.99 -36.88 -27.30
N THR H 962 -2.32 -37.38 -26.26
CA THR H 962 -0.86 -37.27 -26.19
C THR H 962 -0.13 -38.48 -26.74
N PHE H 963 -0.70 -39.68 -26.64
CA PHE H 963 -0.01 -40.87 -27.15
C PHE H 963 -0.08 -40.96 -28.67
N LEU H 964 -1.19 -40.52 -29.27
CA LEU H 964 -1.32 -40.61 -30.72
C LEU H 964 -0.34 -39.77 -31.56
N PRO H 965 -0.04 -38.48 -31.26
CA PRO H 965 0.91 -37.77 -32.12
C PRO H 965 2.34 -38.27 -32.05
N ARG H 966 2.71 -39.05 -31.03
CA ARG H 966 3.99 -39.77 -31.05
C ARG H 966 4.08 -40.71 -32.25
N HIS H 967 3.07 -41.58 -32.39
CA HIS H 967 3.01 -42.50 -33.52
C HIS H 967 2.81 -41.77 -34.84
N ARG H 968 2.05 -40.66 -34.82
CA ARG H 968 1.82 -39.87 -36.03
C ARG H 968 3.13 -39.25 -36.54
N LEU H 969 3.90 -38.62 -35.65
CA LEU H 969 5.15 -38.01 -36.08
C LEU H 969 6.22 -39.05 -36.38
N SER H 970 6.15 -40.23 -35.74
CA SER H 970 7.08 -41.30 -36.11
C SER H 970 6.76 -41.88 -37.48
N ARG H 971 5.48 -41.91 -37.85
CA ARG H 971 5.13 -42.31 -39.22
C ARG H 971 5.45 -41.20 -40.22
N ARG H 972 5.41 -39.94 -39.79
CA ARG H 972 5.78 -38.84 -40.69
C ARG H 972 7.28 -38.82 -40.96
N VAL H 973 8.10 -39.12 -39.95
CA VAL H 973 9.54 -39.15 -40.15
C VAL H 973 9.96 -40.41 -40.90
N LEU H 974 9.62 -41.58 -40.35
CA LEU H 974 9.98 -42.85 -40.99
C LEU H 974 9.05 -43.16 -42.15
N ARG H 1900 29.96 -38.14 -48.58
CA ARG H 1900 30.10 -37.99 -47.14
C ARG H 1900 28.90 -37.28 -46.53
N LEU H 1901 27.94 -36.93 -47.38
CA LEU H 1901 26.80 -36.14 -46.91
C LEU H 1901 25.69 -36.99 -46.32
N GLU H 1902 25.61 -38.27 -46.71
CA GLU H 1902 24.45 -39.10 -46.37
C GLU H 1902 24.36 -39.39 -44.88
N ARG H 1903 25.51 -39.58 -44.22
CA ARG H 1903 25.51 -39.72 -42.77
C ARG H 1903 25.10 -38.42 -42.09
N ILE H 1904 25.44 -37.28 -42.68
CA ILE H 1904 25.03 -35.99 -42.11
C ILE H 1904 23.53 -35.78 -42.27
N PHE H 1905 22.96 -36.20 -43.40
CA PHE H 1905 21.50 -36.15 -43.57
C PHE H 1905 20.80 -37.11 -42.62
N GLN H 1906 21.39 -38.28 -42.37
CA GLN H 1906 20.80 -39.21 -41.40
C GLN H 1906 20.86 -38.66 -39.99
N LEU H 1907 21.95 -37.96 -39.63
CA LEU H 1907 22.03 -37.34 -38.32
C LEU H 1907 21.06 -36.17 -38.19
N SER H 1908 20.86 -35.41 -39.29
CA SER H 1908 19.91 -34.31 -39.26
C SER H 1908 18.48 -34.82 -39.13
N GLU H 1909 18.15 -35.94 -39.80
CA GLU H 1909 16.85 -36.56 -39.62
C GLU H 1909 16.71 -37.16 -38.23
N ALA H 1910 17.81 -37.63 -37.63
CA ALA H 1910 17.76 -38.13 -36.26
C ALA H 1910 17.46 -37.01 -35.26
N HIS H 1911 18.09 -35.84 -35.44
CA HIS H 1911 17.78 -34.70 -34.58
C HIS H 1911 16.37 -34.19 -34.82
N GLY H 1912 15.93 -34.13 -36.08
CA GLY H 1912 14.58 -33.70 -36.40
C GLY H 1912 13.50 -34.71 -36.07
N ALA H 1913 13.88 -35.94 -35.73
CA ALA H 1913 12.95 -36.91 -35.17
C ALA H 1913 12.97 -36.94 -33.64
N LEU H 1914 14.12 -36.69 -33.02
CA LEU H 1914 14.19 -36.69 -31.57
C LEU H 1914 13.64 -35.40 -30.97
N ALA H 1915 13.68 -34.28 -31.70
CA ALA H 1915 13.12 -33.04 -31.18
C ALA H 1915 11.61 -33.06 -30.95
N PRO H 1916 10.75 -33.62 -31.83
CA PRO H 1916 9.33 -33.75 -31.43
C PRO H 1916 9.10 -34.79 -30.34
N VAL H 1917 10.03 -35.72 -30.12
CA VAL H 1917 9.92 -36.62 -28.97
C VAL H 1917 10.08 -35.83 -27.67
N TYR H 1918 11.06 -34.91 -27.62
CA TYR H 1918 11.16 -34.02 -26.47
C TYR H 1918 9.99 -33.05 -26.39
N GLY H 1919 9.42 -32.66 -27.53
CA GLY H 1919 8.22 -31.84 -27.50
C GLY H 1919 7.02 -32.55 -26.88
N THR H 1920 6.82 -33.82 -27.24
CA THR H 1920 5.77 -34.62 -26.62
C THR H 1920 6.08 -34.92 -25.16
N GLU H 1921 7.37 -34.99 -24.79
CA GLU H 1921 7.71 -35.13 -23.37
C GLU H 1921 7.35 -33.87 -22.59
N VAL H 1922 7.59 -32.69 -23.18
CA VAL H 1922 7.17 -31.43 -22.54
C VAL H 1922 5.66 -31.36 -22.42
N LEU H 1923 4.94 -31.82 -23.46
CA LEU H 1923 3.48 -31.87 -23.40
C LEU H 1923 2.98 -32.87 -22.35
N ASP H 1924 3.72 -33.96 -22.13
CA ASP H 1924 3.33 -34.93 -21.11
C ASP H 1924 3.57 -34.37 -19.70
N PHE H 1925 4.71 -33.70 -19.49
CA PHE H 1925 4.95 -33.10 -18.19
C PHE H 1925 4.11 -31.85 -17.93
N CYS H 1926 3.51 -31.26 -18.97
CA CYS H 1926 2.65 -30.09 -18.77
C CYS H 1926 1.17 -30.42 -18.74
N THR H 1927 0.73 -31.54 -19.35
CA THR H 1927 -0.70 -31.83 -19.42
C THR H 1927 -1.13 -33.00 -18.53
N LEU H 1928 -0.21 -33.85 -18.09
CA LEU H 1928 -0.63 -34.91 -17.17
C LEU H 1928 -0.71 -34.45 -15.70
N PRO H 1929 0.30 -33.73 -15.09
CA PRO H 1929 0.09 -33.31 -13.69
C PRO H 1929 -0.57 -31.94 -13.55
N GLN H 1930 -1.87 -31.88 -13.87
CA GLN H 1930 -2.68 -30.68 -13.67
C GLN H 1930 -3.92 -31.03 -12.85
N PRO H 1931 -3.82 -30.94 -11.51
CA PRO H 1931 -5.00 -31.25 -10.68
C PRO H 1931 -5.86 -30.03 -10.39
N VAL H 1932 -7.07 -30.27 -9.89
CA VAL H 1932 -7.94 -29.24 -9.33
C VAL H 1932 -8.84 -29.94 -8.31
N ALA H 1933 -9.04 -29.32 -7.14
CA ALA H 1933 -9.68 -30.06 -6.06
C ALA H 1933 -11.19 -30.02 -6.15
N SER H 1934 -11.80 -28.87 -5.88
CA SER H 1934 -13.26 -28.75 -5.97
C SER H 1934 -13.80 -28.38 -7.35
N PRO H 1935 -13.40 -27.24 -8.01
CA PRO H 1935 -14.24 -26.74 -9.11
C PRO H 1935 -14.04 -27.41 -10.45
N ILE H 1936 -15.14 -27.78 -11.10
CA ILE H 1936 -15.18 -27.89 -12.55
C ILE H 1936 -15.69 -26.54 -13.03
N GLY H 1937 -16.92 -26.21 -12.62
CA GLY H 1937 -17.42 -24.86 -12.60
C GLY H 1937 -18.44 -24.76 -11.50
N PRO H 1938 -18.22 -23.86 -10.54
CA PRO H 1938 -19.08 -23.83 -9.36
C PRO H 1938 -20.43 -23.17 -9.62
N ARG H 1939 -21.45 -23.59 -8.90
CA ARG H 1939 -22.71 -22.87 -8.86
C ARG H 1939 -22.61 -21.79 -7.78
N SER H 1940 -23.08 -20.58 -8.13
CA SER H 1940 -22.96 -19.43 -7.25
C SER H 1940 -24.00 -18.38 -7.64
N VAL H 1959 -40.10 -12.50 -5.54
CA VAL H 1959 -40.35 -11.60 -6.66
C VAL H 1959 -41.07 -10.35 -6.19
N LEU H 1960 -40.85 -9.98 -4.93
CA LEU H 1960 -41.48 -8.80 -4.32
C LEU H 1960 -40.87 -7.50 -4.82
N PHE H 1961 -39.61 -7.59 -5.28
CA PHE H 1961 -38.82 -6.46 -5.77
C PHE H 1961 -39.56 -5.40 -6.59
N PRO H 1962 -39.94 -5.76 -7.82
CA PRO H 1962 -40.59 -4.99 -8.88
C PRO H 1962 -40.94 -3.53 -8.58
N GLN H 1963 -40.06 -2.64 -9.05
CA GLN H 1963 -40.14 -1.19 -8.91
C GLN H 1963 -40.92 -0.63 -7.73
N GLN H 1964 -40.55 -1.03 -6.54
CA GLN H 1964 -41.21 -0.56 -5.34
C GLN H 1964 -40.15 -0.40 -4.28
N ARG H 1965 -38.92 -0.71 -4.65
CA ARG H 1965 -37.81 -0.62 -3.71
C ARG H 1965 -36.64 0.16 -4.27
N LEU H 1966 -36.59 0.37 -5.60
CA LEU H 1966 -35.56 1.20 -6.20
C LEU H 1966 -35.77 2.68 -5.85
N ASP H 1967 -37.01 3.10 -5.63
CA ASP H 1967 -37.28 4.46 -5.19
C ASP H 1967 -36.93 4.67 -3.72
N GLN H 1968 -36.85 3.59 -2.93
CA GLN H 1968 -36.42 3.71 -1.55
C GLN H 1968 -34.93 3.99 -1.43
N LEU H 1969 -34.14 3.59 -2.43
CA LEU H 1969 -32.69 3.74 -2.41
C LEU H 1969 -32.33 5.07 -3.06
N SER H 1970 -31.30 5.73 -2.53
CA SER H 1970 -30.74 6.90 -3.19
C SER H 1970 -29.44 6.57 -3.91
N GLU H 1971 -29.06 5.30 -3.96
CA GLU H 1971 -27.76 4.88 -4.51
C GLU H 1971 -27.92 4.49 -5.98
N ILE H 1972 -28.50 5.41 -6.75
CA ILE H 1972 -28.54 5.32 -8.20
C ILE H 1972 -27.72 6.54 -8.63
N ILE H 1973 -27.27 6.56 -9.90
CA ILE H 1973 -26.27 7.48 -10.48
C ILE H 1973 -26.52 8.95 -10.16
N GLU H 1974 -27.79 9.34 -10.05
CA GLU H 1974 -28.15 10.70 -9.65
C GLU H 1974 -27.79 10.92 -8.19
N ARG H 1975 -26.74 11.70 -7.96
CA ARG H 1975 -26.42 12.22 -6.62
C ARG H 1975 -26.97 13.62 -6.40
N PHE H 1976 -28.21 13.74 -5.94
CA PHE H 1976 -29.07 14.93 -6.01
C PHE H 1976 -28.47 16.26 -5.54
N ILE H 1977 -27.54 16.22 -4.58
CA ILE H 1977 -26.95 17.43 -4.02
C ILE H 1977 -26.19 18.24 -5.07
N PHE H 1978 -26.36 19.55 -5.04
CA PHE H 1978 -25.70 20.44 -6.00
C PHE H 1978 -24.28 20.76 -5.52
N VAL H 1979 -23.33 19.93 -5.92
CA VAL H 1979 -21.94 20.12 -5.54
C VAL H 1979 -21.30 21.29 -6.28
N MET H 1980 -21.56 22.50 -5.78
CA MET H 1980 -21.01 23.71 -6.39
C MET H 1980 -20.28 24.55 -5.35
N PRO H 1981 -20.94 24.80 -4.22
CA PRO H 1981 -20.37 25.59 -3.12
C PRO H 1981 -19.49 24.74 -2.20
N PRO H 1982 -19.92 23.51 -1.90
CA PRO H 1982 -19.20 22.55 -1.04
C PRO H 1982 -17.72 22.36 -1.34
N VAL H 1983 -17.38 21.95 -2.56
CA VAL H 1983 -15.97 21.67 -2.86
C VAL H 1983 -15.27 23.00 -3.10
N GLU H 1984 -14.47 23.43 -2.12
CA GLU H 1984 -13.78 24.71 -2.14
C GLU H 1984 -12.39 24.49 -2.75
N ALA H 1985 -11.48 25.45 -2.58
CA ALA H 1985 -10.16 25.40 -3.20
C ALA H 1985 -9.32 24.22 -2.68
N PRO H 1986 -8.51 23.62 -3.55
CA PRO H 1986 -7.66 22.50 -3.13
C PRO H 1986 -6.49 22.97 -2.29
N PRO H 1987 -5.75 22.07 -1.64
CA PRO H 1987 -4.52 22.47 -0.96
C PRO H 1987 -3.47 22.91 -1.96
N PRO H 1988 -2.71 23.98 -1.65
CA PRO H 1988 -1.89 24.65 -2.66
C PRO H 1988 -0.62 23.94 -3.10
N SER H 1989 -0.38 22.71 -2.68
CA SER H 1989 0.81 21.97 -3.09
C SER H 1989 0.41 20.65 -3.72
N LEU H 1990 1.01 20.34 -4.87
CA LEU H 1990 0.76 19.10 -5.58
C LEU H 1990 2.04 18.64 -6.27
N HIS H 1991 2.43 17.39 -6.07
CA HIS H 1991 3.55 16.79 -6.77
C HIS H 1991 3.05 15.80 -7.82
N ALA H 1992 3.98 15.14 -8.49
CA ALA H 1992 3.66 14.10 -9.46
C ALA H 1992 4.44 12.83 -9.16
N CYS H 1993 4.38 11.86 -10.06
CA CYS H 1993 5.15 10.63 -9.90
C CYS H 1993 6.58 10.85 -10.37
N HIS H 1994 7.43 9.85 -10.14
CA HIS H 1994 8.85 9.92 -10.48
C HIS H 1994 9.35 8.56 -10.94
N PRO H 1995 9.82 8.46 -12.18
CA PRO H 1995 10.59 7.28 -12.60
C PRO H 1995 12.05 7.42 -12.24
N PRO H 1996 12.61 6.46 -11.51
CA PRO H 1996 14.04 6.54 -11.17
C PRO H 1996 14.91 6.23 -12.38
N PRO H 1997 16.00 7.00 -12.53
CA PRO H 1997 16.97 6.93 -13.63
C PRO H 1997 17.66 5.58 -13.84
N TRP H 1998 18.18 5.39 -15.05
CA TRP H 1998 18.86 4.17 -15.43
C TRP H 1998 20.09 4.48 -16.27
N LEU H 1999 21.25 3.97 -15.87
CA LEU H 1999 22.47 4.21 -16.61
C LEU H 1999 23.13 2.90 -17.04
N ALA H 2000 22.32 1.86 -17.16
CA ALA H 2000 22.82 0.54 -17.55
C ALA H 2000 21.90 -0.11 -18.59
N PRO H 2001 21.78 -1.45 -18.52
CA PRO H 2001 20.94 -2.22 -19.43
C PRO H 2001 19.49 -2.28 -18.95
N ARG H 2002 18.57 -1.75 -19.75
CA ARG H 2002 17.16 -1.75 -19.39
C ARG H 2002 16.27 -1.55 -20.62
N GLN H 2003 15.61 -2.63 -21.05
CA GLN H 2003 14.72 -2.58 -22.20
C GLN H 2003 13.54 -3.52 -21.99
N ALA H 2004 13.65 -4.35 -20.96
CA ALA H 2004 12.60 -5.30 -20.60
C ALA H 2004 11.43 -4.62 -19.92
N ALA H 2005 11.46 -4.58 -18.59
CA ALA H 2005 10.40 -3.94 -17.82
C ALA H 2005 10.18 -2.50 -18.26
N PHE H 2006 11.22 -1.91 -18.84
CA PHE H 2006 11.16 -0.54 -19.32
C PHE H 2006 10.18 -0.39 -20.48
N GLN H 2007 9.80 -1.52 -21.06
CA GLN H 2007 8.88 -1.52 -22.19
C GLN H 2007 7.62 -2.34 -21.92
N GLU H 2008 7.58 -3.11 -20.83
CA GLU H 2008 6.35 -3.71 -20.36
C GLU H 2008 5.66 -2.88 -19.28
N GLN H 2009 6.40 -2.02 -18.58
CA GLN H 2009 5.74 -1.06 -17.70
C GLN H 2009 4.98 -0.01 -18.49
N LEU H 2010 5.50 0.39 -19.65
CA LEU H 2010 4.76 1.30 -20.53
C LEU H 2010 3.52 0.62 -21.09
N ALA H 2011 3.62 -0.67 -21.42
CA ALA H 2011 2.45 -1.42 -21.88
C ALA H 2011 1.42 -1.58 -20.76
N SER H 2012 1.89 -1.83 -19.53
CA SER H 2012 0.96 -2.00 -18.42
C SER H 2012 0.41 -0.67 -17.93
N GLU H 2013 1.00 0.45 -18.37
CA GLU H 2013 0.34 1.74 -18.18
C GLU H 2013 -0.62 2.04 -19.33
N LEU H 2014 -0.37 1.49 -20.51
CA LEU H 2014 -1.29 1.65 -21.63
C LEU H 2014 -2.50 0.70 -21.56
N TRP H 2015 -2.45 -0.33 -20.72
CA TRP H 2015 -3.66 -1.14 -20.50
C TRP H 2015 -4.81 -0.36 -19.85
N PRO H 2016 -4.63 0.42 -18.77
CA PRO H 2016 -5.76 1.21 -18.28
C PRO H 2016 -5.92 2.60 -18.89
N ARG H 2017 -6.15 2.71 -20.21
CA ARG H 2017 -6.51 4.02 -20.76
C ARG H 2017 -7.97 4.04 -21.22
N ALA H 2018 -8.53 2.86 -21.49
CA ALA H 2018 -9.95 2.78 -21.83
C ALA H 2018 -10.78 2.38 -20.61
N ARG H 2019 -10.15 1.74 -19.62
CA ARG H 2019 -10.89 1.32 -18.43
C ARG H 2019 -11.28 2.47 -17.49
N PRO H 2020 -10.45 3.48 -17.20
CA PRO H 2020 -11.00 4.64 -16.48
C PRO H 2020 -11.72 5.65 -17.34
N LEU H 2021 -12.06 5.33 -18.58
CA LEU H 2021 -12.88 6.21 -19.39
C LEU H 2021 -14.36 6.04 -19.01
N HIS H 2022 -15.11 7.14 -19.16
CA HIS H 2022 -16.54 7.23 -18.81
C HIS H 2022 -16.78 6.89 -17.34
N ARG H 2023 -16.31 7.79 -16.47
CA ARG H 2023 -16.46 7.61 -15.02
C ARG H 2023 -17.50 8.55 -14.40
N ILE H 2024 -18.07 9.42 -15.23
CA ILE H 2024 -19.10 10.37 -14.77
C ILE H 2024 -18.69 11.14 -13.51
N VAL H 2025 -17.59 11.89 -13.60
CA VAL H 2025 -17.09 12.69 -12.49
C VAL H 2025 -16.27 13.84 -13.08
N CYS H 2026 -16.58 15.07 -12.67
CA CYS H 2026 -15.86 16.21 -13.22
C CYS H 2026 -15.77 17.49 -12.38
N ASN H 2027 -15.82 17.39 -11.05
CA ASN H 2027 -15.70 18.60 -10.26
C ASN H 2027 -14.35 19.24 -10.52
N MET H 2028 -14.33 20.28 -11.35
CA MET H 2028 -13.07 20.82 -11.84
C MET H 2028 -12.14 21.23 -10.71
N ARG H 2029 -12.37 20.68 -9.53
CA ARG H 2029 -11.49 20.95 -8.39
C ARG H 2029 -11.07 22.41 -8.26
N THR H 2030 -11.73 23.32 -8.93
CA THR H 2030 -11.45 24.74 -8.71
C THR H 2030 -12.69 25.53 -8.33
N GLN H 2031 -13.82 25.26 -8.99
CA GLN H 2031 -15.12 25.89 -8.75
C GLN H 2031 -15.03 27.41 -8.92
N PHE H 2032 -14.89 27.77 -10.21
CA PHE H 2032 -14.75 29.14 -10.68
C PHE H 2032 -15.77 30.08 -10.04
N PRO H 2033 -15.29 31.26 -9.66
CA PRO H 2033 -16.23 32.14 -8.94
C PRO H 2033 -17.19 32.85 -9.88
N ASP H 2034 -18.48 32.65 -9.65
CA ASP H 2034 -19.50 33.39 -10.40
C ASP H 2034 -19.50 34.84 -9.94
N LEU H 2035 -19.55 35.76 -10.91
CA LEU H 2035 -19.39 37.19 -10.62
C LEU H 2035 -20.69 37.72 -10.03
N ARG H 2036 -20.81 37.61 -8.71
CA ARG H 2036 -21.99 38.06 -7.98
C ARG H 2036 -21.61 38.90 -6.77
N LEU H 2037 -20.44 38.62 -6.22
CA LEU H 2037 -19.95 39.27 -5.01
C LEU H 2037 -19.62 40.75 -5.14
N ILE H 2038 -19.11 41.18 -6.28
CA ILE H 2038 -18.74 42.59 -6.42
C ILE H 2038 -19.98 43.45 -6.30
N GLN H 2039 -21.15 42.91 -6.67
CA GLN H 2039 -22.42 43.56 -6.36
C GLN H 2039 -22.64 43.67 -4.85
N TYR H 2040 -22.16 42.67 -4.10
CA TYR H 2040 -22.15 42.77 -2.65
C TYR H 2040 -21.00 43.63 -2.13
N ASP H 2041 -19.99 43.90 -2.96
CA ASP H 2041 -18.89 44.77 -2.58
C ASP H 2041 -19.16 46.25 -2.87
N CYS H 2042 -20.27 46.57 -3.53
CA CYS H 2042 -20.56 47.95 -3.90
C CYS H 2042 -22.05 48.20 -3.77
N GLY H 2043 -22.43 49.16 -2.94
CA GLY H 2043 -23.82 49.57 -2.88
C GLY H 2043 -24.28 50.31 -4.12
N LYS H 2044 -23.36 50.94 -4.85
CA LYS H 2044 -23.68 51.56 -6.12
C LYS H 2044 -24.13 50.52 -7.14
N LEU H 2045 -23.47 49.37 -7.15
CA LEU H 2045 -23.88 48.28 -8.04
C LEU H 2045 -25.23 47.70 -7.60
N GLN H 2046 -25.52 47.72 -6.30
CA GLN H 2046 -26.84 47.31 -5.83
C GLN H 2046 -27.93 48.25 -6.33
N THR H 2047 -27.69 49.57 -6.25
CA THR H 2047 -28.67 50.53 -6.73
C THR H 2047 -28.83 50.46 -8.26
N LEU H 2048 -27.72 50.22 -8.97
CA LEU H 2048 -27.80 50.05 -10.42
C LEU H 2048 -28.56 48.78 -10.79
N ALA H 2049 -28.39 47.70 -10.02
CA ALA H 2049 -29.13 46.47 -10.29
C ALA H 2049 -30.61 46.65 -10.01
N VAL H 2050 -30.96 47.39 -8.95
CA VAL H 2050 -32.36 47.67 -8.65
C VAL H 2050 -32.98 48.54 -9.75
N LEU H 2051 -32.26 49.56 -10.23
CA LEU H 2051 -32.78 50.42 -11.28
C LEU H 2051 -32.92 49.67 -12.61
N LEU H 2052 -31.98 48.78 -12.92
CA LEU H 2052 -32.10 47.99 -14.15
C LEU H 2052 -33.24 46.98 -14.06
N ARG H 2053 -33.43 46.34 -12.90
CA ARG H 2053 -34.52 45.38 -12.78
C ARG H 2053 -35.88 46.06 -12.61
N GLN H 2054 -35.91 47.36 -12.30
CA GLN H 2054 -37.16 48.09 -12.33
C GLN H 2054 -37.48 48.64 -13.72
N LEU H 2055 -36.46 49.06 -14.48
CA LEU H 2055 -36.72 49.61 -15.80
C LEU H 2055 -37.03 48.54 -16.86
N LYS H 2056 -36.68 47.27 -16.60
CA LYS H 2056 -37.02 46.22 -17.55
C LYS H 2056 -38.48 45.81 -17.45
N ALA H 2057 -39.16 46.15 -16.35
CA ALA H 2057 -40.58 45.84 -16.21
C ALA H 2057 -41.47 46.74 -17.06
N GLU H 2058 -40.99 47.94 -17.42
CA GLU H 2058 -41.78 48.84 -18.23
C GLU H 2058 -41.75 48.44 -19.71
N GLY H 2059 -40.69 47.78 -20.16
CA GLY H 2059 -40.58 47.37 -21.55
C GLY H 2059 -39.94 48.38 -22.47
N HIS H 2060 -39.19 49.34 -21.94
CA HIS H 2060 -38.53 50.36 -22.73
C HIS H 2060 -37.04 50.07 -22.82
N ARG H 2061 -36.32 50.99 -23.47
CA ARG H 2061 -34.89 50.85 -23.67
C ARG H 2061 -34.12 51.49 -22.52
N VAL H 2062 -32.86 51.06 -22.37
CA VAL H 2062 -31.94 51.59 -21.36
C VAL H 2062 -30.62 51.88 -22.04
N LEU H 2063 -30.10 53.10 -21.85
CA LEU H 2063 -28.81 53.49 -22.39
C LEU H 2063 -27.73 53.39 -21.33
N ILE H 2064 -26.56 52.88 -21.73
CA ILE H 2064 -25.39 52.75 -20.89
C ILE H 2064 -24.27 53.58 -21.51
N PHE H 2065 -23.60 54.39 -20.70
CA PHE H 2065 -22.54 55.27 -21.17
C PHE H 2065 -21.25 54.95 -20.43
N THR H 2066 -20.19 54.68 -21.18
CA THR H 2066 -18.88 54.32 -20.64
C THR H 2066 -17.84 55.36 -21.01
N GLN H 2067 -16.65 55.19 -20.48
CA GLN H 2067 -15.54 56.10 -20.75
C GLN H 2067 -14.28 55.39 -21.23
N MET H 2068 -13.97 54.21 -20.69
CA MET H 2068 -12.75 53.49 -21.03
C MET H 2068 -13.09 52.07 -21.46
N THR H 2069 -12.09 51.40 -22.03
CA THR H 2069 -12.27 50.00 -22.45
C THR H 2069 -12.28 49.06 -21.25
N ARG H 2070 -11.62 49.46 -20.15
CA ARG H 2070 -11.65 48.65 -18.94
C ARG H 2070 -13.04 48.65 -18.30
N MET H 2071 -13.72 49.80 -18.34
CA MET H 2071 -15.11 49.85 -17.89
C MET H 2071 -16.03 49.04 -18.78
N LEU H 2072 -15.75 49.01 -20.09
CA LEU H 2072 -16.46 48.13 -21.00
C LEU H 2072 -16.26 46.66 -20.64
N ASP H 2073 -15.03 46.27 -20.31
CA ASP H 2073 -14.75 44.89 -19.92
C ASP H 2073 -15.42 44.54 -18.60
N VAL H 2074 -15.45 45.48 -17.66
CA VAL H 2074 -16.12 45.26 -16.37
C VAL H 2074 -17.63 45.08 -16.57
N LEU H 2075 -18.25 45.93 -17.39
CA LEU H 2075 -19.68 45.79 -17.65
C LEU H 2075 -20.01 44.54 -18.47
N GLU H 2076 -19.09 44.10 -19.33
CA GLU H 2076 -19.31 42.82 -20.02
C GLU H 2076 -19.09 41.63 -19.09
N GLN H 2077 -18.28 41.79 -18.04
CA GLN H 2077 -18.18 40.74 -17.03
C GLN H 2077 -19.41 40.69 -16.14
N PHE H 2078 -20.08 41.83 -15.94
CA PHE H 2078 -21.30 41.81 -15.12
C PHE H 2078 -22.55 41.38 -15.89
N LEU H 2079 -22.83 42.01 -17.03
CA LEU H 2079 -24.15 41.91 -17.65
C LEU H 2079 -24.41 40.58 -18.35
N THR H 2080 -23.42 39.70 -18.48
CA THR H 2080 -23.63 38.42 -19.15
C THR H 2080 -24.09 37.31 -18.22
N TYR H 2081 -24.21 37.56 -16.92
CA TYR H 2081 -24.67 36.56 -15.97
C TYR H 2081 -26.12 36.77 -15.55
N HIS H 2082 -26.89 37.53 -16.32
CA HIS H 2082 -28.30 37.76 -16.02
C HIS H 2082 -29.24 37.08 -17.01
N GLY H 2083 -28.71 36.41 -18.02
CA GLY H 2083 -29.54 35.74 -19.00
C GLY H 2083 -30.02 36.63 -20.11
N HIS H 2084 -29.16 37.55 -20.56
CA HIS H 2084 -29.49 38.49 -21.62
C HIS H 2084 -28.30 38.65 -22.54
N LEU H 2085 -28.59 38.96 -23.81
CA LEU H 2085 -27.57 39.12 -24.83
C LEU H 2085 -27.59 40.55 -25.36
N TYR H 2086 -26.40 41.13 -25.52
CA TYR H 2086 -26.28 42.50 -25.99
C TYR H 2086 -25.16 42.59 -27.02
N LEU H 2087 -24.88 43.81 -27.49
CA LEU H 2087 -23.88 44.03 -28.52
C LEU H 2087 -22.86 45.06 -28.08
N ARG H 2088 -22.01 45.49 -29.01
CA ARG H 2088 -20.94 46.44 -28.73
C ARG H 2088 -21.01 47.61 -29.71
N LEU H 2089 -20.77 48.82 -29.18
CA LEU H 2089 -20.62 50.03 -30.00
C LEU H 2089 -19.45 50.80 -29.40
N ASP H 2090 -18.24 50.55 -29.92
CA ASP H 2090 -17.03 51.06 -29.29
C ASP H 2090 -16.17 51.85 -30.28
N GLY H 2091 -14.98 52.24 -29.85
CA GLY H 2091 -14.08 53.00 -30.70
C GLY H 2091 -12.87 52.20 -31.14
N SER H 2092 -13.00 50.87 -31.19
CA SER H 2092 -11.91 50.00 -31.59
C SER H 2092 -12.24 49.11 -32.78
N THR H 2093 -13.52 48.95 -33.14
CA THR H 2093 -13.90 48.11 -34.26
C THR H 2093 -13.67 48.84 -35.58
N ARG H 2094 -13.75 48.09 -36.68
CA ARG H 2094 -13.59 48.65 -38.01
C ARG H 2094 -14.85 49.41 -38.42
N VAL H 2095 -14.72 50.17 -39.51
CA VAL H 2095 -15.83 51.01 -39.98
C VAL H 2095 -16.93 50.14 -40.58
N GLU H 2096 -16.54 49.11 -41.35
CA GLU H 2096 -17.51 48.18 -41.92
C GLU H 2096 -18.19 47.35 -40.83
N GLN H 2097 -17.46 47.04 -39.75
CA GLN H 2097 -18.08 46.37 -38.61
C GLN H 2097 -19.09 47.28 -37.92
N ARG H 2098 -18.78 48.58 -37.81
CA ARG H 2098 -19.72 49.55 -37.26
C ARG H 2098 -20.98 49.66 -38.11
N GLN H 2099 -20.81 49.64 -39.45
CA GLN H 2099 -21.97 49.71 -40.33
C GLN H 2099 -22.80 48.44 -40.27
N ALA H 2100 -22.14 47.27 -40.17
CA ALA H 2100 -22.87 46.01 -40.06
C ALA H 2100 -23.59 45.88 -38.72
N LEU H 2101 -23.06 46.50 -37.66
CA LEU H 2101 -23.79 46.52 -36.40
C LEU H 2101 -24.94 47.52 -36.42
N MET H 2102 -24.73 48.71 -36.99
CA MET H 2102 -25.77 49.72 -37.05
C MET H 2102 -26.91 49.34 -37.99
N GLU H 2103 -26.66 48.45 -38.96
CA GLU H 2103 -27.76 47.95 -39.79
C GLU H 2103 -28.57 46.84 -39.13
N ARG H 2104 -28.26 46.47 -37.88
CA ARG H 2104 -28.91 45.35 -37.22
C ARG H 2104 -29.48 45.72 -35.86
N PHE H 2105 -30.01 46.95 -35.71
CA PHE H 2105 -30.70 47.33 -34.49
C PHE H 2105 -32.21 47.38 -34.64
N ASN H 2106 -32.74 47.17 -35.85
CA ASN H 2106 -34.18 47.21 -36.05
C ASN H 2106 -34.81 45.89 -35.61
N ALA H 2107 -35.83 46.00 -34.75
CA ALA H 2107 -36.60 44.87 -34.19
C ALA H 2107 -35.70 43.87 -33.47
N ASP H 2108 -35.06 44.36 -32.41
CA ASP H 2108 -34.17 43.52 -31.62
C ASP H 2108 -34.97 42.59 -30.71
N LYS H 2109 -34.39 41.43 -30.42
CA LYS H 2109 -35.01 40.43 -29.57
C LYS H 2109 -34.21 40.29 -28.28
N ARG H 2110 -34.90 40.40 -27.14
CA ARG H 2110 -34.34 40.28 -25.79
C ARG H 2110 -33.21 41.28 -25.53
N ILE H 2111 -33.30 42.47 -26.13
CA ILE H 2111 -32.30 43.52 -25.97
C ILE H 2111 -33.00 44.76 -25.43
N PHE H 2112 -32.56 45.22 -24.27
CA PHE H 2112 -33.12 46.42 -23.64
C PHE H 2112 -32.06 47.47 -23.32
N CYS H 2113 -30.78 47.13 -23.38
CA CYS H 2113 -29.69 48.04 -23.05
C CYS H 2113 -28.80 48.23 -24.26
N PHE H 2114 -28.34 49.47 -24.46
CA PHE H 2114 -27.48 49.82 -25.57
C PHE H 2114 -26.31 50.63 -25.03
N ILE H 2115 -25.09 50.20 -25.36
CA ILE H 2115 -23.87 50.75 -24.77
C ILE H 2115 -23.22 51.70 -25.76
N LEU H 2116 -22.92 52.92 -25.30
CA LEU H 2116 -22.20 53.94 -26.06
C LEU H 2116 -21.01 54.42 -25.24
N SER H 2117 -20.38 55.49 -25.71
CA SER H 2117 -19.24 56.07 -25.00
C SER H 2117 -19.30 57.59 -25.03
N THR H 2118 -18.25 58.24 -24.55
CA THR H 2118 -18.21 59.70 -24.51
C THR H 2118 -17.60 60.30 -25.77
N ARG H 2119 -16.53 59.69 -26.28
CA ARG H 2119 -15.87 60.20 -27.48
C ARG H 2119 -16.36 59.50 -28.74
N SER H 2120 -16.39 58.17 -28.73
CA SER H 2120 -16.87 57.39 -29.87
C SER H 2120 -18.38 57.18 -29.86
N GLY H 2121 -19.08 57.73 -28.88
CA GLY H 2121 -20.52 57.61 -28.81
C GLY H 2121 -21.24 58.84 -29.34
N GLY H 2122 -20.54 59.97 -29.36
CA GLY H 2122 -21.09 61.21 -29.88
C GLY H 2122 -20.68 61.50 -31.31
N VAL H 2123 -20.66 60.45 -32.14
CA VAL H 2123 -20.22 60.61 -33.52
C VAL H 2123 -21.29 61.28 -34.36
N GLY H 2124 -22.55 60.86 -34.20
CA GLY H 2124 -23.61 61.37 -35.04
C GLY H 2124 -24.98 60.78 -34.77
N VAL H 2125 -25.65 60.34 -35.84
CA VAL H 2125 -27.03 59.86 -35.72
C VAL H 2125 -27.05 58.52 -35.00
N ASN H 2126 -27.90 58.42 -33.99
CA ASN H 2126 -28.08 57.23 -33.17
C ASN H 2126 -29.54 56.82 -33.19
N LEU H 2127 -29.90 55.87 -32.31
CA LEU H 2127 -31.26 55.39 -32.23
C LEU H 2127 -32.18 56.45 -31.63
N THR H 2128 -33.41 56.51 -32.16
CA THR H 2128 -34.37 57.51 -31.74
C THR H 2128 -35.35 57.03 -30.68
N GLY H 2129 -35.56 55.72 -30.57
CA GLY H 2129 -36.47 55.16 -29.59
C GLY H 2129 -35.85 54.86 -28.24
N ALA H 2130 -34.63 55.31 -28.00
CA ALA H 2130 -33.95 55.04 -26.73
C ALA H 2130 -34.47 55.97 -25.64
N ASP H 2131 -34.78 55.39 -24.48
CA ASP H 2131 -35.27 56.13 -23.33
C ASP H 2131 -34.43 55.77 -22.11
N THR H 2132 -34.77 56.39 -20.97
CA THR H 2132 -34.22 56.12 -19.63
C THR H 2132 -32.69 56.23 -19.61
N VAL H 2133 -32.21 57.44 -19.85
CA VAL H 2133 -30.78 57.69 -19.88
C VAL H 2133 -30.23 57.66 -18.45
N VAL H 2134 -29.30 56.75 -18.20
CA VAL H 2134 -28.66 56.59 -16.89
C VAL H 2134 -27.17 56.83 -17.06
N PHE H 2135 -26.63 57.81 -16.34
CA PHE H 2135 -25.21 58.10 -16.37
C PHE H 2135 -24.51 57.40 -15.21
N TYR H 2136 -23.21 57.16 -15.38
CA TYR H 2136 -22.44 56.38 -14.44
C TYR H 2136 -21.30 57.16 -13.80
N ASP H 2137 -20.49 57.84 -14.60
CA ASP H 2137 -19.29 58.51 -14.10
C ASP H 2137 -19.26 59.95 -14.59
N SER H 2138 -18.39 60.74 -13.94
CA SER H 2138 -18.18 62.12 -14.36
C SER H 2138 -17.35 62.17 -15.63
N ASP H 2139 -17.75 63.02 -16.57
CA ASP H 2139 -17.12 63.06 -17.88
C ASP H 2139 -15.84 63.88 -17.90
N TRP H 2140 -15.63 64.75 -16.91
CA TRP H 2140 -14.43 65.59 -16.75
C TRP H 2140 -14.18 66.50 -17.94
N ASN H 2141 -15.25 66.90 -18.64
CA ASN H 2141 -15.16 67.75 -19.82
C ASN H 2141 -16.36 68.68 -19.83
N PRO H 2142 -16.19 69.92 -20.29
CA PRO H 2142 -17.33 70.84 -20.37
C PRO H 2142 -18.24 70.52 -21.53
N THR H 2143 -19.53 70.81 -21.32
CA THR H 2143 -20.64 70.62 -22.29
C THR H 2143 -20.70 69.18 -22.81
N MET H 2144 -20.95 68.26 -21.88
CA MET H 2144 -21.12 66.85 -22.22
C MET H 2144 -22.57 66.39 -22.11
N ASP H 2145 -23.22 66.64 -20.97
CA ASP H 2145 -24.61 66.27 -20.81
C ASP H 2145 -25.56 67.27 -21.46
N ALA H 2146 -25.07 68.44 -21.87
CA ALA H 2146 -25.90 69.37 -22.64
C ALA H 2146 -26.23 68.80 -24.01
N GLN H 2147 -25.27 68.10 -24.63
CA GLN H 2147 -25.55 67.40 -25.88
C GLN H 2147 -26.53 66.26 -25.67
N ALA H 2148 -26.49 65.60 -24.52
CA ALA H 2148 -27.45 64.54 -24.22
C ALA H 2148 -28.85 65.12 -24.02
N GLN H 2149 -28.94 66.30 -23.38
CA GLN H 2149 -30.24 66.96 -23.23
C GLN H 2149 -30.75 67.50 -24.56
N ASP H 2150 -29.85 67.86 -25.47
CA ASP H 2150 -30.28 68.28 -26.80
C ASP H 2150 -30.75 67.10 -27.63
N ARG H 2151 -30.11 65.93 -27.47
CA ARG H 2151 -30.53 64.74 -28.22
C ARG H 2151 -31.79 64.11 -27.66
N CYS H 2152 -32.03 64.24 -26.35
CA CYS H 2152 -33.23 63.67 -25.77
C CYS H 2152 -34.45 64.58 -25.95
N HIS H 2153 -34.24 65.90 -26.01
CA HIS H 2153 -35.34 66.83 -26.21
C HIS H 2153 -35.38 67.33 -27.65
N ASP H 2160 -41.08 59.12 -22.84
CA ASP H 2160 -40.47 59.95 -21.81
C ASP H 2160 -39.07 59.45 -21.45
N VAL H 2161 -38.16 60.38 -21.19
CA VAL H 2161 -36.77 60.07 -20.87
C VAL H 2161 -36.49 60.61 -19.47
N HIS H 2162 -36.14 59.72 -18.55
CA HIS H 2162 -35.74 60.09 -17.20
C HIS H 2162 -34.23 59.99 -17.07
N ILE H 2163 -33.64 61.00 -16.43
CA ILE H 2163 -32.19 61.10 -16.30
C ILE H 2163 -31.82 60.67 -14.87
N TYR H 2164 -30.96 59.65 -14.77
CA TYR H 2164 -30.48 59.14 -13.51
C TYR H 2164 -28.97 59.27 -13.45
N ARG H 2165 -28.45 59.77 -12.33
CA ARG H 2165 -27.02 59.95 -12.13
C ARG H 2165 -26.59 59.30 -10.83
N LEU H 2166 -25.34 58.86 -10.79
CA LEU H 2166 -24.75 58.24 -9.61
C LEU H 2166 -23.97 59.28 -8.82
N ILE H 2167 -24.43 59.58 -7.61
CA ILE H 2167 -23.81 60.58 -6.75
C ILE H 2167 -23.39 59.89 -5.45
N SER H 2168 -22.09 59.94 -5.14
CA SER H 2168 -21.59 59.37 -3.91
C SER H 2168 -21.73 60.36 -2.77
N GLU H 2169 -22.05 59.85 -1.58
CA GLU H 2169 -22.30 60.67 -0.41
C GLU H 2169 -21.05 60.75 0.45
N ARG H 2170 -20.80 61.97 0.98
CA ARG H 2170 -19.69 62.27 1.90
C ARG H 2170 -18.33 61.95 1.28
N THR H 2171 -18.18 62.22 -0.01
CA THR H 2171 -16.95 61.97 -0.74
C THR H 2171 -16.41 63.27 -1.32
N VAL H 2172 -15.36 63.14 -2.13
CA VAL H 2172 -14.77 64.29 -2.82
C VAL H 2172 -15.56 64.62 -4.09
N GLU H 2173 -16.33 63.66 -4.61
CA GLU H 2173 -17.00 63.78 -5.90
C GLU H 2173 -18.12 64.82 -5.93
N GLU H 2174 -18.58 65.32 -4.78
CA GLU H 2174 -19.55 66.40 -4.77
C GLU H 2174 -18.94 67.69 -5.31
N ASN H 2175 -17.72 68.01 -4.89
CA ASN H 2175 -17.02 69.16 -5.45
C ASN H 2175 -16.65 68.94 -6.91
N ILE H 2176 -16.43 67.68 -7.30
CA ILE H 2176 -16.19 67.35 -8.71
C ILE H 2176 -17.43 67.64 -9.55
N LEU H 2177 -18.62 67.26 -9.05
CA LEU H 2177 -19.86 67.57 -9.75
C LEU H 2177 -20.16 69.06 -9.77
N LYS H 2178 -19.79 69.78 -8.69
CA LYS H 2178 -19.97 71.23 -8.68
C LYS H 2178 -19.07 71.92 -9.70
N LYS H 2179 -17.80 71.50 -9.79
CA LYS H 2179 -16.90 72.06 -10.79
C LYS H 2179 -17.32 71.69 -12.20
N ALA H 2180 -17.87 70.48 -12.38
CA ALA H 2180 -18.37 70.09 -13.70
C ALA H 2180 -19.59 70.91 -14.09
N ASN H 2181 -20.47 71.21 -13.14
CA ASN H 2181 -21.63 72.05 -13.42
C ASN H 2181 -21.21 73.48 -13.73
N GLN H 2182 -20.17 73.98 -13.03
CA GLN H 2182 -19.64 75.31 -13.33
C GLN H 2182 -19.03 75.37 -14.72
N LYS H 2183 -18.29 74.32 -15.12
CA LYS H 2183 -17.71 74.27 -16.46
C LYS H 2183 -18.79 74.17 -17.53
N ARG H 2184 -19.87 73.42 -17.26
CA ARG H 2184 -20.96 73.33 -18.23
C ARG H 2184 -21.74 74.63 -18.35
N MET H 2185 -21.89 75.37 -17.23
CA MET H 2185 -22.55 76.67 -17.31
C MET H 2185 -21.69 77.69 -18.02
N LEU H 2186 -20.37 77.65 -17.81
CA LEU H 2186 -19.48 78.55 -18.54
C LEU H 2186 -19.39 78.19 -20.02
N GLY H 2187 -19.58 76.91 -20.36
CA GLY H 2187 -19.63 76.53 -21.76
C GLY H 2187 -20.94 76.89 -22.43
N ASP H 2188 -22.06 76.81 -21.69
CA ASP H 2188 -23.36 77.15 -22.26
C ASP H 2188 -23.54 78.66 -22.39
N MET H 2189 -23.04 79.43 -21.43
CA MET H 2189 -23.17 80.88 -21.50
C MET H 2189 -22.19 81.53 -22.45
N ALA H 2190 -21.17 80.80 -22.92
CA ALA H 2190 -20.20 81.35 -23.86
C ALA H 2190 -20.81 81.45 -25.27
N UNK I 1 38.24 4.12 -72.35
CA UNK I 1 37.81 3.41 -71.15
C UNK I 1 37.22 2.05 -71.50
N UNK I 2 35.94 1.88 -71.21
CA UNK I 2 35.25 0.62 -71.49
C UNK I 2 34.05 0.85 -72.39
N UNK I 3 33.05 1.57 -71.87
CA UNK I 3 31.83 1.87 -72.60
C UNK I 3 31.21 0.63 -73.25
N UNK I 4 31.01 -0.42 -72.45
CA UNK I 4 30.41 -1.65 -72.92
C UNK I 4 29.84 -2.47 -71.77
N UNK I 5 28.70 -3.10 -72.01
CA UNK I 5 28.05 -3.93 -70.99
C UNK I 5 29.02 -4.98 -70.46
N UNK I 6 29.07 -5.11 -69.14
CA UNK I 6 29.94 -6.09 -68.49
C UNK I 6 29.13 -7.20 -67.85
N UNK I 7 28.72 -6.99 -66.60
CA UNK I 7 27.93 -7.98 -65.88
C UNK I 7 27.20 -7.33 -64.70
N UNK I 8 27.08 -8.07 -63.60
CA UNK I 8 26.42 -7.59 -62.40
C UNK I 8 27.17 -8.14 -61.19
N UNK I 9 28.48 -7.96 -61.19
CA UNK I 9 29.33 -8.44 -60.11
C UNK I 9 29.43 -7.44 -58.96
N UNK I 10 28.84 -6.26 -59.15
CA UNK I 10 28.60 -5.35 -58.04
C UNK I 10 27.95 -6.08 -56.89
N UNK I 11 28.71 -6.26 -55.81
CA UNK I 11 28.22 -6.97 -54.62
C UNK I 11 26.96 -6.31 -54.06
N UNK I 12 25.81 -6.66 -54.60
CA UNK I 12 24.53 -6.12 -54.14
C UNK I 12 24.22 -6.59 -52.72
N UNK I 13 24.45 -5.71 -51.75
CA UNK I 13 24.19 -6.04 -50.35
C UNK I 13 23.87 -4.79 -49.54
N UNK I 14 24.93 -4.18 -48.97
CA UNK I 14 24.99 -2.97 -48.17
C UNK I 14 24.21 -3.14 -46.86
N UNK I 15 23.79 -2.03 -46.27
CA UNK I 15 23.06 -2.06 -45.02
C UNK I 15 23.95 -2.49 -43.87
N UNK I 16 24.96 -1.68 -43.57
CA UNK I 16 25.89 -1.96 -42.49
C UNK I 16 25.69 -1.00 -41.32
N UNK I 17 26.29 0.18 -41.42
CA UNK I 17 26.19 1.19 -40.37
C UNK I 17 27.10 2.37 -40.65
N UNK I 18 28.06 2.18 -41.56
CA UNK I 18 29.00 3.23 -41.92
C UNK I 18 29.83 3.68 -40.72
N UNK I 19 30.31 2.70 -39.95
CA UNK I 19 31.12 2.98 -38.76
C UNK I 19 31.35 4.46 -38.46
N UNK I 20 32.54 4.96 -38.78
CA UNK I 20 32.88 6.35 -38.51
C UNK I 20 34.37 6.59 -38.74
N UNK I 21 35.14 6.75 -37.66
CA UNK I 21 36.58 6.92 -37.77
C UNK I 21 36.96 8.34 -38.17
N UNK I 22 38.20 8.72 -37.90
CA UNK I 22 38.74 10.04 -38.20
C UNK I 22 40.00 10.27 -37.39
N UNK I 23 39.87 10.91 -36.25
CA UNK I 23 41.00 11.10 -35.33
C UNK I 23 41.46 9.76 -34.78
N UNK I 24 40.52 8.87 -34.52
CA UNK I 24 40.82 7.55 -33.98
C UNK I 24 39.82 6.52 -34.48
N UNK I 25 39.08 6.89 -35.53
CA UNK I 25 38.07 6.02 -36.12
C UNK I 25 37.11 5.42 -35.09
N UNK I 26 36.59 6.26 -34.18
CA UNK I 26 35.69 5.75 -33.16
C UNK I 26 34.44 6.61 -32.92
N UNK I 27 34.65 7.84 -32.48
CA UNK I 27 33.54 8.75 -32.19
C UNK I 27 32.84 9.31 -33.43
N UNK I 28 31.74 10.01 -33.20
CA UNK I 28 30.96 10.61 -34.27
C UNK I 28 30.24 11.86 -33.78
N UNK I 29 30.57 12.29 -32.56
CA UNK I 29 29.95 13.48 -31.98
C UNK I 29 30.16 14.70 -32.86
N UNK I 30 31.43 14.99 -33.16
CA UNK I 30 31.77 16.13 -33.99
C UNK I 30 32.00 15.71 -35.44
N UNK I 31 31.05 14.93 -35.98
CA UNK I 31 31.11 14.44 -37.35
C UNK I 31 32.46 13.80 -37.68
N UNK I 32 33.03 14.20 -38.82
CA UNK I 32 34.31 13.66 -39.25
C UNK I 32 35.40 13.84 -38.19
N UNK I 33 35.51 15.04 -37.66
CA UNK I 33 36.50 15.34 -36.64
C UNK I 33 36.06 14.87 -35.25
N UNK I 34 35.88 13.55 -35.11
CA UNK I 34 35.47 12.97 -33.84
C UNK I 34 36.34 13.37 -32.66
N UNK I 35 37.41 14.13 -32.88
CA UNK I 35 38.30 14.56 -31.81
C UNK I 35 38.16 16.07 -31.60
N UNK I 36 38.81 16.54 -30.53
CA UNK I 36 38.75 17.96 -30.20
C UNK I 36 39.81 18.75 -30.96
N UNK I 37 41.05 18.25 -30.99
CA UNK I 37 42.12 18.94 -31.69
C UNK I 37 42.14 18.67 -33.18
N UNK I 38 41.60 17.53 -33.61
CA UNK I 38 41.59 17.18 -35.03
C UNK I 38 40.40 17.78 -35.78
N UNK I 39 39.45 18.39 -35.08
CA UNK I 39 38.29 18.95 -35.75
C UNK I 39 38.60 20.28 -36.45
N UNK I 40 39.65 20.98 -36.01
CA UNK I 40 39.99 22.26 -36.62
C UNK I 40 40.83 22.08 -37.88
N UNK I 41 41.50 20.94 -38.02
CA UNK I 41 42.36 20.69 -39.18
C UNK I 41 41.73 19.73 -40.18
N UNK I 42 40.42 19.53 -40.06
CA UNK I 42 39.68 18.72 -40.99
C UNK I 42 38.18 18.98 -40.93
N UNK I 43 37.45 18.19 -41.71
CA UNK I 43 35.99 18.19 -41.71
C UNK I 43 35.33 19.54 -41.77
N UNK I 44 34.72 19.83 -42.92
CA UNK I 44 33.88 21.01 -43.06
C UNK I 44 32.57 20.67 -43.76
N UNK I 45 31.57 20.33 -42.96
CA UNK I 45 30.23 20.06 -43.48
C UNK I 45 30.21 18.97 -44.55
N UNK I 46 28.99 18.62 -44.98
CA UNK I 46 28.77 17.62 -46.02
C UNK I 46 27.69 18.10 -46.99
N UNK I 47 26.46 17.66 -46.78
CA UNK I 47 25.32 18.13 -47.58
C UNK I 47 25.17 17.37 -48.91
N UNK I 48 25.38 18.08 -50.03
CA UNK I 48 25.32 17.48 -51.35
C UNK I 48 26.71 17.46 -51.96
N UNK I 49 27.61 18.25 -51.39
CA UNK I 49 28.99 18.28 -51.83
C UNK I 49 29.54 16.87 -51.79
N UNK I 50 29.03 16.02 -52.66
CA UNK I 50 29.49 14.64 -52.76
C UNK I 50 30.94 14.59 -53.22
N UNK I 51 31.70 15.65 -52.93
CA UNK I 51 33.13 15.67 -53.23
C UNK I 51 33.73 14.41 -52.67
N UNK I 52 33.02 13.31 -52.93
CA UNK I 52 33.34 12.02 -52.34
C UNK I 52 33.65 10.98 -53.41
N UNK I 53 33.07 11.14 -54.60
CA UNK I 53 33.38 10.24 -55.71
C UNK I 53 34.75 10.51 -56.32
N UNK I 54 35.28 11.73 -56.16
CA UNK I 54 36.63 12.04 -56.63
C UNK I 54 37.70 11.63 -55.65
N UNK I 55 37.33 11.33 -54.40
CA UNK I 55 38.29 10.85 -53.40
C UNK I 55 38.62 9.38 -53.55
N UNK I 56 37.87 8.64 -54.37
CA UNK I 56 38.15 7.24 -54.64
C UNK I 56 38.66 6.99 -56.05
N UNK I 57 38.17 7.74 -57.05
CA UNK I 57 38.65 7.58 -58.42
C UNK I 57 40.08 8.09 -58.57
N UNK I 58 40.46 9.14 -57.84
CA UNK I 58 41.84 9.61 -57.89
C UNK I 58 42.78 8.66 -57.16
N UNK I 59 42.29 7.94 -56.16
CA UNK I 59 43.09 6.93 -55.49
C UNK I 59 43.22 5.68 -56.36
N UNK I 60 42.16 5.30 -57.06
CA UNK I 60 42.23 4.17 -57.98
C UNK I 60 43.09 4.49 -59.20
N UNK I 61 43.14 5.76 -59.60
CA UNK I 61 44.03 6.17 -60.68
C UNK I 61 45.49 6.21 -60.23
N UNK I 62 45.73 6.40 -58.94
CA UNK I 62 47.09 6.44 -58.41
C UNK I 62 47.60 5.03 -58.10
#